data_6L8Q
#
_entry.id   6L8Q
#
_cell.length_a   114.657
_cell.length_b   273.674
_cell.length_c   115.234
_cell.angle_alpha   90.000
_cell.angle_beta   119.682
_cell.angle_gamma   90.000
#
_symmetry.space_group_name_H-M   'P 1 21 1'
#
loop_
_entity.id
_entity.type
_entity.pdbx_description
1 polymer 'Dipeptidyl peptidase 4'
2 polymer 'Spike glycoprotein'
3 branched 2-acetamido-2-deoxy-beta-D-glucopyranose-(1-4)-2-acetamido-2-deoxy-beta-D-glucopyranose
4 branched beta-D-mannopyranose-(1-4)-2-acetamido-2-deoxy-beta-D-glucopyranose-(1-4)-2-acetamido-2-deoxy-beta-D-glucopyranose
5 non-polymer 2-acetamido-2-deoxy-beta-D-glucopyranose
#
loop_
_entity_poly.entity_id
_entity_poly.type
_entity_poly.pdbx_seq_one_letter_code
_entity_poly.pdbx_strand_id
1 'polypeptide(L)'
;DRRTYTLADYLKSTIRMRNYNLRWISDHEYLYKQENNVLLFNADHGNSSTFLENSTFDQFGHSISDYSVSPDRQFVLFEY
NYVKKWRHSYTASYDIYDLNKRQLITAERIPNDTQLIRWSPEGHKLAYVWNNDVYVKNDPYSPSQRVTHDGREDAISNGI
TDWVYEEEIFSTHSALWWSPNGTFLAYAKFNDTDVPRIEYSVYLDESLQYPKTIHIPYPKAGAKNPTVKLYVVNTDNLTD
LEPAQIVAPASVLTGDHYLCDVTWATKERISLQWLRRIQNYSIIDICDYNESTPKWNCLVSRQHIETSATGWVGRFKPAE
PHFTSDGNSFYKIMSNSEGYKHICLFQIDKPDCTFITKGAWEVIGIEALTNDYLYFISNEYKGMPGGRNLYKIQLNNYAN
VTCLSCELDPERCQYYSASFSKGAKYYQLRCSGPQIPRYSLHSSSNDKELRLLENNTALYETLQNIQMPRKTLDFLHLNG
TKFWYQMILPPHFDKSKKYPLLIDVYAGPCSQKADATFKLSWATYLASTENIIVASFDGRGSGYQGDKIMHAINRRLGTF
EVEDQIEAAKQFSKMGFVDDKRIAIWGWSYGGYVTSMVLGAGSHVFKCGIAVAPVSAWEFYDSVYTERYMGLPTPEDNLD
HYKNSTVMSRAENFKLVEYLLIHGTADDNVHFQQSAQITRALVDAGVDFQAMWYTDEDHGIATSTAHQHIYTHMTHFIKQ
CFSLPHHHHHH
;
A,C,E,G
2 'polypeptide(L)'
;EAKPSGSVVEQAEGVECDFSPLLSGTPPQVYNFKRLVFTNCNYNLTKLLSLFSVNDFTCSQISPAAIASNCYSSLILDYF
SYPLSMKSDLSVSSAGPISQFNYKQSFSNPTCLILATVPHNLTTITKPLKYSYINKCSRLLSDDRTEVPQLVNANQYSPC
VSIVPSTVWEDGDYYRKQLSPLEGGGWLVASGSTVAMTEQLQMGFGITVQYGTDTNSVCPKLEFANDTKIASQLGNCVEY
HHHHHH
;
B,D,F,H
#
loop_
_chem_comp.id
_chem_comp.type
_chem_comp.name
_chem_comp.formula
BMA D-saccharide, beta linking beta-D-mannopyranose 'C6 H12 O6'
NAG D-saccharide, beta linking 2-acetamido-2-deoxy-beta-D-glucopyranose 'C8 H15 N O6'
#
# COMPACT_ATOMS: atom_id res chain seq x y z
N ARG A 2 -39.20 22.70 -60.82
CA ARG A 2 -38.55 22.21 -59.61
C ARG A 2 -38.38 23.35 -58.60
N ARG A 3 -38.68 23.06 -57.34
CA ARG A 3 -38.67 24.08 -56.30
C ARG A 3 -37.25 24.62 -56.09
N THR A 4 -37.18 25.78 -55.46
CA THR A 4 -35.91 26.45 -55.18
C THR A 4 -35.77 26.66 -53.68
N TYR A 5 -34.53 26.89 -53.26
CA TYR A 5 -34.26 27.14 -51.84
C TYR A 5 -34.70 28.56 -51.48
N THR A 6 -35.94 28.71 -51.05
CA THR A 6 -36.48 30.03 -50.73
C THR A 6 -35.91 30.52 -49.40
N LEU A 7 -36.25 31.76 -49.05
CA LEU A 7 -35.75 32.34 -47.80
C LEU A 7 -36.41 31.68 -46.60
N ALA A 8 -37.71 31.38 -46.69
CA ALA A 8 -38.40 30.69 -45.60
C ALA A 8 -37.73 29.36 -45.28
N ASP A 9 -37.17 28.70 -46.30
CA ASP A 9 -36.48 27.43 -46.06
C ASP A 9 -35.25 27.60 -45.19
N TYR A 10 -34.60 28.78 -45.27
CA TYR A 10 -33.44 29.02 -44.43
C TYR A 10 -33.85 29.44 -43.02
N LEU A 11 -34.84 30.33 -42.90
CA LEU A 11 -35.19 30.93 -41.62
C LEU A 11 -36.08 30.03 -40.75
N LYS A 12 -36.85 29.13 -41.35
CA LYS A 12 -37.73 28.27 -40.58
C LYS A 12 -37.10 26.92 -40.27
N SER A 13 -35.85 26.71 -40.68
CA SER A 13 -35.17 25.41 -40.54
C SER A 13 -36.07 24.28 -41.05
N THR A 14 -36.79 24.57 -42.14
CA THR A 14 -37.63 23.55 -42.76
C THR A 14 -36.82 22.33 -43.14
N ILE A 15 -35.66 22.56 -43.75
CA ILE A 15 -34.78 21.48 -44.19
C ILE A 15 -33.75 21.29 -43.09
N ARG A 16 -34.01 20.33 -42.21
CA ARG A 16 -33.12 20.06 -41.08
C ARG A 16 -32.01 19.10 -41.51
N MET A 17 -30.79 19.41 -41.07
CA MET A 17 -29.65 18.53 -41.26
C MET A 17 -29.33 17.87 -39.93
N ARG A 18 -29.21 16.54 -39.95
CA ARG A 18 -28.96 15.81 -38.72
C ARG A 18 -27.46 15.69 -38.45
N ASN A 19 -27.16 15.21 -37.25
CA ASN A 19 -25.80 14.91 -36.85
C ASN A 19 -25.85 13.69 -35.93
N TYR A 20 -24.73 13.41 -35.27
CA TYR A 20 -24.66 12.28 -34.35
C TYR A 20 -23.62 12.64 -33.28
N ASN A 21 -24.11 13.19 -32.17
CA ASN A 21 -23.25 13.62 -31.07
C ASN A 21 -23.23 12.55 -30.00
N LEU A 22 -22.04 12.12 -29.61
CA LEU A 22 -21.88 11.07 -28.62
C LEU A 22 -20.83 11.47 -27.58
N ARG A 23 -20.86 10.78 -26.45
CA ARG A 23 -19.90 10.99 -25.37
C ARG A 23 -19.24 9.64 -25.06
N TRP A 24 -17.95 9.53 -25.39
CA TRP A 24 -17.18 8.36 -25.00
C TRP A 24 -17.06 8.32 -23.49
N ILE A 25 -17.52 7.23 -22.89
CA ILE A 25 -17.42 7.04 -21.45
C ILE A 25 -16.52 5.85 -21.10
N SER A 26 -15.77 5.34 -22.08
CA SER A 26 -14.86 4.21 -21.89
C SER A 26 -13.88 4.22 -23.04
N ASP A 27 -13.14 3.12 -23.20
CA ASP A 27 -12.39 2.88 -24.42
C ASP A 27 -13.22 2.19 -25.48
N HIS A 28 -14.45 1.82 -25.13
CA HIS A 28 -15.27 1.11 -26.13
C HIS A 28 -16.76 1.33 -25.94
N GLU A 29 -17.16 2.30 -25.12
CA GLU A 29 -18.56 2.58 -24.87
C GLU A 29 -18.84 4.08 -25.00
N TYR A 30 -19.99 4.42 -25.55
CA TYR A 30 -20.40 5.82 -25.63
C TYR A 30 -21.88 5.93 -25.31
N LEU A 31 -22.28 7.14 -24.91
CA LEU A 31 -23.67 7.48 -24.64
C LEU A 31 -24.21 8.30 -25.80
N TYR A 32 -25.45 8.02 -26.19
CA TYR A 32 -26.10 8.78 -27.24
C TYR A 32 -27.56 8.98 -26.89
N LYS A 33 -28.06 10.18 -27.14
CA LYS A 33 -29.44 10.54 -26.82
C LYS A 33 -30.33 10.26 -28.02
N GLN A 34 -31.33 9.39 -27.82
CA GLN A 34 -32.20 8.96 -28.90
C GLN A 34 -33.65 8.98 -28.41
N GLU A 35 -34.50 9.71 -29.13
CA GLU A 35 -35.93 9.84 -28.77
C GLU A 35 -36.08 10.35 -27.34
N ASN A 36 -35.15 11.21 -26.91
CA ASN A 36 -35.02 11.75 -25.56
C ASN A 36 -34.55 10.70 -24.55
N ASN A 37 -34.37 9.46 -24.96
CA ASN A 37 -33.70 8.46 -24.13
C ASN A 37 -32.20 8.58 -24.30
N VAL A 38 -31.45 8.11 -23.30
CA VAL A 38 -30.00 8.10 -23.37
C VAL A 38 -29.55 6.64 -23.44
N LEU A 39 -29.11 6.24 -24.62
CA LEU A 39 -28.73 4.87 -24.90
C LEU A 39 -27.22 4.70 -24.71
N LEU A 40 -26.82 3.54 -24.21
CA LEU A 40 -25.43 3.21 -23.93
C LEU A 40 -24.98 2.17 -24.95
N PHE A 41 -24.13 2.60 -25.89
CA PHE A 41 -23.65 1.71 -26.95
C PHE A 41 -22.28 1.15 -26.59
N ASN A 42 -22.10 -0.13 -26.88
CA ASN A 42 -20.81 -0.81 -26.66
C ASN A 42 -20.27 -1.13 -28.05
N ALA A 43 -19.14 -0.56 -28.42
CA ALA A 43 -18.60 -0.70 -29.79
C ALA A 43 -17.82 -2.00 -29.92
N ASP A 44 -17.52 -2.64 -28.80
CA ASP A 44 -16.77 -3.92 -28.82
C ASP A 44 -17.74 -5.05 -29.18
N HIS A 45 -19.05 -4.84 -28.98
CA HIS A 45 -20.00 -5.95 -29.27
C HIS A 45 -21.22 -5.50 -30.06
N GLY A 46 -21.42 -4.20 -30.27
CA GLY A 46 -22.59 -3.77 -31.05
C GLY A 46 -23.88 -3.74 -30.25
N ASN A 47 -23.90 -4.29 -29.04
CA ASN A 47 -25.09 -4.29 -28.21
C ASN A 47 -25.22 -2.96 -27.48
N SER A 48 -26.47 -2.57 -27.24
CA SER A 48 -26.76 -1.27 -26.64
C SER A 48 -27.98 -1.40 -25.73
N SER A 49 -27.88 -0.83 -24.53
CA SER A 49 -28.99 -0.82 -23.59
C SER A 49 -29.46 0.61 -23.36
N THR A 50 -30.71 0.74 -22.91
CA THR A 50 -31.28 2.04 -22.57
C THR A 50 -30.75 2.45 -21.20
N PHE A 51 -29.80 3.38 -21.19
CA PHE A 51 -29.10 3.75 -19.97
C PHE A 51 -29.90 4.70 -19.10
N LEU A 52 -30.76 5.52 -19.69
CA LEU A 52 -31.47 6.57 -18.96
C LEU A 52 -32.80 6.79 -19.68
N GLU A 53 -33.88 6.26 -19.11
CA GLU A 53 -35.18 6.44 -19.71
C GLU A 53 -35.54 7.92 -19.75
N ASN A 54 -36.17 8.35 -20.84
CA ASN A 54 -36.73 9.69 -20.86
C ASN A 54 -37.86 9.84 -19.86
N SER A 55 -38.38 8.73 -19.33
CA SER A 55 -39.33 8.77 -18.24
C SER A 55 -38.73 9.45 -17.01
N THR A 56 -37.46 9.20 -16.73
CA THR A 56 -36.79 9.73 -15.54
C THR A 56 -36.06 11.04 -15.83
N PHE A 57 -36.53 11.76 -16.82
CA PHE A 57 -36.06 13.07 -17.24
C PHE A 57 -37.10 14.14 -16.97
N ASP A 58 -38.38 13.81 -17.12
CA ASP A 58 -39.48 14.73 -16.90
C ASP A 58 -40.18 14.49 -15.57
N GLN A 59 -39.90 13.36 -14.91
CA GLN A 59 -40.47 13.06 -13.60
C GLN A 59 -39.53 13.48 -12.47
N PHE A 60 -39.10 14.74 -12.46
CA PHE A 60 -38.35 15.28 -11.33
C PHE A 60 -39.12 16.40 -10.64
N GLY A 61 -39.24 17.56 -11.27
CA GLY A 61 -40.35 18.46 -11.04
C GLY A 61 -40.55 19.34 -12.25
N HIS A 62 -39.67 19.21 -13.23
CA HIS A 62 -39.37 20.31 -14.13
C HIS A 62 -38.43 19.85 -15.24
N SER A 63 -38.29 20.71 -16.24
CA SER A 63 -37.51 20.39 -17.44
C SER A 63 -36.01 20.41 -17.13
N ILE A 64 -35.31 19.37 -17.56
CA ILE A 64 -33.87 19.23 -17.36
C ILE A 64 -33.16 19.59 -18.65
N SER A 65 -32.13 20.43 -18.54
CA SER A 65 -31.46 21.02 -19.70
C SER A 65 -30.27 20.19 -20.20
N ASP A 66 -29.53 19.56 -19.29
CA ASP A 66 -28.32 18.83 -19.65
C ASP A 66 -28.14 17.69 -18.68
N TYR A 67 -27.11 16.87 -18.91
CA TYR A 67 -26.77 15.79 -18.00
C TYR A 67 -25.27 15.52 -18.09
N SER A 68 -24.74 14.91 -17.04
CA SER A 68 -23.33 14.55 -16.99
C SER A 68 -23.18 13.35 -16.06
N VAL A 69 -22.93 12.18 -16.63
CA VAL A 69 -22.87 10.93 -15.87
C VAL A 69 -21.49 10.79 -15.25
N SER A 70 -21.45 10.34 -14.00
CA SER A 70 -20.18 10.14 -13.31
C SER A 70 -19.33 9.11 -14.04
N PRO A 71 -18.00 9.24 -13.98
CA PRO A 71 -17.13 8.27 -14.66
C PRO A 71 -17.26 6.84 -14.15
N ASP A 72 -17.69 6.64 -12.91
CA ASP A 72 -17.97 5.30 -12.41
C ASP A 72 -19.41 4.86 -12.65
N ARG A 73 -20.20 5.67 -13.37
CA ARG A 73 -21.58 5.35 -13.73
C ARG A 73 -22.45 5.05 -12.51
N GLN A 74 -22.16 5.72 -11.39
CA GLN A 74 -22.98 5.58 -10.20
C GLN A 74 -23.95 6.73 -10.00
N PHE A 75 -23.62 7.92 -10.47
CA PHE A 75 -24.46 9.09 -10.27
C PHE A 75 -24.61 9.86 -11.58
N VAL A 76 -25.70 10.61 -11.68
CA VAL A 76 -25.97 11.46 -12.83
C VAL A 76 -26.30 12.86 -12.32
N LEU A 77 -25.70 13.86 -12.94
CA LEU A 77 -26.04 15.25 -12.67
C LEU A 77 -27.12 15.71 -13.63
N PHE A 78 -28.19 16.30 -13.08
CA PHE A 78 -29.26 16.89 -13.87
C PHE A 78 -29.21 18.40 -13.72
N GLU A 79 -29.16 19.10 -14.85
CA GLU A 79 -29.10 20.55 -14.86
C GLU A 79 -30.46 21.11 -15.20
N TYR A 80 -30.93 22.07 -14.40
CA TYR A 80 -32.22 22.71 -14.62
C TYR A 80 -32.13 24.14 -14.12
N ASN A 81 -33.16 24.92 -14.45
CA ASN A 81 -33.19 26.36 -14.18
C ASN A 81 -31.98 27.05 -14.79
N TYR A 82 -31.73 26.74 -16.07
CA TYR A 82 -30.61 27.30 -16.80
C TYR A 82 -30.87 28.77 -17.10
N VAL A 83 -29.97 29.64 -16.65
CA VAL A 83 -30.04 31.07 -16.91
C VAL A 83 -28.75 31.48 -17.63
N LYS A 84 -28.90 32.05 -18.82
CA LYS A 84 -27.74 32.33 -19.65
C LYS A 84 -26.96 33.51 -19.11
N LYS A 85 -25.64 33.37 -19.07
CA LYS A 85 -24.78 34.49 -18.67
C LYS A 85 -24.17 35.17 -19.90
N TRP A 86 -23.32 34.46 -20.62
CA TRP A 86 -22.60 34.97 -21.80
C TRP A 86 -22.40 33.81 -22.77
N ARG A 87 -21.45 33.97 -23.69
CA ARG A 87 -21.16 32.97 -24.71
C ARG A 87 -21.16 31.54 -24.18
N HIS A 88 -20.28 31.25 -23.22
CA HIS A 88 -20.14 29.90 -22.68
C HIS A 88 -20.57 29.79 -21.23
N SER A 89 -20.90 30.91 -20.58
CA SER A 89 -21.18 30.94 -19.16
C SER A 89 -22.68 30.90 -18.89
N TYR A 90 -23.03 30.55 -17.65
CA TYR A 90 -24.41 30.49 -17.20
C TYR A 90 -24.40 30.21 -15.69
N THR A 91 -25.59 30.19 -15.11
CA THR A 91 -25.80 29.71 -13.74
C THR A 91 -27.07 28.89 -13.72
N ALA A 92 -27.03 27.74 -13.05
CA ALA A 92 -28.18 26.84 -13.02
C ALA A 92 -28.14 26.02 -11.74
N SER A 93 -29.24 25.33 -11.48
CA SER A 93 -29.34 24.42 -10.35
C SER A 93 -29.14 23.00 -10.84
N TYR A 94 -28.52 22.16 -9.99
CA TYR A 94 -28.15 20.81 -10.35
C TYR A 94 -28.69 19.82 -9.32
N ASP A 95 -29.23 18.71 -9.81
CA ASP A 95 -29.63 17.60 -8.96
C ASP A 95 -28.71 16.42 -9.20
N ILE A 96 -28.60 15.55 -8.20
CA ILE A 96 -27.79 14.34 -8.27
C ILE A 96 -28.72 13.15 -8.22
N TYR A 97 -28.63 12.29 -9.23
CA TYR A 97 -29.45 11.09 -9.33
C TYR A 97 -28.57 9.88 -9.05
N ASP A 98 -28.83 9.21 -7.93
CA ASP A 98 -28.06 8.03 -7.55
C ASP A 98 -28.55 6.84 -8.36
N LEU A 99 -27.66 6.23 -9.15
CA LEU A 99 -28.02 5.09 -9.97
C LEU A 99 -27.95 3.75 -9.23
N ASN A 100 -27.22 3.69 -8.12
CA ASN A 100 -27.17 2.43 -7.36
C ASN A 100 -28.50 2.14 -6.68
N LYS A 101 -29.11 3.16 -6.08
CA LYS A 101 -30.46 3.04 -5.57
C LYS A 101 -31.51 3.39 -6.61
N ARG A 102 -31.10 3.99 -7.72
CA ARG A 102 -32.01 4.55 -8.71
C ARG A 102 -32.99 5.51 -8.04
N GLN A 103 -32.45 6.39 -7.20
CA GLN A 103 -33.24 7.31 -6.41
C GLN A 103 -32.58 8.69 -6.41
N LEU A 104 -33.40 9.71 -6.21
CA LEU A 104 -32.93 11.09 -6.21
C LEU A 104 -32.38 11.47 -4.84
N ILE A 105 -31.25 12.17 -4.84
CA ILE A 105 -30.58 12.55 -3.60
C ILE A 105 -31.24 13.81 -3.05
N THR A 106 -31.53 13.80 -1.75
CA THR A 106 -32.27 14.88 -1.11
C THR A 106 -31.47 15.67 -0.09
N ALA A 107 -30.39 15.09 0.46
CA ALA A 107 -29.58 15.75 1.46
C ALA A 107 -28.23 16.15 0.86
N GLU A 108 -27.62 17.17 1.48
CA GLU A 108 -26.35 17.71 1.02
C GLU A 108 -26.42 18.10 -0.46
N ARG A 109 -27.51 18.75 -0.83
CA ARG A 109 -27.77 19.08 -2.22
C ARG A 109 -26.75 20.10 -2.73
N ILE A 110 -26.87 20.42 -4.00
CA ILE A 110 -26.00 21.41 -4.66
C ILE A 110 -26.78 22.72 -4.74
N PRO A 111 -26.22 23.83 -4.26
CA PRO A 111 -27.02 25.06 -4.12
C PRO A 111 -27.52 25.56 -5.47
N ASN A 112 -28.62 26.32 -5.40
CA ASN A 112 -29.08 27.03 -6.58
C ASN A 112 -28.06 28.08 -7.00
N ASP A 113 -28.25 28.62 -8.20
CA ASP A 113 -27.36 29.65 -8.75
C ASP A 113 -25.91 29.16 -8.82
N THR A 114 -25.72 27.85 -8.90
CA THR A 114 -24.38 27.30 -9.05
C THR A 114 -23.85 27.64 -10.44
N GLN A 115 -22.61 28.10 -10.49
CA GLN A 115 -22.03 28.57 -11.74
C GLN A 115 -21.39 27.46 -12.55
N LEU A 116 -20.58 26.63 -11.90
CA LEU A 116 -19.79 25.61 -12.59
C LEU A 116 -19.91 24.30 -11.83
N ILE A 117 -19.64 23.19 -12.53
CA ILE A 117 -19.60 21.87 -11.90
C ILE A 117 -18.86 20.92 -12.83
N ARG A 118 -18.02 20.08 -12.25
CA ARG A 118 -17.23 19.11 -13.00
C ARG A 118 -17.00 17.88 -12.14
N TRP A 119 -17.26 16.70 -12.71
CA TRP A 119 -16.91 15.46 -12.03
C TRP A 119 -15.39 15.27 -12.02
N SER A 120 -14.93 14.36 -11.17
CA SER A 120 -13.55 13.90 -11.22
C SER A 120 -13.37 12.93 -12.39
N PRO A 121 -12.15 12.78 -12.90
CA PRO A 121 -11.94 11.86 -14.04
C PRO A 121 -12.26 10.42 -13.69
N GLU A 122 -12.04 10.02 -12.43
CA GLU A 122 -12.41 8.71 -11.94
C GLU A 122 -13.27 8.88 -10.70
N GLY A 123 -14.16 7.91 -10.48
CA GLY A 123 -14.98 7.94 -9.30
C GLY A 123 -16.12 8.94 -9.39
N HIS A 124 -16.43 9.54 -8.25
CA HIS A 124 -17.66 10.31 -8.09
C HIS A 124 -17.46 11.57 -7.24
N LYS A 125 -16.25 12.10 -7.21
CA LYS A 125 -16.01 13.35 -6.51
C LYS A 125 -16.49 14.53 -7.35
N LEU A 126 -16.95 15.57 -6.67
CA LEU A 126 -17.50 16.74 -7.32
C LEU A 126 -16.73 17.99 -6.93
N ALA A 127 -16.68 18.93 -7.87
CA ALA A 127 -16.14 20.27 -7.62
C ALA A 127 -17.06 21.26 -8.30
N TYR A 128 -17.57 22.24 -7.55
CA TYR A 128 -18.43 23.25 -8.12
C TYR A 128 -18.00 24.63 -7.65
N VAL A 129 -18.47 25.64 -8.38
CA VAL A 129 -18.20 27.04 -8.10
C VAL A 129 -19.51 27.72 -7.74
N TRP A 130 -19.52 28.41 -6.61
CA TRP A 130 -20.73 29.05 -6.14
C TRP A 130 -20.36 30.35 -5.44
N ASN A 131 -20.92 31.47 -5.91
CA ASN A 131 -20.51 32.79 -5.47
C ASN A 131 -19.01 32.98 -5.62
N ASN A 132 -18.49 32.53 -6.78
CA ASN A 132 -17.09 32.71 -7.16
C ASN A 132 -16.13 32.06 -6.16
N ASP A 133 -16.57 30.98 -5.53
CA ASP A 133 -15.74 30.20 -4.63
C ASP A 133 -15.78 28.74 -5.07
N VAL A 134 -14.70 28.01 -4.78
CA VAL A 134 -14.58 26.61 -5.17
C VAL A 134 -15.02 25.73 -4.01
N TYR A 135 -15.92 24.79 -4.30
CA TYR A 135 -16.37 23.79 -3.33
C TYR A 135 -16.12 22.40 -3.88
N VAL A 136 -15.91 21.45 -2.97
CA VAL A 136 -15.61 20.07 -3.34
C VAL A 136 -16.51 19.13 -2.53
N LYS A 137 -16.96 18.05 -3.16
CA LYS A 137 -17.76 17.02 -2.52
C LYS A 137 -17.12 15.67 -2.82
N ASN A 138 -16.49 15.07 -1.80
CA ASN A 138 -15.90 13.73 -1.97
C ASN A 138 -16.93 12.70 -2.39
N ASP A 139 -18.21 12.94 -2.11
CA ASP A 139 -19.27 12.03 -2.49
C ASP A 139 -20.59 12.80 -2.50
N PRO A 140 -21.49 12.50 -3.42
CA PRO A 140 -22.82 13.11 -3.37
C PRO A 140 -23.49 13.04 -2.00
N TYR A 141 -23.27 11.96 -1.26
CA TYR A 141 -23.75 11.84 0.11
C TYR A 141 -22.70 12.31 1.12
N SER A 142 -22.16 13.51 0.91
CA SER A 142 -21.07 13.97 1.76
C SER A 142 -21.05 15.49 1.72
N PRO A 143 -20.89 16.16 2.85
CA PRO A 143 -20.98 17.62 2.87
C PRO A 143 -19.91 18.27 2.01
N SER A 144 -20.20 19.50 1.61
CA SER A 144 -19.28 20.28 0.79
C SER A 144 -18.15 20.84 1.63
N GLN A 145 -16.98 20.96 1.02
CA GLN A 145 -15.80 21.55 1.66
C GLN A 145 -15.43 22.81 0.89
N ARG A 146 -15.54 23.96 1.55
CA ARG A 146 -15.24 25.23 0.90
C ARG A 146 -13.73 25.41 0.83
N VAL A 147 -13.22 25.64 -0.37
CA VAL A 147 -11.77 25.77 -0.57
C VAL A 147 -11.32 27.22 -0.51
N THR A 148 -12.05 28.12 -1.18
CA THR A 148 -11.71 29.54 -1.23
C THR A 148 -12.85 30.36 -0.63
N HIS A 149 -12.51 31.55 -0.12
CA HIS A 149 -13.51 32.37 0.54
C HIS A 149 -13.35 33.86 0.23
N ASP A 150 -12.77 34.20 -0.91
CA ASP A 150 -12.67 35.60 -1.34
C ASP A 150 -13.48 35.86 -2.60
N GLY A 151 -14.51 35.06 -2.85
CA GLY A 151 -15.32 35.21 -4.05
C GLY A 151 -16.11 36.50 -4.08
N ARG A 152 -15.71 37.42 -4.97
CA ARG A 152 -16.34 38.73 -5.08
C ARG A 152 -16.76 38.96 -6.52
N GLU A 153 -18.03 39.30 -6.71
CA GLU A 153 -18.54 39.54 -8.06
C GLU A 153 -17.82 40.73 -8.69
N ASP A 154 -17.34 40.53 -9.91
CA ASP A 154 -16.57 41.51 -10.67
C ASP A 154 -15.26 41.90 -10.01
N ALA A 155 -14.86 41.22 -8.94
CA ALA A 155 -13.54 41.41 -8.35
C ALA A 155 -12.70 40.15 -8.35
N ILE A 156 -13.19 39.05 -7.77
CA ILE A 156 -12.40 37.83 -7.60
C ILE A 156 -13.25 36.63 -8.04
N SER A 157 -12.67 35.79 -8.89
CA SER A 157 -13.32 34.57 -9.36
C SER A 157 -12.37 33.40 -9.15
N ASN A 158 -12.84 32.39 -8.41
CA ASN A 158 -12.08 31.16 -8.18
C ASN A 158 -12.74 30.03 -8.98
N GLY A 159 -12.01 29.49 -9.95
CA GLY A 159 -12.46 28.33 -10.69
C GLY A 159 -13.29 28.62 -11.92
N ILE A 160 -13.73 29.86 -12.12
CA ILE A 160 -14.45 30.26 -13.32
C ILE A 160 -13.70 31.41 -13.95
N THR A 161 -13.75 31.49 -15.28
CA THR A 161 -13.06 32.56 -15.97
C THR A 161 -13.87 33.85 -15.91
N ASP A 162 -13.16 34.97 -16.11
CA ASP A 162 -13.80 36.24 -16.36
C ASP A 162 -14.21 36.29 -17.83
N TRP A 163 -14.54 37.49 -18.32
CA TRP A 163 -15.06 37.60 -19.67
C TRP A 163 -13.98 37.34 -20.73
N VAL A 164 -12.86 38.05 -20.65
CA VAL A 164 -11.85 37.97 -21.71
C VAL A 164 -11.25 36.57 -21.79
N TYR A 165 -11.02 35.92 -20.65
CA TYR A 165 -10.47 34.58 -20.68
C TYR A 165 -11.45 33.59 -21.30
N GLU A 166 -12.73 33.64 -20.90
CA GLU A 166 -13.73 32.76 -21.47
C GLU A 166 -13.86 33.01 -22.97
N GLU A 167 -13.84 34.27 -23.39
CA GLU A 167 -14.03 34.59 -24.80
C GLU A 167 -12.77 34.29 -25.62
N GLU A 168 -11.63 34.84 -25.19
CA GLU A 168 -10.47 34.92 -26.06
C GLU A 168 -9.39 33.89 -25.75
N ILE A 169 -9.42 33.20 -24.61
CA ILE A 169 -8.34 32.29 -24.29
C ILE A 169 -8.85 30.87 -24.08
N PHE A 170 -9.71 30.68 -23.08
CA PHE A 170 -10.11 29.32 -22.73
C PHE A 170 -11.19 28.77 -23.65
N SER A 171 -12.04 29.65 -24.19
CA SER A 171 -13.22 29.23 -24.93
C SER A 171 -14.08 28.28 -24.11
N THR A 172 -14.06 28.48 -22.79
CA THR A 172 -14.94 27.78 -21.85
C THR A 172 -14.93 28.58 -20.57
N HIS A 173 -16.04 28.50 -19.84
CA HIS A 173 -16.14 29.17 -18.55
C HIS A 173 -15.29 28.50 -17.48
N SER A 174 -14.84 27.27 -17.71
CA SER A 174 -14.25 26.46 -16.66
C SER A 174 -12.79 26.84 -16.41
N ALA A 175 -12.45 26.94 -15.12
CA ALA A 175 -11.07 27.08 -14.65
C ALA A 175 -10.80 26.10 -13.52
N LEU A 176 -11.33 24.89 -13.64
CA LEU A 176 -11.00 23.77 -12.78
C LEU A 176 -10.30 22.68 -13.59
N TRP A 177 -9.27 22.08 -13.02
CA TRP A 177 -8.53 21.01 -13.69
C TRP A 177 -8.27 19.90 -12.68
N TRP A 178 -9.05 18.83 -12.77
CA TRP A 178 -8.85 17.66 -11.92
C TRP A 178 -7.57 16.91 -12.32
N SER A 179 -6.97 16.25 -11.35
CA SER A 179 -5.89 15.32 -11.63
C SER A 179 -6.46 13.96 -12.04
N PRO A 180 -5.73 13.19 -12.84
CA PRO A 180 -6.25 11.90 -13.32
C PRO A 180 -6.75 10.98 -12.22
N ASN A 181 -6.08 10.95 -11.06
CA ASN A 181 -6.59 10.14 -9.95
C ASN A 181 -7.73 10.83 -9.22
N GLY A 182 -7.91 12.13 -9.42
CA GLY A 182 -8.84 12.90 -8.63
C GLY A 182 -8.29 13.39 -7.30
N THR A 183 -7.03 13.09 -6.99
CA THR A 183 -6.45 13.54 -5.74
C THR A 183 -6.30 15.06 -5.73
N PHE A 184 -5.71 15.61 -6.78
CA PHE A 184 -5.42 17.04 -6.84
C PHE A 184 -6.48 17.77 -7.67
N LEU A 185 -6.71 19.03 -7.30
CA LEU A 185 -7.52 19.95 -8.08
C LEU A 185 -6.68 21.20 -8.33
N ALA A 186 -6.62 21.61 -9.59
CA ALA A 186 -5.97 22.86 -9.96
C ALA A 186 -7.06 23.87 -10.34
N TYR A 187 -7.07 25.01 -9.67
CA TYR A 187 -8.04 26.06 -9.95
C TYR A 187 -7.33 27.39 -10.13
N ALA A 188 -7.96 28.27 -10.90
CA ALA A 188 -7.39 29.57 -11.24
C ALA A 188 -8.17 30.68 -10.52
N LYS A 189 -7.44 31.70 -10.08
CA LYS A 189 -8.03 32.84 -9.39
C LYS A 189 -7.81 34.09 -10.22
N PHE A 190 -8.90 34.73 -10.64
CA PHE A 190 -8.85 35.93 -11.47
C PHE A 190 -9.21 37.15 -10.63
N ASN A 191 -8.60 38.28 -10.95
CA ASN A 191 -8.76 39.51 -10.19
C ASN A 191 -9.00 40.66 -11.14
N ASP A 192 -10.27 41.05 -11.29
CA ASP A 192 -10.68 42.15 -12.16
C ASP A 192 -11.01 43.41 -11.37
N THR A 193 -10.29 43.62 -10.25
CA THR A 193 -10.62 44.72 -9.36
C THR A 193 -10.40 46.07 -10.03
N ASP A 194 -9.24 46.24 -10.67
CA ASP A 194 -8.92 47.49 -11.35
C ASP A 194 -9.11 47.41 -12.87
N VAL A 195 -9.87 46.42 -13.34
CA VAL A 195 -10.19 46.33 -14.77
C VAL A 195 -11.38 47.23 -15.05
N PRO A 196 -11.27 48.17 -15.98
CA PRO A 196 -12.39 49.07 -16.29
C PRO A 196 -13.63 48.29 -16.72
N ARG A 197 -14.78 48.93 -16.59
CA ARG A 197 -16.07 48.31 -16.83
C ARG A 197 -16.72 48.90 -18.06
N ILE A 198 -17.31 48.03 -18.88
CA ILE A 198 -18.22 48.48 -19.92
C ILE A 198 -19.62 48.47 -19.33
N GLU A 199 -20.42 49.47 -19.72
CA GLU A 199 -21.78 49.61 -19.22
C GLU A 199 -22.71 49.82 -20.41
N TYR A 200 -23.76 49.01 -20.48
CA TYR A 200 -24.78 49.21 -21.49
C TYR A 200 -26.15 48.92 -20.88
N SER A 201 -27.17 49.55 -21.45
CA SER A 201 -28.52 49.45 -20.93
C SER A 201 -29.22 48.23 -21.50
N VAL A 202 -30.11 47.64 -20.70
CA VAL A 202 -30.92 46.50 -21.10
C VAL A 202 -32.38 46.91 -21.01
N TYR A 203 -33.06 46.94 -22.16
CA TYR A 203 -34.46 47.33 -22.24
C TYR A 203 -35.34 46.08 -22.27
N LEU A 204 -35.55 45.51 -21.09
CA LEU A 204 -36.26 44.24 -20.96
C LEU A 204 -37.73 44.44 -21.29
N ASP A 205 -38.53 43.43 -20.95
CA ASP A 205 -39.96 43.39 -21.24
C ASP A 205 -40.65 44.72 -20.99
N GLU A 206 -41.72 44.96 -21.74
CA GLU A 206 -42.49 46.21 -21.66
C GLU A 206 -42.88 46.57 -20.24
N SER A 207 -42.81 45.62 -19.30
CA SER A 207 -43.15 45.91 -17.91
C SER A 207 -42.10 46.78 -17.24
N LEU A 208 -40.82 46.48 -17.46
CA LEU A 208 -39.73 47.23 -16.82
C LEU A 208 -39.84 48.71 -17.14
N GLN A 209 -40.15 49.50 -16.12
CA GLN A 209 -40.32 50.94 -16.32
C GLN A 209 -38.97 51.62 -16.54
N TYR A 210 -37.96 51.23 -15.75
CA TYR A 210 -36.64 51.81 -15.83
C TYR A 210 -35.65 50.81 -16.42
N PRO A 211 -34.80 51.23 -17.35
CA PRO A 211 -33.81 50.30 -17.91
C PRO A 211 -32.75 49.91 -16.89
N LYS A 212 -32.18 48.72 -17.09
CA LYS A 212 -31.09 48.23 -16.27
C LYS A 212 -29.76 48.60 -16.89
N THR A 213 -28.77 48.87 -16.04
CA THR A 213 -27.40 49.10 -16.49
C THR A 213 -26.54 47.90 -16.15
N ILE A 214 -25.99 47.24 -17.17
CA ILE A 214 -25.19 46.04 -17.00
C ILE A 214 -23.71 46.44 -17.01
N HIS A 215 -22.97 45.99 -16.00
CA HIS A 215 -21.55 46.29 -15.86
C HIS A 215 -20.74 45.02 -16.10
N ILE A 216 -19.67 45.13 -16.88
CA ILE A 216 -18.85 43.93 -17.19
C ILE A 216 -17.37 44.32 -17.23
N PRO A 217 -16.49 43.74 -16.40
CA PRO A 217 -15.08 44.03 -16.48
C PRO A 217 -14.63 43.68 -17.90
N TYR A 218 -14.14 44.66 -18.61
CA TYR A 218 -13.77 44.50 -20.03
C TYR A 218 -12.55 45.36 -20.32
N PRO A 219 -11.35 44.79 -20.32
CA PRO A 219 -10.18 45.57 -20.57
C PRO A 219 -10.13 45.78 -22.08
N LYS A 220 -10.07 47.05 -22.48
CA LYS A 220 -9.93 47.37 -23.92
C LYS A 220 -8.45 47.46 -24.26
N ALA A 221 -8.12 47.82 -25.49
CA ALA A 221 -6.72 47.75 -25.88
C ALA A 221 -5.86 48.68 -25.02
N GLY A 222 -4.92 48.08 -24.28
CA GLY A 222 -4.03 48.83 -23.42
C GLY A 222 -4.51 49.03 -21.99
N ALA A 223 -5.77 48.70 -21.71
CA ALA A 223 -6.33 48.93 -20.38
C ALA A 223 -5.73 47.94 -19.38
N LYS A 224 -6.10 48.12 -18.11
CA LYS A 224 -5.65 47.21 -17.06
C LYS A 224 -6.21 45.81 -17.30
N ASN A 225 -5.34 44.82 -17.27
CA ASN A 225 -5.76 43.46 -17.51
C ASN A 225 -5.89 42.70 -16.20
N PRO A 226 -6.78 41.72 -16.15
CA PRO A 226 -6.92 40.90 -14.94
C PRO A 226 -5.68 40.05 -14.72
N THR A 227 -5.42 39.73 -13.45
CA THR A 227 -4.36 38.81 -13.08
C THR A 227 -4.94 37.40 -12.95
N VAL A 228 -4.06 36.41 -13.03
CA VAL A 228 -4.42 35.02 -12.82
C VAL A 228 -3.36 34.38 -11.93
N LYS A 229 -3.79 33.57 -10.98
CA LYS A 229 -2.90 32.76 -10.16
C LYS A 229 -3.38 31.32 -10.20
N LEU A 230 -2.43 30.40 -10.12
CA LEU A 230 -2.72 28.98 -10.21
C LEU A 230 -2.48 28.36 -8.83
N TYR A 231 -3.51 27.74 -8.28
CA TYR A 231 -3.42 27.05 -7.00
C TYR A 231 -3.81 25.59 -7.18
N VAL A 232 -3.17 24.72 -6.41
CA VAL A 232 -3.46 23.29 -6.42
C VAL A 232 -3.84 22.88 -5.00
N VAL A 233 -4.78 21.94 -4.90
CA VAL A 233 -5.38 21.53 -3.64
C VAL A 233 -5.44 20.00 -3.60
N ASN A 234 -5.03 19.42 -2.47
CA ASN A 234 -5.14 17.98 -2.29
C ASN A 234 -6.52 17.67 -1.73
N THR A 235 -7.32 16.94 -2.51
CA THR A 235 -8.68 16.63 -2.09
C THR A 235 -8.69 15.61 -0.96
N ASP A 236 -7.75 14.67 -0.96
CA ASP A 236 -7.76 13.58 0.02
C ASP A 236 -7.40 14.05 1.43
N ASN A 237 -6.67 15.15 1.56
CA ASN A 237 -6.31 15.70 2.87
C ASN A 237 -6.51 17.21 2.86
N LEU A 238 -7.68 17.66 2.41
CA LEU A 238 -7.93 19.08 2.17
C LEU A 238 -7.77 19.91 3.44
N THR A 239 -8.03 19.33 4.60
CA THR A 239 -7.89 20.05 5.88
C THR A 239 -6.52 19.85 6.49
N ASP A 240 -5.45 20.01 5.69
CA ASP A 240 -4.09 19.94 6.21
C ASP A 240 -3.30 21.20 5.91
N LEU A 241 -3.36 21.70 4.68
CA LEU A 241 -2.59 22.86 4.26
C LEU A 241 -3.50 23.84 3.54
N GLU A 242 -2.99 25.05 3.35
CA GLU A 242 -3.65 26.01 2.48
C GLU A 242 -3.43 25.60 1.03
N PRO A 243 -4.29 26.06 0.12
CA PRO A 243 -4.05 25.80 -1.30
C PRO A 243 -2.65 26.25 -1.72
N ALA A 244 -1.94 25.36 -2.41
CA ALA A 244 -0.55 25.60 -2.78
C ALA A 244 -0.52 26.32 -4.13
N GLN A 245 -0.02 27.56 -4.14
CA GLN A 245 0.11 28.32 -5.36
C GLN A 245 1.31 27.84 -6.16
N ILE A 246 1.13 27.67 -7.46
CA ILE A 246 2.24 27.41 -8.37
C ILE A 246 2.60 28.74 -9.02
N VAL A 247 3.73 29.31 -8.62
CA VAL A 247 4.15 30.60 -9.14
C VAL A 247 4.51 30.45 -10.61
N ALA A 248 4.18 31.47 -11.39
CA ALA A 248 4.50 31.44 -12.81
C ALA A 248 6.02 31.49 -12.99
N PRO A 249 6.53 30.98 -14.11
CA PRO A 249 7.98 31.07 -14.37
C PRO A 249 8.46 32.51 -14.39
N ALA A 250 9.77 32.68 -14.17
CA ALA A 250 10.35 34.02 -14.14
C ALA A 250 10.27 34.70 -15.50
N SER A 251 10.41 33.92 -16.59
CA SER A 251 10.38 34.50 -17.94
C SER A 251 9.12 35.32 -18.17
N VAL A 252 8.01 34.93 -17.55
CA VAL A 252 6.72 35.57 -17.77
C VAL A 252 6.40 36.63 -16.73
N LEU A 253 7.22 36.75 -15.68
CA LEU A 253 6.99 37.63 -14.55
C LEU A 253 7.59 39.03 -14.74
N THR A 254 8.01 39.38 -15.94
CA THR A 254 8.55 40.71 -16.22
C THR A 254 7.47 41.76 -16.40
N GLY A 255 6.20 41.35 -16.36
CA GLY A 255 5.11 42.27 -16.56
C GLY A 255 3.81 41.51 -16.54
N ASP A 256 2.79 42.09 -17.17
CA ASP A 256 1.52 41.41 -17.30
C ASP A 256 1.69 40.13 -18.11
N HIS A 257 0.82 39.14 -17.85
CA HIS A 257 0.95 37.85 -18.51
C HIS A 257 -0.36 37.09 -18.41
N TYR A 258 -0.48 36.05 -19.23
CA TYR A 258 -1.67 35.22 -19.30
C TYR A 258 -1.35 33.79 -18.91
N LEU A 259 -2.38 33.07 -18.49
CA LEU A 259 -2.35 31.63 -18.30
C LEU A 259 -3.29 31.01 -19.32
N CYS A 260 -2.75 30.23 -20.26
CA CYS A 260 -3.53 29.77 -21.40
C CYS A 260 -3.87 28.28 -21.40
N ASP A 261 -3.13 27.45 -20.67
CA ASP A 261 -3.47 26.03 -20.66
C ASP A 261 -2.87 25.37 -19.43
N VAL A 262 -3.61 24.42 -18.86
CA VAL A 262 -3.16 23.60 -17.74
C VAL A 262 -3.53 22.16 -18.06
N THR A 263 -2.51 21.31 -18.26
CA THR A 263 -2.71 19.92 -18.62
C THR A 263 -1.98 19.05 -17.60
N TRP A 264 -2.58 17.91 -17.26
CA TRP A 264 -1.98 16.97 -16.32
C TRP A 264 -1.21 15.90 -17.07
N ALA A 265 0.09 15.80 -16.79
CA ALA A 265 0.92 14.77 -17.42
C ALA A 265 0.73 13.43 -16.73
N THR A 266 0.99 13.38 -15.42
CA THR A 266 0.80 12.16 -14.65
C THR A 266 -0.09 12.44 -13.44
N LYS A 267 -0.22 11.46 -12.54
CA LYS A 267 -1.00 11.66 -11.32
C LYS A 267 -0.34 12.64 -10.36
N GLU A 268 0.95 12.94 -10.56
CA GLU A 268 1.67 13.87 -9.69
C GLU A 268 2.49 14.88 -10.49
N ARG A 269 2.14 15.13 -11.75
CA ARG A 269 2.84 16.11 -12.58
C ARG A 269 1.83 16.98 -13.30
N ILE A 270 2.05 18.29 -13.25
CA ILE A 270 1.14 19.27 -13.84
C ILE A 270 1.96 20.15 -14.78
N SER A 271 1.35 20.55 -15.89
CA SER A 271 1.98 21.42 -16.87
C SER A 271 1.16 22.70 -17.01
N LEU A 272 1.84 23.84 -17.01
CA LEU A 272 1.21 25.15 -17.10
C LEU A 272 1.77 25.90 -18.30
N GLN A 273 0.91 26.35 -19.18
CA GLN A 273 1.30 27.17 -20.32
C GLN A 273 1.02 28.63 -19.98
N TRP A 274 2.08 29.43 -19.90
CA TRP A 274 1.97 30.85 -19.65
C TRP A 274 2.27 31.62 -20.93
N LEU A 275 1.79 32.85 -20.97
CA LEU A 275 1.93 33.70 -22.13
C LEU A 275 2.17 35.12 -21.64
N ARG A 276 3.13 35.82 -22.25
CA ARG A 276 3.35 37.21 -21.91
C ARG A 276 2.20 38.06 -22.45
N ARG A 277 2.19 39.34 -22.08
CA ARG A 277 1.16 40.21 -22.62
C ARG A 277 1.47 40.62 -24.06
N ILE A 278 2.75 40.83 -24.37
CA ILE A 278 3.21 40.96 -25.76
C ILE A 278 3.31 39.53 -26.29
N GLN A 279 2.32 39.10 -27.06
CA GLN A 279 2.09 37.67 -27.27
C GLN A 279 3.01 37.03 -28.30
N ASN A 280 4.33 37.19 -28.13
CA ASN A 280 5.29 36.46 -28.93
C ASN A 280 6.22 35.62 -28.06
N TYR A 281 5.81 35.33 -26.84
CA TYR A 281 6.65 34.61 -25.88
C TYR A 281 5.75 33.68 -25.07
N SER A 282 5.95 32.38 -25.21
CA SER A 282 5.17 31.39 -24.48
C SER A 282 6.13 30.39 -23.84
N ILE A 283 5.73 29.86 -22.69
CA ILE A 283 6.59 28.98 -21.91
C ILE A 283 5.73 27.89 -21.27
N ILE A 284 6.29 26.69 -21.19
CA ILE A 284 5.66 25.56 -20.52
C ILE A 284 6.49 25.21 -19.30
N ASP A 285 5.84 25.14 -18.14
CA ASP A 285 6.48 24.76 -16.90
C ASP A 285 5.97 23.38 -16.48
N ILE A 286 6.89 22.49 -16.16
CA ILE A 286 6.56 21.13 -15.74
C ILE A 286 6.83 21.03 -14.25
N CYS A 287 5.77 20.76 -13.47
CA CYS A 287 5.84 20.77 -12.02
C CYS A 287 5.45 19.41 -11.46
N ASP A 288 6.33 18.87 -10.62
CA ASP A 288 6.09 17.60 -9.94
C ASP A 288 5.77 17.87 -8.47
N TYR A 289 5.03 16.94 -7.86
CA TYR A 289 4.65 17.07 -6.46
C TYR A 289 5.76 16.44 -5.60
N ASN A 290 6.46 17.28 -4.85
CA ASN A 290 7.47 16.81 -3.91
C ASN A 290 6.77 16.57 -2.57
N GLU A 291 6.45 15.30 -2.30
CA GLU A 291 5.67 14.93 -1.12
C GLU A 291 6.36 15.30 0.19
N SER A 292 7.61 15.76 0.16
CA SER A 292 8.33 16.05 1.39
C SER A 292 7.82 17.31 2.07
N THR A 293 7.94 18.47 1.42
CA THR A 293 7.73 19.73 2.14
C THR A 293 6.28 19.94 2.55
N PRO A 294 5.26 19.57 1.74
CA PRO A 294 5.18 19.14 0.34
C PRO A 294 4.79 20.27 -0.59
N LYS A 295 5.61 20.51 -1.60
CA LYS A 295 5.42 21.61 -2.54
C LYS A 295 5.25 21.04 -3.95
N TRP A 296 5.19 21.94 -4.91
CA TRP A 296 5.19 21.58 -6.33
C TRP A 296 6.53 22.02 -6.90
N ASN A 297 7.36 21.07 -7.28
CA ASN A 297 8.72 21.35 -7.70
C ASN A 297 8.74 21.53 -9.21
N CYS A 298 8.96 22.78 -9.65
CA CYS A 298 8.97 23.14 -11.07
C CYS A 298 10.42 23.36 -11.47
N LEU A 299 11.07 22.30 -11.95
CA LEU A 299 12.47 22.39 -12.35
C LEU A 299 12.64 23.32 -13.54
N VAL A 300 13.68 24.14 -13.50
CA VAL A 300 13.96 25.07 -14.60
C VAL A 300 14.34 24.29 -15.86
N SER A 301 15.14 23.23 -15.71
CA SER A 301 15.61 22.45 -16.85
C SER A 301 14.49 21.84 -17.68
N ARG A 302 13.24 21.87 -17.20
CA ARG A 302 12.09 21.45 -17.98
C ARG A 302 11.16 22.61 -18.31
N GLN A 303 11.70 23.81 -18.42
CA GLN A 303 10.98 24.92 -19.03
C GLN A 303 11.16 24.85 -20.54
N HIS A 304 10.09 25.16 -21.27
CA HIS A 304 10.12 25.04 -22.73
C HIS A 304 9.52 26.30 -23.34
N ILE A 305 10.34 27.03 -24.08
CA ILE A 305 9.97 28.34 -24.62
C ILE A 305 9.50 28.18 -26.05
N GLU A 306 8.52 29.00 -26.43
CA GLU A 306 8.07 29.11 -27.81
C GLU A 306 7.97 30.59 -28.14
N THR A 307 8.58 31.01 -29.24
CA THR A 307 8.60 32.42 -29.64
C THR A 307 8.16 32.55 -31.09
N SER A 308 8.04 33.80 -31.53
CA SER A 308 7.75 34.12 -32.92
C SER A 308 8.49 35.39 -33.29
N ALA A 309 9.17 35.38 -34.44
CA ALA A 309 9.87 36.55 -34.92
C ALA A 309 9.04 37.40 -35.87
N THR A 310 8.04 36.80 -36.53
CA THR A 310 7.20 37.49 -37.50
C THR A 310 5.86 37.92 -36.92
N GLY A 311 5.64 37.74 -35.62
CA GLY A 311 4.36 38.08 -35.03
C GLY A 311 4.08 37.39 -33.71
N TRP A 312 2.94 36.72 -33.63
CA TRP A 312 2.50 36.10 -32.38
C TRP A 312 2.73 34.59 -32.40
N VAL A 313 2.51 33.97 -31.25
CA VAL A 313 2.72 32.53 -31.05
C VAL A 313 1.39 31.80 -31.25
N GLY A 314 1.47 30.66 -31.94
CA GLY A 314 0.28 29.86 -32.21
C GLY A 314 -0.63 30.55 -33.20
N ARG A 315 -1.77 29.91 -33.47
CA ARG A 315 -2.74 30.50 -34.39
C ARG A 315 -3.53 31.61 -33.69
N PHE A 316 -4.33 31.23 -32.69
CA PHE A 316 -4.95 32.19 -31.81
C PHE A 316 -4.29 32.21 -30.43
N LYS A 317 -3.83 31.07 -29.96
CA LYS A 317 -3.08 30.97 -28.71
C LYS A 317 -2.16 29.77 -28.82
N PRO A 318 -1.07 29.75 -28.04
CA PRO A 318 -0.09 28.66 -28.18
C PRO A 318 -0.73 27.28 -28.12
N ALA A 319 -0.13 26.34 -28.85
CA ALA A 319 -0.66 25.00 -28.97
C ALA A 319 -0.61 24.27 -27.63
N GLU A 320 -1.61 23.43 -27.39
CA GLU A 320 -1.55 22.75 -26.10
C GLU A 320 -0.77 21.43 -26.25
N PRO A 321 0.03 21.09 -25.24
CA PRO A 321 0.79 19.84 -25.32
C PRO A 321 -0.09 18.62 -25.05
N HIS A 322 0.27 17.53 -25.71
CA HIS A 322 -0.38 16.24 -25.52
C HIS A 322 0.66 15.28 -24.98
N PHE A 323 0.60 15.01 -23.68
CA PHE A 323 1.63 14.23 -23.03
C PHE A 323 1.48 12.75 -23.33
N THR A 324 2.60 12.04 -23.29
CA THR A 324 2.59 10.59 -23.49
C THR A 324 2.05 9.90 -22.24
N SER A 325 1.85 8.59 -22.36
CA SER A 325 1.25 7.83 -21.27
C SER A 325 2.09 7.88 -20.00
N ASP A 326 3.40 8.09 -20.12
CA ASP A 326 4.27 8.19 -18.96
C ASP A 326 4.65 9.63 -18.61
N GLY A 327 4.09 10.61 -19.34
CA GLY A 327 4.30 12.01 -19.02
C GLY A 327 5.74 12.49 -19.02
N ASN A 328 6.64 11.73 -19.66
CA ASN A 328 8.03 12.14 -19.78
C ASN A 328 8.33 12.79 -21.13
N SER A 329 7.31 12.97 -21.97
CA SER A 329 7.48 13.61 -23.27
C SER A 329 6.12 14.10 -23.72
N PHE A 330 6.12 14.94 -24.76
CA PHE A 330 4.86 15.36 -25.34
C PHE A 330 5.08 15.78 -26.79
N TYR A 331 3.97 15.80 -27.52
CA TYR A 331 3.92 16.29 -28.89
C TYR A 331 3.09 17.56 -28.92
N LYS A 332 3.63 18.64 -29.49
CA LYS A 332 2.87 19.87 -29.64
C LYS A 332 3.16 20.47 -31.01
N ILE A 333 2.16 21.19 -31.53
CA ILE A 333 2.26 21.81 -32.83
C ILE A 333 3.10 23.07 -32.72
N MET A 334 4.11 23.20 -33.57
CA MET A 334 4.94 24.39 -33.62
C MET A 334 5.25 24.73 -35.08
N SER A 335 5.55 26.00 -35.30
CA SER A 335 5.94 26.45 -36.64
C SER A 335 7.37 26.01 -36.94
N ASN A 336 7.56 25.38 -38.11
CA ASN A 336 8.89 24.97 -38.53
C ASN A 336 9.63 26.17 -39.10
N SER A 337 10.78 25.93 -39.71
CA SER A 337 11.57 27.01 -40.30
C SER A 337 10.85 27.66 -41.47
N GLU A 338 10.16 26.87 -42.29
CA GLU A 338 9.45 27.40 -43.44
C GLU A 338 8.15 28.11 -43.06
N GLY A 339 7.73 28.00 -41.79
CA GLY A 339 6.56 28.70 -41.30
C GLY A 339 5.28 27.91 -41.47
N TYR A 340 5.35 26.60 -41.29
CA TYR A 340 4.18 25.72 -41.39
C TYR A 340 3.99 24.99 -40.07
N LYS A 341 2.76 25.02 -39.55
CA LYS A 341 2.45 24.37 -38.28
C LYS A 341 2.60 22.87 -38.44
N HIS A 342 3.55 22.29 -37.71
CA HIS A 342 3.78 20.84 -37.76
C HIS A 342 4.01 20.31 -36.36
N ILE A 343 3.99 18.99 -36.24
CA ILE A 343 4.04 18.31 -34.96
C ILE A 343 5.50 18.13 -34.56
N CYS A 344 5.84 18.61 -33.37
CA CYS A 344 7.20 18.49 -32.85
C CYS A 344 7.18 17.59 -31.62
N LEU A 345 8.25 16.83 -31.44
CA LEU A 345 8.40 15.90 -30.33
C LEU A 345 9.30 16.51 -29.26
N PHE A 346 8.74 16.71 -28.07
CA PHE A 346 9.46 17.26 -26.93
C PHE A 346 9.78 16.17 -25.92
N GLN A 347 10.98 16.21 -25.36
CA GLN A 347 11.30 15.47 -24.15
C GLN A 347 11.29 16.43 -22.98
N ILE A 348 10.68 16.01 -21.87
CA ILE A 348 10.46 16.90 -20.73
C ILE A 348 11.74 17.60 -20.32
N ASP A 349 12.83 16.86 -20.29
CA ASP A 349 14.11 17.39 -19.81
C ASP A 349 14.98 17.96 -20.93
N LYS A 350 14.65 17.70 -22.20
CA LYS A 350 15.43 18.11 -23.36
C LYS A 350 15.07 19.55 -23.75
N PRO A 351 16.06 20.34 -24.19
CA PRO A 351 15.78 21.74 -24.55
C PRO A 351 15.30 21.95 -25.97
N ASP A 352 15.42 20.96 -26.84
CA ASP A 352 15.03 21.08 -28.24
C ASP A 352 13.91 20.09 -28.55
N CYS A 353 13.16 20.39 -29.59
CA CYS A 353 12.12 19.48 -30.07
C CYS A 353 12.49 18.95 -31.45
N THR A 354 11.82 17.87 -31.85
CA THR A 354 12.13 17.12 -33.05
C THR A 354 10.89 17.02 -33.91
N PHE A 355 10.91 17.63 -35.09
CA PHE A 355 9.74 17.65 -35.95
C PHE A 355 9.52 16.27 -36.57
N ILE A 356 8.27 15.82 -36.56
CA ILE A 356 7.91 14.51 -37.10
C ILE A 356 7.03 14.60 -38.33
N THR A 357 6.54 15.79 -38.68
CA THR A 357 5.83 16.02 -39.93
C THR A 357 6.41 17.29 -40.57
N LYS A 358 6.36 17.33 -41.89
CA LYS A 358 6.84 18.51 -42.61
C LYS A 358 6.18 18.56 -43.98
N GLY A 359 6.31 19.71 -44.63
CA GLY A 359 5.72 19.92 -45.93
C GLY A 359 5.17 21.32 -46.10
N ALA A 360 4.61 21.60 -47.28
CA ALA A 360 3.89 22.86 -47.53
C ALA A 360 2.41 22.69 -47.22
N TRP A 361 2.14 22.41 -45.95
CA TRP A 361 0.80 22.17 -45.44
C TRP A 361 0.92 22.18 -43.92
N GLU A 362 -0.20 22.47 -43.25
CA GLU A 362 -0.20 22.59 -41.81
C GLU A 362 -0.96 21.43 -41.17
N VAL A 363 -0.69 21.23 -39.88
CA VAL A 363 -1.45 20.30 -39.06
C VAL A 363 -2.51 21.10 -38.31
N ILE A 364 -3.77 20.68 -38.44
CA ILE A 364 -4.87 21.39 -37.79
C ILE A 364 -4.83 21.16 -36.29
N GLY A 365 -4.71 19.91 -35.87
CA GLY A 365 -4.65 19.60 -34.45
C GLY A 365 -4.29 18.15 -34.23
N ILE A 366 -4.00 17.83 -32.98
CA ILE A 366 -3.69 16.48 -32.54
C ILE A 366 -4.94 15.92 -31.88
N GLU A 367 -5.46 14.81 -32.41
CA GLU A 367 -6.74 14.28 -31.97
C GLU A 367 -6.63 13.19 -30.92
N ALA A 368 -5.63 12.33 -31.01
CA ALA A 368 -5.48 11.23 -30.06
C ALA A 368 -4.02 10.79 -30.07
N LEU A 369 -3.67 9.99 -29.06
CA LEU A 369 -2.27 9.62 -28.87
C LEU A 369 -2.22 8.27 -28.16
N THR A 370 -1.45 7.34 -28.73
CA THR A 370 -1.13 6.07 -28.09
C THR A 370 0.38 5.88 -28.16
N ASN A 371 0.83 4.72 -27.69
CA ASN A 371 2.25 4.42 -27.65
C ASN A 371 2.82 4.08 -29.02
N ASP A 372 1.98 3.66 -29.96
CA ASP A 372 2.43 3.26 -31.29
C ASP A 372 2.05 4.24 -32.38
N TYR A 373 0.86 4.82 -32.33
CA TYR A 373 0.39 5.74 -33.35
C TYR A 373 -0.04 7.07 -32.72
N LEU A 374 0.03 8.12 -33.53
CA LEU A 374 -0.50 9.43 -33.20
C LEU A 374 -1.49 9.83 -34.28
N TYR A 375 -2.67 10.27 -33.87
CA TYR A 375 -3.74 10.62 -34.80
C TYR A 375 -3.88 12.14 -34.87
N PHE A 376 -4.13 12.66 -36.07
CA PHE A 376 -4.19 14.11 -36.24
C PHE A 376 -4.94 14.44 -37.52
N ILE A 377 -5.25 15.73 -37.67
CA ILE A 377 -5.96 16.27 -38.82
C ILE A 377 -5.00 17.20 -39.57
N SER A 378 -5.02 17.12 -40.90
CA SER A 378 -4.19 17.97 -41.73
C SER A 378 -4.94 18.34 -43.01
N ASN A 379 -4.52 19.46 -43.60
CA ASN A 379 -5.00 19.92 -44.91
C ASN A 379 -4.01 19.58 -46.01
N GLU A 380 -3.38 18.41 -45.92
CA GLU A 380 -2.35 18.03 -46.89
C GLU A 380 -2.94 17.45 -48.17
N TYR A 381 -4.01 16.67 -48.05
CA TYR A 381 -4.53 15.91 -49.18
C TYR A 381 -4.84 16.83 -50.35
N LYS A 382 -4.38 16.44 -51.54
CA LYS A 382 -4.57 17.18 -52.78
C LYS A 382 -4.06 18.63 -52.67
N GLY A 383 -3.21 18.89 -51.69
CA GLY A 383 -2.68 20.23 -51.49
C GLY A 383 -3.72 21.32 -51.30
N MET A 384 -4.91 20.95 -50.85
CA MET A 384 -5.99 21.93 -50.66
C MET A 384 -6.03 22.38 -49.22
N PRO A 385 -5.76 23.66 -48.92
CA PRO A 385 -5.78 24.11 -47.52
C PRO A 385 -7.17 24.09 -46.91
N GLY A 386 -8.23 24.14 -47.71
CA GLY A 386 -9.59 24.18 -47.20
C GLY A 386 -10.17 22.81 -46.90
N GLY A 387 -9.32 21.78 -46.87
CA GLY A 387 -9.76 20.43 -46.60
C GLY A 387 -9.24 19.88 -45.29
N ARG A 388 -9.90 18.87 -44.74
CA ARG A 388 -9.51 18.26 -43.48
C ARG A 388 -9.63 16.75 -43.59
N ASN A 389 -8.56 16.03 -43.27
CA ASN A 389 -8.56 14.58 -43.34
C ASN A 389 -7.77 14.00 -42.17
N LEU A 390 -8.18 12.79 -41.77
CA LEU A 390 -7.61 12.11 -40.61
C LEU A 390 -6.39 11.29 -41.02
N TYR A 391 -5.28 11.49 -40.33
CA TYR A 391 -4.02 10.80 -40.58
C TYR A 391 -3.58 10.06 -39.32
N LYS A 392 -2.61 9.18 -39.48
CA LYS A 392 -1.93 8.58 -38.33
C LYS A 392 -0.45 8.41 -38.65
N ILE A 393 0.38 8.56 -37.62
CA ILE A 393 1.84 8.51 -37.75
C ILE A 393 2.34 7.33 -36.93
N GLN A 394 3.22 6.54 -37.52
CA GLN A 394 3.90 5.50 -36.78
C GLN A 394 5.05 6.12 -35.99
N LEU A 395 5.08 5.84 -34.69
CA LEU A 395 6.04 6.49 -33.82
C LEU A 395 7.45 5.90 -33.89
N ASN A 396 7.63 4.82 -34.65
CA ASN A 396 8.95 4.28 -34.94
C ASN A 396 9.50 4.84 -36.25
N ASN A 397 8.68 4.80 -37.30
CA ASN A 397 9.05 5.27 -38.63
C ASN A 397 8.16 6.46 -38.98
N TYR A 398 8.66 7.67 -38.71
CA TYR A 398 7.92 8.89 -39.03
C TYR A 398 7.55 8.98 -40.50
N ALA A 399 8.26 8.27 -41.37
CA ALA A 399 7.95 8.27 -42.79
C ALA A 399 6.65 7.53 -43.12
N ASN A 400 6.13 6.75 -42.17
CA ASN A 400 4.96 5.91 -42.42
C ASN A 400 3.71 6.64 -41.92
N VAL A 401 3.24 7.58 -42.74
CA VAL A 401 2.01 8.32 -42.48
C VAL A 401 0.90 7.68 -43.29
N THR A 402 -0.25 7.45 -42.65
CA THR A 402 -1.36 6.72 -43.25
C THR A 402 -2.63 7.53 -43.10
N CYS A 403 -3.14 8.07 -44.20
CA CYS A 403 -4.39 8.81 -44.16
C CYS A 403 -5.56 7.84 -44.00
N LEU A 404 -6.49 8.19 -43.11
CA LEU A 404 -7.60 7.32 -42.76
C LEU A 404 -8.93 7.76 -43.36
N SER A 405 -8.98 8.92 -44.00
CA SER A 405 -10.23 9.44 -44.52
C SER A 405 -10.14 9.91 -45.98
N CYS A 406 -8.97 9.79 -46.60
CA CYS A 406 -8.77 10.38 -47.92
C CYS A 406 -9.62 9.69 -48.98
N GLU A 407 -9.60 8.36 -49.01
CA GLU A 407 -10.17 7.60 -50.11
C GLU A 407 -11.53 6.96 -49.76
N LEU A 408 -12.16 7.40 -48.68
CA LEU A 408 -13.45 6.80 -48.31
C LEU A 408 -14.55 7.21 -49.27
N ASP A 409 -14.74 8.51 -49.46
CA ASP A 409 -15.66 9.04 -50.46
C ASP A 409 -15.07 10.35 -50.98
N PRO A 410 -14.08 10.26 -51.86
CA PRO A 410 -13.29 11.45 -52.20
C PRO A 410 -14.07 12.55 -52.89
N GLU A 411 -15.18 12.20 -53.55
CA GLU A 411 -15.98 13.22 -54.21
C GLU A 411 -16.96 13.87 -53.24
N ARG A 412 -17.53 13.08 -52.33
CA ARG A 412 -18.53 13.59 -51.41
C ARG A 412 -17.93 14.21 -50.16
N CYS A 413 -16.85 13.63 -49.64
CA CYS A 413 -16.29 14.03 -48.35
C CYS A 413 -14.84 14.44 -48.50
N GLN A 414 -14.56 15.73 -48.28
CA GLN A 414 -13.20 16.25 -48.26
C GLN A 414 -12.90 17.05 -46.99
N TYR A 415 -13.79 17.01 -46.00
CA TYR A 415 -13.67 17.83 -44.80
C TYR A 415 -14.09 16.98 -43.61
N TYR A 416 -13.12 16.36 -42.94
CA TYR A 416 -13.39 15.41 -41.87
C TYR A 416 -12.98 15.99 -40.50
N SER A 417 -13.60 15.43 -39.46
CA SER A 417 -13.16 15.60 -38.09
C SER A 417 -13.40 14.29 -37.35
N ALA A 418 -12.76 14.14 -36.19
CA ALA A 418 -12.83 12.87 -35.48
C ALA A 418 -12.97 13.09 -33.98
N SER A 419 -13.67 12.15 -33.34
CA SER A 419 -13.80 12.09 -31.89
C SER A 419 -13.39 10.70 -31.43
N PHE A 420 -12.32 10.62 -30.64
CA PHE A 420 -11.73 9.36 -30.23
C PHE A 420 -12.21 8.94 -28.85
N SER A 421 -12.04 7.65 -28.56
CA SER A 421 -12.29 7.09 -27.24
C SER A 421 -11.00 7.14 -26.42
N LYS A 422 -11.04 6.55 -25.22
CA LYS A 422 -9.87 6.51 -24.36
C LYS A 422 -8.87 5.47 -24.90
N GLY A 423 -7.61 5.87 -25.02
CA GLY A 423 -6.62 4.98 -25.61
C GLY A 423 -6.77 4.76 -27.09
N ALA A 424 -7.62 5.55 -27.76
CA ALA A 424 -7.77 5.53 -29.22
C ALA A 424 -8.09 4.12 -29.73
N LYS A 425 -8.98 3.42 -29.04
CA LYS A 425 -9.41 2.11 -29.51
C LYS A 425 -10.39 2.22 -30.66
N TYR A 426 -11.29 3.19 -30.58
CA TYR A 426 -12.25 3.44 -31.67
C TYR A 426 -12.31 4.95 -31.91
N TYR A 427 -12.91 5.38 -33.01
CA TYR A 427 -13.05 6.80 -33.28
C TYR A 427 -14.26 7.03 -34.17
N GLN A 428 -14.99 8.10 -33.88
CA GLN A 428 -16.14 8.50 -34.67
C GLN A 428 -15.68 9.46 -35.75
N LEU A 429 -15.98 9.14 -37.00
CA LEU A 429 -15.64 10.01 -38.12
C LEU A 429 -16.82 10.91 -38.45
N ARG A 430 -16.53 12.19 -38.68
CA ARG A 430 -17.54 13.18 -39.02
C ARG A 430 -17.08 13.90 -40.29
N CYS A 431 -17.84 13.74 -41.36
CA CYS A 431 -17.59 14.44 -42.62
C CYS A 431 -18.54 15.62 -42.71
N SER A 432 -18.02 16.78 -43.13
CA SER A 432 -18.79 18.02 -43.15
C SER A 432 -19.09 18.54 -44.54
N GLY A 433 -18.54 17.93 -45.59
CA GLY A 433 -18.80 18.39 -46.95
C GLY A 433 -17.83 17.83 -47.96
N PRO A 434 -17.82 18.39 -49.17
CA PRO A 434 -18.67 19.52 -49.55
C PRO A 434 -20.09 19.09 -49.94
N GLN A 435 -20.31 17.79 -50.05
CA GLN A 435 -21.63 17.23 -50.22
C GLN A 435 -22.23 16.90 -48.85
N ILE A 436 -23.30 16.13 -48.83
CA ILE A 436 -24.12 15.95 -47.62
C ILE A 436 -23.29 15.27 -46.54
N PRO A 437 -23.30 15.78 -45.31
CA PRO A 437 -22.45 15.24 -44.24
C PRO A 437 -22.78 13.78 -43.92
N ARG A 438 -21.91 13.19 -43.11
CA ARG A 438 -21.96 11.77 -42.82
C ARG A 438 -21.25 11.52 -41.50
N TYR A 439 -21.69 10.48 -40.79
CA TYR A 439 -21.13 10.13 -39.49
C TYR A 439 -20.96 8.61 -39.42
N SER A 440 -19.76 8.17 -39.09
CA SER A 440 -19.46 6.74 -39.06
C SER A 440 -18.61 6.41 -37.84
N LEU A 441 -18.68 5.13 -37.46
CA LEU A 441 -17.94 4.59 -36.32
C LEU A 441 -16.85 3.68 -36.85
N HIS A 442 -15.62 3.87 -36.36
CA HIS A 442 -14.48 3.11 -36.82
C HIS A 442 -13.73 2.53 -35.62
N SER A 443 -12.98 1.46 -35.86
CA SER A 443 -12.09 0.86 -34.88
C SER A 443 -10.65 1.11 -35.30
N SER A 444 -9.82 1.55 -34.36
CA SER A 444 -8.45 1.92 -34.69
C SER A 444 -7.56 0.71 -34.95
N SER A 445 -7.99 -0.49 -34.56
CA SER A 445 -7.17 -1.69 -34.77
C SER A 445 -6.96 -1.96 -36.26
N ASN A 446 -8.01 -1.80 -37.07
CA ASN A 446 -7.94 -2.02 -38.50
C ASN A 446 -8.52 -0.87 -39.31
N ASP A 447 -8.98 0.20 -38.67
CA ASP A 447 -9.50 1.39 -39.33
C ASP A 447 -10.64 1.08 -40.29
N LYS A 448 -11.40 0.03 -39.97
CA LYS A 448 -12.54 -0.35 -40.78
C LYS A 448 -13.82 0.23 -40.18
N GLU A 449 -14.70 0.71 -41.04
CA GLU A 449 -15.98 1.25 -40.60
C GLU A 449 -16.82 0.14 -39.97
N LEU A 450 -17.16 0.32 -38.70
CA LEU A 450 -18.00 -0.66 -38.01
C LEU A 450 -19.47 -0.49 -38.40
N ARG A 451 -19.98 0.74 -38.35
CA ARG A 451 -21.38 0.97 -38.68
C ARG A 451 -21.56 2.44 -39.05
N LEU A 452 -22.58 2.68 -39.87
CA LEU A 452 -22.91 4.01 -40.35
C LEU A 452 -23.93 4.63 -39.38
N LEU A 453 -23.50 5.69 -38.69
CA LEU A 453 -24.33 6.28 -37.63
C LEU A 453 -25.42 7.18 -38.20
N GLU A 454 -25.07 8.04 -39.17
CA GLU A 454 -26.05 8.94 -39.75
C GLU A 454 -25.62 9.30 -41.16
N ASN A 455 -26.52 9.10 -42.12
CA ASN A 455 -26.23 9.39 -43.52
C ASN A 455 -27.00 10.59 -44.05
N ASN A 456 -27.97 11.12 -43.29
CA ASN A 456 -28.79 12.23 -43.73
C ASN A 456 -29.50 11.92 -45.04
N THR A 457 -29.90 10.65 -45.21
CA THR A 457 -30.60 10.23 -46.41
C THR A 457 -31.88 11.03 -46.62
N ALA A 458 -32.56 11.41 -45.54
CA ALA A 458 -33.74 12.24 -45.65
C ALA A 458 -33.39 13.61 -46.23
N LEU A 459 -32.24 14.15 -45.87
CA LEU A 459 -31.79 15.40 -46.47
C LEU A 459 -31.51 15.21 -47.96
N TYR A 460 -30.88 14.09 -48.32
CA TYR A 460 -30.47 13.86 -49.70
C TYR A 460 -31.66 13.93 -50.66
N GLU A 461 -32.71 13.16 -50.37
CA GLU A 461 -33.86 13.13 -51.26
C GLU A 461 -34.61 14.45 -51.26
N THR A 462 -34.63 15.16 -50.12
CA THR A 462 -35.34 16.44 -50.06
C THR A 462 -34.66 17.48 -50.94
N LEU A 463 -33.34 17.44 -51.05
CA LEU A 463 -32.64 18.36 -51.96
C LEU A 463 -32.77 17.95 -53.42
N GLN A 464 -33.06 16.68 -53.69
CA GLN A 464 -33.23 16.24 -55.08
C GLN A 464 -34.35 17.01 -55.75
N ASN A 465 -35.39 17.37 -55.00
CA ASN A 465 -36.53 18.13 -55.51
C ASN A 465 -36.32 19.64 -55.45
N ILE A 466 -35.09 20.11 -55.19
CA ILE A 466 -34.81 21.53 -55.06
C ILE A 466 -33.62 21.88 -55.93
N GLN A 467 -33.72 23.00 -56.64
CA GLN A 467 -32.63 23.50 -57.48
C GLN A 467 -31.57 24.10 -56.56
N MET A 468 -30.71 23.22 -56.03
CA MET A 468 -29.67 23.62 -55.09
C MET A 468 -28.48 24.23 -55.81
N PRO A 469 -27.83 25.22 -55.22
CA PRO A 469 -26.65 25.82 -55.83
C PRO A 469 -25.43 24.93 -55.65
N ARG A 470 -24.39 25.23 -56.41
CA ARG A 470 -23.15 24.47 -56.37
C ARG A 470 -22.02 25.31 -55.78
N LYS A 471 -21.08 24.62 -55.16
CA LYS A 471 -19.94 25.25 -54.48
C LYS A 471 -18.67 24.83 -55.18
N THR A 472 -17.91 25.81 -55.66
CA THR A 472 -16.65 25.56 -56.36
C THR A 472 -15.49 25.97 -55.47
N LEU A 473 -14.52 25.08 -55.32
CA LEU A 473 -13.26 25.40 -54.66
C LEU A 473 -12.22 25.63 -55.75
N ASP A 474 -11.82 26.89 -55.91
CA ASP A 474 -10.86 27.28 -56.92
C ASP A 474 -9.92 28.30 -56.30
N PHE A 475 -8.91 28.73 -57.06
CA PHE A 475 -7.92 29.64 -56.54
C PHE A 475 -7.52 30.65 -57.61
N LEU A 476 -6.71 31.62 -57.18
CA LEU A 476 -6.12 32.60 -58.09
C LEU A 476 -4.79 33.05 -57.49
N HIS A 477 -4.09 33.90 -58.23
CA HIS A 477 -2.74 34.33 -57.88
C HIS A 477 -2.73 35.85 -57.69
N LEU A 478 -2.16 36.30 -56.57
CA LEU A 478 -2.00 37.72 -56.27
C LEU A 478 -0.54 38.00 -55.95
N ASN A 479 0.11 38.78 -56.82
CA ASN A 479 1.55 39.04 -56.72
C ASN A 479 2.33 37.72 -56.65
N GLY A 480 1.86 36.72 -57.40
CA GLY A 480 2.54 35.45 -57.50
C GLY A 480 2.26 34.44 -56.40
N THR A 481 1.38 34.76 -55.46
CA THR A 481 1.05 33.85 -54.36
C THR A 481 -0.32 33.24 -54.63
N LYS A 482 -0.41 31.91 -54.53
CA LYS A 482 -1.68 31.23 -54.75
C LYS A 482 -2.63 31.53 -53.60
N PHE A 483 -3.88 31.84 -53.94
CA PHE A 483 -4.88 32.23 -52.96
C PHE A 483 -6.21 31.58 -53.32
N TRP A 484 -6.81 30.90 -52.35
CA TRP A 484 -8.01 30.13 -52.60
C TRP A 484 -9.26 30.96 -52.34
N TYR A 485 -10.33 30.61 -53.04
CA TYR A 485 -11.62 31.26 -52.91
C TYR A 485 -12.70 30.23 -53.21
N GLN A 486 -13.94 30.59 -52.92
CA GLN A 486 -15.07 29.73 -53.22
C GLN A 486 -16.20 30.55 -53.81
N MET A 487 -17.03 29.88 -54.60
CA MET A 487 -18.18 30.50 -55.25
C MET A 487 -19.39 29.58 -55.07
N ILE A 488 -20.49 30.13 -54.58
CA ILE A 488 -21.75 29.42 -54.55
C ILE A 488 -22.45 29.73 -55.86
N LEU A 489 -22.53 28.72 -56.74
CA LEU A 489 -23.05 29.09 -58.05
C LEU A 489 -24.55 28.82 -58.14
N PRO A 490 -25.29 29.74 -58.74
CA PRO A 490 -26.73 29.52 -58.95
C PRO A 490 -26.96 28.24 -59.73
N PRO A 491 -28.14 27.61 -59.58
CA PRO A 491 -28.46 26.46 -60.41
C PRO A 491 -28.58 26.87 -61.87
N HIS A 492 -28.29 25.91 -62.76
CA HIS A 492 -28.32 26.16 -64.19
C HIS A 492 -27.39 27.32 -64.55
N PHE A 493 -26.18 27.28 -63.99
CA PHE A 493 -25.23 28.36 -64.15
C PHE A 493 -24.74 28.45 -65.59
N ASP A 494 -24.74 29.66 -66.13
CA ASP A 494 -24.39 29.89 -67.53
C ASP A 494 -23.30 30.95 -67.57
N LYS A 495 -22.06 30.52 -67.84
CA LYS A 495 -20.92 31.43 -67.88
C LYS A 495 -21.08 32.51 -68.95
N SER A 496 -21.97 32.31 -69.92
CA SER A 496 -22.21 33.34 -70.92
C SER A 496 -23.03 34.50 -70.35
N LYS A 497 -23.88 34.21 -69.37
CA LYS A 497 -24.67 35.24 -68.72
C LYS A 497 -23.86 35.89 -67.59
N LYS A 498 -24.25 37.11 -67.25
CA LYS A 498 -23.55 37.88 -66.23
C LYS A 498 -24.45 38.04 -65.02
N TYR A 499 -23.96 37.61 -63.86
CA TYR A 499 -24.65 37.57 -62.58
C TYR A 499 -24.16 38.69 -61.69
N PRO A 500 -24.96 39.08 -60.70
CA PRO A 500 -24.45 39.96 -59.64
C PRO A 500 -23.61 39.18 -58.64
N LEU A 501 -22.66 39.88 -58.03
CA LEU A 501 -21.70 39.28 -57.12
C LEU A 501 -21.85 39.84 -55.71
N LEU A 502 -21.78 38.94 -54.72
CA LEU A 502 -21.91 39.30 -53.32
C LEU A 502 -20.79 38.58 -52.56
N ILE A 503 -19.96 39.34 -51.85
CA ILE A 503 -18.75 38.81 -51.24
C ILE A 503 -18.96 38.67 -49.74
N ASP A 504 -18.77 37.46 -49.24
CA ASP A 504 -18.86 37.16 -47.82
C ASP A 504 -17.47 37.26 -47.20
N VAL A 505 -17.33 38.08 -46.17
CA VAL A 505 -16.03 38.44 -45.62
C VAL A 505 -15.96 38.08 -44.16
N TYR A 506 -14.85 37.47 -43.76
CA TYR A 506 -14.38 37.57 -42.39
C TYR A 506 -12.99 38.20 -42.34
N ALA A 507 -12.06 37.72 -43.16
CA ALA A 507 -10.73 38.32 -43.35
C ALA A 507 -9.98 38.47 -42.02
N GLY A 508 -10.46 37.82 -40.96
CA GLY A 508 -9.81 37.90 -39.67
C GLY A 508 -8.49 37.15 -39.68
N PRO A 509 -7.62 37.47 -38.72
CA PRO A 509 -6.36 36.74 -38.62
C PRO A 509 -6.59 35.25 -38.40
N CYS A 510 -5.90 34.44 -39.20
CA CYS A 510 -6.05 32.98 -39.17
C CYS A 510 -7.48 32.54 -39.45
N SER A 511 -8.18 33.29 -40.29
CA SER A 511 -9.52 32.89 -40.69
C SER A 511 -9.46 32.04 -41.96
N GLN A 512 -10.59 31.42 -42.28
CA GLN A 512 -10.71 30.62 -43.50
C GLN A 512 -12.18 30.57 -43.87
N LYS A 513 -12.59 31.42 -44.82
CA LYS A 513 -13.96 31.43 -45.30
C LYS A 513 -14.17 30.50 -46.48
N ALA A 514 -13.11 30.14 -47.19
CA ALA A 514 -13.18 29.28 -48.36
C ALA A 514 -12.71 27.88 -47.98
N ASP A 515 -13.65 26.93 -47.91
CA ASP A 515 -13.35 25.58 -47.48
C ASP A 515 -14.40 24.63 -48.02
N ALA A 516 -14.07 23.34 -47.96
CA ALA A 516 -14.93 22.30 -48.53
C ALA A 516 -16.02 21.85 -47.56
N THR A 517 -16.74 22.82 -47.00
CA THR A 517 -17.76 22.53 -46.00
C THR A 517 -19.15 22.74 -46.61
N PHE A 518 -20.10 21.94 -46.16
CA PHE A 518 -21.46 21.97 -46.70
C PHE A 518 -22.36 22.69 -45.70
N LYS A 519 -22.95 23.80 -46.14
CA LYS A 519 -23.79 24.63 -45.30
C LYS A 519 -25.09 24.96 -46.01
N LEU A 520 -26.17 25.02 -45.24
CA LEU A 520 -27.44 25.57 -45.71
C LEU A 520 -27.53 26.98 -45.11
N SER A 521 -26.93 27.94 -45.79
CA SER A 521 -26.78 29.29 -45.26
C SER A 521 -27.71 30.24 -46.01
N TRP A 522 -27.59 31.52 -45.66
CA TRP A 522 -28.31 32.56 -46.39
C TRP A 522 -27.81 32.65 -47.83
N ALA A 523 -26.51 32.44 -48.05
CA ALA A 523 -25.96 32.46 -49.39
C ALA A 523 -26.57 31.37 -50.27
N THR A 524 -26.88 30.22 -49.66
CA THR A 524 -27.58 29.17 -50.38
C THR A 524 -28.90 29.69 -50.94
N TYR A 525 -29.58 30.56 -50.18
CA TYR A 525 -30.85 31.13 -50.64
C TYR A 525 -30.64 32.04 -51.84
N LEU A 526 -29.68 32.97 -51.75
CA LEU A 526 -29.49 33.97 -52.79
C LEU A 526 -29.21 33.32 -54.14
N ALA A 527 -28.25 32.38 -54.17
CA ALA A 527 -27.90 31.73 -55.43
C ALA A 527 -29.03 30.87 -55.97
N SER A 528 -29.65 30.07 -55.11
CA SER A 528 -30.69 29.15 -55.57
C SER A 528 -31.95 29.87 -56.00
N THR A 529 -32.26 31.02 -55.40
CA THR A 529 -33.51 31.72 -55.64
C THR A 529 -33.33 33.05 -56.36
N GLU A 530 -32.47 33.92 -55.85
CA GLU A 530 -32.27 35.23 -56.46
C GLU A 530 -31.16 35.24 -57.50
N ASN A 531 -30.48 34.10 -57.69
CA ASN A 531 -29.44 33.95 -58.71
C ASN A 531 -28.33 34.99 -58.54
N ILE A 532 -27.75 35.00 -57.35
CA ILE A 532 -26.63 35.87 -57.00
C ILE A 532 -25.43 34.97 -56.72
N ILE A 533 -24.26 35.37 -57.20
CA ILE A 533 -23.04 34.63 -56.90
C ILE A 533 -22.51 35.14 -55.57
N VAL A 534 -22.35 34.23 -54.61
CA VAL A 534 -21.84 34.57 -53.28
C VAL A 534 -20.44 33.98 -53.17
N ALA A 535 -19.44 34.85 -53.02
CA ALA A 535 -18.04 34.46 -52.99
C ALA A 535 -17.40 34.82 -51.67
N SER A 536 -16.30 34.14 -51.36
CA SER A 536 -15.51 34.40 -50.17
C SER A 536 -14.05 34.09 -50.50
N PHE A 537 -13.15 35.01 -50.16
CA PHE A 537 -11.77 34.93 -50.61
C PHE A 537 -10.83 34.99 -49.41
N ASP A 538 -9.94 34.01 -49.33
CA ASP A 538 -8.97 33.90 -48.24
C ASP A 538 -7.64 34.48 -48.74
N GLY A 539 -7.42 35.75 -48.44
CA GLY A 539 -6.22 36.45 -48.83
C GLY A 539 -5.16 36.46 -47.76
N ARG A 540 -4.35 37.50 -47.74
CA ARG A 540 -3.33 37.65 -46.72
C ARG A 540 -3.98 37.84 -45.35
N GLY A 541 -3.30 37.34 -44.31
CA GLY A 541 -3.86 37.28 -42.99
C GLY A 541 -4.67 36.02 -42.71
N SER A 542 -5.09 35.30 -43.75
CA SER A 542 -5.76 34.02 -43.55
C SER A 542 -4.78 33.02 -42.94
N GLY A 543 -5.33 31.87 -42.53
CA GLY A 543 -4.57 30.85 -41.85
C GLY A 543 -4.49 29.53 -42.60
N TYR A 544 -3.82 28.58 -41.95
CA TYR A 544 -3.65 27.21 -42.43
C TYR A 544 -2.88 27.14 -43.74
N GLN A 545 -2.23 28.24 -44.12
CA GLN A 545 -1.46 28.30 -45.36
C GLN A 545 -0.01 28.74 -45.10
N GLY A 546 0.42 28.76 -43.85
CA GLY A 546 1.77 29.17 -43.53
C GLY A 546 1.81 30.48 -42.75
N ASP A 547 2.83 30.64 -41.90
CA ASP A 547 2.99 31.87 -41.14
C ASP A 547 3.36 33.05 -42.03
N LYS A 548 3.83 32.79 -43.25
CA LYS A 548 4.08 33.87 -44.19
C LYS A 548 2.79 34.62 -44.52
N ILE A 549 1.78 33.88 -44.97
CA ILE A 549 0.49 34.49 -45.33
C ILE A 549 -0.23 34.99 -44.09
N MET A 550 -0.12 34.26 -42.97
CA MET A 550 -0.86 34.62 -41.77
C MET A 550 -0.28 35.87 -41.12
N HIS A 551 1.03 35.90 -40.88
CA HIS A 551 1.65 37.01 -40.17
C HIS A 551 1.89 38.23 -41.05
N ALA A 552 1.48 38.19 -42.32
CA ALA A 552 1.62 39.37 -43.17
C ALA A 552 0.80 40.54 -42.64
N ILE A 553 -0.29 40.25 -41.92
CA ILE A 553 -1.17 41.29 -41.40
C ILE A 553 -0.71 41.83 -40.04
N ASN A 554 0.36 41.28 -39.48
CA ASN A 554 0.80 41.61 -38.13
C ASN A 554 1.11 43.09 -38.00
N ARG A 555 0.58 43.71 -36.94
CA ARG A 555 0.75 45.12 -36.63
C ARG A 555 0.20 46.04 -37.71
N ARG A 556 -0.52 45.48 -38.68
CA ARG A 556 -1.05 46.24 -39.81
C ARG A 556 -2.47 45.81 -40.12
N LEU A 557 -3.28 45.56 -39.08
CA LEU A 557 -4.67 45.19 -39.29
C LEU A 557 -5.38 46.25 -40.11
N GLY A 558 -6.23 45.80 -41.03
CA GLY A 558 -6.95 46.70 -41.91
C GLY A 558 -6.14 47.25 -43.06
N THR A 559 -5.02 46.60 -43.43
CA THR A 559 -4.23 47.05 -44.58
C THR A 559 -4.24 46.04 -45.71
N PHE A 560 -3.78 44.82 -45.48
CA PHE A 560 -3.61 43.88 -46.59
C PHE A 560 -4.82 42.97 -46.77
N GLU A 561 -5.49 42.60 -45.69
CA GLU A 561 -6.71 41.82 -45.82
C GLU A 561 -7.83 42.63 -46.46
N VAL A 562 -7.74 43.97 -46.39
CA VAL A 562 -8.71 44.82 -47.08
C VAL A 562 -8.39 44.89 -48.57
N GLU A 563 -7.16 45.27 -48.91
CA GLU A 563 -6.78 45.40 -50.32
C GLU A 563 -7.03 44.11 -51.09
N ASP A 564 -6.76 42.97 -50.47
CA ASP A 564 -6.84 41.69 -51.18
C ASP A 564 -8.28 41.27 -51.41
N GLN A 565 -9.21 41.70 -50.55
CA GLN A 565 -10.62 41.51 -50.85
C GLN A 565 -11.04 42.36 -52.05
N ILE A 566 -10.53 43.59 -52.12
CA ILE A 566 -10.77 44.44 -53.29
C ILE A 566 -10.08 43.84 -54.52
N GLU A 567 -8.80 43.50 -54.38
CA GLU A 567 -8.03 43.03 -55.52
C GLU A 567 -8.61 41.73 -56.08
N ALA A 568 -9.02 40.81 -55.21
CA ALA A 568 -9.69 39.60 -55.69
C ALA A 568 -11.02 39.93 -56.34
N ALA A 569 -11.75 40.90 -55.79
CA ALA A 569 -12.99 41.35 -56.42
C ALA A 569 -12.71 41.92 -57.80
N LYS A 570 -11.60 42.64 -57.96
CA LYS A 570 -11.21 43.12 -59.29
C LYS A 570 -10.94 41.95 -60.22
N GLN A 571 -10.32 40.88 -59.71
CA GLN A 571 -10.11 39.69 -60.52
C GLN A 571 -11.44 39.09 -60.97
N PHE A 572 -12.42 39.04 -60.07
CA PHE A 572 -13.70 38.43 -60.40
C PHE A 572 -14.42 39.19 -61.52
N SER A 573 -14.20 40.50 -61.61
CA SER A 573 -14.80 41.27 -62.69
C SER A 573 -14.20 40.90 -64.04
N LYS A 574 -12.90 40.61 -64.07
CA LYS A 574 -12.26 40.18 -65.31
C LYS A 574 -12.94 38.96 -65.90
N MET A 575 -13.54 38.12 -65.06
CA MET A 575 -14.28 36.97 -65.55
C MET A 575 -15.52 37.42 -66.32
N GLY A 576 -15.94 36.59 -67.27
CA GLY A 576 -17.01 36.96 -68.17
C GLY A 576 -18.42 36.76 -67.67
N PHE A 577 -18.60 36.43 -66.39
CA PHE A 577 -19.93 36.10 -65.87
C PHE A 577 -20.30 36.93 -64.64
N VAL A 578 -19.60 38.04 -64.39
CA VAL A 578 -19.83 38.84 -63.19
C VAL A 578 -20.11 40.28 -63.63
N ASP A 579 -21.26 40.81 -63.21
CA ASP A 579 -21.64 42.18 -63.55
C ASP A 579 -20.76 43.16 -62.80
N ASP A 580 -20.10 44.06 -63.54
CA ASP A 580 -19.21 45.03 -62.91
C ASP A 580 -19.97 45.98 -62.00
N LYS A 581 -21.21 46.31 -62.35
CA LYS A 581 -21.99 47.31 -61.65
C LYS A 581 -22.88 46.75 -60.55
N ARG A 582 -22.80 45.45 -60.27
CA ARG A 582 -23.64 44.81 -59.27
C ARG A 582 -22.81 43.91 -58.37
N ILE A 583 -21.73 44.47 -57.83
CA ILE A 583 -20.86 43.80 -56.88
C ILE A 583 -21.12 44.39 -55.50
N ALA A 584 -21.33 43.53 -54.51
CA ALA A 584 -21.59 43.96 -53.14
C ALA A 584 -20.71 43.18 -52.18
N ILE A 585 -20.93 43.41 -50.89
CA ILE A 585 -20.06 42.87 -49.85
C ILE A 585 -20.80 42.97 -48.53
N TRP A 586 -20.53 42.03 -47.63
CA TRP A 586 -21.05 42.12 -46.26
C TRP A 586 -20.22 41.24 -45.36
N GLY A 587 -20.26 41.53 -44.07
CA GLY A 587 -19.47 40.81 -43.10
C GLY A 587 -20.09 40.86 -41.72
N TRP A 588 -19.38 40.27 -40.77
CA TRP A 588 -19.89 40.14 -39.40
C TRP A 588 -18.71 40.14 -38.43
N SER A 589 -18.57 41.23 -37.68
CA SER A 589 -17.72 41.34 -36.50
C SER A 589 -16.23 41.39 -36.82
N TYR A 590 -15.86 40.95 -38.01
CA TYR A 590 -14.63 41.39 -38.66
C TYR A 590 -14.84 41.70 -40.13
N GLY A 591 -15.71 40.97 -40.82
CA GLY A 591 -16.14 41.41 -42.13
C GLY A 591 -16.79 42.77 -42.06
N GLY A 592 -17.70 42.95 -41.10
CA GLY A 592 -18.28 44.27 -40.87
C GLY A 592 -17.21 45.34 -40.72
N TYR A 593 -16.07 44.99 -40.12
CA TYR A 593 -14.93 45.89 -40.13
C TYR A 593 -14.34 45.99 -41.54
N VAL A 594 -14.08 44.85 -42.18
CA VAL A 594 -13.51 44.86 -43.53
C VAL A 594 -14.50 45.46 -44.51
N THR A 595 -15.75 44.98 -44.51
CA THR A 595 -16.78 45.52 -45.39
C THR A 595 -16.84 47.03 -45.28
N SER A 596 -16.81 47.55 -44.05
CA SER A 596 -16.81 49.00 -43.86
C SER A 596 -15.51 49.61 -44.39
N MET A 597 -14.37 49.01 -44.03
CA MET A 597 -13.09 49.55 -44.49
C MET A 597 -12.92 49.41 -45.99
N VAL A 598 -13.60 48.44 -46.61
CA VAL A 598 -13.55 48.29 -48.06
C VAL A 598 -14.32 49.43 -48.74
N LEU A 599 -15.55 49.68 -48.29
CA LEU A 599 -16.36 50.73 -48.90
C LEU A 599 -15.70 52.10 -48.75
N GLY A 600 -14.91 52.31 -47.70
CA GLY A 600 -14.19 53.54 -47.51
C GLY A 600 -12.87 53.64 -48.24
N ALA A 601 -12.48 52.60 -48.97
CA ALA A 601 -11.19 52.63 -49.68
C ALA A 601 -11.24 53.49 -50.93
N GLY A 602 -12.42 53.80 -51.46
CA GLY A 602 -12.51 54.51 -52.71
C GLY A 602 -12.17 53.64 -53.91
N SER A 603 -12.60 52.38 -53.90
CA SER A 603 -12.20 51.43 -54.92
C SER A 603 -13.06 51.49 -56.17
N HIS A 604 -14.27 52.04 -56.08
CA HIS A 604 -15.23 52.06 -57.20
C HIS A 604 -15.52 50.65 -57.70
N VAL A 605 -15.37 49.65 -56.84
CA VAL A 605 -15.60 48.26 -57.20
C VAL A 605 -16.95 47.77 -56.68
N PHE A 606 -17.33 48.19 -55.48
CA PHE A 606 -18.52 47.70 -54.80
C PHE A 606 -19.61 48.76 -54.84
N LYS A 607 -20.85 48.31 -55.08
CA LYS A 607 -21.99 49.21 -55.15
C LYS A 607 -22.62 49.44 -53.78
N CYS A 608 -22.68 48.40 -52.95
CA CYS A 608 -23.30 48.51 -51.64
C CYS A 608 -22.59 47.58 -50.67
N GLY A 609 -22.95 47.70 -49.39
CA GLY A 609 -22.33 46.92 -48.35
C GLY A 609 -23.20 46.83 -47.13
N ILE A 610 -22.96 45.81 -46.32
CA ILE A 610 -23.64 45.62 -45.04
C ILE A 610 -22.58 45.30 -44.00
N ALA A 611 -22.62 46.02 -42.87
CA ALA A 611 -21.76 45.73 -41.74
C ALA A 611 -22.63 45.37 -40.55
N VAL A 612 -22.47 44.14 -40.05
CA VAL A 612 -23.26 43.63 -38.93
C VAL A 612 -22.35 43.50 -37.72
N ALA A 613 -22.67 44.22 -36.65
CA ALA A 613 -21.85 44.29 -35.45
C ALA A 613 -20.37 44.52 -35.77
N PRO A 614 -20.04 45.55 -36.52
CA PRO A 614 -18.67 45.73 -36.98
C PRO A 614 -17.77 46.30 -35.90
N VAL A 615 -16.49 45.99 -36.01
CA VAL A 615 -15.46 46.75 -35.30
C VAL A 615 -15.21 48.04 -36.06
N SER A 616 -15.10 49.16 -35.34
CA SER A 616 -14.83 50.45 -35.98
C SER A 616 -13.45 51.00 -35.69
N ALA A 617 -12.88 50.71 -34.53
CA ALA A 617 -11.53 51.10 -34.19
C ALA A 617 -10.97 50.06 -33.23
N TRP A 618 -9.69 49.73 -33.41
CA TRP A 618 -9.04 48.76 -32.53
C TRP A 618 -8.80 49.32 -31.13
N GLU A 619 -9.02 50.62 -30.95
CA GLU A 619 -9.01 51.20 -29.62
C GLU A 619 -10.17 50.69 -28.76
N PHE A 620 -11.17 50.08 -29.38
CA PHE A 620 -12.42 49.72 -28.70
C PHE A 620 -12.57 48.24 -28.40
N TYR A 621 -11.73 47.38 -28.97
CA TYR A 621 -11.88 45.95 -28.78
C TYR A 621 -10.96 45.46 -27.67
N ASP A 622 -11.26 44.26 -27.16
CA ASP A 622 -10.57 43.77 -25.97
C ASP A 622 -9.09 43.55 -26.26
N SER A 623 -8.28 43.62 -25.19
CA SER A 623 -6.83 43.63 -25.33
C SER A 623 -6.27 42.29 -25.79
N VAL A 624 -6.89 41.18 -25.39
CA VAL A 624 -6.33 39.86 -25.70
C VAL A 624 -6.30 39.64 -27.21
N TYR A 625 -7.44 39.86 -27.88
CA TYR A 625 -7.50 39.69 -29.32
C TYR A 625 -6.74 40.80 -30.03
N THR A 626 -6.88 42.04 -29.55
CA THR A 626 -6.32 43.19 -30.27
C THR A 626 -4.80 43.25 -30.14
N GLU A 627 -4.29 43.23 -28.90
CA GLU A 627 -2.86 43.37 -28.69
C GLU A 627 -2.07 42.19 -29.26
N ARG A 628 -2.74 41.07 -29.52
CA ARG A 628 -2.07 39.93 -30.12
C ARG A 628 -1.60 40.26 -31.55
N TYR A 629 -2.40 41.02 -32.30
CA TYR A 629 -2.06 41.36 -33.67
C TYR A 629 -1.62 42.81 -33.86
N MET A 630 -1.98 43.72 -32.94
CA MET A 630 -1.70 45.14 -33.12
C MET A 630 -0.82 45.75 -32.05
N GLY A 631 -0.55 45.05 -30.95
CA GLY A 631 0.33 45.59 -29.92
C GLY A 631 -0.33 46.68 -29.09
N LEU A 632 0.52 47.43 -28.39
CA LEU A 632 -0.07 48.42 -27.48
C LEU A 632 -0.28 49.75 -28.20
N PRO A 633 -1.39 50.44 -27.88
CA PRO A 633 -1.68 51.76 -28.46
C PRO A 633 -0.87 52.88 -27.80
N THR A 634 0.38 52.67 -27.64
CA THR A 634 1.23 53.70 -27.08
C THR A 634 2.07 54.32 -28.18
N PRO A 635 2.38 55.62 -28.08
CA PRO A 635 3.22 56.26 -29.11
C PRO A 635 4.55 55.55 -29.34
N GLU A 636 4.96 54.69 -28.41
CA GLU A 636 6.23 53.99 -28.51
C GLU A 636 6.11 52.59 -29.10
N ASP A 637 4.91 52.03 -29.22
CA ASP A 637 4.75 50.68 -29.74
C ASP A 637 4.02 50.65 -31.08
N ASN A 638 2.71 50.97 -31.12
CA ASN A 638 2.01 50.89 -32.40
C ASN A 638 0.86 51.90 -32.51
N LEU A 639 0.91 53.01 -31.77
CA LEU A 639 -0.22 53.92 -31.75
C LEU A 639 -0.54 54.46 -33.14
N ASP A 640 0.47 54.52 -34.02
CA ASP A 640 0.29 55.06 -35.36
C ASP A 640 -0.83 54.33 -36.11
N HIS A 641 -0.71 53.00 -36.23
CA HIS A 641 -1.68 52.28 -37.03
C HIS A 641 -3.00 52.02 -36.30
N TYR A 642 -3.02 52.15 -34.96
CA TYR A 642 -4.30 52.16 -34.27
C TYR A 642 -5.19 53.29 -34.80
N LYS A 643 -4.60 54.44 -35.10
CA LYS A 643 -5.34 55.58 -35.62
C LYS A 643 -5.54 55.49 -37.13
N ASN A 644 -4.52 55.01 -37.86
CA ASN A 644 -4.57 54.93 -39.31
C ASN A 644 -5.56 53.88 -39.82
N SER A 645 -6.14 53.07 -38.92
CA SER A 645 -6.98 51.94 -39.33
C SER A 645 -8.42 52.07 -38.83
N THR A 646 -8.89 53.29 -38.57
CA THR A 646 -10.27 53.46 -38.13
C THR A 646 -11.19 53.57 -39.34
N VAL A 647 -12.40 53.01 -39.19
CA VAL A 647 -13.41 53.16 -40.23
C VAL A 647 -13.82 54.63 -40.35
N MET A 648 -13.82 55.36 -39.22
CA MET A 648 -14.25 56.76 -39.23
C MET A 648 -13.36 57.64 -40.10
N SER A 649 -12.07 57.31 -40.22
CA SER A 649 -11.18 58.07 -41.09
C SER A 649 -11.56 57.97 -42.56
N ARG A 650 -12.50 57.09 -42.91
CA ARG A 650 -12.85 56.83 -44.30
C ARG A 650 -14.27 57.27 -44.64
N ALA A 651 -14.81 58.25 -43.90
CA ALA A 651 -16.23 58.59 -44.05
C ALA A 651 -16.54 59.19 -45.41
N GLU A 652 -15.67 60.08 -45.90
CA GLU A 652 -15.96 60.80 -47.14
C GLU A 652 -16.16 59.85 -48.32
N ASN A 653 -15.38 58.76 -48.36
CA ASN A 653 -15.52 57.79 -49.45
C ASN A 653 -16.78 56.95 -49.35
N PHE A 654 -17.58 57.08 -48.29
CA PHE A 654 -18.86 56.39 -48.22
C PHE A 654 -19.94 57.08 -49.06
N LYS A 655 -19.66 58.27 -49.59
CA LYS A 655 -20.62 58.94 -50.46
C LYS A 655 -20.87 58.17 -51.75
N LEU A 656 -20.03 57.19 -52.07
CA LEU A 656 -20.06 56.50 -53.35
C LEU A 656 -20.75 55.14 -53.28
N VAL A 657 -21.08 54.65 -52.09
CA VAL A 657 -21.68 53.34 -51.91
C VAL A 657 -22.94 53.47 -51.06
N GLU A 658 -23.69 52.38 -51.00
CA GLU A 658 -24.85 52.27 -50.11
C GLU A 658 -24.43 51.49 -48.87
N TYR A 659 -24.47 52.16 -47.72
CA TYR A 659 -24.04 51.56 -46.46
C TYR A 659 -25.26 51.18 -45.64
N LEU A 660 -25.30 49.93 -45.20
CA LEU A 660 -26.30 49.46 -44.25
C LEU A 660 -25.57 48.95 -43.01
N LEU A 661 -25.86 49.57 -41.87
CA LEU A 661 -25.16 49.29 -40.62
C LEU A 661 -26.12 48.68 -39.62
N ILE A 662 -25.78 47.49 -39.11
CA ILE A 662 -26.62 46.77 -38.16
C ILE A 662 -25.79 46.52 -36.91
N HIS A 663 -26.45 46.60 -35.75
CA HIS A 663 -25.77 46.32 -34.49
C HIS A 663 -26.81 46.08 -33.40
N GLY A 664 -26.56 45.05 -32.59
CA GLY A 664 -27.39 44.81 -31.43
C GLY A 664 -26.94 45.61 -30.22
N THR A 665 -27.89 45.91 -29.34
CA THR A 665 -27.62 46.80 -28.21
C THR A 665 -27.00 46.05 -27.04
N ALA A 666 -27.38 44.79 -26.83
CA ALA A 666 -26.82 43.97 -25.74
C ALA A 666 -25.52 43.30 -26.14
N ASP A 667 -24.80 43.86 -27.11
CA ASP A 667 -23.54 43.26 -27.56
C ASP A 667 -22.47 43.48 -26.51
N ASP A 668 -22.05 42.41 -25.85
CA ASP A 668 -20.97 42.46 -24.88
C ASP A 668 -19.61 42.20 -25.53
N ASN A 669 -19.58 41.73 -26.77
CA ASN A 669 -18.34 41.40 -27.45
C ASN A 669 -17.84 42.57 -28.29
N VAL A 670 -18.64 43.02 -29.25
CA VAL A 670 -18.33 44.17 -30.10
C VAL A 670 -19.30 45.27 -29.73
N HIS A 671 -18.84 46.19 -28.87
CA HIS A 671 -19.75 47.11 -28.20
C HIS A 671 -20.46 48.02 -29.20
N PHE A 672 -21.71 48.34 -28.88
CA PHE A 672 -22.48 49.30 -29.67
C PHE A 672 -21.76 50.63 -29.80
N GLN A 673 -20.87 50.95 -28.86
CA GLN A 673 -20.01 52.13 -28.97
C GLN A 673 -19.30 52.18 -30.31
N GLN A 674 -18.93 51.03 -30.86
CA GLN A 674 -18.15 50.99 -32.09
C GLN A 674 -18.98 51.47 -33.28
N SER A 675 -20.17 50.91 -33.48
CA SER A 675 -21.01 51.35 -34.58
C SER A 675 -21.45 52.80 -34.41
N ALA A 676 -21.70 53.22 -33.17
CA ALA A 676 -22.09 54.61 -32.92
C ALA A 676 -21.00 55.57 -33.39
N GLN A 677 -19.74 55.24 -33.17
CA GLN A 677 -18.66 56.09 -33.63
C GLN A 677 -18.62 56.19 -35.15
N ILE A 678 -19.04 55.14 -35.85
CA ILE A 678 -19.08 55.18 -37.31
C ILE A 678 -20.11 56.21 -37.78
N THR A 679 -21.35 56.07 -37.30
CA THR A 679 -22.43 56.95 -37.74
C THR A 679 -22.10 58.41 -37.47
N ARG A 680 -21.42 58.68 -36.35
CA ARG A 680 -21.00 60.05 -36.06
C ARG A 680 -20.04 60.55 -37.12
N ALA A 681 -19.16 59.67 -37.63
CA ALA A 681 -18.27 60.06 -38.72
C ALA A 681 -19.03 60.20 -40.03
N LEU A 682 -20.04 59.35 -40.26
CA LEU A 682 -20.86 59.45 -41.46
C LEU A 682 -21.78 60.67 -41.39
N VAL A 683 -22.32 60.97 -40.22
CA VAL A 683 -23.19 62.14 -40.08
C VAL A 683 -22.38 63.42 -40.24
N ASP A 684 -21.24 63.51 -39.55
CA ASP A 684 -20.43 64.73 -39.59
C ASP A 684 -19.87 65.02 -40.98
N ALA A 685 -19.90 64.04 -41.89
CA ALA A 685 -19.31 64.18 -43.22
C ALA A 685 -20.36 64.40 -44.31
N GLY A 686 -21.61 64.62 -43.94
CA GLY A 686 -22.66 64.77 -44.94
C GLY A 686 -22.95 63.51 -45.73
N VAL A 687 -22.65 62.34 -45.15
CA VAL A 687 -22.82 61.05 -45.82
C VAL A 687 -24.15 60.46 -45.38
N ASP A 688 -24.96 60.03 -46.34
CA ASP A 688 -26.22 59.36 -46.05
C ASP A 688 -26.01 57.85 -46.11
N PHE A 689 -26.75 57.15 -45.27
CA PHE A 689 -26.58 55.71 -45.10
C PHE A 689 -27.85 55.16 -44.47
N GLN A 690 -27.84 53.87 -44.20
CA GLN A 690 -28.91 53.21 -43.49
C GLN A 690 -28.38 52.57 -42.21
N ALA A 691 -29.29 52.40 -41.25
CA ALA A 691 -28.93 51.78 -39.99
C ALA A 691 -30.11 50.96 -39.50
N MET A 692 -29.83 50.04 -38.57
CA MET A 692 -30.89 49.29 -37.91
C MET A 692 -30.31 48.69 -36.64
N TRP A 693 -30.86 49.07 -35.50
CA TRP A 693 -30.48 48.44 -34.25
C TRP A 693 -31.42 47.29 -33.94
N TYR A 694 -30.92 46.32 -33.19
CA TYR A 694 -31.72 45.21 -32.69
C TYR A 694 -31.62 45.20 -31.18
N THR A 695 -32.73 45.56 -30.52
CA THR A 695 -32.72 45.80 -29.09
C THR A 695 -32.57 44.50 -28.31
N ASP A 696 -31.73 44.54 -27.27
CA ASP A 696 -31.46 43.42 -26.37
C ASP A 696 -30.97 42.17 -27.11
N GLU A 697 -30.42 42.33 -28.31
CA GLU A 697 -29.81 41.22 -29.01
C GLU A 697 -28.32 41.24 -28.77
N ASP A 698 -27.74 40.06 -28.58
CA ASP A 698 -26.32 39.95 -28.29
C ASP A 698 -25.53 40.04 -29.60
N HIS A 699 -24.25 39.71 -29.52
CA HIS A 699 -23.37 39.83 -30.69
C HIS A 699 -23.81 38.92 -31.82
N GLY A 700 -23.89 37.63 -31.56
CA GLY A 700 -24.41 36.69 -32.54
C GLY A 700 -25.91 36.71 -32.52
N ILE A 701 -26.52 37.69 -33.18
CA ILE A 701 -27.97 37.87 -33.14
C ILE A 701 -28.61 36.55 -33.57
N ALA A 702 -29.28 35.89 -32.62
CA ALA A 702 -29.71 34.52 -32.84
C ALA A 702 -31.09 34.20 -32.27
N THR A 703 -31.78 35.17 -31.67
CA THR A 703 -33.16 34.92 -31.27
C THR A 703 -34.02 34.69 -32.50
N SER A 704 -34.89 33.69 -32.43
CA SER A 704 -35.70 33.29 -33.58
C SER A 704 -36.35 34.49 -34.26
N THR A 705 -36.90 35.41 -33.46
CA THR A 705 -37.53 36.60 -34.03
C THR A 705 -36.50 37.53 -34.65
N ALA A 706 -35.32 37.64 -34.04
CA ALA A 706 -34.31 38.57 -34.56
C ALA A 706 -33.51 37.96 -35.71
N HIS A 707 -33.23 36.66 -35.64
CA HIS A 707 -32.53 35.98 -36.73
C HIS A 707 -33.30 36.11 -38.04
N GLN A 708 -34.62 35.93 -37.99
CA GLN A 708 -35.42 36.05 -39.21
C GLN A 708 -35.53 37.49 -39.68
N HIS A 709 -35.49 38.45 -38.76
CA HIS A 709 -35.73 39.84 -39.14
C HIS A 709 -34.53 40.44 -39.86
N ILE A 710 -33.32 40.17 -39.36
CA ILE A 710 -32.13 40.82 -39.91
C ILE A 710 -31.85 40.33 -41.33
N TYR A 711 -32.06 39.03 -41.59
CA TYR A 711 -31.83 38.50 -42.92
C TYR A 711 -32.95 38.89 -43.88
N THR A 712 -34.19 38.90 -43.40
CA THR A 712 -35.29 39.42 -44.21
C THR A 712 -35.09 40.91 -44.50
N HIS A 713 -34.43 41.63 -43.58
CA HIS A 713 -34.09 43.02 -43.84
C HIS A 713 -32.96 43.13 -44.84
N MET A 714 -31.94 42.27 -44.73
CA MET A 714 -30.80 42.33 -45.65
C MET A 714 -31.18 41.85 -47.05
N THR A 715 -32.12 40.90 -47.14
CA THR A 715 -32.59 40.48 -48.46
C THR A 715 -33.21 41.66 -49.22
N HIS A 716 -34.05 42.44 -48.54
CA HIS A 716 -34.65 43.62 -49.17
C HIS A 716 -33.59 44.63 -49.58
N PHE A 717 -32.52 44.74 -48.79
CA PHE A 717 -31.46 45.70 -49.10
C PHE A 717 -30.71 45.29 -50.35
N ILE A 718 -30.27 44.03 -50.43
CA ILE A 718 -29.50 43.57 -51.58
C ILE A 718 -30.34 43.60 -52.84
N LYS A 719 -31.59 43.15 -52.75
CA LYS A 719 -32.48 43.20 -53.91
C LYS A 719 -32.71 44.62 -54.39
N GLN A 720 -32.71 45.59 -53.48
CA GLN A 720 -32.82 46.99 -53.89
C GLN A 720 -31.49 47.49 -54.46
N CYS A 721 -30.37 46.97 -53.99
CA CYS A 721 -29.08 47.40 -54.51
C CYS A 721 -28.76 46.76 -55.86
N PHE A 722 -29.20 45.51 -56.07
CA PHE A 722 -28.98 44.83 -57.34
C PHE A 722 -30.12 45.04 -58.34
N SER A 723 -31.13 45.83 -57.98
CA SER A 723 -32.33 46.00 -58.80
C SER A 723 -32.95 44.64 -59.14
N LEU A 724 -33.27 43.90 -58.08
CA LEU A 724 -33.88 42.58 -58.17
C LEU A 724 -35.35 42.63 -57.76
N PRO A 725 -36.19 41.73 -58.30
CA PRO A 725 -37.59 41.62 -57.88
C PRO A 725 -37.75 41.39 -56.39
N VAL B 15 29.11 44.56 31.47
CA VAL B 15 27.86 45.31 31.41
C VAL B 15 26.70 44.31 31.36
N GLU B 16 25.80 44.47 30.40
CA GLU B 16 24.63 43.59 30.30
C GLU B 16 24.08 43.70 28.89
N CYS B 17 24.09 42.59 28.15
CA CYS B 17 23.58 42.54 26.78
C CYS B 17 22.18 43.13 26.71
N ASP B 18 22.00 44.13 25.86
CA ASP B 18 20.75 44.89 25.79
C ASP B 18 19.81 44.23 24.79
N PHE B 19 18.80 43.52 25.29
CA PHE B 19 17.74 42.97 24.47
C PHE B 19 16.61 43.95 24.22
N SER B 20 16.78 45.21 24.64
CA SER B 20 15.75 46.21 24.42
C SER B 20 15.31 46.37 22.96
N PRO B 21 16.20 46.33 21.96
CA PRO B 21 15.72 46.42 20.57
C PRO B 21 14.71 45.35 20.18
N LEU B 22 14.79 44.17 20.81
CA LEU B 22 13.89 43.08 20.47
C LEU B 22 12.47 43.33 20.98
N LEU B 23 12.34 44.06 22.10
CA LEU B 23 11.06 44.23 22.76
C LEU B 23 10.30 45.48 22.32
N SER B 24 10.93 46.41 21.62
CA SER B 24 10.32 47.67 21.23
C SER B 24 10.22 47.76 19.71
N GLY B 25 9.01 47.99 19.22
CA GLY B 25 8.77 48.22 17.80
C GLY B 25 8.05 47.06 17.15
N THR B 26 7.93 47.16 15.82
CA THR B 26 7.29 46.11 15.04
C THR B 26 8.34 45.17 14.48
N PRO B 27 8.23 43.86 14.73
CA PRO B 27 9.26 42.93 14.28
C PRO B 27 9.26 42.80 12.77
N PRO B 28 10.43 42.82 12.14
CA PRO B 28 10.47 42.69 10.67
C PRO B 28 10.11 41.28 10.23
N GLN B 29 9.75 41.16 8.96
CA GLN B 29 9.43 39.85 8.42
C GLN B 29 10.70 39.06 8.16
N VAL B 30 10.54 37.74 8.04
CA VAL B 30 11.67 36.81 8.04
C VAL B 30 12.73 37.21 7.03
N TYR B 31 12.33 37.58 5.81
CA TYR B 31 13.30 37.95 4.80
C TYR B 31 13.98 39.28 5.09
N ASN B 32 13.44 40.09 5.99
CA ASN B 32 14.06 41.33 6.44
C ASN B 32 14.48 41.23 7.91
N PHE B 33 14.90 40.04 8.33
CA PHE B 33 15.16 39.79 9.75
C PHE B 33 16.15 40.79 10.33
N LYS B 34 15.86 41.24 11.54
CA LYS B 34 16.78 42.10 12.27
C LYS B 34 17.73 41.25 13.10
N ARG B 35 18.91 41.79 13.35
CA ARG B 35 20.01 41.03 13.94
C ARG B 35 20.66 41.83 15.06
N LEU B 36 20.90 41.16 16.19
CA LEU B 36 21.55 41.76 17.35
C LEU B 36 22.86 41.03 17.61
N VAL B 37 23.97 41.75 17.46
CA VAL B 37 25.30 41.19 17.68
C VAL B 37 25.77 41.57 19.08
N PHE B 38 26.24 40.57 19.83
CA PHE B 38 26.57 40.74 21.24
C PHE B 38 28.04 40.40 21.48
N THR B 39 28.78 41.37 22.00
CA THR B 39 30.16 41.19 22.42
C THR B 39 30.37 41.95 23.73
N ASN B 40 31.24 41.41 24.58
CA ASN B 40 31.68 42.07 25.80
C ASN B 40 30.50 42.49 26.67
N CYS B 41 29.66 41.50 26.99
CA CYS B 41 28.48 41.75 27.80
C CYS B 41 28.13 40.49 28.57
N ASN B 42 27.21 40.66 29.52
CA ASN B 42 26.70 39.56 30.33
C ASN B 42 25.23 39.36 30.00
N TYR B 43 24.84 38.13 29.74
CA TYR B 43 23.46 37.81 29.38
C TYR B 43 22.84 36.90 30.43
N ASN B 44 21.56 37.13 30.72
CA ASN B 44 20.71 36.13 31.36
C ASN B 44 19.66 35.76 30.31
N LEU B 45 19.83 34.59 29.70
CA LEU B 45 18.99 34.20 28.57
C LEU B 45 17.58 33.82 29.03
N THR B 46 17.49 33.02 30.10
CA THR B 46 16.20 32.57 30.60
C THR B 46 15.32 33.74 31.03
N LYS B 47 15.94 34.82 31.51
CA LYS B 47 15.18 36.03 31.85
C LYS B 47 14.45 36.58 30.64
N LEU B 48 15.10 36.55 29.48
CA LEU B 48 14.46 37.01 28.25
C LEU B 48 13.34 36.07 27.83
N LEU B 49 13.62 34.76 27.78
CA LEU B 49 12.60 33.80 27.39
C LEU B 49 11.47 33.68 28.41
N SER B 50 11.61 34.29 29.59
CA SER B 50 10.50 34.34 30.54
C SER B 50 9.48 35.41 30.18
N LEU B 51 9.82 36.33 29.29
CA LEU B 51 8.89 37.34 28.80
C LEU B 51 7.98 36.82 27.69
N PHE B 52 8.29 35.65 27.14
CA PHE B 52 7.58 35.09 26.00
C PHE B 52 6.91 33.77 26.40
N SER B 53 6.13 33.24 25.48
CA SER B 53 5.51 31.92 25.60
C SER B 53 6.25 31.02 24.61
N VAL B 54 7.37 30.46 25.06
CA VAL B 54 8.27 29.73 24.17
C VAL B 54 7.61 28.41 23.76
N ASN B 55 7.25 28.31 22.49
CA ASN B 55 6.57 27.11 21.99
C ASN B 55 7.57 26.01 21.66
N ASP B 56 8.65 26.34 20.95
CA ASP B 56 9.62 25.35 20.53
C ASP B 56 11.03 25.90 20.72
N PHE B 57 11.95 25.00 21.08
CA PHE B 57 13.34 25.37 21.36
C PHE B 57 14.20 24.21 20.87
N THR B 58 14.82 24.38 19.70
CA THR B 58 15.71 23.38 19.12
C THR B 58 17.07 24.00 18.87
N CYS B 59 18.13 23.28 19.23
CA CYS B 59 19.49 23.72 19.03
C CYS B 59 20.27 22.69 18.22
N SER B 60 21.32 23.16 17.55
CA SER B 60 22.19 22.31 16.75
C SER B 60 23.62 22.45 17.26
N GLN B 61 24.28 21.31 17.45
CA GLN B 61 25.65 21.22 17.97
C GLN B 61 25.78 21.76 19.38
N ILE B 62 24.66 22.05 20.04
CA ILE B 62 24.66 22.56 21.41
C ILE B 62 23.29 22.23 21.98
N SER B 63 23.17 22.28 23.29
CA SER B 63 21.88 21.99 23.88
C SER B 63 21.21 23.28 24.37
N PRO B 64 19.88 23.32 24.40
CA PRO B 64 19.17 24.48 24.96
C PRO B 64 19.61 24.81 26.39
N ALA B 65 20.07 23.81 27.15
CA ALA B 65 20.58 24.08 28.48
C ALA B 65 21.96 24.73 28.43
N ALA B 66 22.80 24.31 27.48
CA ALA B 66 24.15 24.87 27.38
C ALA B 66 24.16 26.27 26.81
N ILE B 67 23.22 26.58 25.89
CA ILE B 67 23.20 27.89 25.26
C ILE B 67 22.95 28.99 26.28
N ALA B 68 22.21 28.69 27.34
CA ALA B 68 21.86 29.67 28.36
C ALA B 68 22.88 29.78 29.49
N SER B 69 23.94 28.97 29.46
CA SER B 69 24.85 28.94 30.59
C SER B 69 26.32 28.84 30.19
N ASN B 70 26.68 29.18 28.96
CA ASN B 70 28.05 29.03 28.50
C ASN B 70 28.62 30.39 28.05
N CYS B 71 29.94 30.41 27.87
CA CYS B 71 30.67 31.59 27.46
C CYS B 71 31.06 31.49 25.99
N TYR B 72 30.84 32.56 25.23
CA TYR B 72 31.19 32.61 23.82
C TYR B 72 31.90 33.92 23.54
N SER B 73 32.70 33.93 22.47
CA SER B 73 33.36 35.16 22.07
C SER B 73 32.41 36.11 21.37
N SER B 74 31.35 35.59 20.75
CA SER B 74 30.37 36.41 20.05
C SER B 74 29.05 35.67 20.03
N LEU B 75 27.96 36.43 20.13
CA LEU B 75 26.62 35.85 20.14
C LEU B 75 25.72 36.70 19.22
N ILE B 76 25.13 36.06 18.23
CA ILE B 76 24.25 36.72 17.28
C ILE B 76 22.83 36.22 17.51
N LEU B 77 21.87 37.15 17.51
CA LEU B 77 20.46 36.82 17.69
C LEU B 77 19.66 37.49 16.57
N ASP B 78 19.18 36.69 15.63
CA ASP B 78 18.27 37.17 14.60
C ASP B 78 16.85 37.04 15.09
N TYR B 79 16.07 38.11 14.96
CA TYR B 79 14.67 38.08 15.35
C TYR B 79 13.81 38.63 14.23
N PHE B 80 12.61 38.09 14.11
CA PHE B 80 11.67 38.42 13.05
C PHE B 80 10.33 37.82 13.41
N SER B 81 9.30 38.25 12.68
CA SER B 81 7.98 37.67 12.84
C SER B 81 7.87 36.37 12.05
N TYR B 82 7.28 35.36 12.67
CA TYR B 82 7.19 34.06 12.01
C TYR B 82 6.04 33.25 12.59
N PRO B 83 5.15 32.73 11.76
CA PRO B 83 4.00 31.96 12.28
C PRO B 83 4.44 30.59 12.77
N LEU B 84 3.77 30.13 13.83
CA LEU B 84 4.10 28.81 14.38
C LEU B 84 3.71 27.68 13.43
N SER B 85 2.73 27.92 12.56
CA SER B 85 2.24 26.86 11.67
C SER B 85 3.31 26.41 10.69
N MET B 86 4.22 27.32 10.31
CA MET B 86 5.32 26.97 9.40
C MET B 86 6.61 26.63 10.14
N LYS B 87 6.49 26.05 11.34
CA LYS B 87 7.66 25.60 12.08
C LYS B 87 8.48 24.59 11.29
N SER B 88 7.80 23.70 10.56
CA SER B 88 8.48 22.66 9.78
C SER B 88 9.40 23.23 8.72
N ASP B 89 9.24 24.50 8.35
CA ASP B 89 9.99 25.11 7.26
C ASP B 89 11.26 25.82 7.72
N LEU B 90 11.50 25.92 9.03
CA LEU B 90 12.69 26.57 9.57
C LEU B 90 13.83 25.59 9.81
N SER B 91 13.71 24.35 9.33
CA SER B 91 14.82 23.42 9.38
C SER B 91 15.82 23.78 8.29
N VAL B 92 17.10 23.86 8.67
CA VAL B 92 18.15 24.28 7.75
C VAL B 92 18.24 23.39 6.53
N SER B 93 17.69 22.17 6.62
CA SER B 93 17.63 21.22 5.51
C SER B 93 16.16 20.96 5.20
N SER B 94 15.56 21.86 4.44
CA SER B 94 14.15 21.70 4.12
C SER B 94 13.85 21.86 2.64
N ALA B 95 14.58 22.72 1.95
CA ALA B 95 14.30 23.09 0.55
C ALA B 95 12.91 23.69 0.39
N GLY B 96 12.35 24.24 1.47
CA GLY B 96 11.14 25.01 1.38
C GLY B 96 11.45 26.47 1.11
N PRO B 97 10.42 27.26 0.79
CA PRO B 97 10.68 28.67 0.43
C PRO B 97 11.42 29.46 1.50
N ILE B 98 11.19 29.16 2.77
CA ILE B 98 11.81 29.94 3.84
C ILE B 98 13.32 29.73 3.84
N SER B 99 13.76 28.49 3.82
CA SER B 99 15.18 28.17 3.78
C SER B 99 15.78 28.33 2.39
N GLN B 100 14.95 28.48 1.36
CA GLN B 100 15.45 28.71 0.00
C GLN B 100 15.69 30.18 -0.29
N PHE B 101 14.82 31.06 0.21
CA PHE B 101 14.85 32.46 -0.21
C PHE B 101 14.85 33.46 0.94
N ASN B 102 14.58 33.07 2.18
CA ASN B 102 14.35 34.04 3.24
C ASN B 102 15.41 34.00 4.32
N TYR B 103 15.62 32.85 4.97
CA TYR B 103 16.47 32.83 6.16
C TYR B 103 17.14 31.47 6.28
N LYS B 104 18.46 31.49 6.46
CA LYS B 104 19.24 30.27 6.62
C LYS B 104 20.30 30.48 7.68
N GLN B 105 20.47 29.48 8.54
CA GLN B 105 21.46 29.50 9.59
C GLN B 105 22.72 28.78 9.13
N SER B 106 23.85 29.21 9.67
CA SER B 106 25.12 28.58 9.32
C SER B 106 25.26 27.22 9.98
N PHE B 107 25.97 26.32 9.30
CA PHE B 107 26.30 25.03 9.88
C PHE B 107 27.65 25.00 10.58
N SER B 108 28.51 25.98 10.30
CA SER B 108 29.87 25.99 10.82
C SER B 108 29.97 26.36 12.30
N ASN B 109 28.85 26.62 12.97
CA ASN B 109 28.88 27.04 14.37
C ASN B 109 27.59 26.57 15.03
N PRO B 110 27.58 26.43 16.36
CA PRO B 110 26.36 25.98 17.04
C PRO B 110 25.22 26.99 16.86
N THR B 111 24.06 26.48 16.47
CA THR B 111 22.90 27.32 16.22
C THR B 111 21.71 26.83 17.04
N CYS B 112 20.86 27.78 17.42
CA CYS B 112 19.64 27.50 18.16
C CYS B 112 18.48 28.18 17.45
N LEU B 113 17.28 27.63 17.65
CA LEU B 113 16.08 28.15 17.01
C LEU B 113 14.96 28.17 18.03
N ILE B 114 14.40 29.36 18.27
CA ILE B 114 13.35 29.56 19.26
C ILE B 114 12.14 30.13 18.54
N LEU B 115 11.00 29.47 18.67
CA LEU B 115 9.73 29.99 18.21
C LEU B 115 8.91 30.41 19.43
N ALA B 116 8.58 31.69 19.52
CA ALA B 116 7.96 32.24 20.70
C ALA B 116 6.58 32.81 20.37
N THR B 117 5.87 33.21 21.41
CA THR B 117 4.54 33.81 21.29
C THR B 117 4.45 34.97 22.27
N VAL B 118 3.98 36.12 21.78
CA VAL B 118 3.91 37.34 22.58
C VAL B 118 2.66 37.30 23.46
N PRO B 119 2.83 37.26 24.79
CA PRO B 119 1.65 37.23 25.66
C PRO B 119 0.95 38.59 25.70
N HIS B 120 -0.23 38.58 26.32
CA HIS B 120 -1.08 39.77 26.35
C HIS B 120 -0.40 40.91 27.12
N ASN B 121 0.35 40.58 28.16
CA ASN B 121 0.98 41.57 29.04
C ASN B 121 2.29 42.10 28.48
N LEU B 122 2.54 41.93 27.18
CA LEU B 122 3.75 42.43 26.52
C LEU B 122 3.26 43.33 25.40
N THR B 123 3.00 44.60 25.74
CA THR B 123 2.32 45.53 24.84
C THR B 123 3.28 46.37 24.01
N THR B 124 4.58 46.26 24.24
CA THR B 124 5.57 47.02 23.49
C THR B 124 5.96 46.36 22.17
N ILE B 125 5.27 45.28 21.79
CA ILE B 125 5.52 44.60 20.52
C ILE B 125 4.26 44.76 19.68
N THR B 126 4.31 45.65 18.70
CA THR B 126 3.17 45.89 17.83
C THR B 126 3.10 44.84 16.74
N LYS B 127 1.88 44.44 16.38
CA LYS B 127 1.74 43.39 15.39
C LYS B 127 1.65 43.99 13.98
N PRO B 128 2.18 43.29 12.98
CA PRO B 128 1.97 43.70 11.59
C PRO B 128 0.62 43.18 11.10
N LEU B 129 0.35 43.44 9.81
CA LEU B 129 -0.94 43.05 9.23
C LEU B 129 -1.02 41.53 9.07
N LYS B 130 0.08 40.89 8.66
CA LYS B 130 0.10 39.47 8.38
C LYS B 130 1.55 39.01 8.23
N TYR B 131 1.74 37.71 8.29
CA TYR B 131 3.05 37.12 8.05
C TYR B 131 3.28 37.04 6.56
N SER B 132 4.46 37.46 6.11
CA SER B 132 4.79 37.48 4.70
C SER B 132 6.15 36.83 4.48
N TYR B 133 6.31 36.18 3.32
CA TYR B 133 7.58 35.55 3.01
C TYR B 133 7.73 35.43 1.50
N ILE B 134 8.99 35.43 1.07
CA ILE B 134 9.34 35.22 -0.33
C ILE B 134 9.18 33.74 -0.64
N ASN B 135 8.35 33.42 -1.64
CA ASN B 135 8.26 32.05 -2.12
C ASN B 135 8.81 31.89 -3.54
N LYS B 136 9.48 32.92 -4.06
CA LYS B 136 10.24 32.80 -5.30
C LYS B 136 11.16 34.01 -5.42
N CYS B 137 12.43 33.74 -5.73
CA CYS B 137 13.39 34.81 -6.00
C CYS B 137 14.41 34.24 -6.99
N SER B 138 14.20 34.50 -8.27
CA SER B 138 15.12 34.07 -9.31
C SER B 138 15.48 35.26 -10.17
N ARG B 139 16.47 35.06 -11.04
CA ARG B 139 16.96 36.10 -11.92
C ARG B 139 16.74 35.67 -13.36
N LEU B 140 16.42 36.64 -14.22
CA LEU B 140 16.32 36.40 -15.64
C LEU B 140 17.53 37.02 -16.33
N LEU B 141 18.25 36.22 -17.11
CA LEU B 141 19.47 36.68 -17.75
C LEU B 141 19.14 37.42 -19.04
N SER B 142 20.19 37.98 -19.67
CA SER B 142 20.02 38.75 -20.89
C SER B 142 19.40 37.94 -22.02
N ASP B 143 19.56 36.61 -21.99
CA ASP B 143 18.92 35.76 -23.00
C ASP B 143 17.41 35.92 -23.00
N ASP B 144 16.84 36.39 -21.88
CA ASP B 144 15.40 36.42 -21.67
C ASP B 144 14.79 35.01 -21.74
N ARG B 145 15.61 33.98 -21.52
CA ARG B 145 15.16 32.60 -21.61
C ARG B 145 15.65 31.78 -20.43
N THR B 146 16.73 32.21 -19.79
CA THR B 146 17.41 31.44 -18.75
C THR B 146 16.98 31.94 -17.37
N GLU B 147 16.43 31.05 -16.56
CA GLU B 147 16.08 31.36 -15.18
C GLU B 147 17.13 30.78 -14.25
N VAL B 148 17.56 31.57 -13.27
CA VAL B 148 18.57 31.17 -12.30
C VAL B 148 18.07 31.50 -10.91
N PRO B 149 17.50 30.54 -10.18
CA PRO B 149 16.98 30.84 -8.84
C PRO B 149 18.06 31.30 -7.88
N GLN B 150 17.73 32.33 -7.10
CA GLN B 150 18.66 32.94 -6.15
C GLN B 150 18.40 32.35 -4.78
N LEU B 151 19.03 31.22 -4.49
CA LEU B 151 18.96 30.64 -3.15
C LEU B 151 19.81 31.45 -2.19
N VAL B 152 19.24 31.78 -1.04
CA VAL B 152 19.86 32.72 -0.11
C VAL B 152 20.96 32.01 0.68
N ASN B 153 22.02 32.74 0.97
CA ASN B 153 23.14 32.23 1.75
C ASN B 153 22.91 32.48 3.25
N ALA B 154 23.69 31.78 4.07
CA ALA B 154 23.54 31.88 5.51
C ALA B 154 23.98 33.26 6.00
N ASN B 155 23.26 33.75 7.01
CA ASN B 155 23.62 35.01 7.69
C ASN B 155 23.65 36.19 6.72
N GLN B 156 22.91 36.09 5.62
CA GLN B 156 22.82 37.17 4.65
C GLN B 156 21.37 37.30 4.18
N TYR B 157 21.08 38.44 3.56
CA TYR B 157 19.75 38.74 3.08
C TYR B 157 19.56 38.24 1.65
N SER B 158 18.29 38.10 1.27
CA SER B 158 18.00 37.76 -0.12
C SER B 158 18.09 39.00 -0.99
N PRO B 159 18.71 38.90 -2.17
CA PRO B 159 18.79 40.08 -3.06
C PRO B 159 17.43 40.65 -3.40
N CYS B 160 16.38 39.82 -3.40
CA CYS B 160 15.04 40.25 -3.76
C CYS B 160 14.37 41.13 -2.72
N VAL B 161 15.02 41.39 -1.57
CA VAL B 161 14.45 42.35 -0.61
C VAL B 161 14.41 43.74 -1.19
N SER B 162 15.18 44.01 -2.26
CA SER B 162 15.13 45.30 -2.92
C SER B 162 13.80 45.52 -3.62
N ILE B 163 13.12 44.46 -4.01
CA ILE B 163 11.87 44.56 -4.78
C ILE B 163 10.67 43.99 -4.03
N VAL B 164 10.88 43.27 -2.93
CA VAL B 164 9.78 42.74 -2.12
C VAL B 164 9.52 43.72 -0.99
N PRO B 165 8.28 44.19 -0.81
CA PRO B 165 8.00 45.17 0.24
C PRO B 165 8.08 44.55 1.62
N SER B 166 8.19 45.42 2.63
CA SER B 166 8.35 44.97 4.01
C SER B 166 7.19 44.11 4.47
N THR B 167 6.01 44.28 3.87
CA THR B 167 4.87 43.42 4.15
C THR B 167 4.11 43.23 2.84
N VAL B 168 4.13 41.99 2.32
CA VAL B 168 3.43 41.69 1.08
C VAL B 168 1.96 42.02 1.23
N TRP B 169 1.42 42.74 0.23
CA TRP B 169 0.02 43.15 0.30
C TRP B 169 -0.92 41.96 0.20
N GLU B 170 -0.71 41.11 -0.80
CA GLU B 170 -1.59 39.97 -1.03
C GLU B 170 -0.78 38.78 -1.50
N ASP B 171 -1.18 37.59 -1.05
CA ASP B 171 -0.54 36.34 -1.44
C ASP B 171 -0.57 36.18 -2.95
N GLY B 172 0.60 36.17 -3.58
CA GLY B 172 0.72 35.98 -5.01
C GLY B 172 1.29 37.16 -5.78
N ASP B 173 1.34 38.35 -5.18
CA ASP B 173 1.90 39.52 -5.86
C ASP B 173 3.34 39.24 -6.28
N TYR B 174 3.68 39.64 -7.51
CA TYR B 174 5.03 39.47 -8.02
C TYR B 174 5.68 40.83 -8.22
N TYR B 175 7.01 40.83 -8.24
CA TYR B 175 7.81 42.04 -8.23
C TYR B 175 8.91 41.92 -9.27
N ARG B 176 9.25 43.06 -9.88
CA ARG B 176 10.16 43.07 -11.01
C ARG B 176 11.08 44.27 -10.94
N LYS B 177 12.32 44.07 -11.37
CA LYS B 177 13.32 45.12 -11.48
C LYS B 177 14.24 44.79 -12.65
N GLN B 178 14.55 45.79 -13.46
CA GLN B 178 15.39 45.60 -14.63
C GLN B 178 16.83 45.88 -14.26
N LEU B 179 17.69 44.86 -14.41
CA LEU B 179 19.09 45.00 -14.04
C LEU B 179 19.86 45.72 -15.15
N SER B 180 20.72 46.65 -14.73
CA SER B 180 21.55 47.37 -15.67
C SER B 180 22.62 46.45 -16.24
N PRO B 181 23.18 46.79 -17.40
CA PRO B 181 24.21 45.91 -17.99
C PRO B 181 25.41 45.67 -17.08
N LEU B 182 25.84 46.68 -16.32
CA LEU B 182 26.91 46.46 -15.35
C LEU B 182 26.45 45.53 -14.23
N GLU B 183 25.18 45.62 -13.84
CA GLU B 183 24.63 44.72 -12.84
C GLU B 183 24.35 43.32 -13.40
N GLY B 184 24.55 43.11 -14.69
CA GLY B 184 24.34 41.81 -15.32
C GLY B 184 23.22 41.77 -16.33
N GLY B 185 22.49 42.86 -16.56
CA GLY B 185 21.38 42.85 -17.48
C GLY B 185 20.25 41.93 -17.05
N GLY B 186 19.21 41.83 -17.87
CA GLY B 186 18.12 40.95 -17.52
C GLY B 186 17.27 41.53 -16.40
N TRP B 187 16.65 40.64 -15.64
CA TRP B 187 15.65 41.02 -14.64
C TRP B 187 15.91 40.32 -13.32
N LEU B 188 15.44 40.96 -12.25
CA LEU B 188 15.33 40.35 -10.93
C LEU B 188 13.85 40.21 -10.61
N VAL B 189 13.42 39.00 -10.32
CA VAL B 189 12.00 38.65 -10.25
C VAL B 189 11.72 37.89 -8.96
N ALA B 190 10.61 38.23 -8.31
CA ALA B 190 10.25 37.59 -7.04
C ALA B 190 8.73 37.52 -6.92
N SER B 191 8.28 36.57 -6.10
CA SER B 191 6.87 36.44 -5.75
C SER B 191 6.74 36.33 -4.23
N GLY B 192 5.71 36.95 -3.68
CA GLY B 192 5.48 36.94 -2.25
C GLY B 192 4.30 36.08 -1.83
N SER B 193 4.25 35.73 -0.56
CA SER B 193 3.16 34.95 -0.01
C SER B 193 2.87 35.43 1.41
N THR B 194 1.65 35.17 1.86
CA THR B 194 1.18 35.70 3.14
C THR B 194 0.50 34.61 3.95
N VAL B 195 0.53 34.78 5.26
CA VAL B 195 -0.23 33.97 6.21
C VAL B 195 -1.01 34.93 7.11
N ALA B 196 -2.25 34.55 7.44
CA ALA B 196 -3.10 35.42 8.24
C ALA B 196 -2.52 35.58 9.64
N MET B 197 -2.60 36.80 10.17
CA MET B 197 -2.05 37.09 11.48
C MET B 197 -2.82 36.35 12.57
N THR B 198 -2.10 35.98 13.62
CA THR B 198 -2.67 35.29 14.77
C THR B 198 -3.16 36.29 15.80
N GLU B 199 -3.91 35.79 16.79
CA GLU B 199 -4.39 36.66 17.87
C GLU B 199 -3.22 37.27 18.63
N GLN B 200 -2.26 36.44 19.03
CA GLN B 200 -1.01 36.90 19.62
C GLN B 200 0.11 36.70 18.61
N LEU B 201 0.95 37.73 18.46
CA LEU B 201 2.01 37.68 17.46
C LEU B 201 3.01 36.58 17.80
N GLN B 202 3.29 35.73 16.81
CA GLN B 202 4.25 34.66 16.95
C GLN B 202 5.55 35.06 16.25
N MET B 203 6.67 34.85 16.95
CA MET B 203 7.96 35.33 16.49
C MET B 203 8.93 34.16 16.33
N GLY B 204 10.10 34.47 15.80
CA GLY B 204 11.18 33.51 15.67
C GLY B 204 12.54 34.10 16.04
N PHE B 205 13.33 33.35 16.82
CA PHE B 205 14.65 33.77 17.24
C PHE B 205 15.67 32.74 16.76
N GLY B 206 16.79 33.23 16.23
CA GLY B 206 17.89 32.35 15.87
C GLY B 206 19.21 32.77 16.48
N ILE B 207 19.75 31.96 17.39
CA ILE B 207 21.00 32.27 18.08
C ILE B 207 22.14 31.56 17.37
N THR B 208 23.27 32.25 17.23
CA THR B 208 24.46 31.71 16.58
C THR B 208 25.68 32.19 17.35
N VAL B 209 26.43 31.27 17.91
CA VAL B 209 27.55 31.58 18.79
C VAL B 209 28.86 31.28 18.07
N GLN B 210 29.92 31.97 18.47
CA GLN B 210 31.22 31.83 17.85
C GLN B 210 32.31 31.97 18.90
N TYR B 211 33.47 31.38 18.60
CA TYR B 211 34.58 31.32 19.55
C TYR B 211 35.84 31.90 18.91
N GLY B 212 36.43 32.89 19.58
CA GLY B 212 37.68 33.48 19.18
C GLY B 212 38.80 33.18 20.16
N THR B 213 39.98 33.72 19.84
CA THR B 213 41.20 33.33 20.55
C THR B 213 41.12 33.69 22.03
N ASP B 214 41.06 34.98 22.34
CA ASP B 214 41.02 35.46 23.72
C ASP B 214 39.71 36.14 24.09
N THR B 215 38.79 36.28 23.14
CA THR B 215 37.66 37.21 23.27
C THR B 215 36.45 36.58 23.94
N ASN B 216 36.65 35.59 24.83
CA ASN B 216 35.53 34.91 25.47
C ASN B 216 34.86 35.89 26.43
N SER B 217 34.04 36.77 25.86
CA SER B 217 33.55 37.97 26.54
C SER B 217 32.03 38.02 26.64
N VAL B 218 31.33 36.97 26.20
CA VAL B 218 29.88 36.90 26.32
C VAL B 218 29.58 35.73 27.24
N CYS B 219 29.44 36.00 28.54
CA CYS B 219 29.24 35.01 29.57
C CYS B 219 27.92 35.26 30.31
N PRO B 220 27.31 34.22 30.86
CA PRO B 220 26.11 34.44 31.67
C PRO B 220 26.45 35.17 32.97
N LYS B 221 25.56 36.07 33.37
CA LYS B 221 25.79 36.85 34.57
C LYS B 221 25.59 36.00 35.82
N LEU B 222 26.08 36.51 36.94
CA LEU B 222 25.85 35.89 38.25
C LEU B 222 25.49 36.95 39.28
N ARG C 2 -4.59 19.49 73.30
CA ARG C 2 -4.48 19.20 71.87
C ARG C 2 -5.85 19.16 71.21
N ARG C 3 -5.94 19.78 70.03
CA ARG C 3 -7.20 19.93 69.34
C ARG C 3 -7.75 18.58 68.88
N THR C 4 -9.05 18.53 68.68
CA THR C 4 -9.72 17.35 68.16
C THR C 4 -10.29 17.64 66.78
N TYR C 5 -10.72 16.57 66.12
CA TYR C 5 -11.33 16.68 64.80
C TYR C 5 -12.78 17.09 65.00
N THR C 6 -13.03 18.40 65.01
CA THR C 6 -14.38 18.90 65.21
C THR C 6 -15.23 18.65 63.96
N LEU C 7 -16.53 18.92 64.09
CA LEU C 7 -17.41 18.74 62.93
C LEU C 7 -17.10 19.75 61.83
N ALA C 8 -16.82 20.99 62.21
CA ALA C 8 -16.42 21.99 61.21
C ALA C 8 -15.21 21.55 60.41
N ASP C 9 -14.32 20.76 61.03
CA ASP C 9 -13.16 20.24 60.31
C ASP C 9 -13.57 19.32 59.18
N TYR C 10 -14.68 18.59 59.34
CA TYR C 10 -15.15 17.70 58.30
C TYR C 10 -16.00 18.43 57.26
N LEU C 11 -16.96 19.25 57.71
CA LEU C 11 -17.93 19.86 56.81
C LEU C 11 -17.35 21.01 55.99
N LYS C 12 -16.29 21.65 56.45
CA LYS C 12 -15.71 22.78 55.73
C LYS C 12 -14.48 22.39 54.93
N SER C 13 -14.09 21.11 54.96
CA SER C 13 -12.86 20.64 54.31
C SER C 13 -11.68 21.53 54.69
N THR C 14 -11.62 21.88 55.98
CA THR C 14 -10.50 22.64 56.50
C THR C 14 -9.18 21.94 56.18
N ILE C 15 -9.09 20.66 56.54
CA ILE C 15 -7.88 19.87 56.34
C ILE C 15 -8.04 19.14 55.01
N ARG C 16 -7.42 19.68 53.97
CA ARG C 16 -7.51 19.10 52.65
C ARG C 16 -6.45 18.02 52.48
N MET C 17 -6.84 16.92 51.84
CA MET C 17 -5.92 15.88 51.43
C MET C 17 -5.70 15.99 49.93
N ARG C 18 -4.44 16.00 49.50
CA ARG C 18 -4.14 16.15 48.10
C ARG C 18 -4.12 14.80 47.39
N ASN C 19 -4.02 14.87 46.07
CA ASN C 19 -3.93 13.69 45.22
C ASN C 19 -2.99 14.03 44.07
N TYR C 20 -2.92 13.12 43.09
CA TYR C 20 -2.09 13.34 41.91
C TYR C 20 -2.75 12.60 40.76
N ASN C 21 -3.60 13.31 40.01
CA ASN C 21 -4.29 12.74 38.88
C ASN C 21 -3.54 13.12 37.61
N LEU C 22 -3.18 12.12 36.81
CA LEU C 22 -2.48 12.36 35.55
C LEU C 22 -3.16 11.62 34.42
N ARG C 23 -2.90 12.08 33.20
CA ARG C 23 -3.42 11.46 31.98
C ARG C 23 -2.24 10.98 31.16
N TRP C 24 -2.09 9.66 31.07
CA TRP C 24 -1.07 9.08 30.20
C TRP C 24 -1.43 9.37 28.75
N ILE C 25 -0.52 10.00 28.02
CA ILE C 25 -0.74 10.30 26.61
C ILE C 25 0.29 9.62 25.71
N SER C 26 1.09 8.72 26.26
CA SER C 26 2.07 7.94 25.49
C SER C 26 2.49 6.76 26.35
N ASP C 27 3.54 6.06 25.92
CA ASP C 27 4.15 5.04 26.76
C ASP C 27 5.13 5.63 27.77
N HIS C 28 5.48 6.91 27.65
CA HIS C 28 6.45 7.51 28.55
C HIS C 28 6.10 8.95 28.95
N GLU C 29 4.93 9.46 28.57
CA GLU C 29 4.58 10.85 28.81
C GLU C 29 3.19 10.94 29.40
N TYR C 30 2.98 11.92 30.28
CA TYR C 30 1.66 12.17 30.84
C TYR C 30 1.47 13.67 31.04
N LEU C 31 0.20 14.06 31.16
CA LEU C 31 -0.18 15.44 31.45
C LEU C 31 -0.59 15.55 32.90
N TYR C 32 -0.27 16.70 33.51
CA TYR C 32 -0.67 16.96 34.88
C TYR C 32 -0.98 18.43 35.03
N LYS C 33 -2.04 18.72 35.79
CA LYS C 33 -2.48 20.10 36.01
C LYS C 33 -1.86 20.61 37.31
N GLN C 34 -1.14 21.73 37.21
CA GLN C 34 -0.48 22.33 38.36
C GLN C 34 -0.57 23.85 38.25
N GLU C 35 -1.14 24.48 39.27
CA GLU C 35 -1.34 25.94 39.29
C GLU C 35 -2.18 26.39 38.09
N ASN C 36 -3.15 25.56 37.71
CA ASN C 36 -4.03 25.80 36.57
C ASN C 36 -3.27 25.76 35.24
N ASN C 37 -1.95 25.52 35.32
CA ASN C 37 -1.20 25.18 34.12
C ASN C 37 -1.34 23.69 33.85
N VAL C 38 -1.09 23.32 32.60
CA VAL C 38 -1.12 21.92 32.20
C VAL C 38 0.30 21.55 31.76
N LEU C 39 0.96 20.75 32.60
CA LEU C 39 2.36 20.40 32.39
C LEU C 39 2.46 19.03 31.74
N LEU C 40 3.43 18.89 30.84
CA LEU C 40 3.68 17.65 30.11
C LEU C 40 4.97 17.05 30.64
N PHE C 41 4.84 15.96 31.41
CA PHE C 41 5.99 15.29 32.00
C PHE C 41 6.40 14.10 31.13
N ASN C 42 7.70 13.96 30.91
CA ASN C 42 8.27 12.83 30.20
C ASN C 42 8.98 11.96 31.24
N ALA C 43 8.34 10.86 31.61
CA ALA C 43 8.87 9.98 32.66
C ALA C 43 10.24 9.42 32.32
N ASP C 44 10.66 9.47 31.05
CA ASP C 44 11.96 8.93 30.67
C ASP C 44 13.09 9.74 31.30
N HIS C 45 13.01 11.07 31.24
CA HIS C 45 14.12 11.93 31.59
C HIS C 45 13.85 12.91 32.72
N GLY C 46 12.64 12.91 33.30
CA GLY C 46 12.21 14.04 34.09
C GLY C 46 11.93 15.28 33.25
N ASN C 47 12.26 15.24 31.96
CA ASN C 47 11.86 16.20 30.95
C ASN C 47 10.43 16.66 31.17
N SER C 48 10.24 17.96 31.37
CA SER C 48 8.93 18.50 31.72
C SER C 48 8.82 19.91 31.18
N SER C 49 7.80 20.15 30.35
CA SER C 49 7.59 21.44 29.73
C SER C 49 6.16 21.92 30.03
N THR C 50 5.95 23.22 29.84
CA THR C 50 4.63 23.82 30.02
C THR C 50 3.83 23.61 28.74
N PHE C 51 2.85 22.71 28.81
CA PHE C 51 2.09 22.30 27.63
C PHE C 51 0.93 23.23 27.32
N LEU C 52 0.33 23.85 28.33
CA LEU C 52 -0.87 24.65 28.14
C LEU C 52 -0.92 25.68 29.26
N GLU C 53 -0.62 26.94 28.95
CA GLU C 53 -0.67 27.98 29.96
C GLU C 53 -2.07 28.09 30.55
N ASN C 54 -2.14 28.56 31.79
CA ASN C 54 -3.44 28.95 32.32
C ASN C 54 -3.93 30.25 31.70
N SER C 55 -3.01 31.03 31.11
CA SER C 55 -3.40 32.24 30.39
C SER C 55 -4.34 31.91 29.24
N THR C 56 -4.07 30.85 28.49
CA THR C 56 -4.91 30.46 27.37
C THR C 56 -6.08 29.59 27.79
N PHE C 57 -6.27 29.40 29.09
CA PHE C 57 -7.47 28.75 29.62
C PHE C 57 -8.60 29.75 29.78
N ASP C 58 -8.27 30.98 30.15
CA ASP C 58 -9.25 31.99 30.49
C ASP C 58 -9.59 32.93 29.33
N GLN C 59 -8.72 33.04 28.33
CA GLN C 59 -8.84 34.11 27.34
C GLN C 59 -9.66 33.71 26.12
N PHE C 60 -10.87 33.19 26.30
CA PHE C 60 -11.79 33.13 25.16
C PHE C 60 -13.05 33.95 25.41
N GLY C 61 -13.94 33.54 26.30
CA GLY C 61 -14.96 34.42 26.82
C GLY C 61 -15.47 34.00 28.18
N HIS C 62 -14.97 32.87 28.68
CA HIS C 62 -15.75 32.10 29.63
C HIS C 62 -14.93 30.97 30.24
N SER C 63 -15.44 30.46 31.37
CA SER C 63 -14.74 29.46 32.16
C SER C 63 -14.83 28.08 31.52
N ILE C 64 -13.68 27.42 31.39
CA ILE C 64 -13.58 26.12 30.75
C ILE C 64 -13.57 25.05 31.83
N SER C 65 -14.43 24.04 31.68
CA SER C 65 -14.64 23.02 32.70
C SER C 65 -13.66 21.86 32.61
N ASP C 66 -13.31 21.42 31.40
CA ASP C 66 -12.47 20.26 31.21
C ASP C 66 -11.67 20.46 29.92
N TYR C 67 -10.83 19.48 29.60
CA TYR C 67 -10.09 19.52 28.35
C TYR C 67 -9.68 18.11 27.95
N SER C 68 -9.45 17.92 26.66
CA SER C 68 -9.13 16.61 26.12
C SER C 68 -8.22 16.81 24.91
N VAL C 69 -6.94 16.47 25.06
CA VAL C 69 -5.95 16.71 24.02
C VAL C 69 -6.01 15.59 23.00
N SER C 70 -5.82 15.93 21.73
CA SER C 70 -5.79 14.94 20.67
C SER C 70 -4.63 13.97 20.88
N PRO C 71 -4.77 12.73 20.42
CA PRO C 71 -3.64 11.78 20.54
C PRO C 71 -2.40 12.21 19.78
N ASP C 72 -2.55 12.90 18.66
CA ASP C 72 -1.40 13.48 17.97
C ASP C 72 -0.99 14.84 18.52
N ARG C 73 -1.64 15.30 19.59
CA ARG C 73 -1.31 16.57 20.24
C ARG C 73 -1.34 17.74 19.26
N GLN C 74 -2.25 17.67 18.30
CA GLN C 74 -2.47 18.78 17.38
C GLN C 74 -3.61 19.69 17.80
N PHE C 75 -4.62 19.17 18.48
CA PHE C 75 -5.80 19.93 18.84
C PHE C 75 -6.19 19.65 20.28
N VAL C 76 -6.82 20.65 20.91
CA VAL C 76 -7.31 20.54 22.28
C VAL C 76 -8.79 20.90 22.27
N LEU C 77 -9.59 20.12 22.99
CA LEU C 77 -11.00 20.43 23.21
C LEU C 77 -11.16 21.18 24.52
N PHE C 78 -11.95 22.25 24.50
CA PHE C 78 -12.23 23.06 25.68
C PHE C 78 -13.74 23.00 25.94
N GLU C 79 -14.10 22.51 27.12
CA GLU C 79 -15.49 22.32 27.48
C GLU C 79 -15.96 23.46 28.38
N TYR C 80 -17.07 24.11 28.01
CA TYR C 80 -17.64 25.18 28.79
C TYR C 80 -19.15 25.08 28.75
N ASN C 81 -19.81 25.95 29.53
CA ASN C 81 -21.26 25.93 29.69
C ASN C 81 -21.73 24.53 30.08
N TYR C 82 -21.06 23.98 31.09
CA TYR C 82 -21.40 22.67 31.62
C TYR C 82 -22.76 22.73 32.31
N VAL C 83 -23.70 21.90 31.86
CA VAL C 83 -25.02 21.77 32.47
C VAL C 83 -25.15 20.32 32.90
N LYS C 84 -25.27 20.09 34.21
CA LYS C 84 -25.26 18.74 34.73
C LYS C 84 -26.56 18.01 34.42
N LYS C 85 -26.44 16.78 33.90
CA LYS C 85 -27.63 15.95 33.68
C LYS C 85 -27.84 15.02 34.87
N TRP C 86 -26.94 14.06 35.07
CA TRP C 86 -27.09 13.00 36.07
C TRP C 86 -25.71 12.62 36.59
N ARG C 87 -25.62 11.45 37.22
CA ARG C 87 -24.38 11.01 37.88
C ARG C 87 -23.15 11.25 37.02
N HIS C 88 -23.14 10.71 35.79
CA HIS C 88 -22.01 10.89 34.90
C HIS C 88 -22.33 11.76 33.68
N SER C 89 -23.61 12.02 33.40
CA SER C 89 -24.04 12.66 32.18
C SER C 89 -24.19 14.16 32.35
N TYR C 90 -24.20 14.86 31.21
CA TYR C 90 -24.35 16.31 31.14
C TYR C 90 -24.51 16.69 29.67
N THR C 91 -24.66 17.99 29.42
CA THR C 91 -24.54 18.56 28.09
C THR C 91 -23.76 19.86 28.20
N ALA C 92 -22.79 20.05 27.31
CA ALA C 92 -21.95 21.25 27.35
C ALA C 92 -21.62 21.67 25.93
N SER C 93 -20.96 22.82 25.83
CA SER C 93 -20.43 23.33 24.57
C SER C 93 -18.91 23.18 24.57
N TYR C 94 -18.36 22.89 23.39
CA TYR C 94 -16.95 22.58 23.25
C TYR C 94 -16.33 23.46 22.18
N ASP C 95 -15.18 24.04 22.50
CA ASP C 95 -14.36 24.73 21.51
C ASP C 95 -13.16 23.86 21.14
N ILE C 96 -12.64 24.08 19.93
CA ILE C 96 -11.47 23.38 19.45
C ILE C 96 -10.34 24.38 19.35
N TYR C 97 -9.19 24.03 19.90
CA TYR C 97 -8.02 24.91 19.92
C TYR C 97 -6.92 24.24 19.11
N ASP C 98 -6.55 24.86 17.99
CA ASP C 98 -5.49 24.34 17.14
C ASP C 98 -4.13 24.68 17.75
N LEU C 99 -3.31 23.66 17.96
CA LEU C 99 -1.97 23.86 18.50
C LEU C 99 -0.92 24.12 17.44
N ASN C 100 -1.19 23.72 16.19
CA ASN C 100 -0.25 24.01 15.11
C ASN C 100 -0.18 25.50 14.80
N LYS C 101 -1.33 26.17 14.81
CA LYS C 101 -1.38 27.61 14.66
C LYS C 101 -1.41 28.34 16.00
N ARG C 102 -1.68 27.63 17.10
CA ARG C 102 -1.93 28.24 18.40
C ARG C 102 -3.09 29.22 18.32
N GLN C 103 -4.17 28.79 17.64
CA GLN C 103 -5.32 29.64 17.42
C GLN C 103 -6.61 28.84 17.57
N LEU C 104 -7.68 29.57 17.86
CA LEU C 104 -8.99 28.97 18.09
C LEU C 104 -9.71 28.78 16.76
N ILE C 105 -10.32 27.62 16.58
CA ILE C 105 -11.02 27.30 15.34
C ILE C 105 -12.41 27.92 15.38
N THR C 106 -12.76 28.66 14.33
CA THR C 106 -14.00 29.41 14.28
C THR C 106 -15.02 28.87 13.29
N ALA C 107 -14.59 28.09 12.30
CA ALA C 107 -15.48 27.55 11.28
C ALA C 107 -15.74 26.07 11.55
N GLU C 108 -16.91 25.60 11.11
CA GLU C 108 -17.34 24.22 11.30
C GLU C 108 -17.26 23.83 12.78
N ARG C 109 -17.78 24.70 13.63
CA ARG C 109 -17.67 24.53 15.06
C ARG C 109 -18.53 23.36 15.54
N ILE C 110 -18.40 23.05 16.83
CA ILE C 110 -19.14 21.96 17.46
C ILE C 110 -20.37 22.57 18.14
N PRO C 111 -21.56 22.06 17.87
CA PRO C 111 -22.78 22.76 18.31
C PRO C 111 -22.87 22.85 19.83
N ASN C 112 -23.57 23.88 20.29
CA ASN C 112 -23.94 23.94 21.70
C ASN C 112 -24.88 22.78 22.02
N ASP C 113 -25.00 22.49 23.31
CA ASP C 113 -25.83 21.39 23.79
C ASP C 113 -25.37 20.04 23.22
N THR C 114 -24.06 19.88 23.06
CA THR C 114 -23.50 18.60 22.68
C THR C 114 -23.44 17.70 23.89
N GLN C 115 -23.87 16.45 23.71
CA GLN C 115 -24.00 15.52 24.83
C GLN C 115 -22.71 14.74 25.08
N LEU C 116 -22.08 14.26 24.02
CA LEU C 116 -20.90 13.42 24.13
C LEU C 116 -19.88 13.86 23.09
N ILE C 117 -18.60 13.57 23.36
CA ILE C 117 -17.55 13.84 22.40
C ILE C 117 -16.31 13.00 22.73
N ARG C 118 -15.72 12.39 21.71
CA ARG C 118 -14.57 11.50 21.91
C ARG C 118 -13.64 11.60 20.70
N TRP C 119 -12.36 11.88 20.95
CA TRP C 119 -11.36 11.79 19.91
C TRP C 119 -11.20 10.34 19.46
N SER C 120 -10.53 10.17 18.32
CA SER C 120 -10.09 8.85 17.89
C SER C 120 -8.87 8.42 18.70
N PRO C 121 -8.57 7.12 18.76
CA PRO C 121 -7.38 6.69 19.50
C PRO C 121 -6.08 7.18 18.88
N GLU C 122 -6.06 7.41 17.57
CA GLU C 122 -4.94 8.03 16.88
C GLU C 122 -5.45 9.16 16.01
N GLY C 123 -4.60 10.17 15.82
CA GLY C 123 -4.97 11.26 14.93
C GLY C 123 -5.87 12.28 15.61
N HIS C 124 -6.77 12.86 14.80
CA HIS C 124 -7.56 14.00 15.25
C HIS C 124 -9.00 13.92 14.76
N LYS C 125 -9.54 12.71 14.62
CA LYS C 125 -10.92 12.53 14.19
C LYS C 125 -11.83 12.61 15.42
N LEU C 126 -12.92 13.35 15.27
CA LEU C 126 -13.87 13.56 16.35
C LEU C 126 -15.18 12.82 16.08
N ALA C 127 -15.80 12.37 17.16
CA ALA C 127 -17.17 11.84 17.13
C ALA C 127 -17.92 12.46 18.29
N TYR C 128 -19.07 13.07 18.00
CA TYR C 128 -19.88 13.67 19.03
C TYR C 128 -21.35 13.29 18.82
N VAL C 129 -22.13 13.47 19.88
CA VAL C 129 -23.56 13.18 19.87
C VAL C 129 -24.31 14.48 20.13
N TRP C 130 -25.27 14.78 19.26
CA TRP C 130 -26.05 16.01 19.36
C TRP C 130 -27.48 15.70 18.96
N ASN C 131 -28.42 16.00 19.85
CA ASN C 131 -29.82 15.59 19.70
C ASN C 131 -29.91 14.08 19.47
N ASN C 132 -29.16 13.32 20.27
CA ASN C 132 -29.19 11.86 20.29
C ASN C 132 -28.87 11.24 18.93
N ASP C 133 -28.15 11.97 18.08
CA ASP C 133 -27.61 11.43 16.83
C ASP C 133 -26.10 11.46 16.88
N VAL C 134 -25.48 10.54 16.16
CA VAL C 134 -24.02 10.44 16.11
C VAL C 134 -23.50 11.23 14.92
N TYR C 135 -22.54 12.12 15.18
CA TYR C 135 -21.87 12.90 14.14
C TYR C 135 -20.38 12.63 14.20
N VAL C 136 -19.73 12.62 13.04
CA VAL C 136 -18.31 12.35 12.93
C VAL C 136 -17.64 13.49 12.17
N LYS C 137 -16.44 13.87 12.60
CA LYS C 137 -15.65 14.91 11.96
C LYS C 137 -14.26 14.36 11.68
N ASN C 138 -13.98 14.08 10.41
CA ASN C 138 -12.65 13.58 10.04
C ASN C 138 -11.55 14.54 10.46
N ASP C 139 -11.87 15.82 10.64
CA ASP C 139 -10.88 16.82 11.02
C ASP C 139 -11.59 18.00 11.63
N PRO C 140 -10.97 18.70 12.59
CA PRO C 140 -11.59 19.91 13.15
C PRO C 140 -12.03 20.93 12.13
N TYR C 141 -11.26 21.13 11.05
CA TYR C 141 -11.63 22.06 9.99
C TYR C 141 -12.51 21.44 8.93
N SER C 142 -13.20 20.34 9.26
CA SER C 142 -13.96 19.59 8.29
C SER C 142 -15.42 19.50 8.70
N PRO C 143 -16.35 19.55 7.74
CA PRO C 143 -17.77 19.50 8.09
C PRO C 143 -18.14 18.19 8.77
N SER C 144 -19.19 18.25 9.58
CA SER C 144 -19.67 17.08 10.30
C SER C 144 -20.47 16.18 9.36
N GLN C 145 -20.31 14.88 9.54
CA GLN C 145 -21.07 13.88 8.80
C GLN C 145 -22.06 13.23 9.76
N ARG C 146 -23.35 13.40 9.47
CA ARG C 146 -24.40 12.84 10.31
C ARG C 146 -24.54 11.36 10.01
N VAL C 147 -24.39 10.52 11.03
CA VAL C 147 -24.43 9.08 10.85
C VAL C 147 -25.83 8.52 11.05
N THR C 148 -26.48 8.87 12.16
CA THR C 148 -27.83 8.40 12.48
C THR C 148 -28.79 9.58 12.45
N HIS C 149 -30.06 9.29 12.10
CA HIS C 149 -31.05 10.36 11.99
C HIS C 149 -32.41 9.96 12.56
N ASP C 150 -32.43 9.17 13.64
CA ASP C 150 -33.67 8.86 14.34
C ASP C 150 -33.60 9.27 15.81
N GLY C 151 -32.67 10.16 16.16
CA GLY C 151 -32.51 10.59 17.54
C GLY C 151 -33.70 11.36 18.07
N ARG C 152 -34.42 10.77 19.03
CA ARG C 152 -35.58 11.38 19.65
C ARG C 152 -35.44 11.24 21.16
N GLU C 153 -35.64 12.34 21.88
CA GLU C 153 -35.45 12.33 23.33
C GLU C 153 -36.42 11.36 24.00
N ASP C 154 -35.88 10.58 24.94
CA ASP C 154 -36.61 9.59 25.73
C ASP C 154 -37.24 8.49 24.88
N ALA C 155 -36.93 8.42 23.59
CA ALA C 155 -37.27 7.26 22.78
C ALA C 155 -36.03 6.60 22.18
N ILE C 156 -35.21 7.34 21.44
CA ILE C 156 -34.07 6.77 20.72
C ILE C 156 -32.83 7.56 21.07
N SER C 157 -31.77 6.85 21.47
CA SER C 157 -30.47 7.44 21.76
C SER C 157 -29.42 6.68 20.98
N ASN C 158 -28.63 7.40 20.18
CA ASN C 158 -27.51 6.82 19.44
C ASN C 158 -26.21 7.33 20.04
N GLY C 159 -25.40 6.40 20.55
CA GLY C 159 -24.08 6.72 21.05
C GLY C 159 -24.01 7.16 22.49
N ILE C 160 -25.14 7.46 23.12
CA ILE C 160 -25.17 7.79 24.54
C ILE C 160 -26.06 6.78 25.24
N THR C 161 -25.70 6.46 26.47
CA THR C 161 -26.49 5.53 27.26
C THR C 161 -27.82 6.17 27.67
N ASP C 162 -28.77 5.30 28.02
CA ASP C 162 -29.95 5.75 28.76
C ASP C 162 -29.61 5.72 30.25
N TRP C 163 -30.62 5.81 31.10
CA TRP C 163 -30.37 5.96 32.54
C TRP C 163 -29.81 4.68 33.15
N VAL C 164 -30.53 3.56 33.02
CA VAL C 164 -30.13 2.32 33.69
C VAL C 164 -28.79 1.83 33.18
N TYR C 165 -28.51 2.02 31.89
CA TYR C 165 -27.23 1.60 31.34
C TYR C 165 -26.09 2.44 31.91
N GLU C 166 -26.29 3.75 32.03
CA GLU C 166 -25.26 4.61 32.60
C GLU C 166 -25.03 4.30 34.07
N GLU C 167 -26.11 4.14 34.83
CA GLU C 167 -25.98 3.92 36.27
C GLU C 167 -25.46 2.53 36.57
N GLU C 168 -26.11 1.50 36.03
CA GLU C 168 -25.91 0.14 36.51
C GLU C 168 -25.02 -0.72 35.62
N ILE C 169 -24.70 -0.30 34.40
CA ILE C 169 -23.94 -1.18 33.52
C ILE C 169 -22.65 -0.51 33.07
N PHE C 170 -22.76 0.64 32.40
CA PHE C 170 -21.59 1.22 31.75
C PHE C 170 -20.75 2.07 32.70
N SER C 171 -21.37 2.64 33.73
CA SER C 171 -20.71 3.59 34.63
C SER C 171 -20.08 4.74 33.84
N THR C 172 -20.70 5.08 32.72
CA THR C 172 -20.25 6.13 31.81
C THR C 172 -21.39 6.42 30.86
N HIS C 173 -21.58 7.69 30.53
CA HIS C 173 -22.63 8.05 29.58
C HIS C 173 -22.30 7.61 28.15
N SER C 174 -21.07 7.20 27.88
CA SER C 174 -20.60 6.98 26.52
C SER C 174 -21.04 5.62 25.99
N ALA C 175 -21.45 5.60 24.73
CA ALA C 175 -21.68 4.38 23.97
C ALA C 175 -21.03 4.46 22.60
N LEU C 176 -19.89 5.17 22.51
CA LEU C 176 -19.06 5.21 21.32
C LEU C 176 -17.78 4.43 21.58
N TRP C 177 -17.43 3.54 20.65
CA TRP C 177 -16.22 2.72 20.76
C TRP C 177 -15.46 2.82 19.45
N TRP C 178 -14.35 3.57 19.47
CA TRP C 178 -13.55 3.76 18.27
C TRP C 178 -12.72 2.51 17.95
N SER C 179 -12.43 2.35 16.67
CA SER C 179 -11.45 1.37 16.23
C SER C 179 -10.04 1.90 16.50
N PRO C 180 -9.10 1.01 16.86
CA PRO C 180 -7.73 1.47 17.17
C PRO C 180 -7.09 2.30 16.07
N ASN C 181 -7.36 1.98 14.80
CA ASN C 181 -6.88 2.82 13.72
C ASN C 181 -7.74 4.05 13.50
N GLY C 182 -8.91 4.12 14.14
CA GLY C 182 -9.87 5.16 13.84
C GLY C 182 -10.71 4.89 12.61
N THR C 183 -10.48 3.76 11.93
CA THR C 183 -11.26 3.45 10.73
C THR C 183 -12.72 3.23 11.08
N PHE C 184 -13.00 2.33 11.99
CA PHE C 184 -14.37 1.96 12.33
C PHE C 184 -14.85 2.69 13.58
N LEU C 185 -16.17 2.77 13.72
CA LEU C 185 -16.81 3.30 14.91
C LEU C 185 -17.96 2.37 15.27
N ALA C 186 -17.95 1.86 16.50
CA ALA C 186 -19.05 1.07 17.02
C ALA C 186 -19.89 1.96 17.93
N TYR C 187 -21.17 2.11 17.62
CA TYR C 187 -22.07 2.90 18.42
C TYR C 187 -23.31 2.07 18.78
N ALA C 188 -23.93 2.43 19.90
CA ALA C 188 -25.05 1.70 20.46
C ALA C 188 -26.34 2.50 20.30
N LYS C 189 -27.44 1.78 20.06
CA LYS C 189 -28.74 2.39 19.84
C LYS C 189 -29.72 1.87 20.89
N PHE C 190 -30.21 2.78 21.73
CA PHE C 190 -31.13 2.46 22.81
C PHE C 190 -32.53 2.91 22.45
N ASN C 191 -33.52 2.15 22.91
CA ASN C 191 -34.92 2.42 22.57
C ASN C 191 -35.78 2.28 23.82
N ASP C 192 -36.13 3.42 24.43
CA ASP C 192 -36.96 3.45 25.63
C ASP C 192 -38.40 3.87 25.32
N THR C 193 -38.89 3.55 24.13
CA THR C 193 -40.18 4.07 23.70
C THR C 193 -41.32 3.55 24.59
N ASP C 194 -41.28 2.27 24.94
CA ASP C 194 -42.29 1.68 25.82
C ASP C 194 -41.77 1.45 27.24
N VAL C 195 -40.63 2.04 27.59
CA VAL C 195 -40.11 1.96 28.95
C VAL C 195 -40.88 2.95 29.81
N PRO C 196 -41.54 2.50 30.88
CA PRO C 196 -42.26 3.44 31.76
C PRO C 196 -41.31 4.47 32.33
N ARG C 197 -41.85 5.66 32.60
CA ARG C 197 -41.05 6.79 33.04
C ARG C 197 -41.51 7.25 34.42
N ILE C 198 -40.54 7.52 35.29
CA ILE C 198 -40.82 8.09 36.60
C ILE C 198 -40.99 9.60 36.45
N GLU C 199 -41.85 10.16 37.29
CA GLU C 199 -42.10 11.60 37.29
C GLU C 199 -41.88 12.14 38.69
N TYR C 200 -41.05 13.16 38.82
CA TYR C 200 -40.88 13.85 40.08
C TYR C 200 -40.79 15.35 39.84
N SER C 201 -41.22 16.12 40.83
CA SER C 201 -41.30 17.57 40.72
C SER C 201 -39.98 18.21 41.12
N VAL C 202 -39.71 19.37 40.54
CA VAL C 202 -38.52 20.16 40.85
C VAL C 202 -38.96 21.55 41.30
N TYR C 203 -38.60 21.91 42.53
CA TYR C 203 -38.96 23.20 43.12
C TYR C 203 -37.75 24.13 43.03
N LEU C 204 -37.57 24.70 41.85
CA LEU C 204 -36.42 25.56 41.59
C LEU C 204 -36.55 26.86 42.39
N ASP C 205 -35.65 27.80 42.09
CA ASP C 205 -35.56 29.09 42.76
C ASP C 205 -36.92 29.72 42.99
N GLU C 206 -37.02 30.51 44.06
CA GLU C 206 -38.26 31.17 44.45
C GLU C 206 -38.92 31.90 43.28
N SER C 207 -38.18 32.17 42.21
CA SER C 207 -38.77 32.80 41.02
C SER C 207 -39.79 31.89 40.36
N LEU C 208 -39.47 30.61 40.21
CA LEU C 208 -40.38 29.67 39.57
C LEU C 208 -41.70 29.63 40.33
N GLN C 209 -42.77 30.05 39.66
CA GLN C 209 -44.09 30.10 40.27
C GLN C 209 -44.74 28.72 40.28
N TYR C 210 -44.56 27.98 39.19
CA TYR C 210 -45.13 26.61 39.08
C TYR C 210 -43.98 25.58 39.05
N PRO C 211 -44.08 24.48 39.83
CA PRO C 211 -43.03 23.46 39.88
C PRO C 211 -42.92 22.64 38.58
N LYS C 212 -41.68 22.40 38.13
CA LYS C 212 -41.40 21.61 36.94
C LYS C 212 -41.62 20.13 37.22
N THR C 213 -42.15 19.42 36.22
CA THR C 213 -42.23 17.97 36.27
C THR C 213 -41.14 17.38 35.38
N ILE C 214 -40.36 16.47 35.95
CA ILE C 214 -39.24 15.85 35.25
C ILE C 214 -39.60 14.39 34.99
N HIS C 215 -39.47 13.96 33.73
CA HIS C 215 -39.78 12.61 33.30
C HIS C 215 -38.50 11.87 32.96
N ILE C 216 -38.35 10.63 33.41
CA ILE C 216 -37.09 9.86 33.16
C ILE C 216 -37.41 8.40 32.87
N PRO C 217 -37.09 7.81 31.71
CA PRO C 217 -37.36 6.41 31.50
C PRO C 217 -36.64 5.56 32.54
N TYR C 218 -37.40 4.87 33.36
CA TYR C 218 -36.86 4.16 34.52
C TYR C 218 -37.58 2.82 34.64
N PRO C 219 -36.97 1.73 34.17
CA PRO C 219 -37.58 0.40 34.30
C PRO C 219 -37.40 -0.14 35.71
N LYS C 220 -38.51 -0.18 36.46
CA LYS C 220 -38.49 -0.83 37.76
C LYS C 220 -38.54 -2.34 37.57
N ALA C 221 -38.53 -3.08 38.68
CA ALA C 221 -38.45 -4.53 38.63
C ALA C 221 -39.59 -5.12 37.80
N GLY C 222 -39.24 -5.77 36.70
CA GLY C 222 -40.20 -6.40 35.81
C GLY C 222 -40.75 -5.54 34.70
N ALA C 223 -40.45 -4.25 34.70
CA ALA C 223 -40.97 -3.35 33.67
C ALA C 223 -40.28 -3.60 32.33
N LYS C 224 -40.82 -2.96 31.30
CA LYS C 224 -40.23 -3.07 29.97
C LYS C 224 -38.84 -2.48 29.96
N ASN C 225 -37.88 -3.26 29.63
CA ASN C 225 -36.53 -2.72 29.61
C ASN C 225 -36.21 -2.13 28.24
N PRO C 226 -35.26 -1.20 28.18
CA PRO C 226 -34.82 -0.70 26.88
C PRO C 226 -34.17 -1.81 26.06
N THR C 227 -34.22 -1.63 24.74
CA THR C 227 -33.47 -2.46 23.83
C THR C 227 -32.13 -1.80 23.53
N VAL C 228 -31.18 -2.60 23.03
CA VAL C 228 -29.89 -2.08 22.59
C VAL C 228 -29.50 -2.79 21.30
N LYS C 229 -28.95 -2.04 20.36
CA LYS C 229 -28.42 -2.60 19.13
C LYS C 229 -27.03 -2.01 18.89
N LEU C 230 -26.16 -2.83 18.30
CA LEU C 230 -24.78 -2.45 18.05
C LEU C 230 -24.59 -2.28 16.55
N TYR C 231 -24.15 -1.10 16.14
CA TYR C 231 -23.86 -0.80 14.75
C TYR C 231 -22.41 -0.34 14.61
N VAL C 232 -21.79 -0.69 13.49
CA VAL C 232 -20.42 -0.30 13.21
C VAL C 232 -20.39 0.44 11.87
N VAL C 233 -19.56 1.49 11.81
CA VAL C 233 -19.52 2.42 10.70
C VAL C 233 -18.06 2.63 10.30
N ASN C 234 -17.79 2.58 9.00
CA ASN C 234 -16.45 2.85 8.47
C ASN C 234 -16.31 4.36 8.28
N THR C 235 -15.45 4.99 9.10
CA THR C 235 -15.32 6.44 9.07
C THR C 235 -14.69 6.91 7.77
N ASP C 236 -13.73 6.15 7.24
CA ASP C 236 -12.98 6.59 6.07
C ASP C 236 -13.81 6.56 4.79
N ASN C 237 -14.87 5.76 4.74
CA ASN C 237 -15.73 5.68 3.55
C ASN C 237 -17.20 5.67 3.97
N LEU C 238 -17.57 6.62 4.82
CA LEU C 238 -18.90 6.63 5.45
C LEU C 238 -20.03 6.85 4.45
N THR C 239 -19.72 7.33 3.23
CA THR C 239 -20.77 7.74 2.30
C THR C 239 -21.61 6.55 1.83
N ASP C 240 -20.97 5.47 1.41
CA ASP C 240 -21.67 4.25 1.04
C ASP C 240 -21.71 3.29 2.23
N LEU C 241 -22.48 2.21 2.07
CA LEU C 241 -22.58 1.17 3.09
C LEU C 241 -23.09 1.74 4.42
N GLU C 242 -24.39 2.08 4.42
CA GLU C 242 -25.13 2.48 5.61
C GLU C 242 -24.78 1.56 6.78
N PRO C 243 -24.85 2.05 8.03
CA PRO C 243 -24.23 1.34 9.16
C PRO C 243 -24.58 -0.15 9.21
N ALA C 244 -23.59 -0.95 9.60
CA ALA C 244 -23.72 -2.40 9.66
C ALA C 244 -24.00 -2.81 11.10
N GLN C 245 -25.14 -3.46 11.32
CA GLN C 245 -25.51 -3.93 12.64
C GLN C 245 -24.83 -5.27 12.93
N ILE C 246 -24.21 -5.38 14.11
CA ILE C 246 -23.68 -6.67 14.57
C ILE C 246 -24.76 -7.29 15.45
N VAL C 247 -25.48 -8.27 14.90
CA VAL C 247 -26.58 -8.89 15.64
C VAL C 247 -26.03 -9.68 16.82
N ALA C 248 -26.79 -9.68 17.92
CA ALA C 248 -26.38 -10.40 19.10
C ALA C 248 -26.35 -11.91 18.81
N PRO C 249 -25.57 -12.67 19.56
CA PRO C 249 -25.59 -14.14 19.39
C PRO C 249 -26.98 -14.71 19.65
N ALA C 250 -27.20 -15.91 19.13
CA ALA C 250 -28.50 -16.56 19.31
C ALA C 250 -28.75 -16.96 20.76
N SER C 251 -27.69 -17.28 21.50
CA SER C 251 -27.84 -17.68 22.89
C SER C 251 -28.57 -16.63 23.72
N VAL C 252 -28.54 -15.37 23.27
CA VAL C 252 -29.10 -14.27 24.04
C VAL C 252 -30.41 -13.74 23.43
N LEU C 253 -30.76 -14.18 22.21
CA LEU C 253 -31.98 -13.74 21.52
C LEU C 253 -33.22 -14.53 21.94
N THR C 254 -33.15 -15.28 23.03
CA THR C 254 -34.31 -16.00 23.55
C THR C 254 -35.28 -15.07 24.27
N GLY C 255 -34.88 -13.83 24.53
CA GLY C 255 -35.73 -12.89 25.23
C GLY C 255 -35.00 -11.58 25.40
N ASP C 256 -35.39 -10.83 26.42
CA ASP C 256 -34.71 -9.57 26.70
C ASP C 256 -33.25 -9.83 27.07
N HIS C 257 -32.41 -8.82 26.84
CA HIS C 257 -30.98 -8.97 27.07
C HIS C 257 -30.33 -7.60 27.18
N TYR C 258 -29.11 -7.60 27.70
CA TYR C 258 -28.31 -6.40 27.86
C TYR C 258 -27.04 -6.50 27.03
N LEU C 259 -26.35 -5.37 26.90
CA LEU C 259 -25.04 -5.28 26.25
C LEU C 259 -24.09 -4.69 27.27
N CYS C 260 -23.09 -5.47 27.71
CA CYS C 260 -22.26 -5.07 28.84
C CYS C 260 -20.95 -4.41 28.44
N ASP C 261 -20.35 -4.81 27.33
CA ASP C 261 -19.00 -4.34 27.05
C ASP C 261 -18.72 -4.50 25.55
N VAL C 262 -17.98 -3.55 25.00
CA VAL C 262 -17.51 -3.61 23.63
C VAL C 262 -16.02 -3.28 23.65
N THR C 263 -15.20 -4.25 23.26
CA THR C 263 -13.74 -4.09 23.28
C THR C 263 -13.21 -4.43 21.89
N TRP C 264 -12.14 -3.73 21.50
CA TRP C 264 -11.51 -3.94 20.21
C TRP C 264 -10.27 -4.82 20.41
N ALA C 265 -10.27 -5.98 19.75
CA ALA C 265 -9.10 -6.86 19.81
C ALA C 265 -8.01 -6.37 18.86
N THR C 266 -8.33 -6.26 17.58
CA THR C 266 -7.40 -5.74 16.58
C THR C 266 -8.06 -4.64 15.77
N LYS C 267 -7.39 -4.18 14.71
CA LYS C 267 -7.94 -3.13 13.87
C LYS C 267 -9.15 -3.59 13.06
N GLU C 268 -9.36 -4.90 12.94
CA GLU C 268 -10.50 -5.44 12.21
C GLU C 268 -11.31 -6.45 13.00
N ARG C 269 -11.07 -6.57 14.30
CA ARG C 269 -11.77 -7.53 15.14
C ARG C 269 -12.38 -6.81 16.34
N ILE C 270 -13.63 -7.15 16.65
CA ILE C 270 -14.37 -6.48 17.71
C ILE C 270 -15.02 -7.55 18.58
N SER C 271 -15.12 -7.25 19.88
CA SER C 271 -15.68 -8.17 20.88
C SER C 271 -16.83 -7.49 21.59
N LEU C 272 -17.95 -8.20 21.72
CA LEU C 272 -19.16 -7.69 22.36
C LEU C 272 -19.57 -8.63 23.48
N GLN C 273 -19.75 -8.10 24.69
CA GLN C 273 -20.23 -8.86 25.84
C GLN C 273 -21.73 -8.67 25.95
N TRP C 274 -22.47 -9.76 25.78
CA TRP C 274 -23.92 -9.75 25.93
C TRP C 274 -24.31 -10.45 27.23
N LEU C 275 -25.52 -10.14 27.69
CA LEU C 275 -26.00 -10.69 28.95
C LEU C 275 -27.51 -10.87 28.83
N ARG C 276 -28.01 -12.03 29.25
CA ARG C 276 -29.45 -12.24 29.30
C ARG C 276 -30.08 -11.35 30.37
N ARG C 277 -31.39 -11.21 30.32
CA ARG C 277 -32.05 -10.41 31.34
C ARG C 277 -32.04 -11.12 32.68
N ILE C 278 -32.19 -12.46 32.67
CA ILE C 278 -31.96 -13.27 33.86
C ILE C 278 -30.45 -13.48 33.95
N GLN C 279 -29.80 -12.72 34.82
CA GLN C 279 -28.36 -12.48 34.70
C GLN C 279 -27.48 -13.60 35.23
N ASN C 280 -27.70 -14.82 34.75
CA ASN C 280 -26.76 -15.92 34.99
C ASN C 280 -26.23 -16.51 33.69
N TYR C 281 -26.34 -15.77 32.59
CA TYR C 281 -25.90 -16.24 31.29
C TYR C 281 -25.23 -15.07 30.58
N SER C 282 -23.91 -15.17 30.38
CA SER C 282 -23.15 -14.15 29.67
C SER C 282 -22.41 -14.81 28.52
N ILE C 283 -22.18 -14.04 27.46
CA ILE C 283 -21.61 -14.57 26.24
C ILE C 283 -20.77 -13.49 25.56
N ILE C 284 -19.69 -13.91 24.93
CA ILE C 284 -18.81 -13.04 24.17
C ILE C 284 -18.86 -13.48 22.71
N ASP C 285 -19.04 -12.53 21.80
CA ASP C 285 -19.00 -12.79 20.37
C ASP C 285 -17.80 -12.07 19.77
N ILE C 286 -17.04 -12.79 18.94
CA ILE C 286 -15.83 -12.25 18.32
C ILE C 286 -16.12 -12.07 16.83
N CYS C 287 -16.11 -10.82 16.37
CA CYS C 287 -16.51 -10.49 15.01
C CYS C 287 -15.33 -9.90 14.24
N ASP C 288 -15.06 -10.45 13.08
CA ASP C 288 -14.00 -10.00 12.19
C ASP C 288 -14.62 -9.26 11.00
N TYR C 289 -13.85 -8.33 10.44
CA TYR C 289 -14.32 -7.59 9.27
C TYR C 289 -14.02 -8.40 8.01
N ASN C 290 -15.06 -8.73 7.27
CA ASN C 290 -14.93 -9.45 6.00
C ASN C 290 -15.04 -8.43 4.88
N GLU C 291 -13.92 -8.15 4.21
CA GLU C 291 -13.90 -7.14 3.15
C GLU C 291 -14.81 -7.50 1.97
N SER C 292 -15.29 -8.74 1.90
CA SER C 292 -15.96 -9.21 0.68
C SER C 292 -17.36 -8.62 0.52
N THR C 293 -18.29 -8.96 1.42
CA THR C 293 -19.69 -8.63 1.16
C THR C 293 -19.96 -7.13 1.21
N PRO C 294 -19.33 -6.33 2.09
CA PRO C 294 -18.47 -6.57 3.26
C PRO C 294 -19.25 -6.47 4.57
N LYS C 295 -19.17 -7.53 5.38
CA LYS C 295 -19.96 -7.64 6.60
C LYS C 295 -19.03 -7.88 7.78
N TRP C 296 -19.63 -8.05 8.95
CA TRP C 296 -18.92 -8.43 10.15
C TRP C 296 -19.25 -9.90 10.42
N ASN C 297 -18.26 -10.76 10.24
CA ASN C 297 -18.46 -12.20 10.34
C ASN C 297 -18.16 -12.63 11.77
N CYS C 298 -19.20 -12.98 12.52
CA CYS C 298 -19.07 -13.39 13.92
C CYS C 298 -19.12 -14.92 13.96
N LEU C 299 -17.96 -15.54 13.89
CA LEU C 299 -17.87 -17.00 13.89
C LEU C 299 -18.41 -17.57 15.20
N VAL C 300 -19.19 -18.65 15.09
CA VAL C 300 -19.78 -19.26 16.28
C VAL C 300 -18.70 -19.94 17.11
N SER C 301 -17.76 -20.63 16.46
CA SER C 301 -16.72 -21.39 17.16
C SER C 301 -15.87 -20.52 18.08
N ARG C 302 -15.95 -19.20 17.97
CA ARG C 302 -15.25 -18.28 18.87
C ARG C 302 -16.23 -17.51 19.74
N GLN C 303 -17.38 -18.11 20.06
CA GLN C 303 -18.24 -17.63 21.13
C GLN C 303 -17.71 -18.15 22.46
N HIS C 304 -18.05 -17.46 23.54
CA HIS C 304 -17.58 -17.86 24.86
C HIS C 304 -18.64 -17.55 25.90
N ILE C 305 -19.11 -18.59 26.59
CA ILE C 305 -20.19 -18.51 27.56
C ILE C 305 -19.61 -18.41 28.95
N GLU C 306 -20.24 -17.62 29.80
CA GLU C 306 -19.95 -17.57 31.23
C GLU C 306 -21.28 -17.67 31.97
N THR C 307 -21.40 -18.65 32.86
CA THR C 307 -22.61 -18.87 33.61
C THR C 307 -22.27 -19.04 35.09
N SER C 308 -23.30 -18.94 35.93
CA SER C 308 -23.15 -19.21 37.36
C SER C 308 -24.33 -20.04 37.83
N ALA C 309 -24.05 -21.04 38.66
CA ALA C 309 -25.07 -21.93 39.17
C ALA C 309 -25.66 -21.45 40.50
N THR C 310 -24.90 -20.70 41.28
CA THR C 310 -25.32 -20.23 42.59
C THR C 310 -25.93 -18.84 42.57
N GLY C 311 -25.96 -18.17 41.41
CA GLY C 311 -26.41 -16.79 41.38
C GLY C 311 -26.19 -16.10 40.05
N TRP C 312 -25.55 -14.93 40.08
CA TRP C 312 -25.33 -14.13 38.88
C TRP C 312 -23.88 -14.25 38.41
N VAL C 313 -23.62 -13.65 37.26
CA VAL C 313 -22.31 -13.67 36.62
C VAL C 313 -21.52 -12.43 37.03
N GLY C 314 -20.24 -12.62 37.34
CA GLY C 314 -19.37 -11.52 37.72
C GLY C 314 -19.77 -10.94 39.06
N ARG C 315 -19.08 -9.87 39.44
CA ARG C 315 -19.38 -9.23 40.72
C ARG C 315 -20.61 -8.34 40.59
N PHE C 316 -20.52 -7.27 39.80
CA PHE C 316 -21.68 -6.47 39.43
C PHE C 316 -22.09 -6.68 37.99
N LYS C 317 -21.13 -6.77 37.08
CA LYS C 317 -21.37 -7.14 35.70
C LYS C 317 -20.21 -8.04 35.27
N PRO C 318 -20.42 -8.89 34.26
CA PRO C 318 -19.39 -9.84 33.85
C PRO C 318 -18.05 -9.15 33.59
N ALA C 319 -16.97 -9.88 33.85
CA ALA C 319 -15.63 -9.32 33.70
C ALA C 319 -15.38 -8.96 32.24
N GLU C 320 -14.64 -7.91 32.03
CA GLU C 320 -14.34 -7.56 30.66
C GLU C 320 -13.06 -8.27 30.19
N PRO C 321 -13.01 -8.66 28.92
CA PRO C 321 -11.82 -9.30 28.40
C PRO C 321 -10.71 -8.29 28.10
N HIS C 322 -9.47 -8.75 28.26
CA HIS C 322 -8.28 -7.94 27.97
C HIS C 322 -7.49 -8.69 26.89
N PHE C 323 -7.70 -8.32 25.64
CA PHE C 323 -7.11 -9.05 24.54
C PHE C 323 -5.61 -8.83 24.47
N THR C 324 -4.91 -9.82 23.94
CA THR C 324 -3.47 -9.73 23.76
C THR C 324 -3.15 -8.77 22.60
N SER C 325 -1.85 -8.56 22.38
CA SER C 325 -1.43 -7.62 21.34
C SER C 325 -1.91 -8.07 19.96
N ASP C 326 -1.78 -9.36 19.65
CA ASP C 326 -2.19 -9.88 18.35
C ASP C 326 -3.67 -10.23 18.29
N GLY C 327 -4.42 -9.97 19.36
CA GLY C 327 -5.86 -10.15 19.35
C GLY C 327 -6.35 -11.56 19.12
N ASN C 328 -5.51 -12.56 19.38
CA ASN C 328 -5.89 -13.96 19.21
C ASN C 328 -6.21 -14.64 20.54
N SER C 329 -6.05 -13.95 21.66
CA SER C 329 -6.33 -14.52 22.97
C SER C 329 -6.55 -13.39 23.95
N PHE C 330 -7.26 -13.69 25.03
CA PHE C 330 -7.53 -12.69 26.05
C PHE C 330 -7.52 -13.35 27.42
N TYR C 331 -7.41 -12.50 28.44
CA TYR C 331 -7.47 -12.89 29.84
C TYR C 331 -8.70 -12.23 30.45
N LYS C 332 -9.53 -13.02 31.13
CA LYS C 332 -10.68 -12.46 31.81
C LYS C 332 -10.83 -13.14 33.17
N ILE C 333 -11.45 -12.42 34.10
CA ILE C 333 -11.61 -12.89 35.47
C ILE C 333 -12.84 -13.81 35.53
N MET C 334 -12.64 -15.02 36.03
CA MET C 334 -13.71 -16.01 36.14
C MET C 334 -13.69 -16.62 37.54
N SER C 335 -14.84 -17.13 37.96
CA SER C 335 -14.92 -17.86 39.21
C SER C 335 -14.45 -19.29 39.00
N ASN C 336 -13.48 -19.73 39.79
CA ASN C 336 -12.97 -21.10 39.66
C ASN C 336 -13.97 -22.07 40.31
N SER C 337 -13.57 -23.32 40.45
CA SER C 337 -14.46 -24.34 40.98
C SER C 337 -14.80 -24.09 42.45
N GLU C 338 -13.87 -23.54 43.22
CA GLU C 338 -14.13 -23.24 44.63
C GLU C 338 -14.90 -21.95 44.81
N GLY C 339 -14.96 -21.09 43.79
CA GLY C 339 -15.75 -19.88 43.85
C GLY C 339 -14.96 -18.63 44.20
N TYR C 340 -13.74 -18.53 43.68
CA TYR C 340 -12.89 -17.36 43.89
C TYR C 340 -12.55 -16.75 42.55
N LYS C 341 -12.82 -15.45 42.40
CA LYS C 341 -12.54 -14.74 41.16
C LYS C 341 -11.06 -14.80 40.83
N HIS C 342 -10.71 -15.47 39.73
CA HIS C 342 -9.32 -15.58 39.31
C HIS C 342 -9.23 -15.34 37.81
N ILE C 343 -7.99 -15.23 37.34
CA ILE C 343 -7.70 -14.88 35.95
C ILE C 343 -7.68 -16.15 35.13
N CYS C 344 -8.45 -16.19 34.06
CA CYS C 344 -8.47 -17.34 33.17
C CYS C 344 -7.95 -16.92 31.80
N LEU C 345 -7.22 -17.83 31.15
CA LEU C 345 -6.62 -17.60 29.84
C LEU C 345 -7.52 -18.21 28.77
N PHE C 346 -7.99 -17.36 27.86
CA PHE C 346 -8.86 -17.77 26.77
C PHE C 346 -8.11 -17.71 25.46
N GLN C 347 -8.31 -18.74 24.64
CA GLN C 347 -7.92 -18.69 23.23
C GLN C 347 -9.17 -18.44 22.41
N ILE C 348 -9.04 -17.54 21.41
CA ILE C 348 -10.20 -17.09 20.65
C ILE C 348 -10.97 -18.28 20.10
N ASP C 349 -10.26 -19.29 19.59
CA ASP C 349 -10.87 -20.41 18.91
C ASP C 349 -11.10 -21.62 19.82
N LYS C 350 -10.78 -21.52 21.11
CA LYS C 350 -10.86 -22.69 21.97
C LYS C 350 -11.99 -22.58 22.98
N PRO C 351 -12.67 -23.69 23.28
CA PRO C 351 -13.87 -23.62 24.15
C PRO C 351 -13.57 -23.35 25.60
N ASP C 352 -12.59 -24.06 26.17
CA ASP C 352 -12.29 -23.94 27.58
C ASP C 352 -11.25 -22.87 27.84
N CYS C 353 -11.11 -22.48 29.09
CA CYS C 353 -10.10 -21.51 29.50
C CYS C 353 -9.16 -22.15 30.51
N THR C 354 -8.13 -21.39 30.90
CA THR C 354 -7.01 -21.91 31.69
C THR C 354 -6.65 -20.91 32.77
N PHE C 355 -6.85 -21.30 34.03
CA PHE C 355 -6.60 -20.40 35.15
C PHE C 355 -5.10 -20.26 35.41
N ILE C 356 -4.65 -19.01 35.58
CA ILE C 356 -3.25 -18.71 35.84
C ILE C 356 -3.02 -18.20 37.25
N THR C 357 -4.09 -18.00 38.02
CA THR C 357 -4.00 -17.68 39.45
C THR C 357 -4.99 -18.56 40.19
N LYS C 358 -4.61 -18.96 41.40
CA LYS C 358 -5.51 -19.74 42.24
C LYS C 358 -5.19 -19.46 43.71
N GLY C 359 -6.15 -19.77 44.57
CA GLY C 359 -5.99 -19.56 45.99
C GLY C 359 -7.26 -19.13 46.69
N ALA C 360 -7.19 -18.98 48.01
CA ALA C 360 -8.33 -18.48 48.81
C ALA C 360 -8.26 -16.96 48.89
N TRP C 361 -8.43 -16.35 47.72
CA TRP C 361 -8.42 -14.90 47.57
C TRP C 361 -8.94 -14.60 46.18
N GLU C 362 -9.12 -13.32 45.87
CA GLU C 362 -9.70 -12.91 44.60
C GLU C 362 -8.81 -11.87 43.92
N VAL C 363 -8.87 -11.87 42.59
CA VAL C 363 -8.25 -10.83 41.79
C VAL C 363 -9.26 -9.69 41.61
N ILE C 364 -8.82 -8.46 41.86
CA ILE C 364 -9.73 -7.33 41.77
C ILE C 364 -9.93 -6.91 40.31
N GLY C 365 -8.84 -6.80 39.57
CA GLY C 365 -8.93 -6.39 38.18
C GLY C 365 -7.59 -6.49 37.50
N ILE C 366 -7.63 -6.48 36.16
CA ILE C 366 -6.45 -6.59 35.33
C ILE C 366 -6.07 -5.18 34.90
N GLU C 367 -4.90 -4.72 35.35
CA GLU C 367 -4.51 -3.33 35.13
C GLU C 367 -3.78 -3.11 33.83
N ALA C 368 -3.03 -4.09 33.34
CA ALA C 368 -2.22 -3.90 32.15
C ALA C 368 -1.93 -5.24 31.51
N LEU C 369 -1.26 -5.19 30.36
CA LEU C 369 -0.91 -6.39 29.61
C LEU C 369 0.30 -6.11 28.74
N THR C 370 1.27 -7.03 28.78
CA THR C 370 2.31 -7.10 27.77
C THR C 370 2.37 -8.54 27.28
N ASN C 371 3.38 -8.85 26.47
CA ASN C 371 3.57 -10.22 26.02
C ASN C 371 4.33 -11.06 27.04
N ASP C 372 5.07 -10.42 27.94
CA ASP C 372 5.86 -11.12 28.96
C ASP C 372 5.21 -11.11 30.33
N TYR C 373 4.53 -10.01 30.69
CA TYR C 373 3.97 -9.86 32.02
C TYR C 373 2.52 -9.37 31.96
N LEU C 374 1.74 -9.80 32.95
CA LEU C 374 0.40 -9.29 33.20
C LEU C 374 0.38 -8.69 34.59
N TYR C 375 -0.16 -7.47 34.71
CA TYR C 375 -0.22 -6.76 35.97
C TYR C 375 -1.65 -6.75 36.49
N PHE C 376 -1.82 -7.02 37.79
CA PHE C 376 -3.16 -7.11 38.35
C PHE C 376 -3.13 -6.77 39.83
N ILE C 377 -4.32 -6.53 40.37
CA ILE C 377 -4.53 -6.17 41.77
C ILE C 377 -5.29 -7.31 42.45
N SER C 378 -4.85 -7.69 43.64
CA SER C 378 -5.57 -8.71 44.40
C SER C 378 -5.43 -8.42 45.89
N ASN C 379 -6.26 -9.10 46.66
CA ASN C 379 -6.30 -9.01 48.12
C ASN C 379 -5.62 -10.21 48.77
N GLU C 380 -4.51 -10.65 48.18
CA GLU C 380 -3.85 -11.87 48.64
C GLU C 380 -2.96 -11.63 49.85
N TYR C 381 -2.21 -10.54 49.86
CA TYR C 381 -1.19 -10.31 50.86
C TYR C 381 -1.77 -10.40 52.27
N LYS C 382 -1.12 -11.21 53.12
CA LYS C 382 -1.52 -11.45 54.50
C LYS C 382 -2.96 -11.97 54.61
N GLY C 383 -3.52 -12.48 53.52
CA GLY C 383 -4.87 -13.01 53.55
C GLY C 383 -5.93 -12.05 54.02
N MET C 384 -5.70 -10.74 53.85
CA MET C 384 -6.67 -9.73 54.27
C MET C 384 -7.53 -9.33 53.07
N PRO C 385 -8.84 -9.59 53.10
CA PRO C 385 -9.67 -9.25 51.95
C PRO C 385 -9.82 -7.75 51.73
N GLY C 386 -9.58 -6.94 52.75
CA GLY C 386 -9.72 -5.50 52.63
C GLY C 386 -8.44 -4.80 52.20
N GLY C 387 -7.49 -5.57 51.66
CA GLY C 387 -6.25 -5.01 51.18
C GLY C 387 -6.14 -5.07 49.66
N ARG C 388 -5.29 -4.22 49.08
CA ARG C 388 -5.09 -4.18 47.64
C ARG C 388 -3.61 -4.03 47.35
N ASN C 389 -3.09 -4.87 46.45
CA ASN C 389 -1.69 -4.83 46.10
C ASN C 389 -1.49 -5.19 44.63
N LEU C 390 -0.46 -4.59 44.04
CA LEU C 390 -0.07 -4.87 42.66
C LEU C 390 0.78 -6.13 42.60
N TYR C 391 0.35 -7.09 41.77
CA TYR C 391 1.17 -8.24 41.43
C TYR C 391 1.45 -8.22 39.94
N LYS C 392 2.42 -9.01 39.53
CA LYS C 392 2.65 -9.28 38.13
C LYS C 392 2.95 -10.76 37.95
N ILE C 393 2.51 -11.31 36.83
CA ILE C 393 2.70 -12.72 36.52
C ILE C 393 3.65 -12.83 35.34
N GLN C 394 4.58 -13.77 35.42
CA GLN C 394 5.35 -14.16 34.25
C GLN C 394 4.45 -15.01 33.36
N LEU C 395 4.44 -14.71 32.07
CA LEU C 395 3.57 -15.41 31.13
C LEU C 395 4.19 -16.70 30.59
N ASN C 396 5.41 -17.02 31.00
CA ASN C 396 6.00 -18.33 30.75
C ASN C 396 5.82 -19.24 31.95
N ASN C 397 6.12 -18.73 33.15
CA ASN C 397 6.11 -19.50 34.39
C ASN C 397 5.00 -18.93 35.27
N TYR C 398 3.79 -19.51 35.13
CA TYR C 398 2.64 -19.05 35.89
C TYR C 398 2.88 -19.06 37.40
N ALA C 399 3.83 -19.87 37.87
CA ALA C 399 4.16 -19.89 39.29
C ALA C 399 4.93 -18.66 39.73
N ASN C 400 5.47 -17.87 38.81
CA ASN C 400 6.35 -16.75 39.15
C ASN C 400 5.50 -15.48 39.31
N VAL C 401 4.74 -15.44 40.40
CA VAL C 401 3.97 -14.26 40.77
C VAL C 401 4.85 -13.37 41.64
N THR C 402 4.88 -12.07 41.33
CA THR C 402 5.76 -11.13 41.99
C THR C 402 4.94 -9.93 42.44
N CYS C 403 4.86 -9.72 43.76
CA CYS C 403 4.16 -8.55 44.27
C CYS C 403 5.05 -7.32 44.08
N LEU C 404 4.41 -6.21 43.72
CA LEU C 404 5.10 -4.97 43.41
C LEU C 404 4.84 -3.87 44.42
N SER C 405 3.93 -4.08 45.37
CA SER C 405 3.55 -3.05 46.32
C SER C 405 3.50 -3.53 47.77
N CYS C 406 3.81 -4.80 48.01
CA CYS C 406 3.58 -5.37 49.34
C CYS C 406 4.55 -4.79 50.38
N GLU C 407 5.83 -4.84 50.07
CA GLU C 407 6.85 -4.45 51.07
C GLU C 407 7.39 -3.04 50.85
N LEU C 408 6.63 -2.17 50.24
CA LEU C 408 7.06 -0.78 50.08
C LEU C 408 6.96 -0.02 51.40
N ASP C 409 5.77 -0.04 52.00
CA ASP C 409 5.57 0.51 53.35
C ASP C 409 4.50 -0.32 54.02
N PRO C 410 4.85 -1.50 54.53
CA PRO C 410 3.82 -2.47 54.95
C PRO C 410 2.88 -1.96 56.03
N GLU C 411 3.26 -0.93 56.77
CA GLU C 411 2.43 -0.42 57.85
C GLU C 411 1.60 0.79 57.42
N ARG C 412 2.20 1.68 56.63
CA ARG C 412 1.49 2.87 56.17
C ARG C 412 0.56 2.57 55.00
N CYS C 413 1.04 1.78 54.04
CA CYS C 413 0.36 1.59 52.75
C CYS C 413 0.00 0.13 52.58
N GLN C 414 -1.31 -0.17 52.63
CA GLN C 414 -1.80 -1.53 52.46
C GLN C 414 -3.00 -1.59 51.52
N TYR C 415 -3.31 -0.50 50.81
CA TYR C 415 -4.45 -0.41 49.91
C TYR C 415 -3.99 0.34 48.68
N TYR C 416 -3.65 -0.39 47.62
CA TYR C 416 -2.99 0.18 46.46
C TYR C 416 -3.90 0.18 45.23
N SER C 417 -3.51 1.00 44.26
CA SER C 417 -4.09 1.00 42.92
C SER C 417 -3.04 1.55 41.96
N ALA C 418 -3.18 1.21 40.69
CA ALA C 418 -2.17 1.55 39.69
C ALA C 418 -2.81 2.13 38.44
N SER C 419 -2.04 2.99 37.76
CA SER C 419 -2.43 3.56 36.47
C SER C 419 -1.26 3.40 35.51
N PHE C 420 -1.42 2.52 34.53
CA PHE C 420 -0.33 2.15 33.63
C PHE C 420 -0.34 3.02 32.37
N SER C 421 0.83 3.10 31.74
CA SER C 421 0.98 3.80 30.47
C SER C 421 0.66 2.84 29.33
N LYS C 422 0.91 3.27 28.09
CA LYS C 422 0.74 2.39 26.94
C LYS C 422 1.86 1.37 26.92
N GLY C 423 1.50 0.09 26.76
CA GLY C 423 2.49 -0.96 26.77
C GLY C 423 3.14 -1.20 28.12
N ALA C 424 2.61 -0.61 29.19
CA ALA C 424 3.04 -0.87 30.56
C ALA C 424 4.51 -0.56 30.78
N LYS C 425 4.99 0.54 30.19
CA LYS C 425 6.38 0.93 30.40
C LYS C 425 6.58 1.51 31.79
N TYR C 426 5.69 2.39 32.23
CA TYR C 426 5.70 2.96 33.55
C TYR C 426 4.33 2.76 34.18
N TYR C 427 4.23 3.04 35.48
CA TYR C 427 2.93 3.01 36.14
C TYR C 427 2.97 3.89 37.37
N GLN C 428 1.87 4.59 37.62
CA GLN C 428 1.74 5.44 38.79
C GLN C 428 1.10 4.63 39.91
N LEU C 429 1.79 4.53 41.04
CA LEU C 429 1.25 3.86 42.21
C LEU C 429 0.48 4.85 43.08
N ARG C 430 -0.70 4.45 43.51
CA ARG C 430 -1.52 5.26 44.40
C ARG C 430 -1.85 4.42 45.63
N CYS C 431 -1.37 4.87 46.78
CA CYS C 431 -1.65 4.25 48.07
C CYS C 431 -2.76 5.03 48.75
N SER C 432 -3.73 4.30 49.31
CA SER C 432 -4.94 4.92 49.84
C SER C 432 -5.13 4.70 51.34
N GLY C 433 -4.23 3.99 52.01
CA GLY C 433 -4.35 3.78 53.44
C GLY C 433 -3.50 2.63 53.95
N PRO C 434 -3.65 2.27 55.23
CA PRO C 434 -4.57 2.92 56.16
C PRO C 434 -4.01 4.20 56.78
N GLN C 435 -2.74 4.46 56.56
CA GLN C 435 -2.13 5.73 56.94
C GLN C 435 -2.25 6.72 55.78
N ILE C 436 -1.49 7.80 55.84
CA ILE C 436 -1.67 8.95 54.94
C ILE C 436 -1.37 8.51 53.51
N PRO C 437 -2.27 8.80 52.56
CA PRO C 437 -2.08 8.34 51.18
C PRO C 437 -0.80 8.89 50.56
N ARG C 438 -0.37 8.22 49.49
CA ARG C 438 0.90 8.50 48.85
C ARG C 438 0.81 8.13 47.38
N TYR C 439 1.52 8.88 46.55
CA TYR C 439 1.48 8.71 45.10
C TYR C 439 2.90 8.66 44.57
N SER C 440 3.20 7.64 43.77
CA SER C 440 4.55 7.43 43.27
C SER C 440 4.50 6.99 41.81
N LEU C 441 5.62 7.20 41.11
CA LEU C 441 5.76 6.88 39.70
C LEU C 441 6.86 5.85 39.55
N HIS C 442 6.55 4.73 38.89
CA HIS C 442 7.45 3.59 38.79
C HIS C 442 7.68 3.21 37.35
N SER C 443 8.70 2.39 37.12
CA SER C 443 9.06 1.90 35.80
C SER C 443 9.03 0.38 35.80
N SER C 444 8.26 -0.21 34.88
CA SER C 444 8.12 -1.66 34.83
C SER C 444 9.42 -2.37 34.46
N SER C 445 10.41 -1.66 33.92
CA SER C 445 11.68 -2.28 33.57
C SER C 445 12.40 -2.83 34.81
N ASN C 446 12.30 -2.12 35.94
CA ASN C 446 12.92 -2.57 37.18
C ASN C 446 12.03 -2.33 38.40
N ASP C 447 10.82 -1.83 38.22
CA ASP C 447 9.87 -1.61 39.32
C ASP C 447 10.46 -0.70 40.41
N LYS C 448 11.32 0.22 40.00
CA LYS C 448 11.95 1.15 40.92
C LYS C 448 11.16 2.44 40.97
N GLU C 449 11.11 3.05 42.15
CA GLU C 449 10.46 4.35 42.31
C GLU C 449 11.30 5.40 41.60
N LEU C 450 10.76 5.94 40.50
CA LEU C 450 11.46 7.01 39.79
C LEU C 450 11.38 8.32 40.55
N ARG C 451 10.19 8.68 41.03
CA ARG C 451 10.04 9.91 41.79
C ARG C 451 8.77 9.81 42.63
N LEU C 452 8.80 10.51 43.77
CA LEU C 452 7.67 10.57 44.69
C LEU C 452 6.80 11.77 44.30
N LEU C 453 5.59 11.49 43.80
CA LEU C 453 4.76 12.55 43.26
C LEU C 453 4.10 13.38 44.35
N GLU C 454 3.55 12.74 45.37
CA GLU C 454 2.86 13.47 46.43
C GLU C 454 2.88 12.61 47.69
N ASN C 455 3.50 13.13 48.75
CA ASN C 455 3.55 12.43 50.03
C ASN C 455 2.49 12.91 51.01
N ASN C 456 1.81 14.01 50.71
CA ASN C 456 0.82 14.60 51.62
C ASN C 456 1.44 14.94 52.96
N THR C 457 2.71 15.40 52.94
CA THR C 457 3.37 15.83 54.17
C THR C 457 2.59 16.94 54.85
N ALA C 458 1.86 17.75 54.07
CA ALA C 458 0.98 18.76 54.65
C ALA C 458 -0.04 18.12 55.58
N LEU C 459 -0.66 17.02 55.13
CA LEU C 459 -1.59 16.28 56.00
C LEU C 459 -0.90 15.75 57.25
N TYR C 460 0.36 15.32 57.12
CA TYR C 460 1.03 14.65 58.22
C TYR C 460 1.17 15.56 59.43
N GLU C 461 1.77 16.74 59.22
CA GLU C 461 2.00 17.66 60.33
C GLU C 461 0.69 18.22 60.87
N THR C 462 -0.28 18.49 59.99
CA THR C 462 -1.54 19.07 60.43
C THR C 462 -2.29 18.12 61.37
N LEU C 463 -2.19 16.81 61.13
CA LEU C 463 -2.89 15.84 61.96
C LEU C 463 -2.16 15.58 63.27
N GLN C 464 -0.83 15.71 63.30
CA GLN C 464 -0.08 15.42 64.52
C GLN C 464 -0.48 16.36 65.66
N ASN C 465 -1.05 17.51 65.35
CA ASN C 465 -1.59 18.42 66.34
C ASN C 465 -3.05 18.14 66.66
N ILE C 466 -3.60 17.03 66.17
CA ILE C 466 -4.99 16.68 66.36
C ILE C 466 -5.07 15.28 66.95
N GLN C 467 -5.99 15.08 67.89
CA GLN C 467 -6.24 13.76 68.47
C GLN C 467 -7.07 12.96 67.48
N MET C 468 -6.39 12.43 66.47
CA MET C 468 -7.06 11.66 65.43
C MET C 468 -7.40 10.26 65.93
N PRO C 469 -8.55 9.73 65.56
CA PRO C 469 -8.92 8.38 66.00
C PRO C 469 -8.19 7.32 65.19
N ARG C 470 -8.16 6.11 65.75
CA ARG C 470 -7.45 5.01 65.12
C ARG C 470 -8.42 4.01 64.52
N LYS C 471 -7.92 3.28 63.52
CA LYS C 471 -8.71 2.37 62.72
C LYS C 471 -8.10 0.97 62.83
N THR C 472 -8.90 0.00 63.26
CA THR C 472 -8.44 -1.36 63.46
C THR C 472 -9.12 -2.29 62.47
N LEU C 473 -8.34 -3.17 61.86
CA LEU C 473 -8.87 -4.23 61.01
C LEU C 473 -8.79 -5.53 61.80
N ASP C 474 -9.96 -6.10 62.11
CA ASP C 474 -10.03 -7.34 62.87
C ASP C 474 -11.18 -8.17 62.30
N PHE C 475 -11.29 -9.41 62.76
CA PHE C 475 -12.32 -10.31 62.27
C PHE C 475 -13.01 -10.99 63.44
N LEU C 476 -14.12 -11.67 63.14
CA LEU C 476 -14.81 -12.52 64.08
C LEU C 476 -15.48 -13.65 63.30
N HIS C 477 -16.04 -14.60 64.05
CA HIS C 477 -16.56 -15.84 63.48
C HIS C 477 -18.06 -15.91 63.70
N LEU C 478 -18.80 -16.18 62.62
CA LEU C 478 -20.24 -16.41 62.67
C LEU C 478 -20.55 -17.75 62.03
N ASN C 479 -21.07 -18.68 62.84
CA ASN C 479 -21.38 -20.04 62.38
C ASN C 479 -20.17 -20.71 61.75
N GLY C 480 -18.98 -20.36 62.24
CA GLY C 480 -17.74 -20.96 61.77
C GLY C 480 -17.12 -20.33 60.55
N THR C 481 -17.58 -19.16 60.11
CA THR C 481 -17.04 -18.48 58.95
C THR C 481 -16.37 -17.19 59.41
N LYS C 482 -15.10 -17.01 59.03
CA LYS C 482 -14.39 -15.80 59.42
C LYS C 482 -14.93 -14.60 58.66
N PHE C 483 -15.21 -13.52 59.39
CA PHE C 483 -15.82 -12.34 58.83
C PHE C 483 -15.10 -11.11 59.36
N TRP C 484 -14.81 -10.16 58.48
CA TRP C 484 -14.00 -9.01 58.83
C TRP C 484 -14.86 -7.81 59.20
N TYR C 485 -14.32 -6.98 60.08
CA TYR C 485 -14.95 -5.74 60.50
C TYR C 485 -13.86 -4.71 60.75
N GLN C 486 -14.27 -3.46 60.84
CA GLN C 486 -13.35 -2.38 61.19
C GLN C 486 -13.97 -1.52 62.29
N MET C 487 -13.12 -0.85 63.04
CA MET C 487 -13.53 0.00 64.15
C MET C 487 -12.71 1.28 64.12
N ILE C 488 -13.40 2.42 64.18
CA ILE C 488 -12.72 3.70 64.34
C ILE C 488 -12.66 3.97 65.84
N LEU C 489 -11.47 3.80 66.42
CA LEU C 489 -11.44 3.94 67.87
C LEU C 489 -11.10 5.36 68.27
N PRO C 490 -11.81 5.90 69.26
CA PRO C 490 -11.51 7.26 69.75
C PRO C 490 -10.06 7.35 70.22
N PRO C 491 -9.49 8.55 70.26
CA PRO C 491 -8.15 8.72 70.83
C PRO C 491 -8.16 8.39 72.31
N HIS C 492 -7.00 7.97 72.83
CA HIS C 492 -6.86 7.58 74.22
C HIS C 492 -7.91 6.51 74.57
N PHE C 493 -7.95 5.49 73.74
CA PHE C 493 -8.94 4.43 73.88
C PHE C 493 -8.59 3.57 75.10
N ASP C 494 -9.58 3.37 75.98
CA ASP C 494 -9.39 2.61 77.21
C ASP C 494 -10.43 1.49 77.22
N LYS C 495 -9.98 0.25 77.01
CA LYS C 495 -10.90 -0.88 76.95
C LYS C 495 -11.62 -1.13 78.27
N SER C 496 -11.11 -0.58 79.38
CA SER C 496 -11.81 -0.69 80.65
C SER C 496 -13.04 0.21 80.70
N LYS C 497 -13.11 1.24 79.85
CA LYS C 497 -14.27 2.09 79.77
C LYS C 497 -15.22 1.61 78.67
N LYS C 498 -16.50 1.89 78.87
CA LYS C 498 -17.54 1.51 77.91
C LYS C 498 -17.93 2.71 77.06
N TYR C 499 -17.88 2.53 75.75
CA TYR C 499 -18.21 3.55 74.77
C TYR C 499 -19.53 3.23 74.09
N PRO C 500 -20.17 4.22 73.46
CA PRO C 500 -21.31 3.92 72.59
C PRO C 500 -20.84 3.54 71.19
N LEU C 501 -21.62 2.67 70.56
CA LEU C 501 -21.29 2.10 69.27
C LEU C 501 -22.21 2.65 68.19
N LEU C 502 -21.64 2.94 67.02
CA LEU C 502 -22.38 3.42 65.86
C LEU C 502 -21.96 2.57 64.66
N ILE C 503 -22.92 1.90 64.04
CA ILE C 503 -22.64 0.92 63.00
C ILE C 503 -22.90 1.54 61.64
N ASP C 504 -21.88 1.58 60.80
CA ASP C 504 -21.98 2.10 59.44
C ASP C 504 -22.22 0.93 58.49
N VAL C 505 -23.33 0.97 57.76
CA VAL C 505 -23.82 -0.17 57.01
C VAL C 505 -23.86 0.18 55.53
N TYR C 506 -23.34 -0.73 54.70
CA TYR C 506 -23.82 -0.85 53.33
C TYR C 506 -24.47 -2.19 53.08
N ALA C 507 -23.76 -3.29 53.36
CA ALA C 507 -24.31 -4.65 53.29
C ALA C 507 -24.92 -4.97 51.93
N GLY C 508 -24.59 -4.19 50.89
CA GLY C 508 -25.05 -4.48 49.55
C GLY C 508 -24.28 -5.65 48.99
N PRO C 509 -24.83 -6.29 47.95
CA PRO C 509 -24.10 -7.39 47.30
C PRO C 509 -22.73 -6.94 46.81
N CYS C 510 -21.72 -7.75 47.10
CA CYS C 510 -20.33 -7.49 46.69
C CYS C 510 -19.81 -6.17 47.27
N SER C 511 -20.33 -5.77 48.43
CA SER C 511 -19.84 -4.58 49.09
C SER C 511 -18.65 -4.93 49.98
N GLN C 512 -17.93 -3.89 50.41
CA GLN C 512 -16.83 -4.05 51.35
C GLN C 512 -16.70 -2.74 52.11
N LYS C 513 -17.29 -2.71 53.31
CA LYS C 513 -17.23 -1.51 54.15
C LYS C 513 -16.01 -1.51 55.07
N ALA C 514 -15.44 -2.68 55.35
CA ALA C 514 -14.27 -2.80 56.22
C ALA C 514 -13.06 -3.04 55.34
N ASP C 515 -12.22 -2.02 55.20
CA ASP C 515 -11.03 -2.10 54.37
C ASP C 515 -9.93 -1.25 55.00
N ALA C 516 -8.74 -1.29 54.39
CA ALA C 516 -7.57 -0.61 54.91
C ALA C 516 -7.40 0.78 54.32
N THR C 517 -8.50 1.46 54.03
CA THR C 517 -8.45 2.78 53.40
C THR C 517 -8.47 3.86 54.48
N PHE C 518 -7.92 5.02 54.12
CA PHE C 518 -7.81 6.16 55.03
C PHE C 518 -8.77 7.24 54.60
N LYS C 519 -9.72 7.59 55.47
CA LYS C 519 -10.77 8.55 55.16
C LYS C 519 -10.88 9.58 56.26
N LEU C 520 -11.15 10.82 55.87
CA LEU C 520 -11.51 11.90 56.80
C LEU C 520 -13.01 12.08 56.68
N SER C 521 -13.75 11.33 57.50
CA SER C 521 -15.19 11.21 57.35
C SER C 521 -15.90 11.79 58.56
N TRP C 522 -17.23 11.66 58.54
CA TRP C 522 -18.05 12.05 59.68
C TRP C 522 -17.76 11.17 60.88
N ALA C 523 -17.52 9.88 60.65
CA ALA C 523 -17.15 8.97 61.73
C ALA C 523 -15.82 9.38 62.38
N THR C 524 -14.91 9.96 61.58
CA THR C 524 -13.68 10.50 62.15
C THR C 524 -13.98 11.58 63.18
N TYR C 525 -14.96 12.43 62.90
CA TYR C 525 -15.38 13.44 63.87
C TYR C 525 -15.99 12.80 65.11
N LEU C 526 -16.92 11.85 64.91
CA LEU C 526 -17.63 11.23 66.02
C LEU C 526 -16.67 10.63 67.04
N ALA C 527 -15.71 9.85 66.56
CA ALA C 527 -14.76 9.20 67.47
C ALA C 527 -13.79 10.20 68.08
N SER C 528 -13.19 11.07 67.24
CA SER C 528 -12.17 11.97 67.74
C SER C 528 -12.72 13.00 68.71
N THR C 529 -13.97 13.41 68.55
CA THR C 529 -14.54 14.50 69.34
C THR C 529 -15.62 14.04 70.31
N GLU C 530 -16.64 13.33 69.82
CA GLU C 530 -17.72 12.87 70.69
C GLU C 530 -17.46 11.49 71.29
N ASN C 531 -16.33 10.86 70.99
CA ASN C 531 -15.90 9.59 71.57
C ASN C 531 -16.95 8.50 71.36
N ILE C 532 -17.19 8.19 70.08
CA ILE C 532 -18.12 7.14 69.67
C ILE C 532 -17.34 6.12 68.86
N ILE C 533 -17.56 4.84 69.13
CA ILE C 533 -16.97 3.78 68.32
C ILE C 533 -17.83 3.60 67.08
N VAL C 534 -17.25 3.82 65.91
CA VAL C 534 -17.93 3.63 64.63
C VAL C 534 -17.34 2.39 63.98
N ALA C 535 -18.20 1.43 63.66
CA ALA C 535 -17.78 0.14 63.11
C ALA C 535 -18.59 -0.18 61.87
N SER C 536 -17.98 -1.00 61.01
CA SER C 536 -18.63 -1.54 59.83
C SER C 536 -18.23 -3.00 59.69
N PHE C 537 -19.18 -3.84 59.31
CA PHE C 537 -18.99 -5.29 59.34
C PHE C 537 -19.40 -5.88 58.00
N ASP C 538 -18.46 -6.58 57.36
CA ASP C 538 -18.69 -7.21 56.06
C ASP C 538 -19.09 -8.66 56.29
N GLY C 539 -20.39 -8.92 56.28
CA GLY C 539 -20.96 -10.24 56.53
C GLY C 539 -21.34 -10.96 55.26
N ARG C 540 -22.33 -11.84 55.37
CA ARG C 540 -22.80 -12.59 54.22
C ARG C 540 -23.35 -11.66 53.15
N GLY C 541 -23.07 -12.00 51.89
CA GLY C 541 -23.38 -11.13 50.77
C GLY C 541 -22.26 -10.22 50.35
N SER C 542 -21.31 -9.93 51.24
CA SER C 542 -20.17 -9.11 50.88
C SER C 542 -19.33 -9.80 49.80
N GLY C 543 -18.51 -8.99 49.12
CA GLY C 543 -17.69 -9.48 48.02
C GLY C 543 -16.23 -9.61 48.39
N TYR C 544 -15.44 -9.98 47.38
CA TYR C 544 -13.99 -10.14 47.47
C TYR C 544 -13.58 -11.25 48.43
N GLN C 545 -14.52 -12.09 48.84
CA GLN C 545 -14.26 -13.16 49.79
C GLN C 545 -14.73 -14.51 49.30
N GLY C 546 -15.02 -14.64 48.01
CA GLY C 546 -15.52 -15.89 47.47
C GLY C 546 -17.00 -15.82 47.15
N ASP C 547 -17.42 -16.64 46.19
CA ASP C 547 -18.82 -16.67 45.78
C ASP C 547 -19.71 -17.42 46.76
N LYS C 548 -19.13 -18.30 47.58
CA LYS C 548 -19.92 -18.96 48.62
C LYS C 548 -20.49 -17.93 49.59
N ILE C 549 -19.70 -16.90 49.91
CA ILE C 549 -20.17 -15.85 50.81
C ILE C 549 -21.03 -14.84 50.06
N MET C 550 -20.62 -14.47 48.85
CA MET C 550 -21.29 -13.38 48.13
C MET C 550 -22.68 -13.82 47.66
N HIS C 551 -22.78 -15.00 47.05
CA HIS C 551 -24.05 -15.46 46.51
C HIS C 551 -24.98 -16.03 47.57
N ALA C 552 -24.59 -16.03 48.84
CA ALA C 552 -25.47 -16.52 49.90
C ALA C 552 -26.76 -15.70 49.98
N ILE C 553 -26.74 -14.46 49.49
CA ILE C 553 -27.90 -13.58 49.57
C ILE C 553 -28.80 -13.67 48.34
N ASN C 554 -28.42 -14.50 47.36
CA ASN C 554 -29.15 -14.57 46.09
C ASN C 554 -30.62 -14.88 46.32
N ARG C 555 -31.49 -14.10 45.67
CA ARG C 555 -32.95 -14.24 45.75
C ARG C 555 -33.48 -14.10 47.17
N ARG C 556 -32.64 -13.67 48.11
CA ARG C 556 -33.00 -13.51 49.50
C ARG C 556 -32.50 -12.18 50.04
N LEU C 557 -32.63 -11.13 49.24
CA LEU C 557 -32.19 -9.80 49.68
C LEU C 557 -32.91 -9.40 50.96
N GLY C 558 -32.13 -8.91 51.92
CA GLY C 558 -32.69 -8.51 53.20
C GLY C 558 -32.86 -9.63 54.20
N THR C 559 -32.17 -10.76 54.04
CA THR C 559 -32.29 -11.87 54.97
C THR C 559 -31.00 -12.11 55.75
N PHE C 560 -29.89 -12.40 55.07
CA PHE C 560 -28.68 -12.78 55.79
C PHE C 560 -27.79 -11.57 56.08
N GLU C 561 -27.75 -10.59 55.18
CA GLU C 561 -26.99 -9.38 55.44
C GLU C 561 -27.64 -8.55 56.56
N VAL C 562 -28.94 -8.73 56.80
CA VAL C 562 -29.59 -8.06 57.93
C VAL C 562 -29.20 -8.74 59.24
N GLU C 563 -29.43 -10.05 59.33
CA GLU C 563 -29.17 -10.78 60.58
C GLU C 563 -27.72 -10.63 61.02
N ASP C 564 -26.78 -10.64 60.06
CA ASP C 564 -25.36 -10.62 60.41
C ASP C 564 -24.94 -9.27 60.99
N GLN C 565 -25.56 -8.18 60.55
CA GLN C 565 -25.31 -6.89 61.21
C GLN C 565 -25.83 -6.91 62.63
N ILE C 566 -26.99 -7.54 62.86
CA ILE C 566 -27.47 -7.77 64.22
C ILE C 566 -26.52 -8.69 64.96
N GLU C 567 -26.19 -9.82 64.35
CA GLU C 567 -25.39 -10.84 65.03
C GLU C 567 -23.99 -10.33 65.36
N ALA C 568 -23.38 -9.57 64.45
CA ALA C 568 -22.10 -8.95 64.76
C ALA C 568 -22.24 -7.95 65.90
N ALA C 569 -23.30 -7.14 65.88
CA ALA C 569 -23.53 -6.18 66.96
C ALA C 569 -23.66 -6.88 68.30
N LYS C 570 -24.33 -8.04 68.34
CA LYS C 570 -24.36 -8.83 69.57
C LYS C 570 -22.97 -9.26 69.98
N GLN C 571 -22.14 -9.66 69.01
CA GLN C 571 -20.75 -9.99 69.32
C GLN C 571 -20.00 -8.76 69.82
N PHE C 572 -20.35 -7.58 69.32
CA PHE C 572 -19.69 -6.37 69.79
C PHE C 572 -20.07 -6.04 71.22
N SER C 573 -21.30 -6.38 71.63
CA SER C 573 -21.73 -6.13 72.99
C SER C 573 -21.01 -7.02 74.00
N LYS C 574 -20.67 -8.25 73.60
CA LYS C 574 -19.93 -9.15 74.49
C LYS C 574 -18.60 -8.55 74.93
N MET C 575 -18.02 -7.68 74.11
CA MET C 575 -16.77 -7.03 74.49
C MET C 575 -16.99 -6.11 75.68
N GLY C 576 -15.91 -5.89 76.44
CA GLY C 576 -15.99 -5.14 77.68
C GLY C 576 -15.96 -3.63 77.57
N PHE C 577 -16.05 -3.08 76.35
CA PHE C 577 -15.93 -1.64 76.17
C PHE C 577 -17.06 -1.05 75.34
N VAL C 578 -18.15 -1.79 75.13
CA VAL C 578 -19.27 -1.33 74.31
C VAL C 578 -20.52 -1.30 75.19
N ASP C 579 -21.19 -0.16 75.22
CA ASP C 579 -22.40 0.00 76.02
C ASP C 579 -23.56 -0.73 75.34
N ASP C 580 -24.22 -1.61 76.09
CA ASP C 580 -25.35 -2.35 75.55
C ASP C 580 -26.49 -1.42 75.15
N LYS C 581 -26.68 -0.33 75.90
CA LYS C 581 -27.82 0.55 75.73
C LYS C 581 -27.55 1.72 74.79
N ARG C 582 -26.38 1.80 74.18
CA ARG C 582 -26.01 2.92 73.32
C ARG C 582 -25.37 2.42 72.03
N ILE C 583 -26.04 1.48 71.37
CA ILE C 583 -25.65 1.01 70.04
C ILE C 583 -26.62 1.59 69.04
N ALA C 584 -26.10 2.15 67.95
CA ALA C 584 -26.92 2.78 66.93
C ALA C 584 -26.49 2.26 65.56
N ILE C 585 -27.18 2.73 64.52
CA ILE C 585 -26.97 2.22 63.17
C ILE C 585 -27.46 3.28 62.19
N TRP C 586 -26.70 3.45 61.10
CA TRP C 586 -27.10 4.38 60.06
C TRP C 586 -26.50 3.93 58.74
N GLY C 587 -27.15 4.30 57.65
CA GLY C 587 -26.68 3.89 56.33
C GLY C 587 -27.32 4.70 55.23
N TRP C 588 -26.64 4.71 54.09
CA TRP C 588 -27.13 5.32 52.86
C TRP C 588 -27.91 4.27 52.07
N SER C 589 -28.09 4.49 50.76
CA SER C 589 -29.12 3.87 49.95
C SER C 589 -29.45 2.43 50.32
N TYR C 590 -28.46 1.53 50.25
CA TYR C 590 -28.73 0.16 50.65
C TYR C 590 -28.60 0.00 52.16
N GLY C 591 -27.66 0.71 52.77
CA GLY C 591 -27.59 0.74 54.22
C GLY C 591 -28.89 1.24 54.84
N GLY C 592 -29.46 2.30 54.27
CA GLY C 592 -30.76 2.76 54.72
C GLY C 592 -31.82 1.67 54.64
N TYR C 593 -31.71 0.78 53.64
CA TYR C 593 -32.54 -0.40 53.61
C TYR C 593 -32.22 -1.32 54.79
N VAL C 594 -30.94 -1.63 54.99
CA VAL C 594 -30.54 -2.48 56.11
C VAL C 594 -30.83 -1.78 57.43
N THR C 595 -30.39 -0.51 57.55
CA THR C 595 -30.65 0.26 58.78
C THR C 595 -32.14 0.27 59.10
N SER C 596 -33.00 0.28 58.08
CA SER C 596 -34.43 0.24 58.33
C SER C 596 -34.91 -1.17 58.63
N MET C 597 -34.38 -2.17 57.92
CA MET C 597 -34.80 -3.55 58.16
C MET C 597 -34.22 -4.08 59.46
N VAL C 598 -33.09 -3.52 59.91
CA VAL C 598 -32.50 -3.96 61.18
C VAL C 598 -33.32 -3.45 62.36
N LEU C 599 -33.66 -2.15 62.35
CA LEU C 599 -34.50 -1.60 63.42
C LEU C 599 -35.86 -2.32 63.50
N GLY C 600 -36.40 -2.74 62.34
CA GLY C 600 -37.65 -3.45 62.31
C GLY C 600 -37.59 -4.91 62.66
N ALA C 601 -36.40 -5.44 62.94
CA ALA C 601 -36.27 -6.86 63.26
C ALA C 601 -36.69 -7.20 64.69
N GLY C 602 -36.89 -6.21 65.55
CA GLY C 602 -37.21 -6.48 66.93
C GLY C 602 -36.06 -7.09 67.70
N SER C 603 -34.83 -6.72 67.37
CA SER C 603 -33.65 -7.34 67.96
C SER C 603 -33.35 -6.84 69.37
N HIS C 604 -33.95 -5.71 69.79
CA HIS C 604 -33.66 -5.07 71.06
C HIS C 604 -32.17 -4.77 71.24
N VAL C 605 -31.43 -4.63 70.14
CA VAL C 605 -30.00 -4.37 70.17
C VAL C 605 -29.71 -2.89 69.95
N PHE C 606 -30.48 -2.24 69.08
CA PHE C 606 -30.22 -0.87 68.65
C PHE C 606 -31.21 0.08 69.31
N LYS C 607 -30.71 1.24 69.72
CA LYS C 607 -31.55 2.27 70.33
C LYS C 607 -32.11 3.24 69.30
N CYS C 608 -31.32 3.59 68.30
CA CYS C 608 -31.74 4.56 67.29
C CYS C 608 -31.17 4.16 65.94
N GLY C 609 -31.74 4.73 64.89
CA GLY C 609 -31.31 4.43 63.54
C GLY C 609 -31.58 5.60 62.62
N ILE C 610 -30.70 5.78 61.64
CA ILE C 610 -30.82 6.82 60.63
C ILE C 610 -30.78 6.15 59.27
N ALA C 611 -31.82 6.38 58.46
CA ALA C 611 -31.87 5.87 57.09
C ALA C 611 -31.84 7.07 56.14
N VAL C 612 -30.84 7.11 55.27
CA VAL C 612 -30.65 8.22 54.33
C VAL C 612 -30.84 7.68 52.92
N ALA C 613 -31.81 8.23 52.21
CA ALA C 613 -32.22 7.76 50.89
C ALA C 613 -32.39 6.24 50.85
N PRO C 614 -33.20 5.68 51.74
CA PRO C 614 -33.27 4.22 51.83
C PRO C 614 -34.08 3.62 50.69
N VAL C 615 -33.79 2.36 50.40
CA VAL C 615 -34.70 1.53 49.64
C VAL C 615 -35.74 0.97 50.60
N SER C 616 -37.00 0.93 50.16
CA SER C 616 -38.07 0.38 50.97
C SER C 616 -38.63 -0.93 50.45
N ALA C 617 -38.59 -1.14 49.14
CA ALA C 617 -39.14 -2.34 48.53
C ALA C 617 -38.46 -2.55 47.18
N TRP C 618 -38.07 -3.79 46.90
CA TRP C 618 -37.44 -4.11 45.62
C TRP C 618 -38.43 -4.02 44.46
N GLU C 619 -39.72 -3.86 44.75
CA GLU C 619 -40.69 -3.55 43.72
C GLU C 619 -40.45 -2.19 43.10
N PHE C 620 -39.69 -1.31 43.77
CA PHE C 620 -39.55 0.08 43.35
C PHE C 620 -38.23 0.41 42.69
N TYR C 621 -37.22 -0.45 42.79
CA TYR C 621 -35.88 -0.13 42.32
C TYR C 621 -35.66 -0.72 40.93
N ASP C 622 -34.65 -0.20 40.24
CA ASP C 622 -34.49 -0.49 38.82
C ASP C 622 -34.26 -1.99 38.58
N SER C 623 -34.61 -2.44 37.37
CA SER C 623 -34.61 -3.87 37.07
C SER C 623 -33.21 -4.44 36.95
N VAL C 624 -32.25 -3.67 36.45
CA VAL C 624 -30.91 -4.20 36.21
C VAL C 624 -30.27 -4.63 37.53
N TYR C 625 -30.32 -3.75 38.53
CA TYR C 625 -29.76 -4.09 39.85
C TYR C 625 -30.63 -5.12 40.56
N THR C 626 -31.94 -4.87 40.61
CA THR C 626 -32.84 -5.70 41.43
C THR C 626 -32.93 -7.11 40.88
N GLU C 627 -33.32 -7.25 39.61
CA GLU C 627 -33.51 -8.58 39.02
C GLU C 627 -32.22 -9.38 39.00
N ARG C 628 -31.06 -8.73 39.05
CA ARG C 628 -29.80 -9.46 39.10
C ARG C 628 -29.72 -10.31 40.36
N TYR C 629 -30.22 -9.79 41.49
CA TYR C 629 -30.15 -10.51 42.76
C TYR C 629 -31.46 -11.13 43.19
N MET C 630 -32.60 -10.62 42.71
CA MET C 630 -33.90 -11.10 43.14
C MET C 630 -34.73 -11.74 42.04
N GLY C 631 -34.33 -11.61 40.77
CA GLY C 631 -35.12 -12.19 39.70
C GLY C 631 -36.40 -11.41 39.44
N LEU C 632 -37.30 -12.04 38.71
CA LEU C 632 -38.45 -11.23 38.34
C LEU C 632 -39.55 -11.33 39.40
N PRO C 633 -40.28 -10.24 39.65
CA PRO C 633 -41.35 -10.26 40.67
C PRO C 633 -42.60 -10.96 40.17
N THR C 634 -42.42 -12.08 39.57
CA THR C 634 -43.55 -12.82 39.08
C THR C 634 -43.91 -13.93 40.06
N PRO C 635 -45.19 -14.32 40.14
CA PRO C 635 -45.56 -15.46 41.00
C PRO C 635 -44.77 -16.72 40.69
N GLU C 636 -44.19 -16.81 39.50
CA GLU C 636 -43.49 -18.01 39.05
C GLU C 636 -41.98 -17.92 39.22
N ASP C 637 -41.41 -16.76 39.57
CA ASP C 637 -39.97 -16.67 39.78
C ASP C 637 -39.62 -16.35 41.24
N ASN C 638 -39.94 -15.14 41.73
CA ASN C 638 -39.58 -14.82 43.12
C ASN C 638 -40.54 -13.84 43.78
N LEU C 639 -41.80 -13.80 43.37
CA LEU C 639 -42.72 -12.83 43.96
C LEU C 639 -42.84 -12.99 45.48
N ASP C 640 -42.53 -14.18 46.00
CA ASP C 640 -42.67 -14.45 47.43
C ASP C 640 -41.80 -13.49 48.24
N HIS C 641 -40.51 -13.38 47.92
CA HIS C 641 -39.64 -12.57 48.76
C HIS C 641 -39.62 -11.10 48.36
N TYR C 642 -40.07 -10.74 47.16
CA TYR C 642 -40.28 -9.33 46.86
C TYR C 642 -41.22 -8.70 47.88
N LYS C 643 -42.22 -9.46 48.33
CA LYS C 643 -43.16 -9.00 49.34
C LYS C 643 -42.63 -9.19 50.76
N ASN C 644 -41.79 -10.20 50.98
CA ASN C 644 -41.31 -10.51 52.32
C ASN C 644 -40.21 -9.56 52.79
N SER C 645 -39.65 -8.75 51.89
CA SER C 645 -38.46 -7.97 52.16
C SER C 645 -38.73 -6.46 52.19
N THR C 646 -39.93 -6.05 52.54
CA THR C 646 -40.28 -4.63 52.59
C THR C 646 -40.02 -4.08 53.99
N VAL C 647 -39.50 -2.86 54.06
CA VAL C 647 -39.40 -2.17 55.34
C VAL C 647 -40.78 -1.99 55.95
N MET C 648 -41.80 -1.76 55.11
CA MET C 648 -43.16 -1.52 55.60
C MET C 648 -43.71 -2.72 56.34
N SER C 649 -43.27 -3.94 55.99
CA SER C 649 -43.73 -5.12 56.70
C SER C 649 -43.33 -5.11 58.18
N ARG C 650 -42.40 -4.25 58.57
CA ARG C 650 -41.81 -4.25 59.90
C ARG C 650 -42.09 -2.97 60.67
N ALA C 651 -43.21 -2.31 60.39
CA ALA C 651 -43.50 -1.02 61.01
C ALA C 651 -43.63 -1.14 62.52
N GLU C 652 -44.39 -2.13 62.99
CA GLU C 652 -44.72 -2.22 64.42
C GLU C 652 -43.47 -2.27 65.28
N ASN C 653 -42.44 -3.00 64.84
CA ASN C 653 -41.20 -3.11 65.60
C ASN C 653 -40.42 -1.81 65.68
N PHE C 654 -40.81 -0.78 64.92
CA PHE C 654 -40.20 0.54 65.06
C PHE C 654 -40.67 1.26 66.33
N LYS C 655 -41.71 0.76 66.99
CA LYS C 655 -42.16 1.35 68.25
C LYS C 655 -41.09 1.30 69.32
N LEU C 656 -40.07 0.46 69.14
CA LEU C 656 -39.04 0.23 70.15
C LEU C 656 -37.76 1.00 69.88
N VAL C 657 -37.66 1.71 68.76
CA VAL C 657 -36.46 2.44 68.40
C VAL C 657 -36.83 3.86 67.98
N GLU C 658 -35.81 4.71 67.91
CA GLU C 658 -35.95 6.04 67.33
C GLU C 658 -35.51 5.97 65.87
N TYR C 659 -36.40 6.40 64.98
CA TYR C 659 -36.15 6.33 63.54
C TYR C 659 -36.00 7.74 63.00
N LEU C 660 -34.92 7.96 62.25
CA LEU C 660 -34.71 9.22 61.54
C LEU C 660 -34.62 8.92 60.05
N LEU C 661 -35.55 9.45 59.28
CA LEU C 661 -35.68 9.16 57.86
C LEU C 661 -35.34 10.42 57.07
N ILE C 662 -34.36 10.31 56.18
CA ILE C 662 -33.93 11.43 55.36
C ILE C 662 -34.02 11.01 53.89
N HIS C 663 -34.48 11.92 53.03
CA HIS C 663 -34.54 11.62 51.62
C HIS C 663 -34.61 12.92 50.82
N GLY C 664 -33.88 12.97 49.71
CA GLY C 664 -33.97 14.08 48.80
C GLY C 664 -35.14 13.94 47.83
N THR C 665 -35.71 15.07 47.46
CA THR C 665 -36.91 15.06 46.61
C THR C 665 -36.56 14.86 45.14
N ALA C 666 -35.40 15.37 44.70
CA ALA C 666 -34.94 15.20 43.33
C ALA C 666 -34.08 13.94 43.16
N ASP C 667 -34.34 12.91 43.96
CA ASP C 667 -33.59 11.66 43.85
C ASP C 667 -34.10 10.87 42.65
N ASP C 668 -33.24 10.71 41.63
CA ASP C 668 -33.57 9.96 40.44
C ASP C 668 -33.17 8.49 40.54
N ASN C 669 -32.34 8.14 41.52
CA ASN C 669 -31.82 6.78 41.66
C ASN C 669 -32.70 5.96 42.61
N VAL C 670 -32.84 6.41 43.84
CA VAL C 670 -33.72 5.80 44.83
C VAL C 670 -34.85 6.79 45.07
N HIS C 671 -35.99 6.55 44.42
CA HIS C 671 -37.04 7.56 44.35
C HIS C 671 -37.59 7.90 45.73
N PHE C 672 -38.09 9.13 45.85
CA PHE C 672 -38.80 9.54 47.05
C PHE C 672 -40.00 8.63 47.34
N GLN C 673 -40.52 7.98 46.30
CA GLN C 673 -41.60 7.01 46.46
C GLN C 673 -41.29 5.98 47.54
N GLN C 674 -40.01 5.64 47.73
CA GLN C 674 -39.65 4.58 48.66
C GLN C 674 -39.77 5.05 50.11
N SER C 675 -39.21 6.21 50.44
CA SER C 675 -39.37 6.73 51.80
C SER C 675 -40.82 7.07 52.09
N ALA C 676 -41.53 7.60 51.10
CA ALA C 676 -42.94 7.94 51.29
C ALA C 676 -43.75 6.72 51.67
N GLN C 677 -43.51 5.59 51.00
CA GLN C 677 -44.22 4.37 51.34
C GLN C 677 -43.85 3.87 52.73
N ILE C 678 -42.66 4.21 53.23
CA ILE C 678 -42.27 3.81 54.58
C ILE C 678 -43.11 4.57 55.62
N THR C 679 -43.09 5.90 55.55
CA THR C 679 -43.77 6.71 56.56
C THR C 679 -45.26 6.38 56.61
N ARG C 680 -45.87 6.11 55.45
CA ARG C 680 -47.26 5.70 55.44
C ARG C 680 -47.47 4.39 56.21
N ALA C 681 -46.47 3.52 56.22
CA ALA C 681 -46.55 2.32 57.04
C ALA C 681 -46.35 2.64 58.51
N LEU C 682 -45.42 3.54 58.82
CA LEU C 682 -45.21 3.96 60.21
C LEU C 682 -46.41 4.76 60.72
N VAL C 683 -47.02 5.57 59.87
CA VAL C 683 -48.17 6.37 60.29
C VAL C 683 -49.36 5.45 60.61
N ASP C 684 -49.67 4.51 59.73
CA ASP C 684 -50.84 3.66 59.90
C ASP C 684 -50.71 2.69 61.06
N ALA C 685 -49.52 2.54 61.64
CA ALA C 685 -49.29 1.62 62.74
C ALA C 685 -49.18 2.31 64.10
N GLY C 686 -49.38 3.62 64.15
CA GLY C 686 -49.21 4.35 65.40
C GLY C 686 -47.76 4.47 65.83
N VAL C 687 -46.83 4.46 64.88
CA VAL C 687 -45.41 4.54 65.17
C VAL C 687 -44.95 5.98 65.00
N ASP C 688 -44.24 6.50 66.00
CA ASP C 688 -43.66 7.83 65.92
C ASP C 688 -42.21 7.72 65.46
N PHE C 689 -41.77 8.75 64.74
CA PHE C 689 -40.45 8.76 64.13
C PHE C 689 -40.11 10.19 63.78
N GLN C 690 -38.94 10.37 63.17
CA GLN C 690 -38.52 11.66 62.66
C GLN C 690 -38.29 11.54 61.16
N ALA C 691 -38.38 12.69 60.49
CA ALA C 691 -38.20 12.74 59.05
C ALA C 691 -37.56 14.06 58.68
N MET C 692 -36.94 14.10 57.50
CA MET C 692 -36.39 15.34 56.98
C MET C 692 -36.21 15.17 55.48
N TRP C 693 -37.02 15.89 54.70
CA TRP C 693 -36.78 15.93 53.27
C TRP C 693 -35.74 17.00 52.95
N TYR C 694 -35.07 16.82 51.82
CA TYR C 694 -34.09 17.79 51.33
C TYR C 694 -34.50 18.17 49.92
N THR C 695 -35.02 19.38 49.76
CA THR C 695 -35.63 19.81 48.51
C THR C 695 -34.60 19.97 47.41
N ASP C 696 -34.93 19.46 46.22
CA ASP C 696 -34.10 19.57 45.03
C ASP C 696 -32.70 19.01 45.24
N GLU C 697 -32.56 18.06 46.15
CA GLU C 697 -31.32 17.32 46.32
C GLU C 697 -31.48 15.93 45.72
N ASP C 698 -30.41 15.44 45.11
CA ASP C 698 -30.42 14.13 44.48
C ASP C 698 -30.02 13.07 45.51
N HIS C 699 -29.73 11.86 45.01
CA HIS C 699 -29.13 10.83 45.83
C HIS C 699 -27.85 11.32 46.49
N GLY C 700 -27.04 12.06 45.75
CA GLY C 700 -25.81 12.65 46.25
C GLY C 700 -26.06 14.01 46.87
N ILE C 701 -26.50 14.03 48.13
CA ILE C 701 -26.90 15.24 48.84
C ILE C 701 -25.69 16.15 49.04
N ALA C 702 -24.55 15.76 48.46
CA ALA C 702 -23.27 16.44 48.62
C ALA C 702 -23.25 17.88 48.11
N THR C 703 -24.40 18.40 47.65
CA THR C 703 -24.50 19.84 47.44
C THR C 703 -24.16 20.58 48.73
N SER C 704 -23.22 21.51 48.65
CA SER C 704 -22.50 22.02 49.82
C SER C 704 -23.44 22.37 50.97
N THR C 705 -24.44 23.20 50.71
CA THR C 705 -25.34 23.64 51.77
C THR C 705 -26.11 22.46 52.37
N ALA C 706 -26.45 21.47 51.54
CA ALA C 706 -27.16 20.30 52.04
C ALA C 706 -26.21 19.33 52.73
N HIS C 707 -24.96 19.24 52.26
CA HIS C 707 -23.99 18.36 52.89
C HIS C 707 -23.74 18.75 54.35
N GLN C 708 -23.60 20.05 54.61
CA GLN C 708 -23.36 20.50 55.98
C GLN C 708 -24.60 20.39 56.83
N HIS C 709 -25.78 20.49 56.22
CA HIS C 709 -27.02 20.50 57.00
C HIS C 709 -27.40 19.11 57.48
N ILE C 710 -27.24 18.09 56.63
CA ILE C 710 -27.67 16.75 56.99
C ILE C 710 -26.75 16.15 58.05
N TYR C 711 -25.43 16.34 57.90
CA TYR C 711 -24.50 15.84 58.90
C TYR C 711 -24.56 16.63 60.20
N THR C 712 -25.04 17.87 60.15
CA THR C 712 -25.35 18.58 61.39
C THR C 712 -26.64 18.07 62.00
N HIS C 713 -27.66 17.82 61.18
CA HIS C 713 -28.93 17.28 61.68
C HIS C 713 -28.73 15.87 62.22
N MET C 714 -27.83 15.09 61.61
CA MET C 714 -27.56 13.74 62.10
C MET C 714 -26.69 13.75 63.35
N THR C 715 -25.80 14.75 63.48
CA THR C 715 -24.99 14.86 64.69
C THR C 715 -25.87 15.06 65.91
N HIS C 716 -26.86 15.96 65.81
CA HIS C 716 -27.77 16.21 66.93
C HIS C 716 -28.57 14.97 67.27
N PHE C 717 -28.95 14.19 66.25
CA PHE C 717 -29.78 13.00 66.49
C PHE C 717 -29.00 11.94 67.24
N ILE C 718 -27.74 11.70 66.85
CA ILE C 718 -26.92 10.72 67.54
C ILE C 718 -26.63 11.17 68.96
N LYS C 719 -26.31 12.45 69.14
CA LYS C 719 -26.02 12.96 70.48
C LYS C 719 -27.24 12.87 71.39
N GLN C 720 -28.42 13.15 70.86
CA GLN C 720 -29.64 13.00 71.66
C GLN C 720 -29.94 11.53 71.95
N CYS C 721 -29.55 10.64 71.04
CA CYS C 721 -29.79 9.22 71.27
C CYS C 721 -28.80 8.63 72.28
N PHE C 722 -27.60 9.18 72.36
CA PHE C 722 -26.59 8.72 73.30
C PHE C 722 -26.50 9.58 74.55
N SER C 723 -27.35 10.60 74.68
CA SER C 723 -27.29 11.55 75.79
C SER C 723 -25.89 12.15 75.91
N LEU C 724 -25.45 12.76 74.80
CA LEU C 724 -24.15 13.41 74.69
C LEU C 724 -24.31 14.92 74.71
N PRO C 725 -23.30 15.65 75.20
CA PRO C 725 -23.34 17.12 75.21
C PRO C 725 -23.29 17.71 73.79
N VAL D 15 -51.20 -23.13 -24.99
CA VAL D 15 -52.14 -22.05 -24.74
C VAL D 15 -51.36 -20.73 -24.60
N GLU D 16 -51.11 -20.27 -23.37
CA GLU D 16 -50.34 -19.06 -23.12
C GLU D 16 -49.96 -18.99 -21.65
N CYS D 17 -48.67 -18.78 -21.36
CA CYS D 17 -48.22 -18.74 -19.98
C CYS D 17 -48.79 -17.52 -19.28
N ASP D 18 -49.48 -17.74 -18.16
CA ASP D 18 -50.21 -16.68 -17.47
C ASP D 18 -49.28 -16.03 -16.44
N PHE D 19 -48.83 -14.82 -16.75
CA PHE D 19 -48.04 -14.01 -15.83
C PHE D 19 -48.91 -13.09 -14.99
N SER D 20 -50.23 -13.26 -15.02
CA SER D 20 -51.12 -12.41 -14.25
C SER D 20 -50.79 -12.34 -12.76
N PRO D 21 -50.46 -13.42 -12.06
CA PRO D 21 -50.13 -13.29 -10.63
C PRO D 21 -48.98 -12.34 -10.35
N LEU D 22 -48.11 -12.09 -11.33
CA LEU D 22 -46.94 -11.24 -11.10
C LEU D 22 -47.31 -9.76 -11.16
N LEU D 23 -48.35 -9.40 -11.91
CA LEU D 23 -48.74 -8.00 -12.10
C LEU D 23 -49.81 -7.52 -11.14
N SER D 24 -50.34 -8.39 -10.27
CA SER D 24 -51.45 -8.04 -9.40
C SER D 24 -51.07 -8.21 -7.94
N GLY D 25 -51.34 -7.18 -7.15
CA GLY D 25 -51.18 -7.26 -5.71
C GLY D 25 -49.84 -6.73 -5.23
N THR D 26 -49.57 -6.99 -3.96
CA THR D 26 -48.35 -6.53 -3.32
C THR D 26 -47.30 -7.64 -3.42
N PRO D 27 -46.15 -7.38 -4.01
CA PRO D 27 -45.12 -8.42 -4.13
C PRO D 27 -44.62 -8.83 -2.76
N PRO D 28 -44.35 -10.12 -2.56
CA PRO D 28 -43.80 -10.56 -1.27
C PRO D 28 -42.35 -10.12 -1.11
N GLN D 29 -41.85 -10.25 0.11
CA GLN D 29 -40.45 -9.96 0.37
C GLN D 29 -39.59 -11.16 -0.01
N VAL D 30 -38.28 -10.91 -0.15
CA VAL D 30 -37.37 -11.89 -0.74
C VAL D 30 -37.44 -13.23 -0.02
N TYR D 31 -37.57 -13.22 1.31
CA TYR D 31 -37.60 -14.47 2.06
C TYR D 31 -38.95 -15.18 1.99
N ASN D 32 -39.99 -14.51 1.52
CA ASN D 32 -41.31 -15.12 1.32
C ASN D 32 -41.65 -15.16 -0.17
N PHE D 33 -40.64 -15.42 -1.00
CA PHE D 33 -40.80 -15.23 -2.44
C PHE D 33 -41.93 -16.10 -2.99
N LYS D 34 -42.68 -15.53 -3.93
CA LYS D 34 -43.72 -16.27 -4.64
C LYS D 34 -43.12 -16.90 -5.89
N ARG D 35 -43.71 -18.02 -6.30
CA ARG D 35 -43.16 -18.84 -7.38
C ARG D 35 -44.25 -19.15 -8.39
N LEU D 36 -43.93 -18.98 -9.68
CA LEU D 36 -44.83 -19.29 -10.78
C LEU D 36 -44.20 -20.42 -11.59
N VAL D 37 -44.83 -21.59 -11.59
CA VAL D 37 -44.35 -22.76 -12.31
C VAL D 37 -45.12 -22.87 -13.61
N PHE D 38 -44.41 -23.08 -14.72
CA PHE D 38 -44.97 -22.99 -16.05
C PHE D 38 -44.70 -24.27 -16.84
N THR D 39 -45.77 -24.95 -17.22
CA THR D 39 -45.68 -26.13 -18.09
C THR D 39 -46.79 -26.04 -19.14
N ASN D 40 -46.51 -26.60 -20.31
CA ASN D 40 -47.51 -26.75 -21.37
C ASN D 40 -48.13 -25.41 -21.76
N CYS D 41 -47.28 -24.42 -21.97
CA CYS D 41 -47.75 -23.08 -22.31
C CYS D 41 -46.76 -22.43 -23.26
N ASN D 42 -47.17 -21.28 -23.80
CA ASN D 42 -46.37 -20.48 -24.71
C ASN D 42 -46.07 -19.14 -24.05
N TYR D 43 -44.81 -18.74 -24.03
CA TYR D 43 -44.40 -17.51 -23.37
C TYR D 43 -43.81 -16.53 -24.37
N ASN D 44 -43.94 -15.24 -24.05
CA ASN D 44 -43.21 -14.17 -24.71
C ASN D 44 -42.53 -13.37 -23.61
N LEU D 45 -41.26 -13.68 -23.34
CA LEU D 45 -40.52 -13.00 -22.28
C LEU D 45 -40.45 -11.50 -22.53
N THR D 46 -40.03 -11.09 -23.73
CA THR D 46 -39.86 -9.67 -24.04
C THR D 46 -41.15 -8.90 -23.85
N LYS D 47 -42.30 -9.56 -24.06
CA LYS D 47 -43.58 -8.90 -23.83
C LYS D 47 -43.77 -8.58 -22.36
N LEU D 48 -43.36 -9.49 -21.48
CA LEU D 48 -43.46 -9.24 -20.04
C LEU D 48 -42.45 -8.19 -19.59
N LEU D 49 -41.18 -8.37 -19.96
CA LEU D 49 -40.14 -7.41 -19.59
C LEU D 49 -40.35 -6.04 -20.23
N SER D 50 -41.23 -5.93 -21.23
CA SER D 50 -41.61 -4.64 -21.79
C SER D 50 -42.56 -3.86 -20.89
N LEU D 51 -43.11 -4.49 -19.85
CA LEU D 51 -43.94 -3.80 -18.88
C LEU D 51 -43.13 -3.17 -17.75
N PHE D 52 -41.85 -3.54 -17.63
CA PHE D 52 -41.00 -3.11 -16.55
C PHE D 52 -39.87 -2.22 -17.07
N SER D 53 -39.06 -1.74 -16.15
CA SER D 53 -37.83 -1.02 -16.46
C SER D 53 -36.68 -1.91 -15.98
N VAL D 54 -36.24 -2.80 -16.86
CA VAL D 54 -35.26 -3.83 -16.50
C VAL D 54 -33.88 -3.20 -16.37
N ASN D 55 -33.31 -3.25 -15.17
CA ASN D 55 -32.02 -2.63 -14.89
C ASN D 55 -30.86 -3.61 -15.07
N ASP D 56 -31.03 -4.85 -14.62
CA ASP D 56 -29.98 -5.86 -14.75
C ASP D 56 -30.59 -7.17 -15.21
N PHE D 57 -29.84 -7.89 -16.04
CA PHE D 57 -30.30 -9.16 -16.61
C PHE D 57 -29.06 -10.03 -16.73
N THR D 58 -28.84 -10.90 -15.74
CA THR D 58 -27.68 -11.79 -15.68
C THR D 58 -28.17 -13.23 -15.61
N CYS D 59 -27.62 -14.08 -16.48
CA CYS D 59 -28.00 -15.48 -16.57
C CYS D 59 -26.79 -16.38 -16.35
N SER D 60 -27.04 -17.57 -15.83
CA SER D 60 -26.00 -18.57 -15.58
C SER D 60 -26.26 -19.80 -16.43
N GLN D 61 -25.20 -20.30 -17.07
CA GLN D 61 -25.23 -21.45 -17.98
C GLN D 61 -26.15 -21.24 -19.18
N ILE D 62 -26.60 -20.01 -19.40
CA ILE D 62 -27.48 -19.70 -20.52
C ILE D 62 -27.39 -18.19 -20.72
N SER D 63 -27.78 -17.73 -21.91
CA SER D 63 -27.70 -16.31 -22.18
C SER D 63 -29.08 -15.65 -22.11
N PRO D 64 -29.14 -14.36 -21.76
CA PRO D 64 -30.43 -13.66 -21.76
C PRO D 64 -31.13 -13.67 -23.11
N ALA D 65 -30.37 -13.80 -24.21
CA ALA D 65 -30.99 -13.93 -25.52
C ALA D 65 -31.60 -15.31 -25.72
N ALA D 66 -31.01 -16.35 -25.12
CA ALA D 66 -31.52 -17.71 -25.29
C ALA D 66 -32.69 -18.02 -24.37
N ILE D 67 -32.74 -17.38 -23.19
CA ILE D 67 -33.80 -17.68 -22.23
C ILE D 67 -35.16 -17.30 -22.79
N ALA D 68 -35.20 -16.29 -23.65
CA ALA D 68 -36.46 -15.80 -24.22
C ALA D 68 -36.84 -16.49 -25.52
N SER D 69 -36.01 -17.43 -26.01
CA SER D 69 -36.25 -17.98 -27.33
C SER D 69 -36.08 -19.50 -27.41
N ASN D 70 -35.89 -20.19 -26.30
CA ASN D 70 -35.68 -21.63 -26.31
C ASN D 70 -36.84 -22.36 -25.63
N CYS D 71 -36.85 -23.67 -25.82
CA CYS D 71 -37.89 -24.55 -25.30
C CYS D 71 -37.37 -25.35 -24.12
N TYR D 72 -38.21 -25.48 -23.09
CA TYR D 72 -37.87 -26.21 -21.87
C TYR D 72 -39.06 -27.07 -21.47
N SER D 73 -38.77 -28.12 -20.70
CA SER D 73 -39.84 -28.97 -20.21
C SER D 73 -40.62 -28.30 -19.08
N SER D 74 -39.95 -27.50 -18.26
CA SER D 74 -40.58 -26.80 -17.16
C SER D 74 -39.80 -25.53 -16.88
N LEU D 75 -40.53 -24.45 -16.60
CA LEU D 75 -39.92 -23.14 -16.33
C LEU D 75 -40.46 -22.62 -15.01
N ILE D 76 -39.55 -22.22 -14.12
CA ILE D 76 -39.89 -21.67 -12.82
C ILE D 76 -39.57 -20.18 -12.84
N LEU D 77 -40.42 -19.39 -12.20
CA LEU D 77 -40.22 -17.94 -12.11
C LEU D 77 -40.51 -17.50 -10.68
N ASP D 78 -39.46 -17.30 -9.89
CA ASP D 78 -39.60 -16.75 -8.54
C ASP D 78 -39.59 -15.23 -8.63
N TYR D 79 -40.61 -14.60 -8.03
CA TYR D 79 -40.69 -13.14 -8.04
C TYR D 79 -40.92 -12.64 -6.62
N PHE D 80 -40.34 -11.48 -6.33
CA PHE D 80 -40.36 -10.91 -4.99
C PHE D 80 -39.90 -9.46 -5.09
N SER D 81 -40.10 -8.73 -4.00
CA SER D 81 -39.64 -7.35 -3.92
C SER D 81 -38.17 -7.32 -3.55
N TYR D 82 -37.40 -6.47 -4.22
CA TYR D 82 -35.98 -6.43 -3.93
C TYR D 82 -35.37 -5.10 -4.35
N PRO D 83 -34.65 -4.42 -3.45
CA PRO D 83 -34.06 -3.14 -3.80
C PRO D 83 -32.86 -3.31 -4.72
N LEU D 84 -32.72 -2.37 -5.66
CA LEU D 84 -31.58 -2.41 -6.59
C LEU D 84 -30.26 -2.14 -5.89
N SER D 85 -30.29 -1.51 -4.71
CA SER D 85 -29.06 -1.19 -3.98
C SER D 85 -28.32 -2.46 -3.56
N MET D 86 -29.06 -3.51 -3.18
CA MET D 86 -28.46 -4.77 -2.76
C MET D 86 -28.29 -5.75 -3.91
N LYS D 87 -28.08 -5.26 -5.13
CA LYS D 87 -27.88 -6.13 -6.28
C LYS D 87 -26.70 -7.07 -6.08
N SER D 88 -25.63 -6.58 -5.41
CA SER D 88 -24.43 -7.36 -5.21
C SER D 88 -24.67 -8.62 -4.37
N ASP D 89 -25.77 -8.67 -3.62
CA ASP D 89 -26.04 -9.78 -2.73
C ASP D 89 -26.87 -10.90 -3.35
N LEU D 90 -27.39 -10.70 -4.56
CA LEU D 90 -28.18 -11.71 -5.25
C LEU D 90 -27.32 -12.68 -6.06
N SER D 91 -26.00 -12.62 -5.91
CA SER D 91 -25.13 -13.62 -6.52
C SER D 91 -25.11 -14.87 -5.66
N VAL D 92 -25.30 -16.03 -6.29
CA VAL D 92 -25.32 -17.29 -5.57
C VAL D 92 -23.97 -17.61 -4.96
N SER D 93 -22.90 -17.01 -5.48
CA SER D 93 -21.56 -17.19 -4.90
C SER D 93 -21.35 -16.37 -3.64
N SER D 94 -22.12 -15.30 -3.44
CA SER D 94 -21.93 -14.45 -2.28
C SER D 94 -22.31 -15.19 -1.00
N ALA D 95 -21.69 -14.77 0.10
CA ALA D 95 -22.08 -15.22 1.44
C ALA D 95 -22.49 -13.96 2.19
N GLY D 96 -23.71 -13.51 1.94
CA GLY D 96 -24.30 -12.38 2.60
C GLY D 96 -25.67 -12.77 3.09
N PRO D 97 -26.30 -11.91 3.88
CA PRO D 97 -27.56 -12.33 4.53
C PRO D 97 -28.74 -12.30 3.58
N ILE D 98 -28.53 -12.74 2.34
CA ILE D 98 -29.61 -12.91 1.37
C ILE D 98 -29.53 -14.33 0.83
N SER D 99 -28.37 -14.66 0.25
CA SER D 99 -28.06 -16.02 -0.18
C SER D 99 -27.70 -16.94 0.98
N GLN D 100 -27.63 -16.41 2.19
CA GLN D 100 -27.42 -17.24 3.38
C GLN D 100 -28.74 -17.63 4.04
N PHE D 101 -29.68 -16.70 4.13
CA PHE D 101 -30.91 -16.93 4.88
C PHE D 101 -32.20 -16.67 4.10
N ASN D 102 -32.14 -16.08 2.93
CA ASN D 102 -33.37 -15.61 2.29
C ASN D 102 -33.67 -16.31 0.96
N TYR D 103 -32.75 -16.30 0.01
CA TYR D 103 -33.10 -16.78 -1.32
C TYR D 103 -31.84 -17.27 -2.03
N LYS D 104 -31.93 -18.45 -2.63
CA LYS D 104 -30.81 -19.07 -3.31
C LYS D 104 -31.31 -19.83 -4.53
N GLN D 105 -30.59 -19.67 -5.64
CA GLN D 105 -30.91 -20.38 -6.88
C GLN D 105 -30.06 -21.64 -6.97
N SER D 106 -30.57 -22.61 -7.73
CA SER D 106 -29.88 -23.88 -7.89
C SER D 106 -28.79 -23.77 -8.95
N PHE D 107 -27.71 -24.52 -8.74
CA PHE D 107 -26.62 -24.56 -9.71
C PHE D 107 -26.81 -25.64 -10.76
N SER D 108 -27.67 -26.63 -10.50
CA SER D 108 -27.82 -27.80 -11.35
C SER D 108 -28.68 -27.56 -12.59
N ASN D 109 -29.11 -26.33 -12.83
CA ASN D 109 -29.96 -26.00 -13.97
C ASN D 109 -29.71 -24.55 -14.35
N PRO D 110 -29.96 -24.17 -15.61
CA PRO D 110 -29.72 -22.78 -16.03
C PRO D 110 -30.64 -21.82 -15.29
N THR D 111 -30.03 -20.79 -14.69
CA THR D 111 -30.76 -19.79 -13.92
C THR D 111 -30.51 -18.41 -14.49
N CYS D 112 -31.54 -17.57 -14.37
CA CYS D 112 -31.45 -16.17 -14.80
C CYS D 112 -31.95 -15.28 -13.67
N LEU D 113 -31.41 -14.06 -13.63
CA LEU D 113 -31.68 -13.11 -12.55
C LEU D 113 -32.03 -11.76 -13.15
N ILE D 114 -33.23 -11.27 -12.86
CA ILE D 114 -33.75 -10.04 -13.44
C ILE D 114 -34.11 -9.10 -12.29
N LEU D 115 -33.49 -7.91 -12.29
CA LEU D 115 -33.87 -6.84 -11.39
C LEU D 115 -34.61 -5.77 -12.18
N ALA D 116 -35.84 -5.49 -11.79
CA ALA D 116 -36.70 -4.57 -12.53
C ALA D 116 -37.11 -3.40 -11.66
N THR D 117 -37.80 -2.45 -12.29
CA THR D 117 -38.34 -1.28 -11.62
C THR D 117 -39.76 -1.05 -12.15
N VAL D 118 -40.72 -0.96 -11.23
CA VAL D 118 -42.14 -0.85 -11.60
C VAL D 118 -42.42 0.56 -12.11
N PRO D 119 -42.73 0.72 -13.40
CA PRO D 119 -42.91 2.07 -13.94
C PRO D 119 -44.17 2.74 -13.39
N HIS D 120 -44.27 4.04 -13.64
CA HIS D 120 -45.39 4.81 -13.12
C HIS D 120 -46.71 4.36 -13.72
N ASN D 121 -46.69 3.86 -14.95
CA ASN D 121 -47.90 3.45 -15.65
C ASN D 121 -48.24 1.98 -15.46
N LEU D 122 -47.69 1.35 -14.42
CA LEU D 122 -48.02 -0.02 -14.03
C LEU D 122 -48.53 0.07 -12.60
N THR D 123 -49.82 0.35 -12.45
CA THR D 123 -50.41 0.73 -11.18
C THR D 123 -51.06 -0.42 -10.43
N THR D 124 -51.10 -1.61 -11.03
CA THR D 124 -51.66 -2.79 -10.37
C THR D 124 -50.65 -3.51 -9.48
N ILE D 125 -49.48 -2.91 -9.23
CA ILE D 125 -48.49 -3.44 -8.31
C ILE D 125 -48.35 -2.46 -7.17
N THR D 126 -48.83 -2.86 -5.99
CA THR D 126 -48.82 -1.96 -4.83
C THR D 126 -47.47 -2.06 -4.11
N LYS D 127 -47.09 -0.98 -3.47
CA LYS D 127 -45.83 -0.99 -2.76
C LYS D 127 -46.06 -1.29 -1.28
N PRO D 128 -45.08 -1.95 -0.63
CA PRO D 128 -45.13 -2.08 0.83
C PRO D 128 -44.48 -0.90 1.52
N LEU D 129 -44.36 -0.97 2.85
CA LEU D 129 -43.71 0.12 3.59
C LEU D 129 -42.22 0.19 3.29
N LYS D 130 -41.56 -0.96 3.16
CA LYS D 130 -40.12 -1.00 3.00
C LYS D 130 -39.68 -2.40 2.58
N TYR D 131 -38.48 -2.49 2.05
CA TYR D 131 -37.84 -3.77 1.79
C TYR D 131 -37.33 -4.34 3.10
N SER D 132 -37.53 -5.64 3.29
CA SER D 132 -37.10 -6.33 4.50
C SER D 132 -36.34 -7.59 4.12
N TYR D 133 -35.46 -8.04 5.00
CA TYR D 133 -34.77 -9.29 4.75
C TYR D 133 -34.22 -9.84 6.06
N ILE D 134 -34.13 -11.17 6.11
CA ILE D 134 -33.59 -11.89 7.25
C ILE D 134 -32.07 -11.80 7.18
N ASN D 135 -31.46 -11.17 8.19
CA ASN D 135 -30.00 -11.11 8.25
C ASN D 135 -29.43 -12.02 9.33
N LYS D 136 -30.26 -12.82 9.97
CA LYS D 136 -29.78 -13.88 10.86
C LYS D 136 -30.91 -14.88 11.08
N CYS D 137 -30.60 -16.16 10.91
CA CYS D 137 -31.57 -17.23 11.18
C CYS D 137 -30.76 -18.45 11.61
N SER D 138 -30.68 -18.67 12.92
CA SER D 138 -29.97 -19.81 13.48
C SER D 138 -30.87 -20.51 14.48
N ARG D 139 -30.39 -21.64 14.98
CA ARG D 139 -31.13 -22.45 15.93
C ARG D 139 -30.29 -22.68 17.16
N LEU D 140 -30.94 -22.69 18.32
CA LEU D 140 -30.27 -22.93 19.59
C LEU D 140 -30.69 -24.31 20.08
N LEU D 141 -29.71 -25.19 20.28
CA LEU D 141 -30.00 -26.55 20.70
C LEU D 141 -30.33 -26.60 22.19
N SER D 142 -30.77 -27.78 22.64
CA SER D 142 -31.17 -27.96 24.03
C SER D 142 -30.04 -27.69 25.00
N ASP D 143 -28.79 -27.76 24.54
CA ASP D 143 -27.66 -27.39 25.39
C ASP D 143 -27.73 -25.95 25.86
N ASP D 144 -28.50 -25.12 25.16
CA ASP D 144 -28.58 -23.68 25.41
C ASP D 144 -27.23 -23.00 25.26
N ARG D 145 -26.32 -23.63 24.53
CA ARG D 145 -24.96 -23.11 24.38
C ARG D 145 -24.51 -23.16 22.91
N THR D 146 -25.10 -24.05 22.12
CA THR D 146 -24.66 -24.29 20.76
C THR D 146 -25.58 -23.59 19.77
N GLU D 147 -24.98 -22.79 18.88
CA GLU D 147 -25.71 -22.13 17.80
C GLU D 147 -25.47 -22.87 16.50
N VAL D 148 -26.54 -23.05 15.72
CA VAL D 148 -26.45 -23.73 14.43
C VAL D 148 -27.15 -22.86 13.39
N PRO D 149 -26.40 -22.06 12.62
CA PRO D 149 -27.04 -21.20 11.61
C PRO D 149 -27.77 -22.01 10.54
N GLN D 150 -29.01 -21.61 10.28
CA GLN D 150 -29.87 -22.31 9.33
C GLN D 150 -29.71 -21.66 7.96
N LEU D 151 -28.69 -22.10 7.23
CA LEU D 151 -28.49 -21.60 5.88
C LEU D 151 -29.53 -22.20 4.94
N VAL D 152 -30.12 -21.34 4.12
CA VAL D 152 -31.23 -21.74 3.25
C VAL D 152 -30.69 -22.53 2.06
N ASN D 153 -31.43 -23.57 1.67
CA ASN D 153 -31.11 -24.36 0.50
C ASN D 153 -31.85 -23.81 -0.73
N ALA D 154 -31.37 -24.21 -1.90
CA ALA D 154 -31.93 -23.70 -3.14
C ALA D 154 -33.36 -24.16 -3.35
N ASN D 155 -34.18 -23.27 -3.91
CA ASN D 155 -35.57 -23.57 -4.27
C ASN D 155 -36.38 -24.01 -3.05
N GLN D 156 -36.00 -23.52 -1.87
CA GLN D 156 -36.70 -23.81 -0.63
C GLN D 156 -36.76 -22.56 0.21
N TYR D 157 -37.70 -22.54 1.15
CA TYR D 157 -37.89 -21.41 2.05
C TYR D 157 -36.99 -21.56 3.28
N SER D 158 -36.69 -20.43 3.91
CA SER D 158 -35.96 -20.45 5.16
C SER D 158 -36.89 -20.91 6.29
N PRO D 159 -36.40 -21.74 7.21
CA PRO D 159 -37.26 -22.18 8.32
C PRO D 159 -37.79 -21.03 9.16
N CYS D 160 -37.04 -19.93 9.24
CA CYS D 160 -37.39 -18.82 10.11
C CYS D 160 -38.57 -18.00 9.60
N VAL D 161 -39.17 -18.33 8.46
CA VAL D 161 -40.35 -17.61 7.99
C VAL D 161 -41.58 -17.88 8.86
N SER D 162 -41.50 -18.86 9.76
CA SER D 162 -42.59 -19.07 10.71
C SER D 162 -42.61 -17.99 11.78
N ILE D 163 -41.44 -17.39 12.08
CA ILE D 163 -41.33 -16.40 13.14
C ILE D 163 -40.99 -15.01 12.61
N VAL D 164 -40.58 -14.89 11.35
CA VAL D 164 -40.28 -13.59 10.73
C VAL D 164 -41.54 -13.10 10.03
N PRO D 165 -42.03 -11.91 10.34
CA PRO D 165 -43.30 -11.44 9.74
C PRO D 165 -43.13 -11.06 8.28
N SER D 166 -44.27 -10.99 7.60
CA SER D 166 -44.28 -10.70 6.16
C SER D 166 -43.57 -9.40 5.82
N THR D 167 -43.52 -8.46 6.76
CA THR D 167 -42.79 -7.22 6.59
C THR D 167 -42.16 -6.84 7.93
N VAL D 168 -40.83 -6.79 7.96
CA VAL D 168 -40.13 -6.46 9.20
C VAL D 168 -40.49 -5.05 9.62
N TRP D 169 -40.87 -4.89 10.88
CA TRP D 169 -41.30 -3.58 11.37
C TRP D 169 -40.13 -2.60 11.43
N GLU D 170 -39.04 -3.00 12.07
CA GLU D 170 -37.91 -2.09 12.27
C GLU D 170 -36.61 -2.87 12.13
N ASP D 171 -35.62 -2.22 11.51
CA ASP D 171 -34.29 -2.80 11.35
C ASP D 171 -33.70 -3.15 12.70
N GLY D 172 -33.53 -4.44 12.96
CA GLY D 172 -32.98 -4.94 14.21
C GLY D 172 -33.92 -5.80 15.03
N ASP D 173 -35.22 -5.75 14.74
CA ASP D 173 -36.19 -6.57 15.46
C ASP D 173 -35.81 -8.05 15.39
N TYR D 174 -35.76 -8.69 16.54
CA TYR D 174 -35.47 -10.12 16.62
C TYR D 174 -36.73 -10.89 16.97
N TYR D 175 -36.73 -12.17 16.61
CA TYR D 175 -37.88 -13.05 16.80
C TYR D 175 -37.41 -14.38 17.37
N ARG D 176 -38.30 -15.02 18.11
CA ARG D 176 -37.93 -16.23 18.84
C ARG D 176 -39.12 -17.18 18.88
N LYS D 177 -38.82 -18.48 18.85
CA LYS D 177 -39.83 -19.53 18.99
C LYS D 177 -39.18 -20.71 19.66
N GLN D 178 -39.85 -21.28 20.65
CA GLN D 178 -39.29 -22.38 21.43
C GLN D 178 -39.74 -23.70 20.82
N LEU D 179 -38.79 -24.56 20.49
CA LEU D 179 -39.09 -25.81 19.80
C LEU D 179 -39.50 -26.90 20.79
N SER D 180 -40.55 -27.62 20.42
CA SER D 180 -40.99 -28.77 21.20
C SER D 180 -39.94 -29.88 21.11
N PRO D 181 -39.88 -30.76 22.12
CA PRO D 181 -38.86 -31.81 22.10
C PRO D 181 -38.87 -32.67 20.84
N LEU D 182 -40.06 -33.01 20.33
CA LEU D 182 -40.14 -33.74 19.07
C LEU D 182 -39.53 -32.95 17.93
N GLU D 183 -39.67 -31.63 17.94
CA GLU D 183 -39.12 -30.76 16.91
C GLU D 183 -37.65 -30.43 17.11
N GLY D 184 -36.98 -31.08 18.07
CA GLY D 184 -35.56 -30.93 18.28
C GLY D 184 -35.18 -30.22 19.57
N GLY D 185 -36.13 -29.58 20.25
CA GLY D 185 -35.84 -28.85 21.46
C GLY D 185 -35.01 -27.61 21.22
N GLY D 186 -34.96 -26.72 22.22
CA GLY D 186 -34.19 -25.51 22.08
C GLY D 186 -34.99 -24.36 21.48
N TRP D 187 -34.34 -23.54 20.66
CA TRP D 187 -34.93 -22.30 20.17
C TRP D 187 -34.71 -22.15 18.68
N LEU D 188 -35.66 -21.48 18.03
CA LEU D 188 -35.51 -20.97 16.67
C LEU D 188 -35.47 -19.46 16.75
N VAL D 189 -34.38 -18.85 16.27
CA VAL D 189 -34.06 -17.46 16.54
C VAL D 189 -33.70 -16.77 15.23
N ALA D 190 -34.25 -15.57 15.02
CA ALA D 190 -34.01 -14.83 13.78
C ALA D 190 -33.98 -13.33 14.06
N SER D 191 -33.25 -12.61 13.21
CA SER D 191 -33.18 -11.16 13.25
C SER D 191 -33.43 -10.61 11.85
N GLY D 192 -34.17 -9.50 11.79
CA GLY D 192 -34.50 -8.91 10.51
C GLY D 192 -33.86 -7.56 10.28
N SER D 193 -33.81 -7.14 9.01
CA SER D 193 -33.31 -5.82 8.65
C SER D 193 -34.21 -5.24 7.57
N THR D 194 -34.06 -3.94 7.34
CA THR D 194 -34.91 -3.23 6.40
C THR D 194 -34.08 -2.28 5.55
N VAL D 195 -34.57 -2.00 4.35
CA VAL D 195 -34.05 -0.95 3.49
C VAL D 195 -35.23 -0.08 3.06
N ALA D 196 -35.03 1.23 3.10
CA ALA D 196 -36.12 2.17 2.87
C ALA D 196 -36.67 2.03 1.46
N MET D 197 -38.00 2.17 1.32
CA MET D 197 -38.66 1.99 0.04
C MET D 197 -38.21 3.07 -0.95
N THR D 198 -38.08 2.67 -2.21
CA THR D 198 -37.76 3.58 -3.29
C THR D 198 -39.04 4.25 -3.80
N GLU D 199 -38.86 5.30 -4.61
CA GLU D 199 -40.00 5.98 -5.20
C GLU D 199 -40.80 5.03 -6.08
N GLN D 200 -40.12 4.32 -6.97
CA GLN D 200 -40.73 3.27 -7.78
C GLN D 200 -40.29 1.93 -7.23
N LEU D 201 -41.25 1.01 -7.06
CA LEU D 201 -40.94 -0.27 -6.45
C LEU D 201 -39.96 -1.05 -7.34
N GLN D 202 -38.84 -1.45 -6.74
CA GLN D 202 -37.83 -2.25 -7.41
C GLN D 202 -38.04 -3.71 -7.04
N MET D 203 -38.02 -4.58 -8.05
CA MET D 203 -38.35 -5.99 -7.85
C MET D 203 -37.21 -6.86 -8.35
N GLY D 204 -37.27 -8.13 -7.97
CA GLY D 204 -36.35 -9.13 -8.49
C GLY D 204 -37.09 -10.33 -9.02
N PHE D 205 -36.63 -10.84 -10.16
CA PHE D 205 -37.18 -12.03 -10.80
C PHE D 205 -36.09 -13.08 -10.93
N GLY D 206 -36.44 -14.34 -10.67
CA GLY D 206 -35.51 -15.43 -10.84
C GLY D 206 -36.08 -16.57 -11.66
N ILE D 207 -35.50 -16.82 -12.84
CA ILE D 207 -35.97 -17.85 -13.75
C ILE D 207 -35.09 -19.09 -13.59
N THR D 208 -35.70 -20.26 -13.68
CA THR D 208 -34.97 -21.53 -13.57
C THR D 208 -35.66 -22.54 -14.48
N VAL D 209 -34.93 -23.04 -15.47
CA VAL D 209 -35.51 -23.91 -16.49
C VAL D 209 -35.05 -25.35 -16.24
N GLN D 210 -35.88 -26.30 -16.67
CA GLN D 210 -35.63 -27.71 -16.46
C GLN D 210 -35.97 -28.48 -17.72
N TYR D 211 -35.23 -29.56 -17.97
CA TYR D 211 -35.38 -30.36 -19.18
C TYR D 211 -35.79 -31.78 -18.80
N GLY D 212 -36.90 -32.24 -19.38
CA GLY D 212 -37.42 -33.56 -19.14
C GLY D 212 -37.49 -34.36 -20.44
N THR D 213 -37.86 -35.64 -20.30
CA THR D 213 -37.78 -36.60 -21.39
C THR D 213 -38.60 -36.20 -22.61
N ASP D 214 -39.93 -36.15 -22.47
CA ASP D 214 -40.82 -35.84 -23.58
C ASP D 214 -41.59 -34.54 -23.39
N THR D 215 -41.50 -33.90 -22.22
CA THR D 215 -42.42 -32.84 -21.84
C THR D 215 -41.95 -31.46 -22.31
N ASN D 216 -41.20 -31.38 -23.40
CA ASN D 216 -40.64 -30.10 -23.83
C ASN D 216 -41.77 -29.19 -24.33
N SER D 217 -42.54 -28.67 -23.38
CA SER D 217 -43.83 -28.06 -23.66
C SER D 217 -43.89 -26.58 -23.30
N VAL D 218 -42.77 -25.96 -22.97
CA VAL D 218 -42.72 -24.51 -22.73
C VAL D 218 -41.85 -23.92 -23.83
N CYS D 219 -42.49 -23.46 -24.90
CA CYS D 219 -41.83 -22.88 -26.06
C CYS D 219 -42.30 -21.45 -26.27
N PRO D 220 -41.46 -20.59 -26.86
CA PRO D 220 -41.93 -19.25 -27.21
C PRO D 220 -42.95 -19.32 -28.33
N LYS D 221 -43.98 -18.48 -28.23
CA LYS D 221 -45.07 -18.51 -29.19
C LYS D 221 -44.62 -17.88 -30.52
N LEU D 222 -45.47 -18.05 -31.53
CA LEU D 222 -45.26 -17.41 -32.83
C LEU D 222 -46.57 -16.78 -33.31
N ARG E 2 -8.23 -27.22 -92.86
CA ARG E 2 -7.82 -26.66 -91.59
C ARG E 2 -7.43 -27.74 -90.60
N ARG E 3 -6.45 -27.45 -89.75
CA ARG E 3 -5.91 -28.44 -88.83
C ARG E 3 -6.93 -28.79 -87.75
N THR E 4 -6.64 -29.86 -87.02
CA THR E 4 -7.48 -30.35 -85.95
C THR E 4 -6.70 -30.32 -84.64
N TYR E 5 -7.42 -30.54 -83.54
CA TYR E 5 -6.79 -30.61 -82.23
C TYR E 5 -6.05 -31.93 -82.13
N THR E 6 -4.74 -31.91 -82.35
CA THR E 6 -3.97 -33.14 -82.37
C THR E 6 -3.81 -33.67 -80.94
N LEU E 7 -3.45 -34.95 -80.85
CA LEU E 7 -3.15 -35.54 -79.55
C LEU E 7 -1.98 -34.83 -78.89
N ALA E 8 -0.98 -34.45 -79.69
CA ALA E 8 0.16 -33.70 -79.16
C ALA E 8 -0.28 -32.33 -78.64
N ASP E 9 -1.38 -31.78 -79.16
CA ASP E 9 -1.89 -30.51 -78.65
C ASP E 9 -2.39 -30.65 -77.23
N TYR E 10 -2.90 -31.82 -76.85
CA TYR E 10 -3.34 -32.05 -75.49
C TYR E 10 -2.16 -32.39 -74.58
N LEU E 11 -1.36 -33.38 -74.97
CA LEU E 11 -0.32 -33.90 -74.08
C LEU E 11 0.86 -32.94 -73.93
N LYS E 12 1.12 -32.09 -74.91
CA LYS E 12 2.24 -31.16 -74.83
C LYS E 12 1.83 -29.73 -74.48
N SER E 13 0.53 -29.45 -74.46
CA SER E 13 0.01 -28.13 -74.05
C SER E 13 0.68 -27.00 -74.81
N THR E 14 0.84 -27.19 -76.12
CA THR E 14 1.31 -26.11 -76.98
C THR E 14 0.32 -24.95 -76.96
N ILE E 15 -0.97 -25.27 -76.99
CA ILE E 15 -2.04 -24.27 -77.01
C ILE E 15 -2.41 -24.01 -75.56
N ARG E 16 -1.76 -23.02 -74.96
CA ARG E 16 -1.92 -22.77 -73.53
C ARG E 16 -3.17 -21.93 -73.27
N MET E 17 -3.76 -22.15 -72.09
CA MET E 17 -4.85 -21.33 -71.60
C MET E 17 -4.36 -20.59 -70.36
N ARG E 18 -4.43 -19.26 -70.39
CA ARG E 18 -3.97 -18.46 -69.27
C ARG E 18 -5.07 -18.31 -68.22
N ASN E 19 -4.66 -17.84 -67.06
CA ASN E 19 -5.58 -17.57 -65.95
C ASN E 19 -4.96 -16.50 -65.06
N TYR E 20 -5.81 -15.79 -64.34
CA TYR E 20 -5.39 -14.71 -63.47
C TYR E 20 -5.59 -15.16 -62.03
N ASN E 21 -4.48 -15.46 -61.35
CA ASN E 21 -4.49 -15.86 -59.95
C ASN E 21 -3.91 -14.73 -59.11
N LEU E 22 -4.63 -14.35 -58.06
CA LEU E 22 -4.22 -13.21 -57.24
C LEU E 22 -4.52 -13.51 -55.76
N ARG E 23 -3.76 -12.85 -54.89
CA ARG E 23 -3.92 -12.97 -53.45
C ARG E 23 -4.35 -11.62 -52.90
N TRP E 24 -5.62 -11.51 -52.51
CA TRP E 24 -6.09 -10.32 -51.82
C TRP E 24 -5.40 -10.21 -50.47
N ILE E 25 -4.60 -9.16 -50.29
CA ILE E 25 -3.93 -8.90 -49.02
C ILE E 25 -4.53 -7.71 -48.29
N SER E 26 -5.56 -7.09 -48.85
CA SER E 26 -6.21 -5.93 -48.25
C SER E 26 -7.63 -5.86 -48.81
N ASP E 27 -8.30 -4.74 -48.54
CA ASP E 27 -9.61 -4.47 -49.11
C ASP E 27 -9.52 -3.93 -50.53
N HIS E 28 -8.34 -3.46 -50.93
CA HIS E 28 -8.20 -2.85 -52.27
C HIS E 28 -6.89 -3.22 -52.94
N GLU E 29 -6.13 -4.16 -52.40
CA GLU E 29 -4.84 -4.54 -52.94
C GLU E 29 -4.77 -6.05 -53.10
N TYR E 30 -4.04 -6.50 -54.12
CA TYR E 30 -3.86 -7.92 -54.36
C TYR E 30 -2.50 -8.17 -54.96
N LEU E 31 -1.91 -9.31 -54.60
CA LEU E 31 -0.63 -9.74 -55.16
C LEU E 31 -0.86 -10.57 -56.41
N TYR E 32 0.04 -10.42 -57.38
CA TYR E 32 -0.07 -11.16 -58.63
C TYR E 32 1.33 -11.43 -59.17
N LYS E 33 1.53 -12.66 -59.66
CA LYS E 33 2.83 -13.09 -60.16
C LYS E 33 2.88 -12.83 -61.67
N GLN E 34 3.99 -12.25 -62.13
CA GLN E 34 4.11 -11.88 -63.54
C GLN E 34 5.58 -12.06 -63.93
N GLU E 35 5.84 -13.06 -64.77
CA GLU E 35 7.19 -13.39 -65.21
C GLU E 35 8.12 -13.60 -64.02
N ASN E 36 7.66 -14.43 -63.08
CA ASN E 36 8.39 -14.76 -61.86
C ASN E 36 8.70 -13.54 -61.00
N ASN E 37 8.02 -12.42 -61.26
CA ASN E 37 8.01 -11.28 -60.36
C ASN E 37 6.67 -11.21 -59.64
N VAL E 38 6.71 -10.92 -58.35
CA VAL E 38 5.48 -10.74 -57.57
C VAL E 38 5.16 -9.25 -57.55
N LEU E 39 4.01 -8.88 -58.10
CA LEU E 39 3.61 -7.50 -58.26
C LEU E 39 2.47 -7.17 -57.32
N LEU E 40 2.51 -5.97 -56.75
CA LEU E 40 1.44 -5.46 -55.89
C LEU E 40 0.57 -4.51 -56.73
N PHE E 41 -0.73 -4.78 -56.77
CA PHE E 41 -1.65 -3.98 -57.55
C PHE E 41 -2.59 -3.22 -56.62
N ASN E 42 -2.96 -2.00 -57.00
CA ASN E 42 -3.87 -1.22 -56.16
C ASN E 42 -5.15 -1.07 -56.96
N ALA E 43 -6.19 -1.78 -56.57
CA ALA E 43 -7.45 -1.78 -57.32
C ALA E 43 -8.06 -0.40 -57.40
N ASP E 44 -8.00 0.38 -56.33
CA ASP E 44 -8.60 1.73 -56.25
C ASP E 44 -8.32 2.53 -57.52
N HIS E 45 -7.07 2.92 -57.70
CA HIS E 45 -6.68 3.73 -58.89
C HIS E 45 -6.35 2.80 -60.05
N GLY E 46 -5.38 1.91 -59.86
CA GLY E 46 -5.11 0.97 -60.94
C GLY E 46 -3.63 0.87 -61.19
N ASN E 47 -2.81 1.60 -60.43
CA ASN E 47 -1.39 1.51 -60.69
C ASN E 47 -0.80 0.27 -60.01
N SER E 48 0.49 0.04 -60.26
CA SER E 48 1.13 -1.19 -59.82
C SER E 48 2.60 -0.92 -59.50
N SER E 49 3.18 -1.82 -58.71
CA SER E 49 4.58 -1.74 -58.36
C SER E 49 5.11 -3.14 -58.06
N THR E 50 6.39 -3.34 -58.33
CA THR E 50 7.01 -4.64 -58.08
C THR E 50 7.20 -4.86 -56.59
N PHE E 51 6.56 -5.89 -56.06
CA PHE E 51 6.63 -6.22 -54.64
C PHE E 51 7.81 -7.12 -54.32
N LEU E 52 8.23 -7.96 -55.27
CA LEU E 52 9.26 -8.97 -55.01
C LEU E 52 9.90 -9.31 -56.34
N GLU E 53 11.20 -9.02 -56.48
CA GLU E 53 11.87 -9.23 -57.76
C GLU E 53 12.11 -10.70 -58.03
N ASN E 54 12.26 -11.03 -59.31
CA ASN E 54 12.68 -12.36 -59.72
C ASN E 54 14.18 -12.58 -59.53
N SER E 55 14.90 -11.56 -59.07
CA SER E 55 16.25 -11.78 -58.55
C SER E 55 16.21 -12.82 -57.44
N THR E 56 15.28 -12.65 -56.49
CA THR E 56 14.97 -13.69 -55.53
C THR E 56 14.30 -14.87 -56.25
N PHE E 57 14.06 -15.93 -55.48
CA PHE E 57 13.65 -17.25 -55.98
C PHE E 57 14.85 -17.92 -56.64
N ASP E 58 15.89 -17.13 -56.91
CA ASP E 58 17.11 -17.61 -57.55
C ASP E 58 18.39 -17.10 -56.91
N GLN E 59 18.38 -15.96 -56.22
CA GLN E 59 19.62 -15.44 -55.64
C GLN E 59 20.02 -16.23 -54.40
N PHE E 60 19.05 -16.81 -53.70
CA PHE E 60 19.35 -17.74 -52.63
C PHE E 60 19.79 -19.08 -53.22
N GLY E 61 20.57 -19.82 -52.44
CA GLY E 61 21.17 -21.06 -52.90
C GLY E 61 20.22 -22.12 -53.42
N HIS E 62 18.92 -21.92 -53.27
CA HIS E 62 17.94 -22.93 -53.64
C HIS E 62 16.80 -22.30 -54.41
N SER E 63 16.22 -23.08 -55.31
CA SER E 63 15.00 -22.67 -56.01
C SER E 63 13.84 -22.64 -55.02
N ILE E 64 13.13 -21.52 -54.99
CA ILE E 64 12.07 -21.30 -54.01
C ILE E 64 10.75 -21.69 -54.65
N SER E 65 10.03 -22.61 -53.99
CA SER E 65 8.80 -23.14 -54.56
C SER E 65 7.66 -22.12 -54.46
N ASP E 66 7.40 -21.61 -53.26
CA ASP E 66 6.26 -20.75 -53.02
C ASP E 66 6.65 -19.65 -52.04
N TYR E 67 5.74 -18.70 -51.84
CA TYR E 67 5.96 -17.59 -50.94
C TYR E 67 4.68 -17.29 -50.17
N SER E 68 4.84 -16.60 -49.04
CA SER E 68 3.72 -16.20 -48.22
C SER E 68 4.12 -14.93 -47.48
N VAL E 69 3.24 -13.93 -47.52
CA VAL E 69 3.52 -12.61 -46.98
C VAL E 69 2.76 -12.42 -45.68
N SER E 70 3.40 -11.78 -44.69
CA SER E 70 2.75 -11.49 -43.44
C SER E 70 1.64 -10.47 -43.64
N PRO E 71 0.59 -10.52 -42.81
CA PRO E 71 -0.50 -9.53 -42.94
C PRO E 71 -0.04 -8.11 -42.70
N ASP E 72 0.79 -7.87 -41.69
CA ASP E 72 1.33 -6.53 -41.46
C ASP E 72 2.37 -6.14 -42.50
N ARG E 73 2.64 -7.01 -43.48
CA ARG E 73 3.54 -6.71 -44.60
C ARG E 73 4.93 -6.32 -44.11
N GLN E 74 5.44 -7.10 -43.16
CA GLN E 74 6.79 -6.92 -42.65
C GLN E 74 7.74 -8.06 -43.02
N PHE E 75 7.22 -9.26 -43.23
CA PHE E 75 8.05 -10.43 -43.48
C PHE E 75 7.43 -11.26 -44.60
N VAL E 76 8.28 -12.06 -45.24
CA VAL E 76 7.86 -12.99 -46.29
C VAL E 76 8.47 -14.35 -46.01
N LEU E 77 7.69 -15.41 -46.24
CA LEU E 77 8.18 -16.77 -46.16
C LEU E 77 8.57 -17.28 -47.53
N PHE E 78 9.69 -18.00 -47.59
CA PHE E 78 10.18 -18.64 -48.80
C PHE E 78 10.23 -20.14 -48.57
N GLU E 79 9.69 -20.90 -49.51
CA GLU E 79 9.58 -22.34 -49.39
C GLU E 79 10.54 -23.01 -50.36
N TYR E 80 11.46 -23.82 -49.82
CA TYR E 80 12.38 -24.61 -50.64
C TYR E 80 12.48 -26.01 -50.04
N ASN E 81 13.22 -26.87 -50.75
CA ASN E 81 13.38 -28.28 -50.36
C ASN E 81 12.04 -28.99 -50.30
N TYR E 82 11.17 -28.66 -51.25
CA TYR E 82 9.83 -29.24 -51.30
C TYR E 82 9.90 -30.73 -51.61
N VAL E 83 9.28 -31.54 -50.77
CA VAL E 83 9.17 -32.98 -50.97
C VAL E 83 7.70 -33.34 -50.80
N LYS E 84 7.03 -33.68 -51.90
CA LYS E 84 5.60 -33.95 -51.86
C LYS E 84 5.31 -35.17 -51.01
N LYS E 85 4.36 -35.04 -50.07
CA LYS E 85 4.01 -36.15 -49.19
C LYS E 85 2.85 -36.93 -49.79
N TRP E 86 1.67 -36.31 -49.83
CA TRP E 86 0.48 -36.88 -50.46
C TRP E 86 -0.22 -35.73 -51.19
N ARG E 87 -1.48 -35.92 -51.56
CA ARG E 87 -2.24 -34.99 -52.39
C ARG E 87 -2.14 -33.54 -51.92
N HIS E 88 -2.62 -33.25 -50.71
CA HIS E 88 -2.61 -31.89 -50.18
C HIS E 88 -1.50 -31.65 -49.16
N SER E 89 -0.62 -32.63 -48.97
CA SER E 89 0.44 -32.56 -47.98
C SER E 89 1.80 -32.42 -48.64
N TYR E 90 2.80 -32.16 -47.81
CA TYR E 90 4.20 -32.10 -48.21
C TYR E 90 5.03 -31.92 -46.95
N THR E 91 6.35 -31.81 -47.14
CA THR E 91 7.27 -31.40 -46.09
C THR E 91 8.39 -30.61 -46.75
N ALA E 92 8.66 -29.42 -46.23
CA ALA E 92 9.57 -28.51 -46.90
C ALA E 92 10.32 -27.68 -45.86
N SER E 93 11.29 -26.92 -46.36
CA SER E 93 12.11 -26.03 -45.54
C SER E 93 11.77 -24.58 -45.88
N TYR E 94 11.92 -23.70 -44.89
CA TYR E 94 11.44 -22.34 -45.01
C TYR E 94 12.50 -21.35 -44.55
N ASP E 95 12.57 -20.22 -45.25
CA ASP E 95 13.40 -19.09 -44.85
C ASP E 95 12.52 -17.85 -44.72
N ILE E 96 12.83 -17.02 -43.74
CA ILE E 96 12.05 -15.83 -43.43
C ILE E 96 12.84 -14.60 -43.87
N TYR E 97 12.15 -13.65 -44.50
CA TYR E 97 12.79 -12.50 -45.13
C TYR E 97 12.16 -11.23 -44.58
N ASP E 98 12.99 -10.37 -43.99
CA ASP E 98 12.52 -9.06 -43.53
C ASP E 98 12.48 -8.09 -44.70
N LEU E 99 11.41 -7.31 -44.77
CA LEU E 99 11.22 -6.33 -45.84
C LEU E 99 11.72 -4.94 -45.48
N ASN E 100 11.52 -4.50 -44.24
CA ASN E 100 12.02 -3.19 -43.83
C ASN E 100 13.54 -3.14 -43.81
N LYS E 101 14.20 -4.29 -43.62
CA LYS E 101 15.65 -4.35 -43.64
C LYS E 101 16.21 -5.05 -44.87
N ARG E 102 15.36 -5.59 -45.74
CA ARG E 102 15.79 -6.28 -46.96
C ARG E 102 16.85 -7.34 -46.63
N GLN E 103 16.58 -8.10 -45.56
CA GLN E 103 17.52 -9.06 -45.05
C GLN E 103 16.86 -10.42 -44.86
N LEU E 104 17.70 -11.45 -44.82
CA LEU E 104 17.28 -12.81 -44.56
C LEU E 104 17.64 -13.17 -43.12
N ILE E 105 16.66 -13.70 -42.40
CA ILE E 105 16.85 -14.00 -40.98
C ILE E 105 17.68 -15.27 -40.85
N THR E 106 18.71 -15.22 -40.00
CA THR E 106 19.58 -16.35 -39.75
C THR E 106 19.54 -16.82 -38.30
N ALA E 107 18.96 -16.06 -37.40
CA ALA E 107 18.79 -16.45 -36.01
C ALA E 107 17.39 -16.98 -35.78
N GLU E 108 17.29 -18.08 -35.02
CA GLU E 108 16.01 -18.74 -34.76
C GLU E 108 15.29 -19.09 -36.06
N ARG E 109 15.99 -19.84 -36.90
CA ARG E 109 15.45 -20.23 -38.20
C ARG E 109 14.37 -21.29 -38.05
N ILE E 110 13.59 -21.46 -39.09
CA ILE E 110 12.56 -22.49 -39.12
C ILE E 110 13.22 -23.81 -39.52
N PRO E 111 13.00 -24.90 -38.78
CA PRO E 111 13.72 -26.14 -39.07
C PRO E 111 13.41 -26.68 -40.46
N ASN E 112 14.31 -27.52 -40.95
CA ASN E 112 14.02 -28.32 -42.13
C ASN E 112 12.95 -29.36 -41.79
N ASP E 113 12.42 -30.00 -42.83
CA ASP E 113 11.40 -31.05 -42.67
C ASP E 113 10.19 -30.52 -41.91
N THR E 114 9.81 -29.27 -42.21
CA THR E 114 8.65 -28.66 -41.57
C THR E 114 7.38 -29.11 -42.29
N GLN E 115 6.40 -29.53 -41.51
CA GLN E 115 5.20 -30.14 -42.07
C GLN E 115 4.07 -29.15 -42.29
N LEU E 116 4.14 -27.97 -41.68
CA LEU E 116 3.13 -26.94 -41.87
C LEU E 116 3.72 -25.60 -41.45
N ILE E 117 3.13 -24.53 -41.98
CA ILE E 117 3.49 -23.17 -41.59
C ILE E 117 2.30 -22.27 -41.87
N ARG E 118 1.97 -21.41 -40.91
CA ARG E 118 0.80 -20.54 -41.03
C ARG E 118 1.05 -19.23 -40.30
N TRP E 119 0.77 -18.12 -40.98
CA TRP E 119 0.82 -16.81 -40.34
C TRP E 119 -0.45 -16.56 -39.52
N SER E 120 -0.32 -15.74 -38.50
CA SER E 120 -1.49 -15.19 -37.84
C SER E 120 -2.24 -14.29 -38.82
N PRO E 121 -3.56 -14.13 -38.63
CA PRO E 121 -4.31 -13.26 -39.55
C PRO E 121 -3.98 -11.79 -39.39
N GLU E 122 -3.54 -11.38 -38.20
CA GLU E 122 -3.04 -10.04 -37.96
C GLU E 122 -1.66 -10.14 -37.32
N GLY E 123 -0.84 -9.12 -37.55
CA GLY E 123 0.51 -9.18 -37.03
C GLY E 123 1.35 -10.20 -37.80
N HIS E 124 2.39 -10.69 -37.11
CA HIS E 124 3.37 -11.57 -37.74
C HIS E 124 3.71 -12.74 -36.82
N LYS E 125 2.70 -13.31 -36.17
CA LYS E 125 2.91 -14.50 -35.35
C LYS E 125 3.00 -15.74 -36.23
N LEU E 126 3.95 -16.62 -35.90
CA LEU E 126 4.23 -17.81 -36.68
C LEU E 126 3.79 -19.06 -35.91
N ALA E 127 3.37 -20.06 -36.68
CA ALA E 127 2.99 -21.35 -36.12
C ALA E 127 3.32 -22.43 -37.15
N TYR E 128 4.23 -23.32 -36.79
CA TYR E 128 4.63 -24.40 -37.69
C TYR E 128 4.55 -25.74 -36.94
N VAL E 129 4.38 -26.81 -37.72
CA VAL E 129 4.31 -28.16 -37.20
C VAL E 129 5.54 -28.92 -37.67
N TRP E 130 6.33 -29.40 -36.72
CA TRP E 130 7.56 -30.14 -37.01
C TRP E 130 7.59 -31.38 -36.13
N ASN E 131 7.65 -32.55 -36.76
CA ASN E 131 7.59 -33.84 -36.08
C ASN E 131 6.30 -33.96 -35.26
N ASN E 132 5.19 -33.50 -35.85
CA ASN E 132 3.84 -33.66 -35.32
C ASN E 132 3.64 -32.95 -33.99
N ASP E 133 4.44 -31.92 -33.71
CA ASP E 133 4.27 -31.06 -32.55
C ASP E 133 4.16 -29.61 -32.99
N VAL E 134 3.31 -28.85 -32.31
CA VAL E 134 3.03 -27.47 -32.67
C VAL E 134 4.03 -26.56 -31.97
N TYR E 135 4.71 -25.73 -32.75
CA TYR E 135 5.59 -24.69 -32.25
C TYR E 135 5.05 -23.34 -32.65
N VAL E 136 5.34 -22.33 -31.83
CA VAL E 136 4.79 -20.99 -31.99
C VAL E 136 5.90 -19.96 -31.83
N LYS E 137 5.87 -18.93 -32.66
CA LYS E 137 6.77 -17.79 -32.56
C LYS E 137 5.94 -16.51 -32.66
N ASN E 138 6.02 -15.67 -31.64
CA ASN E 138 5.33 -14.38 -31.68
C ASN E 138 6.06 -13.39 -32.59
N ASP E 139 7.34 -13.62 -32.86
CA ASP E 139 8.11 -12.77 -33.75
C ASP E 139 9.13 -13.64 -34.46
N PRO E 140 9.40 -13.39 -35.75
CA PRO E 140 10.42 -14.20 -36.45
C PRO E 140 11.78 -14.21 -35.79
N TYR E 141 12.17 -13.12 -35.13
CA TYR E 141 13.44 -13.05 -34.40
C TYR E 141 13.28 -13.54 -32.96
N SER E 142 12.71 -14.73 -32.77
CA SER E 142 12.40 -15.20 -31.43
C SER E 142 12.48 -16.72 -31.40
N PRO E 143 12.68 -17.30 -30.22
CA PRO E 143 12.62 -18.77 -30.12
C PRO E 143 11.22 -19.30 -30.37
N SER E 144 11.09 -20.62 -30.42
CA SER E 144 9.80 -21.27 -30.70
C SER E 144 9.36 -22.00 -29.44
N GLN E 145 8.27 -21.53 -28.83
CA GLN E 145 7.70 -22.24 -27.70
C GLN E 145 6.99 -23.49 -28.19
N ARG E 146 7.28 -24.62 -27.55
CA ARG E 146 6.74 -25.91 -27.97
C ARG E 146 5.44 -26.18 -27.23
N VAL E 147 4.35 -26.35 -27.98
CA VAL E 147 3.03 -26.53 -27.38
C VAL E 147 2.80 -27.99 -27.00
N THR E 148 2.86 -28.88 -27.98
CA THR E 148 2.61 -30.30 -27.77
C THR E 148 3.94 -31.05 -27.78
N HIS E 149 3.97 -32.21 -27.10
CA HIS E 149 5.19 -32.99 -27.03
C HIS E 149 4.99 -34.48 -27.31
N ASP E 150 3.75 -34.95 -27.50
CA ASP E 150 3.48 -36.37 -27.73
C ASP E 150 3.37 -36.69 -29.20
N GLY E 151 4.10 -35.98 -30.05
CA GLY E 151 4.08 -36.27 -31.48
C GLY E 151 4.85 -37.54 -31.79
N ARG E 152 4.29 -38.35 -32.68
CA ARG E 152 4.95 -39.57 -33.13
C ARG E 152 4.44 -39.91 -34.52
N GLU E 153 5.35 -40.36 -35.37
CA GLU E 153 5.00 -40.69 -36.74
C GLU E 153 3.99 -41.83 -36.77
N ASP E 154 2.95 -41.68 -37.59
CA ASP E 154 1.89 -42.66 -37.78
C ASP E 154 1.08 -42.94 -36.53
N ALA E 155 1.33 -42.21 -35.44
CA ALA E 155 0.61 -42.43 -34.19
C ALA E 155 -0.19 -41.21 -33.75
N ILE E 156 0.45 -40.05 -33.62
CA ILE E 156 -0.18 -38.84 -33.09
C ILE E 156 0.20 -37.68 -33.98
N SER E 157 -0.78 -36.86 -34.35
CA SER E 157 -0.56 -35.67 -35.17
C SER E 157 -1.22 -34.48 -34.49
N ASN E 158 -0.44 -33.46 -34.18
CA ASN E 158 -0.93 -32.21 -33.60
C ASN E 158 -0.78 -31.10 -34.63
N GLY E 159 -1.90 -30.59 -35.13
CA GLY E 159 -1.90 -29.48 -36.06
C GLY E 159 -1.92 -29.86 -37.52
N ILE E 160 -1.71 -31.13 -37.85
CA ILE E 160 -1.79 -31.58 -39.24
C ILE E 160 -2.71 -32.80 -39.30
N THR E 161 -3.39 -32.95 -40.41
CA THR E 161 -4.35 -34.03 -40.59
C THR E 161 -3.63 -35.32 -40.94
N ASP E 162 -4.33 -36.44 -40.72
CA ASP E 162 -3.90 -37.71 -41.27
C ASP E 162 -4.44 -37.83 -42.69
N TRP E 163 -4.40 -39.04 -43.25
CA TRP E 163 -4.78 -39.22 -44.64
C TRP E 163 -6.27 -38.98 -44.85
N VAL E 164 -7.12 -39.58 -44.02
CA VAL E 164 -8.57 -39.53 -44.26
C VAL E 164 -9.11 -38.11 -44.06
N TYR E 165 -8.68 -37.45 -42.99
CA TYR E 165 -9.11 -36.06 -42.79
C TYR E 165 -8.60 -35.16 -43.91
N GLU E 166 -7.38 -35.39 -44.36
CA GLU E 166 -6.83 -34.58 -45.45
C GLU E 166 -7.66 -34.75 -46.72
N GLU E 167 -8.05 -35.97 -47.04
CA GLU E 167 -8.68 -36.25 -48.33
C GLU E 167 -10.19 -36.01 -48.30
N GLU E 168 -10.88 -36.52 -47.28
CA GLU E 168 -12.32 -36.63 -47.32
C GLU E 168 -13.07 -35.60 -46.49
N ILE E 169 -12.37 -34.85 -45.62
CA ILE E 169 -13.05 -33.86 -44.80
C ILE E 169 -12.44 -32.48 -45.03
N PHE E 170 -11.16 -32.33 -44.67
CA PHE E 170 -10.57 -30.99 -44.63
C PHE E 170 -10.14 -30.51 -46.01
N SER E 171 -9.77 -31.42 -46.91
CA SER E 171 -9.17 -31.06 -48.19
C SER E 171 -7.96 -30.16 -47.99
N THR E 172 -7.27 -30.34 -46.87
CA THR E 172 -6.07 -29.58 -46.56
C THR E 172 -5.26 -30.34 -45.52
N HIS E 173 -3.95 -30.10 -45.52
CA HIS E 173 -3.06 -30.69 -44.53
C HIS E 173 -3.05 -29.91 -43.23
N SER E 174 -3.63 -28.71 -43.20
CA SER E 174 -3.55 -27.83 -42.03
C SER E 174 -4.67 -28.12 -41.04
N ALA E 175 -4.32 -28.24 -39.77
CA ALA E 175 -5.26 -28.29 -38.66
C ALA E 175 -4.92 -27.23 -37.63
N LEU E 176 -4.60 -26.04 -38.11
CA LEU E 176 -4.41 -24.86 -37.27
C LEU E 176 -5.50 -23.84 -37.56
N TRP E 177 -5.95 -23.16 -36.51
CA TRP E 177 -6.98 -22.12 -36.63
C TRP E 177 -6.62 -20.98 -35.67
N TRP E 178 -6.05 -19.92 -36.22
CA TRP E 178 -5.75 -18.74 -35.43
C TRP E 178 -7.03 -17.95 -35.11
N SER E 179 -7.03 -17.29 -33.96
CA SER E 179 -8.06 -16.30 -33.67
C SER E 179 -7.80 -15.03 -34.46
N PRO E 180 -8.84 -14.23 -34.72
CA PRO E 180 -8.63 -12.99 -35.48
C PRO E 180 -7.58 -12.06 -34.88
N ASN E 181 -7.52 -11.93 -33.55
CA ASN E 181 -6.52 -11.07 -32.94
C ASN E 181 -5.14 -11.72 -32.88
N GLY E 182 -5.00 -12.97 -33.30
CA GLY E 182 -3.75 -13.65 -33.10
C GLY E 182 -3.43 -13.99 -31.67
N THR E 183 -4.41 -13.86 -30.76
CA THR E 183 -4.18 -14.22 -29.37
C THR E 183 -4.32 -15.72 -29.15
N PHE E 184 -5.35 -16.33 -29.74
CA PHE E 184 -5.62 -17.74 -29.54
C PHE E 184 -5.21 -18.57 -30.76
N LEU E 185 -4.69 -19.77 -30.50
CA LEU E 185 -4.41 -20.75 -31.54
C LEU E 185 -5.17 -22.03 -31.18
N ALA E 186 -6.05 -22.45 -32.07
CA ALA E 186 -6.76 -23.71 -31.93
C ALA E 186 -6.10 -24.76 -32.82
N TYR E 187 -5.84 -25.94 -32.26
CA TYR E 187 -5.25 -27.03 -33.02
C TYR E 187 -5.94 -28.34 -32.65
N ALA E 188 -6.01 -29.24 -33.63
CA ALA E 188 -6.61 -30.55 -33.45
C ALA E 188 -5.53 -31.60 -33.34
N LYS E 189 -5.84 -32.68 -32.60
CA LYS E 189 -4.89 -33.76 -32.36
C LYS E 189 -5.53 -35.07 -32.79
N PHE E 190 -4.86 -35.77 -33.70
CA PHE E 190 -5.34 -37.03 -34.28
C PHE E 190 -4.54 -38.19 -33.73
N ASN E 191 -5.18 -39.36 -33.70
CA ASN E 191 -4.59 -40.56 -33.11
C ASN E 191 -4.90 -41.75 -34.00
N ASP E 192 -3.92 -42.15 -34.83
CA ASP E 192 -4.03 -43.31 -35.71
C ASP E 192 -3.34 -44.53 -35.12
N THR E 193 -3.22 -44.60 -33.80
CA THR E 193 -2.41 -45.65 -33.17
C THR E 193 -2.96 -47.04 -33.48
N ASP E 194 -4.28 -47.20 -33.45
CA ASP E 194 -4.90 -48.49 -33.71
C ASP E 194 -5.61 -48.54 -35.06
N VAL E 195 -5.23 -47.68 -36.00
CA VAL E 195 -5.82 -47.68 -37.34
C VAL E 195 -4.96 -48.55 -38.25
N PRO E 196 -5.56 -49.53 -38.95
CA PRO E 196 -4.76 -50.41 -39.81
C PRO E 196 -4.00 -49.62 -40.86
N ARG E 197 -2.89 -50.19 -41.32
CA ARG E 197 -2.00 -49.52 -42.26
C ARG E 197 -1.94 -50.30 -43.56
N ILE E 198 -2.36 -49.66 -44.64
CA ILE E 198 -2.17 -50.23 -45.97
C ILE E 198 -0.69 -50.18 -46.31
N GLU E 199 -0.20 -51.19 -47.01
CA GLU E 199 1.20 -51.28 -47.38
C GLU E 199 1.33 -51.58 -48.85
N TYR E 200 2.19 -50.84 -49.54
CA TYR E 200 2.50 -51.12 -50.93
C TYR E 200 3.98 -50.78 -51.15
N SER E 201 4.55 -51.42 -52.17
CA SER E 201 5.96 -51.27 -52.47
C SER E 201 6.19 -50.12 -53.45
N VAL E 202 7.32 -49.45 -53.30
CA VAL E 202 7.71 -48.35 -54.17
C VAL E 202 9.04 -48.72 -54.82
N TYR E 203 9.04 -48.74 -56.15
CA TYR E 203 10.21 -49.17 -56.93
C TYR E 203 10.91 -47.91 -57.45
N LEU E 204 11.81 -47.39 -56.64
CA LEU E 204 12.54 -46.18 -56.99
C LEU E 204 13.54 -46.49 -58.10
N ASP E 205 14.45 -45.54 -58.35
CA ASP E 205 15.41 -45.57 -59.45
C ASP E 205 16.05 -46.94 -59.64
N GLU E 206 16.40 -47.24 -60.90
CA GLU E 206 17.04 -48.49 -61.25
C GLU E 206 18.23 -48.85 -60.36
N SER E 207 18.89 -47.84 -59.77
CA SER E 207 19.99 -48.11 -58.85
C SER E 207 19.51 -48.58 -57.48
N LEU E 208 18.24 -48.34 -57.15
CA LEU E 208 17.68 -48.74 -55.87
C LEU E 208 17.36 -50.24 -55.90
N GLN E 209 18.25 -50.99 -55.24
CA GLN E 209 18.26 -52.48 -55.22
C GLN E 209 16.98 -53.08 -54.62
N TYR E 210 16.74 -52.88 -53.32
CA TYR E 210 15.52 -53.43 -52.68
C TYR E 210 14.40 -52.40 -52.70
N PRO E 211 13.12 -52.82 -52.88
CA PRO E 211 11.98 -51.91 -52.90
C PRO E 211 11.68 -51.37 -51.49
N LYS E 212 10.99 -50.22 -51.41
CA LYS E 212 10.65 -49.60 -50.10
C LYS E 212 9.15 -49.78 -49.81
N THR E 213 8.82 -50.39 -48.67
CA THR E 213 7.44 -50.60 -48.26
C THR E 213 6.93 -49.33 -47.59
N ILE E 214 5.79 -48.84 -48.06
CA ILE E 214 5.21 -47.59 -47.58
C ILE E 214 3.99 -47.94 -46.74
N HIS E 215 4.01 -47.53 -45.47
CA HIS E 215 2.91 -47.75 -44.54
C HIS E 215 2.11 -46.46 -44.40
N ILE E 216 0.79 -46.56 -44.47
CA ILE E 216 -0.08 -45.40 -44.34
C ILE E 216 -1.29 -45.78 -43.50
N PRO E 217 -1.53 -45.12 -42.36
CA PRO E 217 -2.78 -45.36 -41.63
C PRO E 217 -3.99 -45.11 -42.52
N TYR E 218 -4.71 -46.17 -42.86
CA TYR E 218 -5.80 -46.10 -43.82
C TYR E 218 -6.97 -46.92 -43.27
N PRO E 219 -7.96 -46.28 -42.66
CA PRO E 219 -9.13 -47.00 -42.17
C PRO E 219 -10.09 -47.32 -43.31
N LYS E 220 -10.15 -48.61 -43.68
CA LYS E 220 -11.14 -49.01 -44.66
C LYS E 220 -12.51 -49.14 -44.00
N ALA E 221 -13.52 -49.38 -44.84
CA ALA E 221 -14.91 -49.44 -44.37
C ALA E 221 -15.05 -50.38 -43.18
N GLY E 222 -15.49 -49.83 -42.05
CA GLY E 222 -15.67 -50.60 -40.83
C GLY E 222 -14.49 -50.59 -39.88
N ALA E 223 -13.29 -50.34 -40.37
CA ALA E 223 -12.10 -50.40 -39.52
C ALA E 223 -12.13 -49.27 -38.49
N LYS E 224 -11.18 -49.33 -37.56
CA LYS E 224 -11.08 -48.32 -36.51
C LYS E 224 -10.62 -47.01 -37.12
N ASN E 225 -11.46 -45.98 -37.03
CA ASN E 225 -11.10 -44.65 -37.46
C ASN E 225 -10.19 -44.00 -36.42
N PRO E 226 -9.42 -42.98 -36.82
CA PRO E 226 -8.63 -42.24 -35.85
C PRO E 226 -9.52 -41.42 -34.92
N THR E 227 -8.98 -41.13 -33.74
CA THR E 227 -9.65 -40.20 -32.84
C THR E 227 -9.14 -38.79 -33.07
N VAL E 228 -9.94 -37.81 -32.66
CA VAL E 228 -9.67 -36.40 -32.90
C VAL E 228 -10.09 -35.59 -31.68
N LYS E 229 -9.19 -34.74 -31.19
CA LYS E 229 -9.49 -33.84 -30.08
C LYS E 229 -9.08 -32.44 -30.47
N LEU E 230 -9.76 -31.45 -29.89
CA LEU E 230 -9.56 -30.06 -30.26
C LEU E 230 -9.07 -29.28 -29.04
N TYR E 231 -7.95 -28.59 -29.20
CA TYR E 231 -7.33 -27.82 -28.13
C TYR E 231 -7.16 -26.37 -28.57
N VAL E 232 -7.13 -25.46 -27.59
CA VAL E 232 -6.93 -24.04 -27.85
C VAL E 232 -5.87 -23.51 -26.88
N VAL E 233 -4.98 -22.66 -27.40
CA VAL E 233 -3.81 -22.18 -26.68
C VAL E 233 -3.81 -20.66 -26.67
N ASN E 234 -3.45 -20.08 -25.51
CA ASN E 234 -3.31 -18.63 -25.36
C ASN E 234 -1.89 -18.26 -25.76
N THR E 235 -1.74 -17.68 -26.95
CA THR E 235 -0.41 -17.42 -27.49
C THR E 235 0.28 -16.25 -26.78
N ASP E 236 -0.49 -15.33 -26.21
CA ASP E 236 0.10 -14.17 -25.56
C ASP E 236 0.85 -14.57 -24.28
N ASN E 237 0.19 -15.39 -23.43
CA ASN E 237 0.76 -15.82 -22.15
C ASN E 237 0.67 -17.35 -22.11
N LEU E 238 1.68 -18.01 -22.67
CA LEU E 238 1.71 -19.47 -22.73
C LEU E 238 2.62 -20.09 -21.66
N THR E 239 3.80 -19.50 -21.42
CA THR E 239 4.74 -20.05 -20.45
C THR E 239 4.09 -20.29 -19.08
N ASP E 240 2.95 -19.64 -18.81
CA ASP E 240 2.18 -19.90 -17.60
C ASP E 240 1.18 -21.04 -17.80
N LEU E 241 0.37 -20.96 -18.85
CA LEU E 241 -0.78 -21.85 -19.02
C LEU E 241 -0.53 -22.96 -20.03
N GLU E 242 -1.40 -23.96 -19.98
CA GLU E 242 -1.37 -25.12 -20.87
C GLU E 242 -2.32 -24.92 -22.03
N PRO E 243 -2.33 -25.83 -23.00
CA PRO E 243 -3.47 -25.91 -23.92
C PRO E 243 -4.75 -26.22 -23.15
N ALA E 244 -5.88 -25.84 -23.74
CA ALA E 244 -7.19 -26.10 -23.16
C ALA E 244 -8.01 -26.93 -24.14
N GLN E 245 -8.37 -28.15 -23.74
CA GLN E 245 -9.20 -28.98 -24.58
C GLN E 245 -10.63 -28.44 -24.61
N ILE E 246 -11.22 -28.43 -25.80
CA ILE E 246 -12.65 -28.17 -25.95
C ILE E 246 -13.30 -29.51 -26.25
N VAL E 247 -14.13 -29.98 -25.33
CA VAL E 247 -14.75 -31.29 -25.46
C VAL E 247 -15.91 -31.21 -26.44
N ALA E 248 -16.11 -32.29 -27.19
CA ALA E 248 -17.20 -32.34 -28.14
C ALA E 248 -18.54 -32.45 -27.40
N PRO E 249 -19.64 -32.05 -28.05
CA PRO E 249 -20.95 -32.12 -27.39
C PRO E 249 -21.32 -33.56 -27.03
N ALA E 250 -22.17 -33.69 -26.01
CA ALA E 250 -22.66 -35.01 -25.63
C ALA E 250 -23.47 -35.66 -26.75
N SER E 251 -24.12 -34.84 -27.58
CA SER E 251 -24.89 -35.36 -28.71
C SER E 251 -24.03 -36.23 -29.62
N VAL E 252 -22.74 -35.96 -29.67
CA VAL E 252 -21.84 -36.65 -30.60
C VAL E 252 -20.95 -37.69 -29.91
N LEU E 253 -20.89 -37.69 -28.58
CA LEU E 253 -20.04 -38.60 -27.83
C LEU E 253 -20.67 -39.98 -27.60
N THR E 254 -21.78 -40.29 -28.27
CA THR E 254 -22.37 -41.61 -28.16
C THR E 254 -21.62 -42.67 -28.97
N GLY E 255 -20.48 -42.30 -29.55
CA GLY E 255 -19.71 -43.25 -30.35
C GLY E 255 -18.55 -42.55 -31.04
N ASP E 256 -18.20 -43.07 -32.21
CA ASP E 256 -17.17 -42.44 -33.02
C ASP E 256 -17.72 -41.20 -33.72
N HIS E 257 -16.86 -40.21 -33.92
CA HIS E 257 -17.30 -38.95 -34.49
C HIS E 257 -16.15 -38.27 -35.23
N TYR E 258 -16.51 -37.36 -36.13
CA TYR E 258 -15.56 -36.59 -36.91
C TYR E 258 -15.65 -35.12 -36.51
N LEU E 259 -14.54 -34.41 -36.72
CA LEU E 259 -14.46 -32.97 -36.53
C LEU E 259 -14.34 -32.36 -37.93
N CYS E 260 -15.41 -31.69 -38.38
CA CYS E 260 -15.48 -31.27 -39.77
C CYS E 260 -15.25 -29.78 -40.02
N ASP E 261 -15.36 -28.93 -39.01
CA ASP E 261 -15.08 -27.51 -39.24
C ASP E 261 -14.76 -26.82 -37.92
N VAL E 262 -13.85 -25.83 -38.00
CA VAL E 262 -13.49 -24.98 -36.87
C VAL E 262 -13.45 -23.54 -37.37
N THR E 263 -14.32 -22.69 -36.84
CA THR E 263 -14.45 -21.31 -37.30
C THR E 263 -14.49 -20.38 -36.10
N TRP E 264 -13.77 -19.26 -36.20
CA TRP E 264 -13.72 -18.25 -35.14
C TRP E 264 -14.80 -17.20 -35.42
N ALA E 265 -15.80 -17.13 -34.55
CA ALA E 265 -16.85 -16.13 -34.70
C ALA E 265 -16.33 -14.74 -34.38
N THR E 266 -15.83 -14.54 -33.17
CA THR E 266 -15.23 -13.28 -32.76
C THR E 266 -13.83 -13.54 -32.23
N LYS E 267 -13.21 -12.52 -31.64
CA LYS E 267 -11.89 -12.70 -31.03
C LYS E 267 -11.92 -13.68 -29.86
N GLU E 268 -13.10 -13.92 -29.27
CA GLU E 268 -13.23 -14.78 -28.10
C GLU E 268 -14.36 -15.79 -28.25
N ARG E 269 -14.81 -16.06 -29.47
CA ARG E 269 -15.88 -17.02 -29.71
C ARG E 269 -15.48 -17.97 -30.83
N ILE E 270 -15.76 -19.25 -30.64
CA ILE E 270 -15.32 -20.29 -31.56
C ILE E 270 -16.48 -21.21 -31.88
N SER E 271 -16.52 -21.68 -33.12
CA SER E 271 -17.57 -22.56 -33.61
C SER E 271 -16.95 -23.85 -34.12
N LEU E 272 -17.44 -24.98 -33.59
CA LEU E 272 -16.92 -26.30 -33.91
C LEU E 272 -18.03 -27.15 -34.53
N GLN E 273 -17.77 -27.68 -35.71
CA GLN E 273 -18.69 -28.60 -36.36
C GLN E 273 -18.23 -30.02 -36.10
N TRP E 274 -19.05 -30.78 -35.39
CA TRP E 274 -18.80 -32.19 -35.14
C TRP E 274 -19.75 -33.03 -35.99
N LEU E 275 -19.32 -34.27 -36.25
CA LEU E 275 -20.04 -35.12 -37.18
C LEU E 275 -20.00 -36.55 -36.67
N ARG E 276 -21.16 -37.17 -36.54
CA ARG E 276 -21.20 -38.57 -36.11
C ARG E 276 -20.62 -39.47 -37.18
N ARG E 277 -20.12 -40.63 -36.75
CA ARG E 277 -19.61 -41.60 -37.70
C ARG E 277 -20.70 -42.03 -38.69
N ILE E 278 -21.93 -42.16 -38.21
CA ILE E 278 -23.08 -42.34 -39.10
C ILE E 278 -23.47 -40.94 -39.56
N GLN E 279 -23.06 -40.57 -40.77
CA GLN E 279 -23.02 -39.17 -41.17
C GLN E 279 -24.39 -38.63 -41.55
N ASN E 280 -25.37 -38.78 -40.65
CA ASN E 280 -26.66 -38.11 -40.78
C ASN E 280 -26.97 -37.27 -39.55
N TYR E 281 -25.95 -36.83 -38.83
CA TYR E 281 -26.14 -36.07 -37.60
C TYR E 281 -24.87 -35.25 -37.37
N SER E 282 -24.97 -33.94 -37.55
CA SER E 282 -23.88 -33.02 -37.25
C SER E 282 -24.40 -31.94 -36.32
N ILE E 283 -23.48 -31.25 -35.65
CA ILE E 283 -23.84 -30.21 -34.70
C ILE E 283 -22.78 -29.12 -34.71
N ILE E 284 -23.21 -27.88 -34.55
CA ILE E 284 -22.32 -26.73 -34.40
C ILE E 284 -22.33 -26.31 -32.94
N ASP E 285 -21.15 -26.04 -32.39
CA ASP E 285 -20.98 -25.66 -31.00
C ASP E 285 -20.38 -24.27 -30.92
N ILE E 286 -21.06 -23.35 -30.23
CA ILE E 286 -20.58 -21.98 -30.07
C ILE E 286 -20.01 -21.85 -28.66
N CYS E 287 -18.71 -21.59 -28.57
CA CYS E 287 -17.98 -21.63 -27.31
C CYS E 287 -17.31 -20.28 -27.04
N ASP E 288 -17.55 -19.75 -25.85
CA ASP E 288 -17.06 -18.43 -25.46
C ASP E 288 -15.95 -18.57 -24.43
N TYR E 289 -15.04 -17.59 -24.44
CA TYR E 289 -13.87 -17.63 -23.55
C TYR E 289 -14.21 -17.00 -22.20
N ASN E 290 -13.88 -17.72 -21.12
CA ASN E 290 -14.03 -17.22 -19.77
C ASN E 290 -12.67 -16.79 -19.23
N GLU E 291 -12.61 -15.58 -18.67
CA GLU E 291 -11.36 -15.05 -18.15
C GLU E 291 -10.80 -15.88 -17.00
N SER E 292 -11.62 -16.74 -16.40
CA SER E 292 -11.19 -17.71 -15.41
C SER E 292 -11.45 -19.11 -15.95
N THR E 293 -11.16 -20.12 -15.13
CA THR E 293 -11.56 -21.48 -15.47
C THR E 293 -13.06 -21.64 -15.24
N PRO E 294 -13.78 -22.32 -16.15
CA PRO E 294 -13.38 -23.06 -17.34
C PRO E 294 -12.96 -22.14 -18.49
N LYS E 295 -11.83 -22.49 -19.13
CA LYS E 295 -11.25 -21.62 -20.15
C LYS E 295 -12.24 -21.33 -21.27
N TRP E 296 -12.98 -22.35 -21.72
CA TRP E 296 -13.91 -22.20 -22.82
C TRP E 296 -15.27 -22.75 -22.39
N ASN E 297 -16.26 -21.86 -22.34
CA ASN E 297 -17.60 -22.21 -21.86
C ASN E 297 -18.52 -22.38 -23.06
N CYS E 298 -18.91 -23.62 -23.33
CA CYS E 298 -19.78 -23.96 -24.45
C CYS E 298 -21.21 -24.08 -23.92
N LEU E 299 -22.02 -23.05 -24.15
CA LEU E 299 -23.42 -23.08 -23.73
C LEU E 299 -24.18 -24.16 -24.50
N VAL E 300 -25.11 -24.82 -23.81
CA VAL E 300 -25.93 -25.84 -24.45
C VAL E 300 -27.03 -25.19 -25.30
N SER E 301 -27.57 -24.06 -24.83
CA SER E 301 -28.68 -23.41 -25.52
C SER E 301 -28.29 -22.87 -26.90
N ARG E 302 -27.00 -22.79 -27.21
CA ARG E 302 -26.55 -22.34 -28.52
C ARG E 302 -25.86 -23.47 -29.29
N GLN E 303 -26.35 -24.70 -29.11
CA GLN E 303 -25.99 -25.79 -30.01
C GLN E 303 -26.91 -25.77 -31.21
N HIS E 304 -26.37 -26.12 -32.37
CA HIS E 304 -27.13 -26.07 -33.62
C HIS E 304 -26.90 -27.35 -34.40
N ILE E 305 -27.97 -28.10 -34.62
CA ILE E 305 -27.91 -29.49 -35.05
C ILE E 305 -28.50 -29.61 -36.45
N GLU E 306 -27.87 -30.48 -37.26
CA GLU E 306 -28.29 -30.73 -38.64
C GLU E 306 -28.46 -32.22 -38.83
N THR E 307 -29.60 -32.64 -39.37
CA THR E 307 -29.88 -34.05 -39.62
C THR E 307 -30.40 -34.23 -41.04
N SER E 308 -30.32 -35.47 -41.52
CA SER E 308 -30.90 -35.87 -42.79
C SER E 308 -31.51 -37.26 -42.62
N ALA E 309 -32.79 -37.40 -42.94
CA ALA E 309 -33.47 -38.68 -42.84
C ALA E 309 -33.39 -39.51 -44.11
N THR E 310 -33.07 -38.89 -45.25
CA THR E 310 -33.03 -39.58 -46.53
C THR E 310 -31.65 -40.09 -46.90
N GLY E 311 -30.61 -39.67 -46.19
CA GLY E 311 -29.26 -40.04 -46.55
C GLY E 311 -28.23 -39.44 -45.62
N TRP E 312 -27.20 -38.83 -46.18
CA TRP E 312 -26.16 -38.16 -45.41
C TRP E 312 -26.43 -36.66 -45.34
N VAL E 313 -25.62 -35.98 -44.53
CA VAL E 313 -25.74 -34.54 -44.33
C VAL E 313 -24.78 -33.82 -45.26
N GLY E 314 -25.30 -32.83 -45.99
CA GLY E 314 -24.48 -32.02 -46.87
C GLY E 314 -24.16 -32.71 -48.18
N ARG E 315 -23.31 -32.04 -48.95
CA ARG E 315 -22.88 -32.58 -50.24
C ARG E 315 -21.75 -33.59 -50.06
N PHE E 316 -20.61 -33.13 -49.55
CA PHE E 316 -19.55 -34.00 -49.06
C PHE E 316 -19.36 -33.90 -47.56
N LYS E 317 -19.52 -32.70 -47.02
CA LYS E 317 -19.53 -32.46 -45.59
C LYS E 317 -20.52 -31.34 -45.31
N PRO E 318 -21.00 -31.22 -44.07
CA PRO E 318 -21.95 -30.13 -43.76
C PRO E 318 -21.39 -28.77 -44.12
N ALA E 319 -22.28 -27.88 -44.54
CA ALA E 319 -21.86 -26.53 -44.94
C ALA E 319 -21.24 -25.81 -43.76
N GLU E 320 -20.19 -25.06 -44.02
CA GLU E 320 -19.51 -24.28 -43.01
C GLU E 320 -20.29 -23.01 -42.71
N PRO E 321 -20.27 -22.56 -41.45
CA PRO E 321 -21.03 -21.34 -41.09
C PRO E 321 -20.27 -20.08 -41.47
N HIS E 322 -21.02 -19.08 -41.93
CA HIS E 322 -20.47 -17.77 -42.30
C HIS E 322 -21.01 -16.75 -41.31
N PHE E 323 -20.22 -16.42 -40.30
CA PHE E 323 -20.69 -15.57 -39.22
C PHE E 323 -20.79 -14.11 -39.68
N THR E 324 -21.61 -13.36 -38.95
CA THR E 324 -21.67 -11.92 -39.12
C THR E 324 -20.51 -11.27 -38.37
N SER E 325 -20.41 -9.95 -38.45
CA SER E 325 -19.30 -9.25 -37.82
C SER E 325 -19.35 -9.39 -36.30
N ASP E 326 -20.55 -9.28 -35.72
CA ASP E 326 -20.72 -9.40 -34.27
C ASP E 326 -20.59 -10.84 -33.77
N GLY E 327 -20.64 -11.83 -34.66
CA GLY E 327 -20.60 -13.22 -34.24
C GLY E 327 -21.83 -13.70 -33.51
N ASN E 328 -22.94 -12.95 -33.58
CA ASN E 328 -24.19 -13.34 -32.93
C ASN E 328 -25.17 -14.00 -33.89
N SER E 329 -24.79 -14.20 -35.15
CA SER E 329 -25.64 -14.87 -36.12
C SER E 329 -24.76 -15.35 -37.27
N PHE E 330 -25.23 -16.38 -37.96
CA PHE E 330 -24.44 -16.92 -39.06
C PHE E 330 -25.34 -17.52 -40.12
N TYR E 331 -24.94 -17.34 -41.38
CA TYR E 331 -25.63 -17.90 -42.53
C TYR E 331 -24.94 -19.19 -42.93
N LYS E 332 -25.72 -20.21 -43.27
CA LYS E 332 -25.12 -21.44 -43.77
C LYS E 332 -26.12 -22.14 -44.69
N ILE E 333 -25.58 -23.01 -45.53
CA ILE E 333 -26.34 -23.66 -46.59
C ILE E 333 -26.97 -24.92 -46.01
N MET E 334 -28.29 -25.02 -46.08
CA MET E 334 -29.03 -26.17 -45.57
C MET E 334 -30.10 -26.58 -46.57
N SER E 335 -30.50 -27.84 -46.47
CA SER E 335 -31.60 -28.34 -47.28
C SER E 335 -32.92 -27.90 -46.68
N ASN E 336 -33.84 -27.46 -47.52
CA ASN E 336 -35.16 -27.05 -47.06
C ASN E 336 -36.10 -28.25 -47.08
N SER E 337 -37.40 -27.99 -46.91
CA SER E 337 -38.38 -29.07 -46.89
C SER E 337 -38.50 -29.77 -48.24
N GLU E 338 -38.26 -29.05 -49.33
CA GLU E 338 -38.35 -29.61 -50.67
C GLU E 338 -37.03 -30.24 -51.12
N GLY E 339 -36.02 -30.27 -50.26
CA GLY E 339 -34.77 -30.91 -50.59
C GLY E 339 -33.87 -30.11 -51.51
N TYR E 340 -33.74 -28.81 -51.28
CA TYR E 340 -32.90 -27.94 -52.09
C TYR E 340 -31.99 -27.13 -51.19
N LYS E 341 -30.68 -27.20 -51.44
CA LYS E 341 -29.71 -26.47 -50.64
C LYS E 341 -29.92 -24.96 -50.80
N HIS E 342 -30.33 -24.30 -49.73
CA HIS E 342 -30.53 -22.86 -49.73
C HIS E 342 -29.88 -22.26 -48.49
N ILE E 343 -29.75 -20.94 -48.50
CA ILE E 343 -29.09 -20.22 -47.42
C ILE E 343 -30.07 -20.04 -46.27
N CYS E 344 -29.64 -20.37 -45.06
CA CYS E 344 -30.44 -20.18 -43.87
C CYS E 344 -29.69 -19.26 -42.92
N LEU E 345 -30.44 -18.39 -42.23
CA LEU E 345 -29.88 -17.45 -41.26
C LEU E 345 -30.05 -18.05 -39.86
N PHE E 346 -28.94 -18.36 -39.21
CA PHE E 346 -28.96 -18.88 -37.85
C PHE E 346 -28.67 -17.79 -36.85
N GLN E 347 -29.41 -17.81 -35.74
CA GLN E 347 -29.12 -16.96 -34.59
C GLN E 347 -28.57 -17.83 -33.47
N ILE E 348 -27.45 -17.38 -32.88
CA ILE E 348 -26.68 -18.21 -31.97
C ILE E 348 -27.57 -18.83 -30.89
N ASP E 349 -28.31 -17.98 -30.18
CA ASP E 349 -29.08 -18.43 -29.03
C ASP E 349 -30.41 -19.06 -29.44
N LYS E 350 -31.01 -18.60 -30.54
CA LYS E 350 -32.30 -19.14 -30.98
C LYS E 350 -32.10 -20.44 -31.74
N PRO E 351 -32.99 -21.42 -31.57
CA PRO E 351 -32.74 -22.77 -32.09
C PRO E 351 -33.14 -23.01 -33.54
N ASP E 352 -33.85 -22.09 -34.18
CA ASP E 352 -34.25 -22.26 -35.57
C ASP E 352 -33.47 -21.31 -36.47
N CYS E 353 -33.59 -21.54 -37.77
CA CYS E 353 -32.99 -20.67 -38.77
C CYS E 353 -34.05 -20.22 -39.76
N THR E 354 -33.71 -19.21 -40.55
CA THR E 354 -34.63 -18.61 -41.51
C THR E 354 -34.01 -18.68 -42.89
N PHE E 355 -34.73 -19.29 -43.82
CA PHE E 355 -34.26 -19.35 -45.21
C PHE E 355 -34.42 -17.98 -45.84
N ILE E 356 -33.31 -17.45 -46.36
CA ILE E 356 -33.34 -16.18 -47.07
C ILE E 356 -33.45 -16.38 -48.59
N THR E 357 -33.32 -17.61 -49.07
CA THR E 357 -33.54 -17.94 -50.47
C THR E 357 -34.49 -19.13 -50.55
N LYS E 358 -35.06 -19.34 -51.72
CA LYS E 358 -35.89 -20.50 -51.98
C LYS E 358 -35.98 -20.72 -53.49
N GLY E 359 -36.55 -21.85 -53.88
CA GLY E 359 -36.76 -22.18 -55.27
C GLY E 359 -36.16 -23.52 -55.64
N ALA E 360 -36.63 -24.03 -56.77
CA ALA E 360 -36.24 -25.36 -57.26
C ALA E 360 -34.87 -25.26 -57.94
N TRP E 361 -33.87 -24.98 -57.11
CA TRP E 361 -32.48 -24.86 -57.51
C TRP E 361 -31.66 -24.74 -56.23
N GLU E 362 -30.35 -24.90 -56.36
CA GLU E 362 -29.49 -24.94 -55.18
C GLU E 362 -28.47 -23.81 -55.19
N VAL E 363 -27.88 -23.59 -54.01
CA VAL E 363 -26.81 -22.63 -53.81
C VAL E 363 -25.49 -23.39 -53.74
N ILE E 364 -24.47 -22.88 -54.42
CA ILE E 364 -23.20 -23.59 -54.51
C ILE E 364 -22.29 -23.22 -53.33
N GLY E 365 -22.23 -21.94 -52.98
CA GLY E 365 -21.40 -21.48 -51.89
C GLY E 365 -21.60 -20.02 -51.60
N ILE E 366 -21.31 -19.61 -50.36
CA ILE E 366 -21.38 -18.20 -49.96
C ILE E 366 -20.00 -17.60 -50.16
N GLU E 367 -19.92 -16.54 -50.96
CA GLU E 367 -18.64 -15.97 -51.35
C GLU E 367 -18.16 -14.88 -50.39
N ALA E 368 -19.06 -14.01 -49.94
CA ALA E 368 -18.67 -12.94 -49.04
C ALA E 368 -19.87 -12.47 -48.23
N LEU E 369 -19.57 -11.84 -47.10
CA LEU E 369 -20.57 -11.29 -46.19
C LEU E 369 -20.24 -9.84 -45.88
N THR E 370 -21.19 -8.95 -46.12
CA THR E 370 -21.13 -7.57 -45.66
C THR E 370 -22.24 -7.34 -44.66
N ASN E 371 -22.19 -6.17 -44.02
CA ASN E 371 -23.26 -5.80 -43.10
C ASN E 371 -24.55 -5.43 -43.81
N ASP E 372 -24.54 -5.40 -45.14
CA ASP E 372 -25.73 -5.05 -45.92
C ASP E 372 -26.09 -6.10 -46.96
N TYR E 373 -25.10 -6.72 -47.62
CA TYR E 373 -25.33 -7.67 -48.69
C TYR E 373 -24.68 -9.00 -48.38
N LEU E 374 -25.17 -10.05 -49.03
CA LEU E 374 -24.54 -11.37 -49.01
C LEU E 374 -24.42 -11.87 -50.43
N TYR E 375 -23.19 -12.10 -50.89
CA TYR E 375 -22.91 -12.58 -52.22
C TYR E 375 -22.78 -14.10 -52.22
N PHE E 376 -23.33 -14.75 -53.25
CA PHE E 376 -23.34 -16.19 -53.29
C PHE E 376 -23.39 -16.66 -54.74
N ILE E 377 -23.25 -17.97 -54.92
CA ILE E 377 -23.23 -18.60 -56.24
C ILE E 377 -24.37 -19.62 -56.28
N SER E 378 -25.19 -19.54 -57.32
CA SER E 378 -26.30 -20.47 -57.49
C SER E 378 -26.40 -20.87 -58.95
N ASN E 379 -27.28 -21.83 -59.21
CA ASN E 379 -27.58 -22.34 -60.55
C ASN E 379 -29.02 -22.04 -60.94
N GLU E 380 -29.49 -20.83 -60.63
CA GLU E 380 -30.89 -20.49 -60.88
C GLU E 380 -31.13 -20.04 -62.31
N TYR E 381 -30.15 -19.40 -62.93
CA TYR E 381 -30.36 -18.77 -64.24
C TYR E 381 -30.77 -19.79 -65.29
N LYS E 382 -31.95 -19.58 -65.87
CA LYS E 382 -32.50 -20.42 -66.94
C LYS E 382 -32.72 -21.87 -66.50
N GLY E 383 -32.67 -22.12 -65.19
CA GLY E 383 -32.85 -23.47 -64.68
C GLY E 383 -31.76 -24.44 -65.11
N MET E 384 -30.54 -23.96 -65.31
CA MET E 384 -29.45 -24.81 -65.75
C MET E 384 -28.59 -25.19 -64.56
N PRO E 385 -28.60 -26.46 -64.13
CA PRO E 385 -27.72 -26.86 -63.01
C PRO E 385 -26.24 -26.71 -63.33
N GLY E 386 -25.85 -26.91 -64.59
CA GLY E 386 -24.46 -26.84 -64.98
C GLY E 386 -23.90 -25.43 -65.09
N GLY E 387 -24.68 -24.42 -64.74
CA GLY E 387 -24.25 -23.03 -64.82
C GLY E 387 -24.07 -22.42 -63.44
N ARG E 388 -23.14 -21.47 -63.36
CA ARG E 388 -22.84 -20.78 -62.10
C ARG E 388 -22.87 -19.28 -62.34
N ASN E 389 -23.58 -18.56 -61.47
CA ASN E 389 -23.64 -17.11 -61.58
C ASN E 389 -23.60 -16.49 -60.19
N LEU E 390 -23.14 -15.24 -60.15
CA LEU E 390 -23.02 -14.48 -58.92
C LEU E 390 -24.30 -13.69 -58.69
N TYR E 391 -24.91 -13.87 -57.53
CA TYR E 391 -26.06 -13.10 -57.11
C TYR E 391 -25.72 -12.35 -55.82
N LYS E 392 -26.55 -11.38 -55.47
CA LYS E 392 -26.39 -10.68 -54.21
C LYS E 392 -27.76 -10.37 -53.62
N ILE E 393 -27.86 -10.51 -52.29
CA ILE E 393 -29.09 -10.30 -51.55
C ILE E 393 -28.90 -9.09 -50.64
N GLN E 394 -29.89 -8.20 -50.63
CA GLN E 394 -29.96 -7.18 -49.60
C GLN E 394 -30.44 -7.83 -48.32
N LEU E 395 -29.60 -7.82 -47.29
CA LEU E 395 -29.90 -8.51 -46.04
C LEU E 395 -31.08 -7.92 -45.29
N ASN E 396 -31.67 -6.83 -45.80
CA ASN E 396 -32.91 -6.25 -45.28
C ASN E 396 -34.11 -6.68 -46.11
N ASN E 397 -34.04 -6.50 -47.42
CA ASN E 397 -35.08 -6.91 -48.36
C ASN E 397 -34.63 -8.21 -49.01
N TYR E 398 -35.01 -9.33 -48.39
CA TYR E 398 -34.73 -10.63 -49.00
C TYR E 398 -35.28 -10.76 -50.40
N ALA E 399 -36.26 -9.91 -50.76
CA ALA E 399 -36.83 -9.95 -52.10
C ALA E 399 -35.90 -9.35 -53.14
N ASN E 400 -35.06 -8.39 -52.75
CA ASN E 400 -34.12 -7.76 -53.68
C ASN E 400 -32.94 -8.69 -53.89
N VAL E 401 -33.06 -9.57 -54.89
CA VAL E 401 -32.02 -10.54 -55.24
C VAL E 401 -31.53 -10.19 -56.63
N THR E 402 -30.31 -9.66 -56.72
CA THR E 402 -29.79 -9.07 -57.95
C THR E 402 -28.60 -9.90 -58.44
N CYS E 403 -28.68 -10.33 -59.70
CA CYS E 403 -27.57 -11.05 -60.32
C CYS E 403 -26.55 -10.06 -60.87
N LEU E 404 -25.27 -10.39 -60.68
CA LEU E 404 -24.17 -9.52 -61.06
C LEU E 404 -23.37 -10.06 -62.23
N SER E 405 -23.71 -11.25 -62.72
CA SER E 405 -22.96 -11.86 -63.82
C SER E 405 -23.82 -12.50 -64.89
N CYS E 406 -25.12 -12.69 -64.68
CA CYS E 406 -25.94 -13.46 -65.60
C CYS E 406 -25.93 -12.86 -67.00
N GLU E 407 -25.93 -11.54 -67.09
CA GLU E 407 -26.18 -10.84 -68.36
C GLU E 407 -24.98 -10.05 -68.84
N LEU E 408 -23.77 -10.42 -68.44
CA LEU E 408 -22.58 -9.75 -69.00
C LEU E 408 -22.33 -10.21 -70.43
N ASP E 409 -22.05 -11.50 -70.62
CA ASP E 409 -21.83 -12.09 -71.93
C ASP E 409 -22.59 -13.41 -71.99
N PRO E 410 -23.93 -13.37 -72.08
CA PRO E 410 -24.71 -14.60 -71.90
C PRO E 410 -24.41 -15.69 -72.91
N GLU E 411 -23.71 -15.37 -74.00
CA GLU E 411 -23.32 -16.38 -74.98
C GLU E 411 -21.95 -16.99 -74.70
N ARG E 412 -21.04 -16.21 -74.11
CA ARG E 412 -19.69 -16.67 -73.86
C ARG E 412 -19.51 -17.22 -72.45
N CYS E 413 -20.11 -16.57 -71.46
CA CYS E 413 -19.82 -16.85 -70.05
C CYS E 413 -21.09 -17.31 -69.35
N GLN E 414 -21.04 -18.51 -68.77
CA GLN E 414 -22.16 -19.05 -68.00
C GLN E 414 -21.73 -19.77 -66.73
N TYR E 415 -20.43 -19.81 -66.42
CA TYR E 415 -19.91 -20.58 -65.29
C TYR E 415 -18.96 -19.66 -64.53
N TYR E 416 -19.50 -18.88 -63.61
CA TYR E 416 -18.74 -17.85 -62.94
C TYR E 416 -18.25 -18.31 -61.57
N SER E 417 -17.23 -17.61 -61.07
CA SER E 417 -16.82 -17.67 -59.69
C SER E 417 -16.21 -16.32 -59.34
N ALA E 418 -15.95 -16.10 -58.06
CA ALA E 418 -15.44 -14.81 -57.61
C ALA E 418 -14.46 -14.99 -56.47
N SER E 419 -13.55 -14.02 -56.34
CA SER E 419 -12.61 -13.96 -55.23
C SER E 419 -12.66 -12.53 -54.69
N PHE E 420 -13.40 -12.33 -53.60
CA PHE E 420 -13.64 -11.01 -53.05
C PHE E 420 -12.43 -10.51 -52.25
N SER E 421 -12.38 -9.20 -52.08
CA SER E 421 -11.39 -8.57 -51.21
C SER E 421 -11.88 -8.61 -49.76
N LYS E 422 -11.02 -8.15 -48.85
CA LYS E 422 -11.44 -7.95 -47.47
C LYS E 422 -12.52 -6.87 -47.42
N GLY E 423 -13.58 -7.15 -46.67
CA GLY E 423 -14.70 -6.23 -46.61
C GLY E 423 -15.48 -6.08 -47.90
N ALA E 424 -15.14 -6.85 -48.94
CA ALA E 424 -15.91 -6.92 -50.19
C ALA E 424 -16.02 -5.56 -50.88
N LYS E 425 -14.93 -4.79 -50.85
CA LYS E 425 -14.89 -3.58 -51.66
C LYS E 425 -14.85 -3.92 -53.14
N TYR E 426 -13.97 -4.84 -53.46
CA TYR E 426 -13.79 -5.26 -54.87
C TYR E 426 -13.89 -6.77 -54.96
N TYR E 427 -14.14 -7.30 -56.15
CA TYR E 427 -14.17 -8.75 -56.33
C TYR E 427 -13.76 -9.09 -57.75
N GLN E 428 -12.88 -10.08 -57.88
CA GLN E 428 -12.46 -10.54 -59.19
C GLN E 428 -13.49 -11.51 -59.75
N LEU E 429 -14.08 -11.14 -60.89
CA LEU E 429 -14.98 -12.04 -61.59
C LEU E 429 -14.17 -13.06 -62.37
N ARG E 430 -14.66 -14.29 -62.39
CA ARG E 430 -13.91 -15.44 -62.90
C ARG E 430 -14.85 -16.30 -63.73
N CYS E 431 -14.76 -16.17 -65.05
CA CYS E 431 -15.62 -16.88 -65.98
C CYS E 431 -14.86 -18.05 -66.59
N SER E 432 -15.45 -19.24 -66.56
CA SER E 432 -14.76 -20.46 -66.90
C SER E 432 -15.31 -21.17 -68.13
N GLY E 433 -16.40 -20.68 -68.72
CA GLY E 433 -16.98 -21.30 -69.89
C GLY E 433 -18.36 -20.77 -70.21
N PRO E 434 -19.04 -21.38 -71.21
CA PRO E 434 -18.58 -22.50 -72.03
C PRO E 434 -17.58 -22.08 -73.10
N GLN E 435 -17.61 -20.81 -73.46
CA GLN E 435 -16.64 -20.26 -74.42
C GLN E 435 -15.35 -19.92 -73.70
N ILE E 436 -14.49 -19.16 -74.35
CA ILE E 436 -13.11 -18.95 -73.88
C ILE E 436 -13.14 -18.19 -72.56
N PRO E 437 -12.42 -18.64 -71.54
CA PRO E 437 -12.50 -18.01 -70.21
C PRO E 437 -12.07 -16.55 -70.24
N ARG E 438 -12.56 -15.81 -69.25
CA ARG E 438 -12.37 -14.36 -69.18
C ARG E 438 -12.33 -13.97 -67.71
N TYR E 439 -11.40 -13.08 -67.36
CA TYR E 439 -11.19 -12.67 -65.98
C TYR E 439 -11.29 -11.16 -65.90
N SER E 440 -12.22 -10.66 -65.09
CA SER E 440 -12.44 -9.24 -64.96
C SER E 440 -12.49 -8.83 -63.49
N LEU E 441 -12.20 -7.57 -63.24
CA LEU E 441 -12.14 -6.98 -61.91
C LEU E 441 -13.28 -6.00 -61.75
N HIS E 442 -13.99 -6.08 -60.62
CA HIS E 442 -15.20 -5.30 -60.40
C HIS E 442 -15.13 -4.56 -59.07
N SER E 443 -16.04 -3.60 -58.93
CA SER E 443 -16.25 -2.85 -57.69
C SER E 443 -17.63 -3.16 -57.15
N SER E 444 -17.71 -3.43 -55.84
CA SER E 444 -18.99 -3.82 -55.25
C SER E 444 -19.98 -2.66 -55.17
N SER E 445 -19.49 -1.42 -55.13
CA SER E 445 -20.37 -0.27 -54.94
C SER E 445 -21.34 -0.10 -56.11
N ASN E 446 -20.94 -0.51 -57.31
CA ASN E 446 -21.79 -0.35 -58.48
C ASN E 446 -21.77 -1.54 -59.42
N ASP E 447 -21.03 -2.62 -59.09
CA ASP E 447 -20.88 -3.78 -59.97
C ASP E 447 -20.48 -3.36 -61.38
N LYS E 448 -19.62 -2.35 -61.44
CA LYS E 448 -19.16 -1.79 -62.71
C LYS E 448 -17.77 -2.33 -63.02
N GLU E 449 -17.60 -2.87 -64.22
CA GLU E 449 -16.33 -3.45 -64.60
C GLU E 449 -15.24 -2.40 -64.56
N LEU E 450 -14.26 -2.62 -63.69
CA LEU E 450 -13.16 -1.66 -63.55
C LEU E 450 -12.09 -1.86 -64.61
N ARG E 451 -11.76 -3.10 -64.94
CA ARG E 451 -10.77 -3.39 -65.96
C ARG E 451 -10.77 -4.89 -66.27
N LEU E 452 -10.29 -5.21 -67.47
CA LEU E 452 -10.21 -6.58 -67.95
C LEU E 452 -8.84 -7.15 -67.58
N LEU E 453 -8.83 -8.19 -66.74
CA LEU E 453 -7.58 -8.73 -66.22
C LEU E 453 -6.91 -9.64 -67.24
N GLU E 454 -7.66 -10.61 -67.77
CA GLU E 454 -7.15 -11.49 -68.81
C GLU E 454 -8.30 -11.93 -69.68
N ASN E 455 -8.17 -11.69 -70.98
CA ASN E 455 -9.24 -12.01 -71.92
C ASN E 455 -8.98 -13.30 -72.69
N ASN E 456 -7.76 -13.84 -72.60
CA ASN E 456 -7.37 -15.01 -73.39
C ASN E 456 -7.62 -14.75 -74.88
N THR E 457 -7.04 -13.66 -75.37
CA THR E 457 -7.20 -13.29 -76.77
C THR E 457 -6.39 -14.19 -77.69
N ALA E 458 -5.10 -14.34 -77.39
CA ALA E 458 -4.25 -15.21 -78.21
C ALA E 458 -4.81 -16.62 -78.27
N LEU E 459 -5.37 -17.11 -77.16
CA LEU E 459 -6.06 -18.39 -77.18
C LEU E 459 -7.26 -18.36 -78.12
N TYR E 460 -7.95 -17.21 -78.19
CA TYR E 460 -9.08 -17.07 -79.12
C TYR E 460 -8.62 -17.13 -80.57
N GLU E 461 -7.56 -16.38 -80.91
CA GLU E 461 -7.04 -16.41 -82.28
C GLU E 461 -6.47 -17.78 -82.62
N THR E 462 -5.60 -18.31 -81.77
CA THR E 462 -4.95 -19.59 -82.04
C THR E 462 -5.95 -20.73 -82.17
N LEU E 463 -7.17 -20.57 -81.66
CA LEU E 463 -8.19 -21.59 -81.80
C LEU E 463 -8.94 -21.53 -83.11
N GLN E 464 -9.06 -20.34 -83.72
CA GLN E 464 -9.79 -20.23 -84.98
C GLN E 464 -9.02 -20.83 -86.15
N ASN E 465 -7.74 -21.16 -85.97
CA ASN E 465 -6.98 -21.91 -86.96
C ASN E 465 -7.31 -23.39 -86.95
N ILE E 466 -8.12 -23.84 -86.00
CA ILE E 466 -8.33 -25.26 -85.73
C ILE E 466 -9.81 -25.57 -85.86
N GLN E 467 -10.11 -26.77 -86.38
CA GLN E 467 -11.49 -27.24 -86.46
C GLN E 467 -11.89 -27.71 -85.05
N MET E 468 -12.13 -26.74 -84.19
CA MET E 468 -12.41 -27.03 -82.79
C MET E 468 -13.83 -27.57 -82.64
N PRO E 469 -14.04 -28.49 -81.69
CA PRO E 469 -15.37 -29.07 -81.50
C PRO E 469 -16.35 -28.09 -80.89
N ARG E 470 -17.60 -28.52 -80.74
CA ARG E 470 -18.63 -27.72 -80.09
C ARG E 470 -19.33 -28.58 -79.05
N LYS E 471 -19.57 -28.02 -77.88
CA LYS E 471 -20.16 -28.73 -76.76
C LYS E 471 -21.59 -28.24 -76.57
N THR E 472 -22.55 -29.17 -76.60
CA THR E 472 -23.95 -28.86 -76.37
C THR E 472 -24.36 -29.31 -74.98
N LEU E 473 -25.08 -28.44 -74.28
CA LEU E 473 -25.70 -28.79 -73.01
C LEU E 473 -27.19 -28.98 -73.26
N ASP E 474 -27.62 -30.24 -73.23
CA ASP E 474 -29.02 -30.58 -73.44
C ASP E 474 -29.46 -31.42 -72.27
N PHE E 475 -30.71 -31.89 -72.31
CA PHE E 475 -31.23 -32.74 -71.25
C PHE E 475 -32.16 -33.78 -71.84
N LEU E 476 -32.48 -34.78 -71.03
CA LEU E 476 -33.46 -35.80 -71.38
C LEU E 476 -34.19 -36.19 -70.10
N HIS E 477 -35.35 -36.83 -70.28
CA HIS E 477 -36.19 -37.23 -69.17
C HIS E 477 -36.03 -38.73 -68.93
N LEU E 478 -35.78 -39.10 -67.68
CA LEU E 478 -35.79 -40.50 -67.25
C LEU E 478 -36.94 -40.66 -66.25
N ASN E 479 -37.94 -41.45 -66.63
CA ASN E 479 -39.12 -41.69 -65.81
C ASN E 479 -39.76 -40.38 -65.37
N GLY E 480 -39.75 -39.39 -66.27
CA GLY E 480 -40.34 -38.10 -65.98
C GLY E 480 -39.49 -37.19 -65.11
N THR E 481 -38.20 -37.48 -64.96
CA THR E 481 -37.29 -36.63 -64.19
C THR E 481 -36.24 -36.07 -65.13
N LYS E 482 -36.12 -34.74 -65.16
CA LYS E 482 -35.15 -34.10 -66.02
C LYS E 482 -33.73 -34.51 -65.63
N PHE E 483 -32.94 -34.90 -66.63
CA PHE E 483 -31.54 -35.23 -66.43
C PHE E 483 -30.73 -34.57 -67.54
N TRP E 484 -29.65 -33.90 -67.16
CA TRP E 484 -28.85 -33.14 -68.09
C TRP E 484 -27.66 -33.95 -68.58
N TYR E 485 -27.24 -33.66 -69.81
CA TYR E 485 -26.06 -34.28 -70.37
C TYR E 485 -25.34 -33.26 -71.24
N GLN E 486 -24.07 -33.54 -71.52
CA GLN E 486 -23.27 -32.73 -72.41
C GLN E 486 -22.74 -33.61 -73.53
N MET E 487 -22.55 -33.00 -74.71
CA MET E 487 -22.05 -33.70 -75.87
C MET E 487 -20.97 -32.84 -76.52
N ILE E 488 -19.73 -33.31 -76.53
CA ILE E 488 -18.68 -32.64 -77.26
C ILE E 488 -18.81 -33.06 -78.72
N LEU E 489 -19.20 -32.12 -79.57
CA LEU E 489 -19.52 -32.62 -80.90
C LEU E 489 -18.37 -32.36 -81.87
N PRO E 490 -18.13 -33.28 -82.80
CA PRO E 490 -17.07 -33.06 -83.77
C PRO E 490 -17.38 -31.86 -84.64
N PRO E 491 -16.35 -31.15 -85.12
CA PRO E 491 -16.60 -30.00 -86.00
C PRO E 491 -17.24 -30.44 -87.31
N HIS E 492 -18.01 -29.53 -87.91
CA HIS E 492 -18.77 -29.80 -89.12
C HIS E 492 -19.74 -30.96 -88.89
N PHE E 493 -20.49 -30.87 -87.78
CA PHE E 493 -21.38 -31.94 -87.38
C PHE E 493 -22.50 -32.09 -88.41
N ASP E 494 -22.83 -33.33 -88.73
CA ASP E 494 -23.88 -33.66 -89.70
C ASP E 494 -24.75 -34.73 -89.09
N LYS E 495 -25.92 -34.33 -88.56
CA LYS E 495 -26.81 -35.26 -87.90
C LYS E 495 -27.35 -36.34 -88.83
N SER E 496 -27.05 -36.27 -90.13
CA SER E 496 -27.38 -37.37 -91.03
C SER E 496 -26.40 -38.52 -90.91
N LYS E 497 -25.13 -38.22 -90.61
CA LYS E 497 -24.12 -39.26 -90.46
C LYS E 497 -24.40 -40.08 -89.20
N LYS E 498 -23.54 -41.07 -88.95
CA LYS E 498 -23.53 -41.83 -87.71
C LYS E 498 -22.12 -41.79 -87.13
N TYR E 499 -22.03 -41.41 -85.85
CA TYR E 499 -20.75 -41.23 -85.19
C TYR E 499 -20.57 -42.29 -84.10
N PRO E 500 -19.34 -42.66 -83.79
CA PRO E 500 -19.09 -43.46 -82.58
C PRO E 500 -19.34 -42.62 -81.34
N LEU E 501 -19.58 -43.32 -80.24
CA LEU E 501 -19.98 -42.69 -78.98
C LEU E 501 -19.05 -43.13 -77.86
N LEU E 502 -18.45 -42.16 -77.18
CA LEU E 502 -17.64 -42.41 -76.00
C LEU E 502 -18.29 -41.72 -74.81
N ILE E 503 -18.62 -42.49 -73.78
CA ILE E 503 -19.33 -41.97 -72.62
C ILE E 503 -18.32 -41.81 -71.49
N ASP E 504 -18.01 -40.55 -71.15
CA ASP E 504 -17.17 -40.25 -70.00
C ASP E 504 -18.03 -40.27 -68.74
N VAL E 505 -17.63 -41.06 -67.77
CA VAL E 505 -18.44 -41.32 -66.58
C VAL E 505 -17.66 -40.93 -65.33
N TYR E 506 -18.29 -40.14 -64.47
CA TYR E 506 -17.96 -40.14 -63.05
C TYR E 506 -19.15 -40.61 -62.23
N ALA E 507 -20.31 -39.96 -62.36
CA ALA E 507 -21.58 -40.41 -61.78
C ALA E 507 -21.52 -40.59 -60.27
N GLY E 508 -20.48 -40.10 -59.61
CA GLY E 508 -20.37 -40.18 -58.18
C GLY E 508 -21.45 -39.37 -57.49
N PRO E 509 -21.64 -39.60 -56.19
CA PRO E 509 -22.59 -38.78 -55.44
C PRO E 509 -22.19 -37.32 -55.43
N CYS E 510 -23.17 -36.45 -55.75
CA CYS E 510 -22.95 -35.00 -55.85
C CYS E 510 -21.87 -34.68 -56.87
N SER E 511 -21.88 -35.38 -58.00
CA SER E 511 -20.97 -35.12 -59.10
C SER E 511 -21.69 -34.36 -60.20
N GLN E 512 -20.90 -33.69 -61.03
CA GLN E 512 -21.45 -32.92 -62.15
C GLN E 512 -20.46 -33.03 -63.31
N LYS E 513 -20.76 -33.93 -64.24
CA LYS E 513 -19.97 -34.05 -65.46
C LYS E 513 -20.56 -33.25 -66.62
N ALA E 514 -21.84 -32.88 -66.54
CA ALA E 514 -22.53 -32.13 -67.58
C ALA E 514 -22.73 -30.71 -67.06
N ASP E 515 -21.75 -29.85 -67.31
CA ASP E 515 -21.76 -28.46 -66.88
C ASP E 515 -21.52 -27.57 -68.09
N ALA E 516 -21.45 -26.26 -67.85
CA ALA E 516 -21.22 -25.27 -68.90
C ALA E 516 -19.78 -24.77 -68.89
N THR E 517 -18.82 -25.65 -68.61
CA THR E 517 -17.43 -25.26 -68.46
C THR E 517 -16.66 -25.50 -69.76
N PHE E 518 -15.47 -24.90 -69.83
CA PHE E 518 -14.62 -24.95 -71.02
C PHE E 518 -13.31 -25.63 -70.65
N LYS E 519 -13.09 -26.83 -71.20
CA LYS E 519 -11.86 -27.58 -70.94
C LYS E 519 -11.24 -28.00 -72.27
N LEU E 520 -9.93 -27.84 -72.38
CA LEU E 520 -9.14 -28.45 -73.44
C LEU E 520 -8.74 -29.84 -72.94
N SER E 521 -9.51 -30.85 -73.31
CA SER E 521 -9.36 -32.18 -72.73
C SER E 521 -9.06 -33.19 -73.83
N TRP E 522 -8.86 -34.43 -73.37
CA TRP E 522 -8.72 -35.56 -74.30
C TRP E 522 -9.97 -35.75 -75.14
N ALA E 523 -11.13 -35.41 -74.59
CA ALA E 523 -12.38 -35.49 -75.36
C ALA E 523 -12.35 -34.56 -76.58
N THR E 524 -11.63 -33.44 -76.48
CA THR E 524 -11.52 -32.53 -77.61
C THR E 524 -10.80 -33.21 -78.78
N TYR E 525 -9.71 -33.92 -78.49
CA TYR E 525 -8.96 -34.62 -79.53
C TYR E 525 -9.81 -35.66 -80.24
N LEU E 526 -10.51 -36.50 -79.46
CA LEU E 526 -11.34 -37.55 -80.04
C LEU E 526 -12.46 -36.98 -80.91
N ALA E 527 -12.92 -35.77 -80.61
CA ALA E 527 -13.95 -35.13 -81.41
C ALA E 527 -13.39 -34.30 -82.55
N SER E 528 -12.30 -33.56 -82.30
CA SER E 528 -11.72 -32.72 -83.34
C SER E 528 -10.98 -33.55 -84.38
N THR E 529 -10.21 -34.55 -83.95
CA THR E 529 -9.33 -35.30 -84.82
C THR E 529 -9.93 -36.64 -85.27
N GLU E 530 -10.44 -37.43 -84.33
CA GLU E 530 -10.93 -38.77 -84.65
C GLU E 530 -12.44 -38.83 -84.89
N ASN E 531 -13.13 -37.68 -84.83
CA ASN E 531 -14.57 -37.60 -85.09
C ASN E 531 -15.35 -38.59 -84.22
N ILE E 532 -15.20 -38.41 -82.91
CA ILE E 532 -15.93 -39.19 -81.90
C ILE E 532 -16.78 -38.21 -81.10
N ILE E 533 -18.03 -38.57 -80.86
CA ILE E 533 -18.87 -37.82 -79.93
C ILE E 533 -18.55 -38.30 -78.51
N VAL E 534 -18.15 -37.37 -77.66
CA VAL E 534 -17.86 -37.68 -76.25
C VAL E 534 -18.97 -37.07 -75.42
N ALA E 535 -19.73 -37.93 -74.75
CA ALA E 535 -20.88 -37.51 -73.96
C ALA E 535 -20.65 -37.82 -72.49
N SER E 536 -21.30 -37.03 -71.63
CA SER E 536 -21.29 -37.25 -70.19
C SER E 536 -22.69 -37.02 -69.67
N PHE E 537 -23.19 -37.95 -68.85
CA PHE E 537 -24.56 -37.93 -68.37
C PHE E 537 -24.56 -37.87 -66.84
N ASP E 538 -25.43 -37.02 -66.29
CA ASP E 538 -25.54 -36.84 -64.84
C ASP E 538 -26.94 -37.26 -64.41
N GLY E 539 -27.06 -38.52 -64.00
CA GLY E 539 -28.33 -39.12 -63.61
C GLY E 539 -28.54 -39.07 -62.11
N ARG E 540 -29.11 -40.15 -61.58
CA ARG E 540 -29.37 -40.24 -60.15
C ARG E 540 -28.05 -40.28 -59.38
N GLY E 541 -28.07 -39.71 -58.17
CA GLY E 541 -26.87 -39.51 -57.39
C GLY E 541 -26.15 -38.22 -57.69
N SER E 542 -26.45 -37.56 -58.81
CA SER E 542 -25.81 -36.30 -59.13
C SER E 542 -26.31 -35.19 -58.20
N GLY E 543 -25.46 -34.18 -58.00
CA GLY E 543 -25.75 -33.10 -57.10
C GLY E 543 -26.23 -31.84 -57.80
N TYR E 544 -26.47 -30.81 -56.99
CA TYR E 544 -26.92 -29.49 -57.43
C TYR E 544 -28.28 -29.52 -58.09
N GLN E 545 -29.02 -30.63 -57.96
CA GLN E 545 -30.34 -30.77 -58.56
C GLN E 545 -31.43 -31.12 -57.57
N GLY E 546 -31.09 -31.42 -56.33
CA GLY E 546 -32.06 -31.77 -55.31
C GLY E 546 -31.63 -33.01 -54.54
N ASP E 547 -32.05 -33.08 -53.27
CA ASP E 547 -31.75 -34.24 -52.45
C ASP E 547 -32.61 -35.44 -52.79
N LYS E 548 -33.74 -35.22 -53.47
CA LYS E 548 -34.50 -36.35 -54.00
C LYS E 548 -33.69 -37.09 -55.06
N ILE E 549 -33.04 -36.34 -55.95
CA ILE E 549 -32.21 -36.95 -56.99
C ILE E 549 -30.91 -37.49 -56.39
N MET E 550 -30.28 -36.72 -55.51
CA MET E 550 -28.95 -37.07 -55.02
C MET E 550 -29.01 -38.22 -54.02
N HIS E 551 -29.87 -38.11 -53.01
CA HIS E 551 -29.92 -39.13 -51.96
C HIS E 551 -30.57 -40.44 -52.41
N ALA E 552 -31.06 -40.51 -53.65
CA ALA E 552 -31.57 -41.78 -54.16
C ALA E 552 -30.48 -42.85 -54.21
N ILE E 553 -29.21 -42.46 -54.12
CA ILE E 553 -28.09 -43.39 -54.15
C ILE E 553 -27.76 -43.93 -52.76
N ASN E 554 -28.37 -43.39 -51.71
CA ASN E 554 -28.00 -43.70 -50.34
C ASN E 554 -28.16 -45.19 -50.05
N ARG E 555 -27.08 -45.78 -49.55
CA ARG E 555 -26.97 -47.21 -49.16
C ARG E 555 -27.17 -48.14 -50.35
N ARG E 556 -27.21 -47.62 -51.57
CA ARG E 556 -27.40 -48.41 -52.78
C ARG E 556 -26.41 -47.98 -53.85
N LEU E 557 -25.13 -47.81 -53.48
CA LEU E 557 -24.14 -47.48 -54.47
C LEU E 557 -24.03 -48.59 -55.51
N GLY E 558 -23.63 -48.22 -56.72
CA GLY E 558 -23.47 -49.18 -57.79
C GLY E 558 -24.76 -49.77 -58.32
N THR E 559 -25.91 -49.13 -58.04
CA THR E 559 -27.18 -49.61 -58.58
C THR E 559 -27.81 -48.61 -59.54
N PHE E 560 -28.05 -47.37 -59.10
CA PHE E 560 -28.86 -46.45 -59.91
C PHE E 560 -28.03 -45.61 -60.86
N GLU E 561 -26.90 -45.09 -60.39
CA GLU E 561 -26.01 -44.35 -61.28
C GLU E 561 -25.46 -45.24 -62.40
N VAL E 562 -25.46 -46.55 -62.20
CA VAL E 562 -25.07 -47.47 -63.27
C VAL E 562 -26.18 -47.61 -64.29
N GLU E 563 -27.37 -48.07 -63.85
CA GLU E 563 -28.48 -48.29 -64.77
C GLU E 563 -28.79 -47.05 -65.59
N ASP E 564 -28.69 -45.88 -64.97
CA ASP E 564 -29.05 -44.64 -65.66
C ASP E 564 -28.06 -44.34 -66.78
N GLN E 565 -26.77 -44.64 -66.56
CA GLN E 565 -25.80 -44.49 -67.64
C GLN E 565 -26.15 -45.39 -68.82
N ILE E 566 -26.65 -46.60 -68.54
CA ILE E 566 -27.04 -47.52 -69.60
C ILE E 566 -28.21 -46.94 -70.40
N GLU E 567 -29.29 -46.59 -69.71
CA GLU E 567 -30.51 -46.17 -70.40
C GLU E 567 -30.29 -44.87 -71.16
N ALA E 568 -29.51 -43.95 -70.59
CA ALA E 568 -29.14 -42.74 -71.33
C ALA E 568 -28.39 -43.09 -72.61
N ALA E 569 -27.48 -44.07 -72.53
CA ALA E 569 -26.81 -44.55 -73.74
C ALA E 569 -27.80 -45.18 -74.70
N LYS E 570 -28.76 -45.94 -74.18
CA LYS E 570 -29.81 -46.49 -75.04
C LYS E 570 -30.63 -45.38 -75.67
N GLN E 571 -30.93 -44.32 -74.90
CA GLN E 571 -31.57 -43.15 -75.48
C GLN E 571 -30.67 -42.47 -76.49
N PHE E 572 -29.35 -42.55 -76.30
CA PHE E 572 -28.42 -42.07 -77.33
C PHE E 572 -28.45 -42.98 -78.55
N SER E 573 -28.69 -44.28 -78.35
CA SER E 573 -28.77 -45.20 -79.48
C SER E 573 -29.96 -44.86 -80.37
N LYS E 574 -31.10 -44.50 -79.76
CA LYS E 574 -32.29 -44.15 -80.53
C LYS E 574 -32.08 -42.91 -81.38
N MET E 575 -31.13 -42.05 -81.02
CA MET E 575 -30.82 -40.88 -81.84
C MET E 575 -30.27 -41.32 -83.19
N GLY E 576 -30.55 -40.52 -84.22
CA GLY E 576 -30.22 -40.91 -85.58
C GLY E 576 -28.77 -40.79 -85.97
N PHE E 577 -27.92 -40.20 -85.13
CA PHE E 577 -26.54 -39.90 -85.49
C PHE E 577 -25.52 -40.67 -84.66
N VAL E 578 -25.94 -41.72 -83.97
CA VAL E 578 -25.07 -42.52 -83.12
C VAL E 578 -24.96 -43.92 -83.69
N ASP E 579 -23.74 -44.41 -83.86
CA ASP E 579 -23.50 -45.77 -84.34
C ASP E 579 -23.70 -46.74 -83.19
N ASP E 580 -24.79 -47.49 -83.22
CA ASP E 580 -25.11 -48.42 -82.13
C ASP E 580 -23.99 -49.41 -81.88
N LYS E 581 -23.24 -49.77 -82.92
CA LYS E 581 -22.20 -50.78 -82.81
C LYS E 581 -20.84 -50.20 -82.41
N ARG E 582 -20.75 -48.92 -82.10
CA ARG E 582 -19.49 -48.29 -81.74
C ARG E 582 -19.66 -47.36 -80.53
N ILE E 583 -20.30 -47.88 -79.48
CA ILE E 583 -20.48 -47.13 -78.23
C ILE E 583 -19.49 -47.67 -77.21
N ALA E 584 -18.71 -46.76 -76.61
CA ALA E 584 -17.73 -47.12 -75.59
C ALA E 584 -17.89 -46.20 -74.39
N ILE E 585 -17.28 -46.59 -73.28
CA ILE E 585 -17.44 -45.90 -72.01
C ILE E 585 -16.12 -45.96 -71.26
N TRP E 586 -15.81 -44.90 -70.52
CA TRP E 586 -14.61 -44.91 -69.68
C TRP E 586 -14.84 -43.97 -68.51
N GLY E 587 -14.02 -44.16 -67.47
CA GLY E 587 -14.15 -43.37 -66.26
C GLY E 587 -12.89 -43.46 -65.43
N TRP E 588 -12.85 -42.64 -64.39
CA TRP E 588 -11.67 -42.53 -63.53
C TRP E 588 -12.12 -42.47 -62.08
N SER E 589 -11.83 -43.55 -61.34
CA SER E 589 -11.84 -43.61 -59.88
C SER E 589 -13.22 -43.65 -59.24
N TYR E 590 -14.26 -43.29 -59.99
CA TYR E 590 -15.60 -43.74 -59.68
C TYR E 590 -16.21 -44.18 -61.00
N GLY E 591 -15.85 -43.45 -62.06
CA GLY E 591 -16.20 -43.88 -63.39
C GLY E 591 -15.63 -45.23 -63.73
N GLY E 592 -14.39 -45.50 -63.30
CA GLY E 592 -13.84 -46.82 -63.45
C GLY E 592 -14.67 -47.88 -62.74
N TYR E 593 -15.22 -47.52 -61.58
CA TYR E 593 -16.18 -48.40 -60.91
C TYR E 593 -17.45 -48.56 -61.74
N VAL E 594 -18.03 -47.43 -62.17
CA VAL E 594 -19.25 -47.49 -62.97
C VAL E 594 -18.96 -48.15 -64.33
N THR E 595 -17.84 -47.79 -64.97
CA THR E 595 -17.48 -48.40 -66.24
C THR E 595 -17.41 -49.92 -66.10
N SER E 596 -16.70 -50.39 -65.07
CA SER E 596 -16.60 -51.83 -64.83
C SER E 596 -17.96 -52.42 -64.47
N MET E 597 -18.77 -51.69 -63.68
CA MET E 597 -20.09 -52.18 -63.32
C MET E 597 -21.06 -52.11 -64.50
N VAL E 598 -20.84 -51.18 -65.43
CA VAL E 598 -21.70 -51.12 -66.62
C VAL E 598 -21.38 -52.27 -67.57
N LEU E 599 -20.09 -52.47 -67.86
CA LEU E 599 -19.69 -53.55 -68.76
C LEU E 599 -20.11 -54.92 -68.21
N GLY E 600 -20.20 -55.05 -66.89
CA GLY E 600 -20.63 -56.29 -66.28
C GLY E 600 -22.14 -56.51 -66.21
N ALA E 601 -22.93 -55.50 -66.57
CA ALA E 601 -24.38 -55.64 -66.52
C ALA E 601 -24.94 -56.49 -67.65
N GLY E 602 -24.18 -56.67 -68.73
CA GLY E 602 -24.65 -57.46 -69.86
C GLY E 602 -25.75 -56.80 -70.64
N SER E 603 -25.66 -55.48 -70.86
CA SER E 603 -26.68 -54.72 -71.55
C SER E 603 -26.57 -54.79 -73.07
N HIS E 604 -25.48 -55.35 -73.60
CA HIS E 604 -25.21 -55.43 -75.04
C HIS E 604 -25.15 -54.05 -75.69
N VAL E 605 -24.99 -52.99 -74.90
CA VAL E 605 -24.99 -51.63 -75.42
C VAL E 605 -23.59 -51.15 -75.76
N PHE E 606 -22.63 -51.40 -74.88
CA PHE E 606 -21.27 -50.92 -75.04
C PHE E 606 -20.39 -52.01 -75.64
N LYS E 607 -19.56 -51.61 -76.61
CA LYS E 607 -18.67 -52.57 -77.24
C LYS E 607 -17.39 -52.78 -76.43
N CYS E 608 -16.80 -51.69 -75.95
CA CYS E 608 -15.58 -51.76 -75.15
C CYS E 608 -15.66 -50.74 -74.02
N GLY E 609 -14.73 -50.86 -73.09
CA GLY E 609 -14.69 -49.96 -71.94
C GLY E 609 -13.30 -49.86 -71.37
N ILE E 610 -13.05 -48.74 -70.68
CA ILE E 610 -11.77 -48.47 -70.03
C ILE E 610 -12.06 -48.07 -68.59
N ALA E 611 -11.34 -48.69 -67.65
CA ALA E 611 -11.47 -48.39 -66.24
C ALA E 611 -10.09 -48.07 -65.68
N VAL E 612 -9.87 -46.82 -65.29
CA VAL E 612 -8.59 -46.35 -64.78
C VAL E 612 -8.72 -46.14 -63.27
N ALA E 613 -7.90 -46.86 -62.51
CA ALA E 613 -7.92 -46.83 -61.05
C ALA E 613 -9.34 -46.98 -60.49
N PRO E 614 -10.00 -48.10 -60.78
CA PRO E 614 -11.41 -48.24 -60.38
C PRO E 614 -11.56 -48.73 -58.96
N VAL E 615 -12.71 -48.41 -58.38
CA VAL E 615 -13.18 -49.10 -57.18
C VAL E 615 -13.77 -50.43 -57.60
N SER E 616 -13.35 -51.50 -56.94
CA SER E 616 -13.92 -52.82 -57.20
C SER E 616 -14.90 -53.28 -56.15
N ALA E 617 -14.65 -52.92 -54.89
CA ALA E 617 -15.51 -53.31 -53.78
C ALA E 617 -15.39 -52.24 -52.70
N TRP E 618 -16.53 -51.75 -52.22
CA TRP E 618 -16.53 -50.70 -51.22
C TRP E 618 -15.92 -51.15 -49.90
N GLU E 619 -15.77 -52.47 -49.70
CA GLU E 619 -15.03 -52.98 -48.56
C GLU E 619 -13.60 -52.44 -48.51
N PHE E 620 -13.05 -52.03 -49.66
CA PHE E 620 -11.64 -51.65 -49.76
C PHE E 620 -11.40 -50.16 -49.69
N TYR E 621 -12.43 -49.33 -49.84
CA TYR E 621 -12.22 -47.89 -49.84
C TYR E 621 -12.31 -47.34 -48.42
N ASP E 622 -11.87 -46.09 -48.25
CA ASP E 622 -11.75 -45.52 -46.91
C ASP E 622 -13.14 -45.36 -46.27
N SER E 623 -13.13 -45.27 -44.94
CA SER E 623 -14.37 -45.27 -44.18
C SER E 623 -15.16 -43.97 -44.35
N VAL E 624 -14.47 -42.82 -44.30
CA VAL E 624 -15.16 -41.54 -44.30
C VAL E 624 -16.04 -41.38 -45.53
N TYR E 625 -15.50 -41.75 -46.69
CA TYR E 625 -16.27 -41.67 -47.93
C TYR E 625 -17.30 -42.80 -48.03
N THR E 626 -16.85 -44.04 -47.82
CA THR E 626 -17.70 -45.20 -48.07
C THR E 626 -18.87 -45.28 -47.10
N GLU E 627 -18.59 -45.16 -45.79
CA GLU E 627 -19.65 -45.27 -44.79
C GLU E 627 -20.67 -44.17 -44.93
N ARG E 628 -20.28 -43.02 -45.50
CA ARG E 628 -21.21 -41.91 -45.66
C ARG E 628 -22.37 -42.29 -46.58
N TYR E 629 -22.09 -43.04 -47.65
CA TYR E 629 -23.12 -43.43 -48.62
C TYR E 629 -23.56 -44.88 -48.51
N MET E 630 -22.75 -45.75 -47.89
CA MET E 630 -23.06 -47.17 -47.86
C MET E 630 -23.32 -47.72 -46.45
N GLY E 631 -23.08 -46.94 -45.40
CA GLY E 631 -23.30 -47.43 -44.06
C GLY E 631 -22.19 -48.39 -43.61
N LEU E 632 -22.52 -49.18 -42.59
CA LEU E 632 -21.51 -50.07 -42.03
C LEU E 632 -21.61 -51.46 -42.64
N PRO E 633 -20.47 -52.05 -43.05
CA PRO E 633 -20.50 -53.42 -43.60
C PRO E 633 -20.72 -54.45 -42.51
N THR E 634 -21.77 -54.28 -41.71
CA THR E 634 -22.15 -55.20 -40.66
C THR E 634 -23.42 -55.96 -41.07
N PRO E 635 -23.58 -57.20 -40.63
CA PRO E 635 -24.79 -57.96 -40.98
C PRO E 635 -26.08 -57.30 -40.50
N GLU E 636 -25.98 -56.27 -39.65
CA GLU E 636 -27.15 -55.58 -39.12
C GLU E 636 -27.48 -54.29 -39.85
N ASP E 637 -26.53 -53.69 -40.57
CA ASP E 637 -26.75 -52.38 -41.17
C ASP E 637 -26.76 -52.45 -42.69
N ASN E 638 -25.62 -52.74 -43.35
CA ASN E 638 -25.61 -52.74 -44.81
C ASN E 638 -24.61 -53.71 -45.41
N LEU E 639 -24.33 -54.84 -44.74
CA LEU E 639 -23.31 -55.75 -45.27
C LEU E 639 -23.69 -56.26 -46.65
N ASP E 640 -24.97 -56.46 -46.91
CA ASP E 640 -25.40 -57.14 -48.14
C ASP E 640 -25.01 -56.35 -49.37
N HIS E 641 -25.46 -55.10 -49.49
CA HIS E 641 -25.14 -54.35 -50.69
C HIS E 641 -23.66 -53.99 -50.76
N TYR E 642 -22.89 -54.18 -49.69
CA TYR E 642 -21.44 -54.21 -49.82
C TYR E 642 -21.01 -55.40 -50.67
N LYS E 643 -21.64 -56.56 -50.45
CA LYS E 643 -21.32 -57.77 -51.21
C LYS E 643 -21.92 -57.72 -52.61
N ASN E 644 -23.19 -57.32 -52.71
CA ASN E 644 -23.92 -57.35 -53.97
C ASN E 644 -23.36 -56.36 -54.99
N SER E 645 -22.57 -55.37 -54.55
CA SER E 645 -22.14 -54.27 -55.40
C SER E 645 -20.68 -54.38 -55.84
N THR E 646 -20.08 -55.56 -55.75
CA THR E 646 -18.70 -55.71 -56.21
C THR E 646 -18.68 -55.84 -57.73
N VAL E 647 -17.59 -55.36 -58.34
CA VAL E 647 -17.37 -55.64 -59.76
C VAL E 647 -17.13 -57.13 -59.97
N MET E 648 -16.43 -57.77 -59.03
CA MET E 648 -16.01 -59.17 -59.22
C MET E 648 -17.20 -60.11 -59.36
N SER E 649 -18.35 -59.76 -58.77
CA SER E 649 -19.53 -60.59 -58.93
C SER E 649 -20.12 -60.53 -60.34
N ARG E 650 -19.58 -59.68 -61.21
CA ARG E 650 -20.07 -59.53 -62.58
C ARG E 650 -19.07 -60.00 -63.63
N ALA E 651 -18.16 -60.90 -63.24
CA ALA E 651 -17.03 -61.26 -64.10
C ALA E 651 -17.49 -61.92 -65.40
N GLU E 652 -18.49 -62.80 -65.33
CA GLU E 652 -18.88 -63.57 -66.50
C GLU E 652 -19.27 -62.68 -67.66
N ASN E 653 -20.09 -61.66 -67.40
CA ASN E 653 -20.59 -60.80 -68.47
C ASN E 653 -19.50 -59.95 -69.12
N PHE E 654 -18.26 -60.04 -68.64
CA PHE E 654 -17.16 -59.36 -69.33
C PHE E 654 -16.72 -60.11 -70.59
N LYS E 655 -17.18 -61.35 -70.78
CA LYS E 655 -16.89 -62.06 -72.02
C LYS E 655 -17.46 -61.38 -73.25
N LEU E 656 -18.38 -60.43 -73.07
CA LEU E 656 -19.07 -59.79 -74.18
C LEU E 656 -18.48 -58.44 -74.56
N VAL E 657 -17.43 -58.00 -73.84
CA VAL E 657 -16.86 -56.68 -74.06
C VAL E 657 -15.35 -56.73 -74.00
N GLU E 658 -14.71 -55.76 -74.64
CA GLU E 658 -13.28 -55.54 -74.53
C GLU E 658 -13.02 -54.61 -73.35
N TYR E 659 -12.09 -55.00 -72.49
CA TYR E 659 -11.88 -54.32 -71.21
C TYR E 659 -10.40 -53.98 -71.07
N LEU E 660 -10.12 -52.73 -70.70
CA LEU E 660 -8.76 -52.26 -70.48
C LEU E 660 -8.67 -51.68 -69.07
N LEU E 661 -7.87 -52.30 -68.22
CA LEU E 661 -7.77 -51.96 -66.81
C LEU E 661 -6.39 -51.37 -66.52
N ILE E 662 -6.36 -50.15 -66.00
CA ILE E 662 -5.13 -49.44 -65.68
C ILE E 662 -5.12 -49.11 -64.20
N HIS E 663 -3.94 -49.14 -63.59
CA HIS E 663 -3.83 -48.75 -62.18
C HIS E 663 -2.39 -48.39 -61.86
N GLY E 664 -2.22 -47.45 -60.94
CA GLY E 664 -0.90 -47.09 -60.45
C GLY E 664 -0.51 -47.95 -59.26
N THR E 665 0.77 -48.36 -59.24
CA THR E 665 1.26 -49.24 -58.19
C THR E 665 1.37 -48.52 -56.85
N ALA E 666 1.69 -47.23 -56.87
CA ALA E 666 1.79 -46.41 -55.67
C ALA E 666 0.54 -45.60 -55.42
N ASP E 667 -0.63 -46.15 -55.72
CA ASP E 667 -1.89 -45.48 -55.45
C ASP E 667 -2.24 -45.68 -53.98
N ASP E 668 -2.39 -44.57 -53.26
CA ASP E 668 -2.83 -44.59 -51.88
C ASP E 668 -4.31 -44.31 -51.71
N ASN E 669 -4.96 -43.71 -52.71
CA ASN E 669 -6.38 -43.41 -52.60
C ASN E 669 -7.22 -44.63 -52.97
N VAL E 670 -7.12 -45.09 -54.21
CA VAL E 670 -7.77 -46.33 -54.65
C VAL E 670 -6.67 -47.37 -54.75
N HIS E 671 -6.56 -48.22 -53.73
CA HIS E 671 -5.44 -49.13 -53.62
C HIS E 671 -5.41 -50.11 -54.79
N PHE E 672 -4.18 -50.47 -55.19
CA PHE E 672 -3.99 -51.44 -56.26
C PHE E 672 -4.76 -52.74 -55.98
N GLN E 673 -4.95 -53.07 -54.69
CA GLN E 673 -5.71 -54.26 -54.31
C GLN E 673 -7.03 -54.35 -55.05
N GLN E 674 -7.68 -53.20 -55.28
CA GLN E 674 -9.01 -53.21 -55.89
C GLN E 674 -8.94 -53.67 -57.34
N SER E 675 -7.95 -53.20 -58.10
CA SER E 675 -7.80 -53.69 -59.46
C SER E 675 -7.38 -55.16 -59.48
N ALA E 676 -6.46 -55.54 -58.59
CA ALA E 676 -5.96 -56.91 -58.57
C ALA E 676 -7.08 -57.90 -58.27
N GLN E 677 -8.02 -57.52 -57.42
CA GLN E 677 -9.14 -58.41 -57.12
C GLN E 677 -10.04 -58.62 -58.34
N ILE E 678 -10.11 -57.64 -59.24
CA ILE E 678 -10.93 -57.77 -60.44
C ILE E 678 -10.32 -58.80 -61.39
N THR E 679 -9.03 -58.63 -61.71
CA THR E 679 -8.37 -59.52 -62.65
C THR E 679 -8.45 -60.97 -62.19
N ARG E 680 -8.27 -61.21 -60.89
CA ARG E 680 -8.40 -62.56 -60.35
C ARG E 680 -9.77 -63.13 -60.66
N ALA E 681 -10.83 -62.32 -60.50
CA ALA E 681 -12.16 -62.77 -60.85
C ALA E 681 -12.31 -62.92 -62.36
N LEU E 682 -11.69 -62.03 -63.14
CA LEU E 682 -11.69 -62.17 -64.59
C LEU E 682 -10.83 -63.33 -65.05
N VAL E 683 -9.74 -63.62 -64.33
CA VAL E 683 -8.93 -64.80 -64.64
C VAL E 683 -9.67 -66.07 -64.23
N ASP E 684 -10.29 -66.06 -63.04
CA ASP E 684 -11.04 -67.22 -62.57
C ASP E 684 -12.27 -67.50 -63.44
N ALA E 685 -12.73 -66.52 -64.22
CA ALA E 685 -13.86 -66.71 -65.12
C ALA E 685 -13.44 -67.00 -66.55
N GLY E 686 -12.13 -67.02 -66.82
CA GLY E 686 -11.67 -67.25 -68.18
C GLY E 686 -12.01 -66.14 -69.16
N VAL E 687 -12.05 -64.90 -68.68
CA VAL E 687 -12.33 -63.74 -69.52
C VAL E 687 -11.02 -63.06 -69.88
N ASP E 688 -10.79 -62.84 -71.16
CA ASP E 688 -9.62 -62.11 -71.59
C ASP E 688 -9.89 -60.62 -71.57
N PHE E 689 -8.85 -59.86 -71.26
CA PHE E 689 -8.94 -58.41 -71.14
C PHE E 689 -7.55 -57.83 -71.33
N GLN E 690 -7.45 -56.52 -71.19
CA GLN E 690 -6.17 -55.83 -71.32
C GLN E 690 -5.90 -55.09 -70.01
N ALA E 691 -4.63 -55.08 -69.61
CA ALA E 691 -4.25 -54.43 -68.37
C ALA E 691 -2.97 -53.64 -68.60
N MET E 692 -2.69 -52.70 -67.70
CA MET E 692 -1.51 -51.87 -67.81
C MET E 692 -1.27 -51.20 -66.47
N TRP E 693 -0.13 -51.48 -65.84
CA TRP E 693 0.24 -50.81 -64.61
C TRP E 693 1.23 -49.68 -64.89
N TYR E 694 1.28 -48.73 -63.97
CA TYR E 694 2.21 -47.60 -64.04
C TYR E 694 2.94 -47.52 -62.70
N THR E 695 4.23 -47.84 -62.70
CA THR E 695 4.97 -47.94 -61.47
C THR E 695 5.10 -46.57 -60.81
N ASP E 696 4.88 -46.54 -59.50
CA ASP E 696 5.08 -45.38 -58.65
C ASP E 696 4.22 -44.19 -59.07
N GLU E 697 3.12 -44.43 -59.77
CA GLU E 697 2.18 -43.38 -60.12
C GLU E 697 1.04 -43.38 -59.12
N ASP E 698 0.70 -42.20 -58.62
CA ASP E 698 -0.31 -42.06 -57.58
C ASP E 698 -1.69 -42.20 -58.22
N HIS E 699 -2.73 -41.85 -57.46
CA HIS E 699 -4.09 -41.97 -57.93
C HIS E 699 -4.33 -41.11 -59.16
N GLY E 700 -3.97 -39.84 -59.07
CA GLY E 700 -4.00 -38.94 -60.21
C GLY E 700 -2.73 -39.06 -61.02
N ILE E 701 -2.65 -40.10 -61.85
CA ILE E 701 -1.45 -40.35 -62.64
C ILE E 701 -1.13 -39.07 -63.39
N ALA E 702 -0.02 -38.43 -63.02
CA ALA E 702 0.24 -37.07 -63.47
C ALA E 702 1.69 -36.82 -63.88
N THR E 703 2.61 -37.76 -63.65
CA THR E 703 3.97 -37.60 -64.13
C THR E 703 3.94 -37.27 -65.62
N SER E 704 4.77 -36.31 -66.01
CA SER E 704 4.76 -35.81 -67.39
C SER E 704 4.88 -36.97 -68.38
N THR E 705 5.78 -37.92 -68.10
CA THR E 705 5.95 -39.07 -68.97
C THR E 705 4.74 -39.99 -68.91
N ALA E 706 4.25 -40.28 -67.70
CA ALA E 706 3.15 -41.23 -67.55
C ALA E 706 1.84 -40.65 -68.09
N HIS E 707 1.60 -39.36 -67.87
CA HIS E 707 0.37 -38.74 -68.36
C HIS E 707 0.24 -38.87 -69.88
N GLN E 708 1.35 -38.71 -70.59
CA GLN E 708 1.32 -38.86 -72.04
C GLN E 708 1.13 -40.32 -72.44
N HIS E 709 1.79 -41.23 -71.72
CA HIS E 709 1.76 -42.64 -72.09
C HIS E 709 0.36 -43.23 -71.90
N ILE E 710 -0.36 -42.79 -70.86
CA ILE E 710 -1.65 -43.40 -70.54
C ILE E 710 -2.71 -42.92 -71.55
N TYR E 711 -2.68 -41.64 -71.92
CA TYR E 711 -3.64 -41.16 -72.91
C TYR E 711 -3.28 -41.64 -74.30
N THR E 712 -1.99 -41.86 -74.58
CA THR E 712 -1.60 -42.49 -75.84
C THR E 712 -2.05 -43.94 -75.86
N HIS E 713 -1.83 -44.67 -74.76
CA HIS E 713 -2.25 -46.08 -74.70
C HIS E 713 -3.77 -46.21 -74.82
N MET E 714 -4.51 -45.29 -74.20
CA MET E 714 -5.97 -45.35 -74.27
C MET E 714 -6.49 -45.01 -75.66
N THR E 715 -5.80 -44.12 -76.39
CA THR E 715 -6.23 -43.77 -77.74
C THR E 715 -6.14 -44.98 -78.67
N HIS E 716 -5.01 -45.70 -78.63
CA HIS E 716 -4.88 -46.92 -79.43
C HIS E 716 -6.00 -47.90 -79.13
N PHE E 717 -6.37 -48.03 -77.85
CA PHE E 717 -7.45 -48.93 -77.49
C PHE E 717 -8.77 -48.49 -78.12
N ILE E 718 -9.06 -47.19 -78.10
CA ILE E 718 -10.30 -46.69 -78.67
C ILE E 718 -10.33 -46.93 -80.18
N LYS E 719 -9.26 -46.51 -80.87
CA LYS E 719 -9.23 -46.64 -82.32
C LYS E 719 -9.40 -48.09 -82.75
N GLN E 720 -8.67 -49.01 -82.13
CA GLN E 720 -8.83 -50.42 -82.43
C GLN E 720 -10.26 -50.88 -82.15
N CYS E 721 -10.82 -50.43 -81.02
CA CYS E 721 -12.20 -50.78 -80.70
C CYS E 721 -13.18 -50.11 -81.65
N PHE E 722 -12.88 -48.90 -82.12
CA PHE E 722 -13.76 -48.16 -83.01
C PHE E 722 -13.42 -48.34 -84.48
N SER E 723 -12.44 -49.19 -84.80
CA SER E 723 -12.08 -49.49 -86.19
C SER E 723 -11.72 -48.22 -86.95
N LEU E 724 -10.69 -47.54 -86.45
CA LEU E 724 -10.21 -46.27 -86.97
C LEU E 724 -8.76 -46.40 -87.41
N PRO E 725 -8.27 -45.47 -88.26
CA PRO E 725 -6.86 -45.46 -88.65
C PRO E 725 -5.94 -45.08 -87.48
N VAL F 15 -10.57 -44.17 23.82
CA VAL F 15 -10.92 -44.31 22.41
C VAL F 15 -10.40 -43.10 21.63
N GLU F 16 -10.05 -43.31 20.36
CA GLU F 16 -9.45 -42.28 19.55
C GLU F 16 -9.92 -42.45 18.11
N CYS F 17 -10.07 -41.34 17.39
CA CYS F 17 -10.56 -41.38 16.02
C CYS F 17 -9.54 -42.08 15.11
N ASP F 18 -10.06 -42.87 14.18
CA ASP F 18 -9.25 -43.75 13.34
C ASP F 18 -8.94 -43.04 12.02
N PHE F 19 -7.68 -42.61 11.86
CA PHE F 19 -7.20 -41.99 10.63
C PHE F 19 -6.45 -42.98 9.73
N SER F 20 -6.59 -44.28 9.98
CA SER F 20 -5.76 -45.25 9.27
C SER F 20 -5.98 -45.27 7.76
N PRO F 21 -7.21 -45.42 7.24
CA PRO F 21 -7.36 -45.52 5.77
C PRO F 21 -6.80 -44.33 5.02
N LEU F 22 -6.54 -43.21 5.69
CA LEU F 22 -5.93 -42.07 5.04
C LEU F 22 -4.44 -42.29 4.81
N LEU F 23 -3.76 -43.00 5.72
CA LEU F 23 -2.31 -43.12 5.70
C LEU F 23 -1.81 -44.39 5.04
N SER F 24 -2.70 -45.27 4.57
CA SER F 24 -2.28 -46.51 3.94
C SER F 24 -3.01 -46.66 2.61
N GLY F 25 -2.35 -47.31 1.65
CA GLY F 25 -2.92 -47.52 0.35
C GLY F 25 -2.80 -46.31 -0.55
N THR F 26 -3.38 -46.44 -1.74
CA THR F 26 -3.37 -45.35 -2.72
C THR F 26 -4.64 -44.51 -2.57
N PRO F 27 -4.52 -43.19 -2.49
CA PRO F 27 -5.71 -42.34 -2.41
C PRO F 27 -6.46 -42.33 -3.73
N PRO F 28 -7.78 -42.31 -3.71
CA PRO F 28 -8.55 -42.28 -4.96
C PRO F 28 -8.44 -40.93 -5.64
N GLN F 29 -9.02 -40.85 -6.83
CA GLN F 29 -9.07 -39.56 -7.50
C GLN F 29 -10.21 -38.72 -6.93
N VAL F 30 -10.25 -37.45 -7.36
CA VAL F 30 -11.21 -36.50 -6.80
C VAL F 30 -12.64 -36.96 -7.06
N TYR F 31 -12.90 -37.55 -8.23
CA TYR F 31 -14.26 -37.97 -8.54
C TYR F 31 -14.68 -39.23 -7.79
N ASN F 32 -13.75 -39.88 -7.07
CA ASN F 32 -14.05 -41.06 -6.27
C ASN F 32 -13.53 -40.89 -4.85
N PHE F 33 -13.71 -39.70 -4.27
CA PHE F 33 -13.17 -39.40 -2.96
C PHE F 33 -13.64 -40.40 -1.92
N LYS F 34 -12.74 -40.76 -1.01
CA LYS F 34 -13.07 -41.64 0.11
C LYS F 34 -13.44 -40.80 1.32
N ARG F 35 -14.37 -41.32 2.12
CA ARG F 35 -14.99 -40.55 3.19
C ARG F 35 -14.81 -41.27 4.53
N LEU F 36 -14.36 -40.52 5.53
CA LEU F 36 -14.27 -41.01 6.90
C LEU F 36 -15.30 -40.29 7.76
N VAL F 37 -16.13 -41.06 8.46
CA VAL F 37 -17.19 -40.54 9.31
C VAL F 37 -16.80 -40.79 10.76
N PHE F 38 -16.78 -39.72 11.56
CA PHE F 38 -16.28 -39.78 12.93
C PHE F 38 -17.40 -39.49 13.91
N THR F 39 -17.74 -40.48 14.73
CA THR F 39 -18.67 -40.32 15.84
C THR F 39 -18.07 -41.05 17.04
N ASN F 40 -18.30 -40.51 18.23
CA ASN F 40 -17.89 -41.14 19.48
C ASN F 40 -16.40 -41.50 19.46
N CYS F 41 -15.56 -40.47 19.30
CA CYS F 41 -14.12 -40.68 19.31
C CYS F 41 -13.44 -39.38 19.73
N ASN F 42 -12.12 -39.44 19.84
CA ASN F 42 -11.30 -38.32 20.27
C ASN F 42 -10.17 -38.13 19.27
N TYR F 43 -10.05 -36.92 18.72
CA TYR F 43 -9.11 -36.66 17.64
C TYR F 43 -7.96 -35.77 18.10
N ASN F 44 -6.87 -35.82 17.34
CA ASN F 44 -5.77 -34.87 17.44
C ASN F 44 -5.43 -34.49 16.00
N LEU F 45 -6.07 -33.42 15.51
CA LEU F 45 -5.92 -33.05 14.11
C LEU F 45 -4.52 -32.54 13.81
N THR F 46 -3.96 -31.71 14.70
CA THR F 46 -2.61 -31.21 14.49
C THR F 46 -1.59 -32.34 14.42
N LYS F 47 -1.83 -33.43 15.16
CA LYS F 47 -0.97 -34.61 15.04
C LYS F 47 -1.02 -35.18 13.62
N LEU F 48 -2.21 -35.16 13.01
CA LEU F 48 -2.34 -35.67 11.64
C LEU F 48 -1.58 -34.80 10.65
N LEU F 49 -1.95 -33.52 10.56
CA LEU F 49 -1.31 -32.62 9.60
C LEU F 49 0.20 -32.53 9.78
N SER F 50 0.71 -32.82 10.98
CA SER F 50 2.14 -32.85 11.19
C SER F 50 2.83 -33.95 10.39
N LEU F 51 2.08 -34.98 9.98
CA LEU F 51 2.65 -36.02 9.13
C LEU F 51 2.86 -35.53 7.71
N PHE F 52 2.09 -34.54 7.27
CA PHE F 52 2.10 -34.06 5.91
C PHE F 52 2.88 -32.75 5.81
N SER F 53 2.84 -32.14 4.63
CA SER F 53 3.37 -30.81 4.37
C SER F 53 2.21 -29.97 3.85
N VAL F 54 1.55 -29.26 4.77
CA VAL F 54 0.35 -28.49 4.42
C VAL F 54 0.75 -27.26 3.61
N ASN F 55 0.24 -27.16 2.39
CA ASN F 55 0.50 -26.02 1.53
C ASN F 55 -0.58 -24.95 1.66
N ASP F 56 -1.84 -25.36 1.77
CA ASP F 56 -2.95 -24.43 1.89
C ASP F 56 -3.97 -24.99 2.86
N PHE F 57 -4.49 -24.12 3.73
CA PHE F 57 -5.45 -24.54 4.74
C PHE F 57 -6.40 -23.36 4.95
N THR F 58 -7.55 -23.41 4.30
CA THR F 58 -8.59 -22.41 4.45
C THR F 58 -9.87 -23.08 4.95
N CYS F 59 -10.74 -22.27 5.55
CA CYS F 59 -11.97 -22.77 6.14
C CYS F 59 -13.11 -21.79 5.87
N SER F 60 -14.33 -22.31 5.96
CA SER F 60 -15.54 -21.53 5.78
C SER F 60 -16.44 -21.74 6.99
N GLN F 61 -16.96 -20.65 7.55
CA GLN F 61 -17.84 -20.62 8.71
C GLN F 61 -17.13 -21.06 9.99
N ILE F 62 -15.81 -21.20 9.96
CA ILE F 62 -15.05 -21.71 11.09
C ILE F 62 -13.60 -21.32 10.86
N SER F 63 -12.83 -21.36 11.91
CA SER F 63 -11.42 -21.12 11.69
C SER F 63 -10.64 -22.43 11.74
N PRO F 64 -9.50 -22.51 11.05
CA PRO F 64 -8.69 -23.74 11.12
C PRO F 64 -8.19 -24.04 12.53
N ALA F 65 -7.86 -23.00 13.29
CA ALA F 65 -7.41 -23.20 14.66
C ALA F 65 -8.52 -23.75 15.55
N ALA F 66 -9.77 -23.40 15.26
CA ALA F 66 -10.89 -23.93 16.04
C ALA F 66 -11.20 -25.38 15.69
N ILE F 67 -11.14 -25.72 14.40
CA ILE F 67 -11.58 -27.05 13.97
C ILE F 67 -10.70 -28.16 14.53
N ALA F 68 -9.49 -27.83 14.97
CA ALA F 68 -8.62 -28.77 15.64
C ALA F 68 -8.81 -28.77 17.16
N SER F 69 -9.78 -28.00 17.66
CA SER F 69 -9.89 -27.79 19.10
C SER F 69 -11.32 -27.74 19.63
N ASN F 70 -12.34 -27.99 18.82
CA ASN F 70 -13.72 -27.89 19.27
C ASN F 70 -14.39 -29.25 19.26
N CYS F 71 -15.59 -29.29 19.84
CA CYS F 71 -16.40 -30.50 19.92
C CYS F 71 -17.51 -30.45 18.88
N TYR F 72 -17.73 -31.59 18.22
CA TYR F 72 -18.80 -31.74 17.24
C TYR F 72 -19.52 -33.05 17.51
N SER F 73 -20.74 -33.14 17.00
CA SER F 73 -21.44 -34.42 17.06
C SER F 73 -20.90 -35.40 16.03
N SER F 74 -20.37 -34.90 14.92
CA SER F 74 -19.86 -35.74 13.85
C SER F 74 -18.85 -34.94 13.04
N LEU F 75 -17.77 -35.59 12.64
CA LEU F 75 -16.75 -34.99 11.80
C LEU F 75 -16.52 -35.89 10.59
N ILE F 76 -16.57 -35.30 9.41
CA ILE F 76 -16.45 -36.04 8.16
C ILE F 76 -15.22 -35.55 7.41
N LEU F 77 -14.41 -36.48 6.94
CA LEU F 77 -13.15 -36.16 6.28
C LEU F 77 -13.08 -36.90 4.95
N ASP F 78 -13.11 -36.14 3.86
CA ASP F 78 -12.94 -36.68 2.51
C ASP F 78 -11.52 -36.44 2.05
N TYR F 79 -10.88 -37.48 1.50
CA TYR F 79 -9.52 -37.39 1.03
C TYR F 79 -9.42 -37.98 -0.37
N PHE F 80 -8.53 -37.41 -1.17
CA PHE F 80 -8.35 -37.83 -2.55
C PHE F 80 -7.02 -37.27 -3.06
N SER F 81 -6.70 -37.65 -4.29
CA SER F 81 -5.47 -37.18 -4.94
C SER F 81 -5.76 -35.87 -5.66
N TYR F 82 -4.95 -34.85 -5.39
CA TYR F 82 -5.23 -33.59 -6.03
C TYR F 82 -3.97 -32.78 -6.32
N PRO F 83 -3.80 -32.31 -7.56
CA PRO F 83 -2.60 -31.53 -7.90
C PRO F 83 -2.67 -30.11 -7.35
N LEU F 84 -1.54 -29.65 -6.82
CA LEU F 84 -1.48 -28.30 -6.23
C LEU F 84 -1.70 -27.21 -7.28
N SER F 85 -1.41 -27.51 -8.55
CA SER F 85 -1.59 -26.51 -9.60
C SER F 85 -3.06 -26.15 -9.81
N MET F 86 -3.98 -27.03 -9.45
CA MET F 86 -5.41 -26.78 -9.63
C MET F 86 -6.07 -26.34 -8.32
N LYS F 87 -5.34 -25.64 -7.46
CA LYS F 87 -5.91 -25.10 -6.23
C LYS F 87 -7.12 -24.22 -6.52
N SER F 88 -7.05 -23.46 -7.61
CA SER F 88 -8.08 -22.48 -7.94
C SER F 88 -9.47 -23.11 -8.07
N ASP F 89 -9.53 -24.39 -8.43
CA ASP F 89 -10.80 -25.03 -8.74
C ASP F 89 -11.50 -25.62 -7.51
N LEU F 90 -10.84 -25.64 -6.36
CA LEU F 90 -11.44 -26.23 -5.16
C LEU F 90 -12.25 -25.23 -4.33
N SER F 91 -12.23 -23.95 -4.71
CA SER F 91 -13.20 -23.02 -4.14
C SER F 91 -14.59 -23.32 -4.72
N VAL F 92 -15.55 -23.60 -3.84
CA VAL F 92 -16.90 -23.94 -4.29
C VAL F 92 -17.62 -22.75 -4.92
N SER F 93 -17.01 -21.56 -4.87
CA SER F 93 -17.51 -20.43 -5.63
C SER F 93 -17.13 -20.55 -7.10
N SER F 94 -15.95 -21.10 -7.38
CA SER F 94 -15.49 -21.27 -8.75
C SER F 94 -16.34 -22.31 -9.47
N ALA F 95 -16.73 -21.96 -10.70
CA ALA F 95 -17.47 -22.88 -11.57
C ALA F 95 -16.53 -23.69 -12.45
N GLY F 96 -15.52 -24.31 -11.85
CA GLY F 96 -14.59 -25.13 -12.58
C GLY F 96 -15.10 -26.54 -12.75
N PRO F 97 -14.41 -27.31 -13.60
CA PRO F 97 -14.81 -28.71 -13.80
C PRO F 97 -14.82 -29.51 -12.50
N ILE F 98 -13.95 -29.16 -11.54
CA ILE F 98 -13.86 -29.92 -10.30
C ILE F 98 -15.14 -29.76 -9.48
N SER F 99 -15.56 -28.51 -9.24
CA SER F 99 -16.79 -28.26 -8.51
C SER F 99 -18.05 -28.52 -9.33
N GLN F 100 -17.92 -28.60 -10.65
CA GLN F 100 -19.08 -28.88 -11.50
C GLN F 100 -19.42 -30.37 -11.48
N PHE F 101 -18.42 -31.23 -11.69
CA PHE F 101 -18.67 -32.64 -11.94
C PHE F 101 -18.03 -33.59 -10.95
N ASN F 102 -17.10 -33.15 -10.11
CA ASN F 102 -16.30 -34.07 -9.33
C ASN F 102 -16.58 -34.01 -7.83
N TYR F 103 -16.41 -32.85 -7.20
CA TYR F 103 -16.47 -32.80 -5.76
C TYR F 103 -16.91 -31.41 -5.31
N LYS F 104 -17.81 -31.37 -4.34
CA LYS F 104 -18.40 -30.11 -3.90
C LYS F 104 -18.83 -30.25 -2.45
N GLN F 105 -18.39 -29.30 -1.61
CA GLN F 105 -18.75 -29.29 -0.20
C GLN F 105 -20.07 -28.57 -0.01
N SER F 106 -20.78 -28.94 1.06
CA SER F 106 -22.02 -28.28 1.41
C SER F 106 -21.74 -27.00 2.19
N PHE F 107 -22.65 -26.03 2.05
CA PHE F 107 -22.49 -24.72 2.66
C PHE F 107 -23.20 -24.61 4.00
N SER F 108 -24.17 -25.48 4.28
CA SER F 108 -25.00 -25.37 5.48
C SER F 108 -24.28 -25.78 6.76
N ASN F 109 -22.99 -26.09 6.70
CA ASN F 109 -22.21 -26.49 7.87
C ASN F 109 -20.76 -26.12 7.65
N PRO F 110 -20.00 -25.84 8.71
CA PRO F 110 -18.63 -25.38 8.54
C PRO F 110 -17.77 -26.40 7.81
N THR F 111 -16.96 -25.90 6.87
CA THR F 111 -16.09 -26.73 6.06
C THR F 111 -14.66 -26.24 6.19
N CYS F 112 -13.72 -27.14 5.91
CA CYS F 112 -12.32 -26.80 5.80
C CYS F 112 -11.72 -27.55 4.61
N LEU F 113 -10.75 -26.93 3.97
CA LEU F 113 -10.15 -27.45 2.75
C LEU F 113 -8.64 -27.38 2.88
N ILE F 114 -7.99 -28.54 2.96
CA ILE F 114 -6.56 -28.65 3.21
C ILE F 114 -5.91 -29.29 2.00
N LEU F 115 -4.93 -28.60 1.41
CA LEU F 115 -4.11 -29.15 0.34
C LEU F 115 -2.73 -29.46 0.92
N ALA F 116 -2.39 -30.74 0.97
CA ALA F 116 -1.14 -31.18 1.58
C ALA F 116 -0.36 -32.03 0.59
N THR F 117 0.93 -32.21 0.90
CA THR F 117 1.85 -32.99 0.09
C THR F 117 2.45 -34.09 0.95
N VAL F 118 2.41 -35.32 0.44
CA VAL F 118 2.99 -36.46 1.15
C VAL F 118 4.51 -36.30 1.18
N PRO F 119 5.14 -36.33 2.34
CA PRO F 119 6.58 -36.12 2.43
C PRO F 119 7.35 -37.40 2.13
N HIS F 120 8.67 -37.30 2.23
CA HIS F 120 9.52 -38.47 2.06
C HIS F 120 9.40 -39.42 3.24
N ASN F 121 9.12 -38.90 4.43
CA ASN F 121 9.02 -39.69 5.65
C ASN F 121 7.70 -40.43 5.77
N LEU F 122 6.88 -40.45 4.71
CA LEU F 122 5.57 -41.08 4.73
C LEU F 122 5.57 -42.10 3.59
N THR F 123 6.07 -43.30 3.87
CA THR F 123 6.28 -44.32 2.86
C THR F 123 5.05 -45.20 2.64
N THR F 124 4.03 -45.07 3.47
CA THR F 124 2.88 -45.98 3.46
C THR F 124 1.75 -45.53 2.54
N ILE F 125 1.93 -44.45 1.77
CA ILE F 125 0.93 -44.00 0.81
C ILE F 125 1.54 -44.10 -0.59
N THR F 126 0.90 -44.88 -1.46
CA THR F 126 1.42 -45.17 -2.78
C THR F 126 0.79 -44.25 -3.82
N LYS F 127 1.63 -43.71 -4.72
CA LYS F 127 1.16 -42.78 -5.73
C LYS F 127 0.52 -43.52 -6.90
N PRO F 128 -0.47 -42.93 -7.53
CA PRO F 128 -1.00 -43.47 -8.80
C PRO F 128 -0.11 -43.01 -9.96
N LEU F 129 -0.53 -43.37 -11.17
CA LEU F 129 0.24 -43.00 -12.36
C LEU F 129 0.12 -41.51 -12.66
N LYS F 130 -1.06 -40.94 -12.42
CA LYS F 130 -1.33 -39.53 -12.73
C LYS F 130 -2.61 -39.12 -12.02
N TYR F 131 -2.87 -37.81 -12.03
CA TYR F 131 -4.11 -37.28 -11.52
C TYR F 131 -5.18 -37.31 -12.62
N SER F 132 -6.42 -37.52 -12.19
CA SER F 132 -7.53 -37.63 -13.13
C SER F 132 -8.75 -36.92 -12.57
N TYR F 133 -9.51 -36.28 -13.46
CA TYR F 133 -10.74 -35.62 -13.07
C TYR F 133 -11.68 -35.58 -14.26
N ILE F 134 -12.94 -35.31 -13.97
CA ILE F 134 -13.98 -35.22 -14.99
C ILE F 134 -14.09 -33.77 -15.44
N ASN F 135 -14.08 -33.55 -16.75
CA ASN F 135 -14.33 -32.23 -17.31
C ASN F 135 -15.61 -32.18 -18.13
N LYS F 136 -16.38 -33.26 -18.15
CA LYS F 136 -17.69 -33.27 -18.77
C LYS F 136 -18.45 -34.49 -18.29
N CYS F 137 -19.67 -34.27 -17.79
CA CYS F 137 -20.54 -35.38 -17.40
C CYS F 137 -21.97 -34.87 -17.62
N SER F 138 -22.53 -35.20 -18.78
CA SER F 138 -23.85 -34.72 -19.16
C SER F 138 -24.65 -35.90 -19.69
N ARG F 139 -25.96 -35.68 -19.81
CA ARG F 139 -26.89 -36.72 -20.22
C ARG F 139 -27.55 -36.30 -21.52
N LEU F 140 -27.56 -37.21 -22.49
CA LEU F 140 -28.31 -37.02 -23.73
C LEU F 140 -29.65 -37.71 -23.60
N LEU F 141 -30.72 -36.97 -23.89
CA LEU F 141 -32.07 -37.48 -23.65
C LEU F 141 -32.54 -38.35 -24.81
N SER F 142 -33.79 -38.83 -24.70
CA SER F 142 -34.32 -39.78 -25.65
C SER F 142 -34.46 -39.18 -27.05
N ASP F 143 -34.64 -37.86 -27.15
CA ASP F 143 -34.76 -37.22 -28.46
C ASP F 143 -33.44 -37.15 -29.21
N ASP F 144 -32.32 -37.47 -28.56
CA ASP F 144 -30.99 -37.41 -29.16
C ASP F 144 -30.60 -35.99 -29.56
N ARG F 145 -31.24 -34.97 -28.97
CA ARG F 145 -30.93 -33.59 -29.30
C ARG F 145 -30.61 -32.78 -28.05
N THR F 146 -31.18 -33.18 -26.92
CA THR F 146 -31.16 -32.37 -25.70
C THR F 146 -30.07 -32.87 -24.76
N GLU F 147 -29.15 -31.99 -24.40
CA GLU F 147 -28.11 -32.28 -23.43
C GLU F 147 -28.48 -31.63 -22.10
N VAL F 148 -28.36 -32.39 -21.02
CA VAL F 148 -28.59 -31.88 -19.67
C VAL F 148 -27.36 -32.17 -18.83
N PRO F 149 -26.44 -31.22 -18.70
CA PRO F 149 -25.23 -31.46 -17.90
C PRO F 149 -25.56 -31.93 -16.49
N GLN F 150 -24.83 -32.94 -16.03
CA GLN F 150 -25.08 -33.58 -14.74
C GLN F 150 -24.09 -33.01 -13.72
N LEU F 151 -24.46 -31.87 -13.16
CA LEU F 151 -23.65 -31.23 -12.13
C LEU F 151 -23.78 -31.99 -10.81
N VAL F 152 -22.63 -32.29 -10.20
CA VAL F 152 -22.63 -33.06 -8.96
C VAL F 152 -23.30 -32.26 -7.85
N ASN F 153 -23.97 -32.98 -6.95
CA ASN F 153 -24.57 -32.36 -5.78
C ASN F 153 -23.55 -32.23 -4.66
N ALA F 154 -23.95 -31.53 -3.60
CA ALA F 154 -23.07 -31.35 -2.46
C ALA F 154 -22.96 -32.64 -1.66
N ASN F 155 -21.72 -33.00 -1.30
CA ASN F 155 -21.44 -34.18 -0.48
C ASN F 155 -21.93 -35.46 -1.15
N GLN F 156 -21.78 -35.53 -2.48
CA GLN F 156 -22.23 -36.71 -3.22
C GLN F 156 -21.25 -37.02 -4.35
N TYR F 157 -21.49 -38.15 -5.00
CA TYR F 157 -20.68 -38.60 -6.11
C TYR F 157 -21.33 -38.22 -7.44
N SER F 158 -20.50 -38.09 -8.47
CA SER F 158 -21.01 -37.83 -9.81
C SER F 158 -21.77 -39.04 -10.33
N PRO F 159 -22.80 -38.83 -11.14
CA PRO F 159 -23.46 -39.97 -11.80
C PRO F 159 -22.57 -40.71 -12.77
N CYS F 160 -21.53 -40.04 -13.28
CA CYS F 160 -20.62 -40.62 -14.26
C CYS F 160 -19.49 -41.42 -13.64
N VAL F 161 -19.47 -41.59 -12.32
CA VAL F 161 -18.45 -42.43 -11.69
C VAL F 161 -18.61 -43.89 -12.09
N SER F 162 -19.77 -44.25 -12.63
CA SER F 162 -19.96 -45.62 -13.13
C SER F 162 -19.16 -45.86 -14.39
N ILE F 163 -19.11 -44.88 -15.30
CA ILE F 163 -18.49 -45.07 -16.60
C ILE F 163 -17.05 -44.56 -16.66
N VAL F 164 -16.66 -43.64 -15.76
CA VAL F 164 -15.29 -43.15 -15.74
C VAL F 164 -14.44 -44.08 -14.88
N PRO F 165 -13.31 -44.56 -15.38
CA PRO F 165 -12.47 -45.48 -14.59
C PRO F 165 -11.83 -44.76 -13.41
N SER F 166 -11.30 -45.57 -12.49
CA SER F 166 -10.67 -45.02 -11.28
C SER F 166 -9.48 -44.13 -11.59
N THR F 167 -8.90 -44.25 -12.79
CA THR F 167 -7.84 -43.35 -13.23
C THR F 167 -7.90 -43.23 -14.74
N VAL F 168 -8.07 -42.01 -15.24
CA VAL F 168 -8.19 -41.80 -16.67
C VAL F 168 -6.91 -42.20 -17.37
N TRP F 169 -7.04 -43.03 -18.40
CA TRP F 169 -5.86 -43.54 -19.10
C TRP F 169 -5.14 -42.44 -19.87
N GLU F 170 -5.89 -41.58 -20.55
CA GLU F 170 -5.29 -40.56 -21.39
C GLU F 170 -6.19 -39.33 -21.40
N ASP F 171 -5.57 -38.15 -21.34
CA ASP F 171 -6.34 -36.91 -21.40
C ASP F 171 -7.14 -36.86 -22.70
N GLY F 172 -8.46 -36.71 -22.57
CA GLY F 172 -9.35 -36.64 -23.70
C GLY F 172 -10.24 -37.85 -23.89
N ASP F 173 -9.97 -38.96 -23.19
CA ASP F 173 -10.80 -40.14 -23.33
C ASP F 173 -12.24 -39.83 -22.96
N TYR F 174 -13.18 -40.24 -23.81
CA TYR F 174 -14.59 -40.05 -23.54
C TYR F 174 -15.24 -41.41 -23.31
N TYR F 175 -16.33 -41.39 -22.53
CA TYR F 175 -16.99 -42.60 -22.09
C TYR F 175 -18.48 -42.47 -22.34
N ARG F 176 -19.14 -43.61 -22.56
CA ARG F 176 -20.55 -43.60 -22.89
C ARG F 176 -21.23 -44.80 -22.28
N LYS F 177 -22.55 -44.69 -22.15
CA LYS F 177 -23.36 -45.76 -21.58
C LYS F 177 -24.80 -45.49 -21.98
N GLN F 178 -25.39 -46.39 -22.76
CA GLN F 178 -26.76 -46.24 -23.19
C GLN F 178 -27.70 -46.67 -22.07
N LEU F 179 -28.76 -45.88 -21.86
CA LEU F 179 -29.66 -46.10 -20.74
C LEU F 179 -30.94 -46.81 -21.18
N SER F 180 -31.50 -47.57 -20.24
CA SER F 180 -32.77 -48.21 -20.46
C SER F 180 -33.90 -47.19 -20.35
N PRO F 181 -35.03 -47.42 -21.02
CA PRO F 181 -36.17 -46.50 -20.89
C PRO F 181 -36.62 -46.27 -19.45
N LEU F 182 -36.28 -47.17 -18.52
CA LEU F 182 -36.63 -46.96 -17.12
C LEU F 182 -35.66 -46.05 -16.38
N GLU F 183 -34.46 -45.83 -16.93
CA GLU F 183 -33.51 -44.88 -16.36
C GLU F 183 -33.59 -43.51 -17.02
N GLY F 184 -34.68 -43.23 -17.73
CA GLY F 184 -34.83 -42.00 -18.48
C GLY F 184 -34.49 -42.12 -19.95
N GLY F 185 -33.96 -43.25 -20.39
CA GLY F 185 -33.61 -43.45 -21.78
C GLY F 185 -32.43 -42.59 -22.22
N GLY F 186 -32.06 -42.76 -23.48
CA GLY F 186 -30.96 -42.01 -24.05
C GLY F 186 -29.60 -42.48 -23.60
N TRP F 187 -28.70 -41.55 -23.33
CA TRP F 187 -27.31 -41.84 -23.02
C TRP F 187 -26.85 -41.09 -21.79
N LEU F 188 -25.88 -41.67 -21.09
CA LEU F 188 -25.08 -40.95 -20.10
C LEU F 188 -23.66 -40.85 -20.63
N VAL F 189 -23.16 -39.63 -20.75
CA VAL F 189 -21.92 -39.35 -21.47
C VAL F 189 -20.97 -38.59 -20.55
N ALA F 190 -19.68 -38.92 -20.63
CA ALA F 190 -18.68 -38.25 -19.81
C ALA F 190 -17.38 -38.15 -20.59
N SER F 191 -16.51 -37.26 -20.11
CA SER F 191 -15.18 -37.08 -20.69
C SER F 191 -14.16 -36.89 -19.58
N GLY F 192 -12.96 -37.39 -19.80
CA GLY F 192 -11.90 -37.35 -18.81
C GLY F 192 -10.81 -36.34 -19.16
N SER F 193 -9.96 -36.10 -18.16
CA SER F 193 -8.78 -35.26 -18.33
C SER F 193 -7.77 -35.63 -17.25
N THR F 194 -6.49 -35.42 -17.56
CA THR F 194 -5.41 -35.86 -16.68
C THR F 194 -4.45 -34.70 -16.41
N VAL F 195 -3.75 -34.82 -15.29
CA VAL F 195 -2.63 -33.95 -14.95
C VAL F 195 -1.44 -34.84 -14.58
N ALA F 196 -0.25 -34.42 -15.01
CA ALA F 196 0.95 -35.20 -14.73
C ALA F 196 1.12 -35.40 -13.22
N MET F 197 1.71 -36.53 -12.86
CA MET F 197 1.98 -36.82 -11.46
C MET F 197 3.19 -36.02 -10.99
N THR F 198 3.14 -35.60 -9.72
CA THR F 198 4.23 -34.87 -9.11
C THR F 198 5.28 -35.83 -8.57
N GLU F 199 6.42 -35.27 -8.14
CA GLU F 199 7.44 -36.07 -7.47
C GLU F 199 6.86 -36.76 -6.24
N GLN F 200 6.37 -35.98 -5.29
CA GLN F 200 5.66 -36.50 -4.14
C GLN F 200 4.17 -36.29 -4.32
N LEU F 201 3.38 -37.21 -3.77
CA LEU F 201 1.94 -37.17 -3.95
C LEU F 201 1.35 -35.91 -3.33
N GLN F 202 0.42 -35.29 -4.04
CA GLN F 202 -0.31 -34.12 -3.56
C GLN F 202 -1.76 -34.51 -3.35
N MET F 203 -2.27 -34.27 -2.15
CA MET F 203 -3.61 -34.69 -1.76
C MET F 203 -4.43 -33.49 -1.31
N GLY F 204 -5.72 -33.72 -1.18
CA GLY F 204 -6.62 -32.71 -0.63
C GLY F 204 -7.60 -33.34 0.34
N PHE F 205 -7.78 -32.67 1.47
CA PHE F 205 -8.70 -33.13 2.51
C PHE F 205 -9.83 -32.13 2.67
N GLY F 206 -11.06 -32.65 2.80
CA GLY F 206 -12.21 -31.80 3.05
C GLY F 206 -12.91 -32.18 4.33
N ILE F 207 -12.82 -31.32 5.34
CA ILE F 207 -13.41 -31.57 6.65
C ILE F 207 -14.77 -30.89 6.69
N THR F 208 -15.75 -31.55 7.32
CA THR F 208 -17.10 -31.03 7.40
C THR F 208 -17.73 -31.52 8.68
N VAL F 209 -18.15 -30.58 9.54
CA VAL F 209 -18.64 -30.90 10.88
C VAL F 209 -20.13 -30.64 10.96
N GLN F 210 -20.79 -31.35 11.88
CA GLN F 210 -22.23 -31.24 12.08
C GLN F 210 -22.52 -31.30 13.57
N TYR F 211 -23.65 -30.72 13.96
CA TYR F 211 -24.02 -30.59 15.36
C TYR F 211 -25.37 -31.26 15.62
N GLY F 212 -25.36 -32.29 16.46
CA GLY F 212 -26.57 -32.84 17.04
C GLY F 212 -26.81 -32.23 18.41
N THR F 213 -28.00 -32.52 18.95
CA THR F 213 -28.50 -31.77 20.11
C THR F 213 -27.69 -32.05 21.36
N ASP F 214 -27.71 -33.30 21.84
CA ASP F 214 -26.84 -33.73 22.93
C ASP F 214 -25.86 -34.79 22.45
N THR F 215 -25.61 -34.83 21.14
CA THR F 215 -24.77 -35.86 20.54
C THR F 215 -23.36 -35.36 20.26
N ASN F 216 -22.95 -34.28 20.93
CA ASN F 216 -21.61 -33.73 20.72
C ASN F 216 -20.59 -34.69 21.31
N SER F 217 -20.09 -35.60 20.48
CA SER F 217 -19.31 -36.74 20.94
C SER F 217 -17.88 -36.76 20.43
N VAL F 218 -17.57 -35.99 19.39
CA VAL F 218 -16.22 -35.96 18.81
C VAL F 218 -15.52 -34.73 19.38
N CYS F 219 -14.62 -34.97 20.34
CA CYS F 219 -13.87 -33.91 21.00
C CYS F 219 -12.38 -34.22 20.95
N PRO F 220 -11.53 -33.20 20.96
CA PRO F 220 -10.08 -33.45 21.00
C PRO F 220 -9.67 -34.04 22.33
N LYS F 221 -8.84 -35.08 22.29
CA LYS F 221 -8.35 -35.68 23.51
C LYS F 221 -7.40 -34.72 24.22
N LEU F 222 -7.16 -34.99 25.50
CA LEU F 222 -6.31 -34.14 26.32
C LEU F 222 -5.08 -34.89 26.82
N ARG G 2 52.01 -15.83 80.36
CA ARG G 2 51.13 -15.47 79.26
C ARG G 2 51.91 -15.44 77.96
N ARG G 3 51.39 -16.10 76.93
CA ARG G 3 52.14 -16.25 75.69
C ARG G 3 52.16 -14.94 74.91
N THR G 4 52.94 -14.94 73.83
CA THR G 4 53.09 -13.78 72.96
C THR G 4 52.73 -14.16 71.54
N TYR G 5 52.60 -13.13 70.71
CA TYR G 5 52.38 -13.33 69.28
C TYR G 5 53.70 -13.78 68.66
N THR G 6 53.79 -15.08 68.32
CA THR G 6 55.03 -15.62 67.82
C THR G 6 55.12 -15.45 66.29
N LEU G 7 56.32 -15.67 65.76
CA LEU G 7 56.51 -15.61 64.32
C LEU G 7 55.68 -16.70 63.63
N ALA G 8 55.58 -17.88 64.25
CA ALA G 8 54.72 -18.93 63.72
C ALA G 8 53.26 -18.50 63.71
N ASP G 9 52.86 -17.64 64.65
CA ASP G 9 51.49 -17.14 64.65
C ASP G 9 51.20 -16.30 63.41
N TYR G 10 52.20 -15.59 62.90
CA TYR G 10 52.02 -14.79 61.69
C TYR G 10 52.13 -15.65 60.44
N LEU G 11 53.22 -16.43 60.33
CA LEU G 11 53.48 -17.16 59.10
C LEU G 11 52.48 -18.29 58.86
N LYS G 12 51.95 -18.88 59.93
CA LYS G 12 51.02 -20.00 59.79
C LYS G 12 49.55 -19.60 59.94
N SER G 13 49.28 -18.36 60.34
CA SER G 13 47.92 -17.83 60.44
C SER G 13 47.02 -18.74 61.27
N THR G 14 47.56 -19.26 62.37
CA THR G 14 46.74 -20.04 63.30
C THR G 14 45.62 -19.19 63.87
N ILE G 15 45.91 -17.93 64.17
CA ILE G 15 44.96 -17.03 64.82
C ILE G 15 44.28 -16.26 63.70
N ARG G 16 43.21 -16.83 63.15
CA ARG G 16 42.57 -16.23 61.99
C ARG G 16 41.75 -15.00 62.39
N MET G 17 41.57 -14.11 61.43
CA MET G 17 40.65 -12.97 61.54
C MET G 17 39.58 -13.14 60.48
N ARG G 18 38.37 -13.45 60.91
CA ARG G 18 37.31 -13.68 59.94
C ARG G 18 36.85 -12.36 59.34
N ASN G 19 36.16 -12.46 58.20
CA ASN G 19 35.62 -11.30 57.52
C ASN G 19 34.29 -11.69 56.89
N TYR G 20 33.52 -10.68 56.52
CA TYR G 20 32.19 -10.88 55.96
C TYR G 20 32.16 -10.19 54.59
N ASN G 21 32.33 -10.98 53.54
CA ASN G 21 32.22 -10.50 52.17
C ASN G 21 30.88 -10.93 51.59
N LEU G 22 30.22 -10.02 50.90
CA LEU G 22 28.90 -10.30 50.34
C LEU G 22 28.74 -9.59 49.01
N ARG G 23 27.89 -10.16 48.16
CA ARG G 23 27.60 -9.62 46.83
C ARG G 23 26.13 -9.23 46.79
N TRP G 24 25.86 -7.92 46.81
CA TRP G 24 24.51 -7.44 46.59
C TRP G 24 24.06 -7.77 45.18
N ILE G 25 22.93 -8.45 45.06
CA ILE G 25 22.36 -8.79 43.76
C ILE G 25 21.01 -8.12 43.52
N SER G 26 20.50 -7.38 44.50
CA SER G 26 19.24 -6.65 44.37
C SER G 26 19.24 -5.52 45.39
N ASP G 27 18.08 -4.89 45.57
CA ASP G 27 17.96 -3.82 46.55
C ASP G 27 17.89 -4.33 47.99
N HIS G 28 17.49 -5.58 48.15
CA HIS G 28 17.28 -6.11 49.52
C HIS G 28 17.89 -7.50 49.72
N GLU G 29 18.68 -8.02 48.78
CA GLU G 29 19.24 -9.37 48.86
C GLU G 29 20.73 -9.33 48.57
N TYR G 30 21.45 -10.33 49.06
CA TYR G 30 22.87 -10.45 48.82
C TYR G 30 23.30 -11.91 48.95
N LEU G 31 24.31 -12.30 48.19
CA LEU G 31 24.88 -13.63 48.26
C LEU G 31 26.05 -13.68 49.22
N TYR G 32 26.19 -14.81 49.90
CA TYR G 32 27.24 -14.99 50.89
C TYR G 32 27.70 -16.44 50.87
N LYS G 33 29.00 -16.64 51.03
CA LYS G 33 29.60 -17.96 51.04
C LYS G 33 29.76 -18.43 52.48
N GLN G 34 29.28 -19.64 52.76
CA GLN G 34 29.34 -20.21 54.11
C GLN G 34 29.62 -21.70 53.98
N GLU G 35 30.81 -22.13 54.41
CA GLU G 35 31.21 -23.53 54.41
C GLU G 35 31.11 -24.13 53.01
N ASN G 36 31.73 -23.46 52.05
CA ASN G 36 31.74 -23.84 50.63
C ASN G 36 30.35 -23.89 50.02
N ASN G 37 29.34 -23.39 50.71
CA ASN G 37 28.00 -23.20 50.16
C ASN G 37 27.76 -21.73 49.92
N VAL G 38 26.95 -21.43 48.90
CA VAL G 38 26.58 -20.05 48.56
C VAL G 38 25.13 -19.86 49.00
N LEU G 39 24.93 -18.91 49.91
CA LEU G 39 23.63 -18.66 50.52
C LEU G 39 23.08 -17.31 50.07
N LEU G 40 21.76 -17.25 49.90
CA LEU G 40 21.06 -16.02 49.56
C LEU G 40 20.40 -15.50 50.83
N PHE G 41 20.66 -14.25 51.18
CA PHE G 41 20.14 -13.64 52.39
C PHE G 41 19.16 -12.54 52.05
N ASN G 42 18.01 -12.56 52.72
CA ASN G 42 16.94 -11.57 52.44
C ASN G 42 16.91 -10.59 53.60
N ALA G 43 17.60 -9.46 53.47
CA ALA G 43 17.74 -8.45 54.53
C ALA G 43 16.41 -7.90 55.02
N ASP G 44 15.41 -7.79 54.16
CA ASP G 44 14.09 -7.26 54.55
C ASP G 44 13.61 -7.96 55.81
N HIS G 45 13.55 -9.29 55.80
CA HIS G 45 13.00 -10.02 56.96
C HIS G 45 14.04 -10.78 57.75
N GLY G 46 15.12 -11.21 57.13
CA GLY G 46 16.06 -11.98 57.95
C GLY G 46 16.04 -13.42 57.55
N ASN G 47 15.29 -13.77 56.49
CA ASN G 47 15.30 -15.13 55.95
C ASN G 47 16.65 -15.42 55.30
N SER G 48 16.93 -16.72 55.13
CA SER G 48 18.15 -17.17 54.47
C SER G 48 17.91 -18.56 53.90
N SER G 49 18.28 -18.75 52.63
CA SER G 49 18.14 -20.03 51.96
C SER G 49 19.38 -20.35 51.16
N THR G 50 19.56 -21.64 50.86
CA THR G 50 20.74 -22.11 50.14
C THR G 50 20.54 -21.90 48.65
N PHE G 51 21.44 -21.11 48.05
CA PHE G 51 21.35 -20.75 46.63
C PHE G 51 22.17 -21.67 45.74
N LEU G 52 23.23 -22.27 46.29
CA LEU G 52 24.16 -23.06 45.48
C LEU G 52 24.85 -24.05 46.41
N GLU G 53 24.56 -25.34 46.24
CA GLU G 53 25.09 -26.36 47.14
C GLU G 53 26.55 -26.64 46.84
N ASN G 54 27.32 -26.95 47.89
CA ASN G 54 28.72 -27.29 47.71
C ASN G 54 28.90 -28.59 46.95
N SER G 55 27.85 -29.41 46.86
CA SER G 55 27.89 -30.58 45.99
C SER G 55 28.17 -30.18 44.55
N THR G 56 27.71 -28.99 44.14
CA THR G 56 27.90 -28.54 42.75
C THR G 56 29.34 -28.09 42.50
N PHE G 57 30.00 -27.53 43.51
CA PHE G 57 31.42 -27.21 43.39
C PHE G 57 32.23 -28.47 43.11
N ASP G 58 31.77 -29.62 43.61
CA ASP G 58 32.51 -30.88 43.53
C ASP G 58 31.82 -31.95 42.70
N GLN G 59 30.69 -31.62 42.06
CA GLN G 59 30.07 -32.56 41.13
C GLN G 59 30.14 -31.93 39.74
N PHE G 60 31.32 -31.41 39.42
CA PHE G 60 31.56 -30.68 38.19
C PHE G 60 32.67 -31.27 37.34
N GLY G 61 33.48 -32.18 37.89
CA GLY G 61 34.60 -32.75 37.20
C GLY G 61 35.92 -32.05 37.46
N HIS G 62 35.87 -30.76 37.83
CA HIS G 62 37.06 -29.98 38.11
C HIS G 62 36.79 -29.04 39.26
N SER G 63 37.83 -28.74 40.03
CA SER G 63 37.72 -27.79 41.12
C SER G 63 37.37 -26.41 40.57
N ILE G 64 36.28 -25.84 41.07
CA ILE G 64 35.75 -24.59 40.54
C ILE G 64 36.33 -23.43 41.33
N SER G 65 37.03 -22.53 40.64
CA SER G 65 37.68 -21.41 41.32
C SER G 65 36.66 -20.38 41.78
N ASP G 66 35.72 -19.99 40.91
CA ASP G 66 34.81 -18.91 41.22
C ASP G 66 33.49 -19.11 40.48
N TYR G 67 32.53 -18.24 40.80
CA TYR G 67 31.20 -18.27 40.22
C TYR G 67 30.75 -16.83 40.00
N SER G 68 29.71 -16.68 39.17
CA SER G 68 29.11 -15.37 38.93
C SER G 68 27.68 -15.59 38.45
N VAL G 69 26.74 -14.87 39.06
CA VAL G 69 25.32 -15.08 38.83
C VAL G 69 24.80 -14.02 37.85
N SER G 70 23.95 -14.45 36.92
CA SER G 70 23.30 -13.51 36.03
C SER G 70 22.40 -12.57 36.82
N PRO G 71 22.15 -11.37 36.31
CA PRO G 71 21.22 -10.46 36.99
C PRO G 71 19.81 -11.03 37.12
N ASP G 72 19.26 -11.58 36.05
CA ASP G 72 17.93 -12.17 36.09
C ASP G 72 17.89 -13.52 36.81
N ARG G 73 19.04 -13.99 37.32
CA ARG G 73 19.11 -15.18 38.15
C ARG G 73 18.65 -16.44 37.40
N GLN G 74 19.06 -16.55 36.14
CA GLN G 74 18.78 -17.75 35.37
C GLN G 74 20.01 -18.61 35.14
N PHE G 75 21.20 -18.04 35.13
CA PHE G 75 22.41 -18.77 34.79
C PHE G 75 23.53 -18.40 35.75
N VAL G 76 24.48 -19.32 35.91
CA VAL G 76 25.67 -19.09 36.71
C VAL G 76 26.89 -19.53 35.91
N LEU G 77 27.96 -18.75 36.00
CA LEU G 77 29.25 -19.13 35.44
C LEU G 77 30.04 -19.93 36.47
N PHE G 78 30.77 -20.93 36.00
CA PHE G 78 31.69 -21.69 36.84
C PHE G 78 33.08 -21.58 36.24
N GLU G 79 34.04 -21.14 37.05
CA GLU G 79 35.39 -20.86 36.58
C GLU G 79 36.32 -21.99 37.02
N TYR G 80 37.05 -22.55 36.06
CA TYR G 80 38.03 -23.59 36.36
C TYR G 80 39.19 -23.45 35.37
N ASN G 81 40.22 -24.27 35.62
CA ASN G 81 41.47 -24.22 34.85
C ASN G 81 42.13 -22.85 34.95
N TYR G 82 42.09 -22.28 36.16
CA TYR G 82 42.66 -20.97 36.41
C TYR G 82 44.17 -21.00 36.26
N VAL G 83 44.71 -20.05 35.49
CA VAL G 83 46.16 -19.89 35.33
C VAL G 83 46.45 -18.41 35.49
N LYS G 84 47.13 -18.05 36.59
CA LYS G 84 47.37 -16.66 36.90
C LYS G 84 48.40 -16.08 35.94
N LYS G 85 48.05 -14.95 35.30
CA LYS G 85 48.95 -14.31 34.34
C LYS G 85 49.77 -13.22 35.05
N TRP G 86 49.10 -12.17 35.50
CA TRP G 86 49.75 -11.06 36.20
C TRP G 86 48.90 -10.78 37.44
N ARG G 87 49.12 -9.62 38.05
CA ARG G 87 48.44 -9.27 39.29
C ARG G 87 46.93 -9.43 39.17
N HIS G 88 46.30 -8.66 38.29
CA HIS G 88 44.85 -8.65 38.14
C HIS G 88 44.37 -9.47 36.95
N SER G 89 45.25 -10.19 36.28
CA SER G 89 44.90 -10.94 35.10
C SER G 89 44.98 -12.44 35.36
N TYR G 90 44.34 -13.19 34.47
CA TYR G 90 44.37 -14.65 34.47
C TYR G 90 43.73 -15.13 33.17
N THR G 91 43.74 -16.45 32.99
CA THR G 91 43.06 -17.08 31.86
C THR G 91 42.49 -18.40 32.36
N ALA G 92 41.19 -18.61 32.13
CA ALA G 92 40.50 -19.74 32.73
C ALA G 92 39.48 -20.29 31.76
N SER G 93 38.85 -21.40 32.16
CA SER G 93 37.79 -22.04 31.42
C SER G 93 36.48 -21.87 32.17
N TYR G 94 35.38 -21.79 31.42
CA TYR G 94 34.09 -21.45 31.99
C TYR G 94 33.01 -22.41 31.51
N ASP G 95 32.05 -22.69 32.39
CA ASP G 95 30.86 -23.43 32.05
C ASP G 95 29.64 -22.69 32.57
N ILE G 96 28.52 -22.82 31.85
CA ILE G 96 27.29 -22.13 32.19
C ILE G 96 26.29 -23.15 32.71
N TYR G 97 25.56 -22.76 33.75
CA TYR G 97 24.64 -23.65 34.45
C TYR G 97 23.27 -22.99 34.52
N ASP G 98 22.27 -23.65 33.95
CA ASP G 98 20.90 -23.14 33.97
C ASP G 98 20.25 -23.44 35.31
N LEU G 99 19.71 -22.40 35.96
CA LEU G 99 19.07 -22.59 37.26
C LEU G 99 17.63 -23.08 37.11
N ASN G 100 16.90 -22.57 36.13
CA ASN G 100 15.52 -23.01 35.92
C ASN G 100 15.45 -24.47 35.45
N LYS G 101 16.55 -25.02 34.93
CA LYS G 101 16.58 -26.40 34.47
C LYS G 101 17.53 -27.28 35.27
N ARG G 102 18.26 -26.73 36.23
CA ARG G 102 19.21 -27.50 37.05
C ARG G 102 20.15 -28.33 36.17
N GLN G 103 20.55 -27.75 35.04
CA GLN G 103 21.31 -28.47 34.04
C GLN G 103 22.57 -27.68 33.67
N LEU G 104 23.51 -28.41 33.09
CA LEU G 104 24.76 -27.85 32.59
C LEU G 104 24.67 -27.72 31.08
N ILE G 105 25.22 -26.64 30.55
CA ILE G 105 25.10 -26.33 29.13
C ILE G 105 26.26 -27.00 28.38
N THR G 106 25.91 -27.73 27.33
CA THR G 106 26.89 -28.45 26.51
C THR G 106 26.92 -27.98 25.06
N ALA G 107 25.93 -27.22 24.62
CA ALA G 107 25.92 -26.63 23.29
C ALA G 107 26.31 -25.17 23.38
N GLU G 108 27.13 -24.71 22.42
CA GLU G 108 27.64 -23.34 22.40
C GLU G 108 28.34 -23.01 23.72
N ARG G 109 29.41 -23.75 23.99
CA ARG G 109 30.16 -23.58 25.22
C ARG G 109 31.09 -22.36 25.13
N ILE G 110 31.56 -21.92 26.28
CA ILE G 110 32.53 -20.83 26.33
C ILE G 110 33.94 -21.43 26.16
N PRO G 111 34.76 -20.88 25.27
CA PRO G 111 36.05 -21.52 24.96
C PRO G 111 36.96 -21.58 26.18
N ASN G 112 37.92 -22.49 26.12
CA ASN G 112 39.02 -22.48 27.07
C ASN G 112 39.94 -21.29 26.78
N ASP G 113 40.81 -20.99 27.74
CA ASP G 113 41.75 -19.87 27.64
C ASP G 113 41.02 -18.55 27.44
N THR G 114 39.80 -18.44 27.97
CA THR G 114 39.06 -17.19 27.90
C THR G 114 39.69 -16.17 28.83
N GLN G 115 39.98 -14.99 28.29
CA GLN G 115 40.73 -13.98 29.02
C GLN G 115 39.84 -13.08 29.85
N LEU G 116 38.54 -13.02 29.55
CA LEU G 116 37.63 -12.20 30.31
C LEU G 116 36.22 -12.74 30.11
N ILE G 117 35.33 -12.39 31.04
CA ILE G 117 33.93 -12.80 30.98
C ILE G 117 33.12 -11.80 31.79
N ARG G 118 32.00 -11.33 31.22
CA ARG G 118 31.19 -10.30 31.87
C ARG G 118 29.73 -10.50 31.51
N TRP G 119 28.88 -10.54 32.54
CA TRP G 119 27.44 -10.54 32.33
C TRP G 119 26.96 -9.13 32.00
N SER G 120 25.87 -9.06 31.23
CA SER G 120 25.16 -7.80 31.07
C SER G 120 24.61 -7.36 32.42
N PRO G 121 24.40 -6.06 32.63
CA PRO G 121 23.84 -5.61 33.91
C PRO G 121 22.38 -5.99 34.08
N GLU G 122 21.65 -6.12 32.97
CA GLU G 122 20.29 -6.63 32.97
C GLU G 122 20.19 -7.78 31.99
N GLY G 123 19.29 -8.72 32.27
CA GLY G 123 19.21 -9.88 31.40
C GLY G 123 20.40 -10.80 31.63
N HIS G 124 20.69 -11.59 30.59
CA HIS G 124 21.70 -12.64 30.68
C HIS G 124 22.56 -12.67 29.43
N LYS G 125 22.86 -11.50 28.86
CA LYS G 125 23.75 -11.43 27.72
C LYS G 125 25.20 -11.52 28.19
N LEU G 126 26.02 -12.22 27.40
CA LEU G 126 27.39 -12.52 27.78
C LEU G 126 28.37 -11.86 26.83
N ALA G 127 29.53 -11.47 27.37
CA ALA G 127 30.61 -10.91 26.59
C ALA G 127 31.92 -11.45 27.15
N TYR G 128 32.70 -12.13 26.30
CA TYR G 128 33.97 -12.69 26.74
C TYR G 128 35.05 -12.35 25.72
N VAL G 129 36.29 -12.24 26.22
CA VAL G 129 37.46 -11.92 25.40
C VAL G 129 38.30 -13.18 25.29
N TRP G 130 38.54 -13.61 24.06
CA TRP G 130 39.34 -14.80 23.78
C TRP G 130 40.26 -14.48 22.61
N ASN G 131 41.57 -14.64 22.83
CA ASN G 131 42.58 -14.28 21.85
C ASN G 131 42.48 -12.82 21.45
N ASN G 132 42.23 -11.97 22.44
CA ASN G 132 42.23 -10.51 22.31
C ASN G 132 41.16 -10.02 21.34
N ASP G 133 40.12 -10.82 21.12
CA ASP G 133 38.98 -10.44 20.29
C ASP G 133 37.69 -10.62 21.09
N VAL G 134 36.79 -9.67 20.94
CA VAL G 134 35.57 -9.62 21.74
C VAL G 134 34.48 -10.44 21.06
N TYR G 135 33.83 -11.31 21.83
CA TYR G 135 32.68 -12.08 21.37
C TYR G 135 31.49 -11.76 22.26
N VAL G 136 30.29 -11.84 21.67
CA VAL G 136 29.06 -11.48 22.36
C VAL G 136 28.04 -12.59 22.16
N LYS G 137 27.34 -12.93 23.24
CA LYS G 137 26.23 -13.88 23.20
C LYS G 137 25.02 -13.24 23.86
N ASN G 138 23.90 -13.19 23.13
CA ASN G 138 22.67 -12.68 23.71
C ASN G 138 22.00 -13.72 24.60
N ASP G 139 22.30 -15.00 24.39
CA ASP G 139 21.74 -16.07 25.19
C ASP G 139 22.79 -17.17 25.27
N PRO G 140 22.92 -17.84 26.42
CA PRO G 140 23.87 -18.97 26.50
C PRO G 140 23.63 -20.05 25.44
N TYR G 141 22.38 -20.41 25.19
CA TYR G 141 22.04 -21.37 24.13
C TYR G 141 21.97 -20.63 22.79
N SER G 142 23.11 -20.07 22.40
CA SER G 142 23.18 -19.31 21.16
C SER G 142 24.63 -19.24 20.73
N PRO G 143 24.89 -19.05 19.43
CA PRO G 143 26.28 -18.89 18.97
C PRO G 143 26.93 -17.62 19.50
N SER G 144 28.17 -17.38 19.11
CA SER G 144 28.96 -16.28 19.63
C SER G 144 29.37 -15.38 18.47
N GLN G 145 28.75 -14.20 18.40
CA GLN G 145 29.12 -13.24 17.37
C GLN G 145 30.48 -12.64 17.67
N ARG G 146 31.31 -12.53 16.64
CA ARG G 146 32.67 -12.01 16.78
C ARG G 146 32.66 -10.53 16.41
N VAL G 147 33.03 -9.68 17.38
CA VAL G 147 32.99 -8.23 17.14
C VAL G 147 34.27 -7.76 16.48
N THR G 148 35.42 -8.11 17.04
CA THR G 148 36.72 -7.68 16.53
C THR G 148 37.49 -8.89 16.02
N HIS G 149 38.40 -8.65 15.06
CA HIS G 149 39.17 -9.74 14.47
C HIS G 149 40.67 -9.49 14.40
N ASP G 150 41.15 -8.29 14.72
CA ASP G 150 42.57 -7.98 14.64
C ASP G 150 43.31 -8.32 15.93
N GLY G 151 42.79 -9.27 16.71
CA GLY G 151 43.47 -9.66 17.94
C GLY G 151 44.81 -10.31 17.64
N ARG G 152 45.82 -9.92 18.41
CA ARG G 152 47.15 -10.48 18.26
C ARG G 152 47.88 -10.33 19.58
N GLU G 153 48.57 -11.40 19.99
CA GLU G 153 49.29 -11.37 21.26
C GLU G 153 50.42 -10.35 21.22
N ASP G 154 50.56 -9.59 22.32
CA ASP G 154 51.57 -8.57 22.50
C ASP G 154 51.49 -7.44 21.49
N ALA G 155 50.44 -7.39 20.68
CA ALA G 155 50.33 -6.28 19.75
C ALA G 155 49.01 -5.52 19.84
N ILE G 156 47.89 -6.24 19.96
CA ILE G 156 46.56 -5.62 19.93
C ILE G 156 45.70 -6.32 20.97
N SER G 157 45.00 -5.54 21.80
CA SER G 157 44.12 -6.06 22.82
C SER G 157 42.77 -5.37 22.73
N ASN G 158 41.71 -6.14 22.58
CA ASN G 158 40.34 -5.63 22.49
C ASN G 158 39.55 -6.13 23.71
N GLY G 159 39.22 -5.21 24.61
CA GLY G 159 38.40 -5.53 25.76
C GLY G 159 39.17 -5.92 27.01
N ILE G 160 40.47 -6.16 26.91
CA ILE G 160 41.31 -6.44 28.06
C ILE G 160 42.52 -5.53 27.99
N THR G 161 42.97 -5.04 29.15
CA THR G 161 44.04 -4.07 29.18
C THR G 161 45.39 -4.78 29.09
N ASP G 162 46.40 -4.00 28.71
CA ASP G 162 47.77 -4.48 28.79
C ASP G 162 48.26 -4.30 30.21
N TRP G 163 49.58 -4.43 30.40
CA TRP G 163 50.14 -4.43 31.75
C TRP G 163 49.94 -3.09 32.45
N VAL G 164 50.34 -1.99 31.80
CA VAL G 164 50.35 -0.68 32.46
C VAL G 164 48.93 -0.24 32.80
N TYR G 165 48.00 -0.35 31.84
CA TYR G 165 46.61 -0.01 32.13
C TYR G 165 46.05 -0.87 33.26
N GLU G 166 46.44 -2.14 33.28
CA GLU G 166 45.99 -3.03 34.35
C GLU G 166 46.53 -2.57 35.70
N GLU G 167 47.80 -2.21 35.77
CA GLU G 167 48.42 -1.92 37.05
C GLU G 167 48.18 -0.49 37.50
N GLU G 168 48.42 0.48 36.62
CA GLU G 168 48.54 1.87 37.03
C GLU G 168 47.34 2.75 36.68
N ILE G 169 46.36 2.25 35.93
CA ILE G 169 45.20 3.08 35.61
C ILE G 169 43.91 2.40 36.04
N PHE G 170 43.60 1.26 35.44
CA PHE G 170 42.29 0.65 35.64
C PHE G 170 42.22 -0.18 36.90
N SER G 171 43.35 -0.71 37.36
CA SER G 171 43.40 -1.64 38.48
C SER G 171 42.50 -2.85 38.23
N THR G 172 42.35 -3.22 36.96
CA THR G 172 41.57 -4.38 36.58
C THR G 172 42.01 -4.84 35.19
N HIS G 173 41.75 -6.11 34.90
CA HIS G 173 42.01 -6.65 33.57
C HIS G 173 40.96 -6.23 32.56
N SER G 174 39.77 -5.83 33.01
CA SER G 174 38.62 -5.66 32.14
C SER G 174 38.65 -4.31 31.42
N ALA G 175 38.25 -4.33 30.15
CA ALA G 175 37.98 -3.14 29.36
C ALA G 175 36.65 -3.31 28.62
N LEU G 176 35.68 -3.93 29.27
CA LEU G 176 34.32 -4.04 28.78
C LEU G 176 33.41 -3.15 29.63
N TRP G 177 32.51 -2.43 28.96
CA TRP G 177 31.56 -1.54 29.65
C TRP G 177 30.20 -1.71 29.00
N TRP G 178 29.28 -2.35 29.70
CA TRP G 178 27.95 -2.60 29.18
C TRP G 178 27.04 -1.40 29.39
N SER G 179 26.12 -1.22 28.46
CA SER G 179 25.02 -0.28 28.66
C SER G 179 24.09 -0.81 29.74
N PRO G 180 23.44 0.08 30.51
CA PRO G 180 22.50 -0.39 31.53
C PRO G 180 21.40 -1.30 30.98
N ASN G 181 20.97 -1.07 29.73
CA ASN G 181 19.98 -1.96 29.12
C ASN G 181 20.60 -3.19 28.48
N GLY G 182 21.92 -3.29 28.45
CA GLY G 182 22.56 -4.37 27.73
C GLY G 182 22.50 -4.22 26.22
N THR G 183 22.03 -3.07 25.72
CA THR G 183 21.97 -2.86 24.28
C THR G 183 23.35 -2.56 23.71
N PHE G 184 24.08 -1.63 24.32
CA PHE G 184 25.37 -1.19 23.82
C PHE G 184 26.50 -1.82 24.62
N LEU G 185 27.55 -2.24 23.92
CA LEU G 185 28.79 -2.68 24.54
C LEU G 185 29.89 -1.74 24.09
N ALA G 186 30.49 -1.03 25.04
CA ALA G 186 31.66 -0.21 24.79
C ALA G 186 32.91 -1.00 25.18
N TYR G 187 33.91 -1.02 24.30
CA TYR G 187 35.15 -1.74 24.55
C TYR G 187 36.32 -0.90 24.05
N ALA G 188 37.47 -1.09 24.68
CA ALA G 188 38.67 -0.33 24.36
C ALA G 188 39.66 -1.22 23.61
N LYS G 189 40.38 -0.62 22.67
CA LYS G 189 41.35 -1.33 21.84
C LYS G 189 42.75 -0.79 22.13
N PHE G 190 43.61 -1.65 22.66
CA PHE G 190 44.98 -1.29 23.00
C PHE G 190 45.93 -1.80 21.94
N ASN G 191 47.02 -1.06 21.74
CA ASN G 191 47.98 -1.35 20.69
C ASN G 191 49.39 -1.21 21.27
N ASP G 192 50.01 -2.34 21.61
CA ASP G 192 51.36 -2.38 22.13
C ASP G 192 52.36 -2.88 21.10
N THR G 193 52.09 -2.60 19.82
CA THR G 193 52.94 -3.11 18.75
C THR G 193 54.36 -2.56 18.86
N ASP G 194 54.49 -1.26 19.13
CA ASP G 194 55.79 -0.60 19.17
C ASP G 194 56.24 -0.29 20.60
N VAL G 195 55.69 -0.97 21.59
CA VAL G 195 56.08 -0.76 22.98
C VAL G 195 57.21 -1.73 23.34
N PRO G 196 58.33 -1.24 23.89
CA PRO G 196 59.43 -2.15 24.23
C PRO G 196 58.99 -3.21 25.23
N ARG G 197 59.54 -4.41 25.08
CA ARG G 197 59.18 -5.53 25.94
C ARG G 197 60.36 -5.91 26.83
N ILE G 198 60.11 -5.92 28.14
CA ILE G 198 61.06 -6.45 29.11
C ILE G 198 61.11 -7.97 28.97
N GLU G 199 62.27 -8.55 29.26
CA GLU G 199 62.45 -9.99 29.22
C GLU G 199 63.15 -10.45 30.49
N TYR G 200 62.62 -11.49 31.12
CA TYR G 200 63.26 -12.11 32.26
C TYR G 200 63.09 -13.62 32.16
N SER G 201 64.08 -14.34 32.69
CA SER G 201 64.07 -15.79 32.64
C SER G 201 63.21 -16.35 33.76
N VAL G 202 62.51 -17.45 33.46
CA VAL G 202 61.72 -18.18 34.44
C VAL G 202 62.31 -19.58 34.55
N TYR G 203 62.86 -19.89 35.73
CA TYR G 203 63.51 -21.17 35.99
C TYR G 203 62.46 -22.08 36.65
N LEU G 204 61.66 -22.71 35.82
CA LEU G 204 60.55 -23.53 36.29
C LEU G 204 61.09 -24.83 36.89
N ASP G 205 60.18 -25.79 37.07
CA ASP G 205 60.43 -27.05 37.76
C ASP G 205 61.79 -27.68 37.44
N GLU G 206 62.35 -28.35 38.45
CA GLU G 206 63.62 -29.07 38.31
C GLU G 206 63.65 -29.99 37.09
N SER G 207 62.48 -30.37 36.56
CA SER G 207 62.42 -31.17 35.35
C SER G 207 62.62 -30.34 34.08
N LEU G 208 62.39 -29.03 34.15
CA LEU G 208 62.50 -28.17 32.98
C LEU G 208 63.96 -27.79 32.78
N GLN G 209 64.55 -28.24 31.68
CA GLN G 209 65.99 -28.12 31.47
C GLN G 209 66.40 -26.74 30.96
N TYR G 210 65.56 -26.10 30.15
CA TYR G 210 65.89 -24.81 29.53
C TYR G 210 64.93 -23.73 30.00
N PRO G 211 65.41 -22.70 30.71
CA PRO G 211 64.49 -21.69 31.24
C PRO G 211 63.74 -20.97 30.13
N LYS G 212 62.52 -20.57 30.44
CA LYS G 212 61.65 -19.86 29.51
C LYS G 212 61.84 -18.37 29.66
N THR G 213 62.03 -17.68 28.54
CA THR G 213 62.09 -16.22 28.53
C THR G 213 60.69 -15.66 28.38
N ILE G 214 60.32 -14.73 29.26
CA ILE G 214 58.99 -14.16 29.29
C ILE G 214 59.06 -12.74 28.75
N HIS G 215 58.27 -12.46 27.71
CA HIS G 215 58.22 -11.16 27.05
C HIS G 215 56.98 -10.42 27.49
N ILE G 216 57.15 -9.18 27.96
CA ILE G 216 56.02 -8.37 28.43
C ILE G 216 56.19 -6.95 27.93
N PRO G 217 55.25 -6.43 27.11
CA PRO G 217 55.32 -5.02 26.72
C PRO G 217 55.28 -4.10 27.94
N TYR G 218 56.38 -3.43 28.22
CA TYR G 218 56.56 -2.66 29.44
C TYR G 218 57.14 -1.31 29.06
N PRO G 219 56.31 -0.28 28.93
CA PRO G 219 56.85 1.06 28.62
C PRO G 219 57.52 1.67 29.84
N LYS G 220 58.85 1.70 29.86
CA LYS G 220 59.54 2.41 30.92
C LYS G 220 59.43 3.92 30.69
N ALA G 221 59.99 4.68 31.62
CA ALA G 221 59.89 6.14 31.58
C ALA G 221 60.38 6.69 30.25
N GLY G 222 59.47 7.34 29.51
CA GLY G 222 59.80 7.99 28.26
C GLY G 222 59.56 7.15 27.01
N ALA G 223 59.33 5.85 27.15
CA ALA G 223 59.19 4.98 25.99
C ALA G 223 57.86 5.23 25.29
N LYS G 224 57.65 4.50 24.19
CA LYS G 224 56.39 4.60 23.45
C LYS G 224 55.27 3.96 24.26
N ASN G 225 54.25 4.74 24.59
CA ASN G 225 53.10 4.22 25.31
C ASN G 225 52.17 3.50 24.34
N PRO G 226 51.35 2.58 24.85
CA PRO G 226 50.37 1.91 23.99
C PRO G 226 49.24 2.86 23.63
N THR G 227 48.83 2.82 22.36
CA THR G 227 47.68 3.61 21.95
C THR G 227 46.40 2.93 22.45
N VAL G 228 45.34 3.72 22.55
CA VAL G 228 44.05 3.25 23.05
C VAL G 228 42.94 3.96 22.29
N LYS G 229 41.95 3.20 21.83
CA LYS G 229 40.75 3.74 21.21
C LYS G 229 39.53 3.14 21.87
N LEU G 230 38.41 3.84 21.77
CA LEU G 230 37.17 3.43 22.42
C LEU G 230 36.11 3.19 21.35
N TYR G 231 35.54 1.99 21.33
CA TYR G 231 34.51 1.60 20.38
C TYR G 231 33.25 1.19 21.12
N VAL G 232 32.10 1.44 20.50
CA VAL G 232 30.81 1.05 21.06
C VAL G 232 30.05 0.23 20.01
N VAL G 233 29.38 -0.82 20.47
CA VAL G 233 28.74 -1.80 19.61
C VAL G 233 27.28 -1.96 20.02
N ASN G 234 26.39 -2.02 19.02
CA ASN G 234 24.96 -2.24 19.25
C ASN G 234 24.74 -3.75 19.28
N THR G 235 24.54 -4.29 20.49
CA THR G 235 24.43 -5.74 20.66
C THR G 235 23.11 -6.28 20.11
N ASP G 236 22.07 -5.45 20.06
CA ASP G 236 20.76 -5.94 19.62
C ASP G 236 20.76 -6.29 18.14
N ASN G 237 21.32 -5.42 17.30
CA ASN G 237 21.39 -5.66 15.85
C ASN G 237 22.84 -5.45 15.42
N LEU G 238 23.64 -6.53 15.52
CA LEU G 238 25.05 -6.42 15.21
C LEU G 238 25.38 -6.85 13.77
N THR G 239 24.79 -7.97 13.32
CA THR G 239 25.10 -8.51 12.00
C THR G 239 24.91 -7.48 10.88
N ASP G 240 24.17 -6.39 11.15
CA ASP G 240 24.04 -5.30 10.19
C ASP G 240 25.18 -4.29 10.33
N LEU G 241 25.41 -3.80 11.55
CA LEU G 241 26.27 -2.65 11.78
C LEU G 241 27.64 -3.05 12.32
N GLU G 242 28.53 -2.06 12.37
CA GLU G 242 29.90 -2.20 12.81
C GLU G 242 30.08 -1.60 14.20
N PRO G 243 31.25 -1.78 14.82
CA PRO G 243 31.59 -0.93 15.97
C PRO G 243 31.69 0.53 15.54
N ALA G 244 31.32 1.42 16.45
CA ALA G 244 31.37 2.86 16.23
C ALA G 244 32.43 3.45 17.15
N GLN G 245 33.50 3.98 16.56
CA GLN G 245 34.56 4.57 17.36
C GLN G 245 34.11 5.90 17.93
N ILE G 246 34.41 6.12 19.21
CA ILE G 246 34.23 7.42 19.84
C ILE G 246 35.61 8.06 19.93
N VAL G 247 35.85 9.10 19.14
CA VAL G 247 37.14 9.74 19.10
C VAL G 247 37.33 10.60 20.35
N ALA G 248 38.58 10.70 20.80
CA ALA G 248 38.88 11.50 21.97
C ALA G 248 38.83 12.98 21.61
N PRO G 249 38.57 13.86 22.59
CA PRO G 249 38.49 15.29 22.30
C PRO G 249 39.80 15.82 21.73
N ALA G 250 39.70 16.94 20.99
CA ALA G 250 40.89 17.56 20.42
C ALA G 250 41.84 18.05 21.51
N SER G 251 41.29 18.47 22.65
CA SER G 251 42.13 18.96 23.74
C SER G 251 43.13 17.92 24.22
N VAL G 252 42.86 16.64 23.97
CA VAL G 252 43.75 15.56 24.39
C VAL G 252 44.55 14.99 23.22
N LEU G 253 44.18 15.31 21.98
CA LEU G 253 44.84 14.80 20.78
C LEU G 253 46.10 15.54 20.40
N THR G 254 46.62 16.42 21.25
CA THR G 254 47.86 17.14 20.96
C THR G 254 49.10 16.29 21.22
N GLY G 255 48.93 14.99 21.39
CA GLY G 255 50.05 14.11 21.71
C GLY G 255 49.54 12.77 22.22
N ASP G 256 50.38 12.11 23.01
CA ASP G 256 49.99 10.87 23.64
C ASP G 256 49.00 11.13 24.77
N HIS G 257 48.10 10.17 25.00
CA HIS G 257 47.06 10.37 25.99
C HIS G 257 46.59 9.02 26.54
N TYR G 258 45.92 9.09 27.68
CA TYR G 258 45.39 7.92 28.37
C TYR G 258 43.86 7.99 28.41
N LEU G 259 43.24 6.82 28.53
CA LEU G 259 41.81 6.68 28.78
C LEU G 259 41.65 6.10 30.18
N CYS G 260 41.08 6.89 31.09
CA CYS G 260 41.12 6.54 32.51
C CYS G 260 39.76 6.23 33.12
N ASP G 261 38.64 6.52 32.46
CA ASP G 261 37.35 6.13 33.01
C ASP G 261 36.30 6.12 31.91
N VAL G 262 35.41 5.13 31.96
CA VAL G 262 34.27 5.01 31.07
C VAL G 262 33.04 4.73 31.92
N THR G 263 32.10 5.68 31.95
CA THR G 263 30.91 5.57 32.78
C THR G 263 29.67 5.82 31.93
N TRP G 264 28.69 4.92 32.03
CA TRP G 264 27.43 5.06 31.33
C TRP G 264 26.47 5.91 32.15
N ALA G 265 26.12 7.09 31.64
CA ALA G 265 25.18 7.94 32.36
C ALA G 265 23.75 7.43 32.24
N THR G 266 23.28 7.24 31.01
CA THR G 266 21.95 6.69 30.77
C THR G 266 22.03 5.53 29.79
N LYS G 267 20.88 5.01 29.36
CA LYS G 267 20.85 3.93 28.38
C LYS G 267 21.48 4.33 27.06
N GLU G 268 21.59 5.63 26.78
CA GLU G 268 22.12 6.12 25.51
C GLU G 268 23.18 7.21 25.69
N ARG G 269 23.69 7.41 26.90
CA ARG G 269 24.69 8.42 27.16
C ARG G 269 25.91 7.79 27.82
N ILE G 270 27.09 8.20 27.39
CA ILE G 270 28.34 7.60 27.86
C ILE G 270 29.32 8.72 28.20
N SER G 271 30.09 8.52 29.27
CA SER G 271 31.06 9.49 29.75
C SER G 271 32.46 8.89 29.69
N LEU G 272 33.38 9.61 29.07
CA LEU G 272 34.75 9.15 28.88
C LEU G 272 35.70 10.15 29.53
N GLN G 273 36.52 9.65 30.46
CA GLN G 273 37.60 10.43 31.03
C GLN G 273 38.89 10.17 30.26
N TRP G 274 39.41 11.21 29.62
CA TRP G 274 40.69 11.16 28.94
C TRP G 274 41.73 11.91 29.76
N LEU G 275 42.99 11.58 29.50
CA LEU G 275 44.08 12.08 30.33
C LEU G 275 45.30 12.29 29.46
N ARG G 276 45.82 13.52 29.43
CA ARG G 276 47.04 13.80 28.70
C ARG G 276 48.20 12.99 29.25
N ARG G 277 49.17 12.69 28.38
CA ARG G 277 50.34 11.97 28.85
C ARG G 277 51.06 12.74 29.95
N ILE G 278 51.18 14.05 29.81
CA ILE G 278 51.61 14.90 30.92
C ILE G 278 50.39 15.07 31.82
N GLN G 279 50.37 14.32 32.92
CA GLN G 279 49.13 14.06 33.67
C GLN G 279 48.73 15.22 34.57
N ASN G 280 48.52 16.39 33.94
CA ASN G 280 47.93 17.52 34.63
C ASN G 280 46.78 18.12 33.82
N TYR G 281 46.16 17.30 32.97
CA TYR G 281 45.07 17.76 32.12
C TYR G 281 44.20 16.55 31.81
N SER G 282 43.03 16.50 32.44
CA SER G 282 42.04 15.46 32.16
C SER G 282 40.76 16.14 31.70
N ILE G 283 39.92 15.37 31.01
CA ILE G 283 38.67 15.92 30.49
C ILE G 283 37.63 14.80 30.43
N ILE G 284 36.40 15.13 30.81
CA ILE G 284 35.27 14.23 30.70
C ILE G 284 34.51 14.58 29.42
N ASP G 285 34.12 13.56 28.67
CA ASP G 285 33.37 13.72 27.44
C ASP G 285 32.00 13.06 27.59
N ILE G 286 30.94 13.81 27.33
CA ILE G 286 29.58 13.30 27.41
C ILE G 286 29.08 13.09 25.99
N CYS G 287 28.71 11.86 25.66
CA CYS G 287 28.34 11.48 24.31
C CYS G 287 26.97 10.83 24.29
N ASP G 288 26.07 11.38 23.47
CA ASP G 288 24.72 10.86 23.33
C ASP G 288 24.60 10.07 22.03
N TYR G 289 23.69 9.10 22.03
CA TYR G 289 23.46 8.28 20.84
C TYR G 289 22.53 9.00 19.87
N ASN G 290 22.83 8.89 18.58
CA ASN G 290 22.05 9.51 17.53
C ASN G 290 21.44 8.43 16.64
N GLU G 291 20.18 8.64 16.23
CA GLU G 291 19.45 7.64 15.47
C GLU G 291 20.12 7.31 14.15
N SER G 292 20.93 8.23 13.63
CA SER G 292 21.66 8.04 12.38
C SER G 292 23.15 8.26 12.63
N THR G 293 23.91 8.34 11.55
CA THR G 293 25.30 8.73 11.73
C THR G 293 25.38 10.25 11.93
N PRO G 294 26.27 10.74 12.81
CA PRO G 294 27.20 9.96 13.62
C PRO G 294 26.49 9.22 14.76
N LYS G 295 26.87 7.96 15.00
CA LYS G 295 26.14 7.16 15.98
C LYS G 295 26.24 7.74 17.38
N TRP G 296 27.40 8.32 17.72
CA TRP G 296 27.62 8.90 19.04
C TRP G 296 28.01 10.36 18.87
N ASN G 297 27.12 11.25 19.32
CA ASN G 297 27.29 12.69 19.15
C ASN G 297 27.80 13.27 20.47
N CYS G 298 29.04 13.75 20.47
CA CYS G 298 29.67 14.31 21.67
C CYS G 298 29.69 15.84 21.54
N LEU G 299 28.75 16.50 22.21
CA LEU G 299 28.70 17.96 22.19
C LEU G 299 29.93 18.55 22.87
N VAL G 300 30.47 19.62 22.28
CA VAL G 300 31.65 20.27 22.85
C VAL G 300 31.29 21.04 24.11
N SER G 301 30.08 21.60 24.17
CA SER G 301 29.68 22.42 25.32
C SER G 301 29.57 21.62 26.62
N ARG G 302 29.51 20.29 26.54
CA ARG G 302 29.46 19.45 27.73
C ARG G 302 30.77 18.70 27.95
N GLN G 303 31.88 19.29 27.50
CA GLN G 303 33.19 18.84 27.95
C GLN G 303 33.47 19.44 29.33
N HIS G 304 34.31 18.76 30.10
CA HIS G 304 34.60 19.19 31.46
C HIS G 304 36.09 18.96 31.76
N ILE G 305 36.83 20.05 31.93
CA ILE G 305 38.28 20.02 32.07
C ILE G 305 38.64 19.96 33.55
N GLU G 306 39.77 19.33 33.84
CA GLU G 306 40.31 19.26 35.19
C GLU G 306 41.83 19.38 35.10
N THR G 307 42.40 20.40 35.73
CA THR G 307 43.83 20.68 35.64
C THR G 307 44.42 20.81 37.04
N SER G 308 45.75 20.89 37.09
CA SER G 308 46.46 21.18 38.33
C SER G 308 47.75 21.90 37.98
N ALA G 309 47.94 23.09 38.56
CA ALA G 309 49.16 23.85 38.33
C ALA G 309 50.30 23.44 39.25
N THR G 310 49.98 22.80 40.39
CA THR G 310 51.01 22.41 41.34
C THR G 310 51.67 21.09 40.94
N GLY G 311 50.87 20.05 40.77
CA GLY G 311 51.40 18.74 40.42
C GLY G 311 50.56 18.03 39.39
N TRP G 312 50.11 16.82 39.73
CA TRP G 312 49.27 16.00 38.87
C TRP G 312 47.81 16.12 39.30
N VAL G 313 46.93 15.57 38.47
CA VAL G 313 45.50 15.54 38.74
C VAL G 313 45.15 14.25 39.48
N GLY G 314 44.34 14.37 40.53
CA GLY G 314 43.86 13.22 41.26
C GLY G 314 44.89 12.67 42.24
N ARG G 315 44.45 11.64 42.96
CA ARG G 315 45.35 10.95 43.88
C ARG G 315 46.29 10.01 43.13
N PHE G 316 45.73 9.01 42.46
CA PHE G 316 46.43 8.22 41.46
C PHE G 316 45.83 8.38 40.07
N LYS G 317 44.54 8.71 39.98
CA LYS G 317 43.89 9.06 38.73
C LYS G 317 42.71 9.96 39.09
N PRO G 318 42.28 10.82 38.17
CA PRO G 318 41.16 11.72 38.48
C PRO G 318 39.93 10.93 38.92
N ALA G 319 39.15 11.55 39.81
CA ALA G 319 37.97 10.90 40.35
C ALA G 319 36.99 10.55 39.25
N GLU G 320 36.26 9.46 39.44
CA GLU G 320 35.25 9.07 38.47
C GLU G 320 33.95 9.82 38.73
N PRO G 321 33.22 10.16 37.66
CA PRO G 321 31.95 10.86 37.84
C PRO G 321 30.84 9.93 38.31
N HIS G 322 30.04 10.43 39.26
CA HIS G 322 28.94 9.67 39.83
C HIS G 322 27.64 10.32 39.37
N PHE G 323 27.08 9.79 38.29
CA PHE G 323 25.95 10.44 37.65
C PHE G 323 24.68 10.28 38.48
N THR G 324 23.77 11.23 38.30
CA THR G 324 22.45 11.16 38.90
C THR G 324 21.59 10.18 38.09
N SER G 325 20.35 9.99 38.53
CA SER G 325 19.48 9.00 37.88
C SER G 325 19.18 9.39 36.44
N ASP G 326 18.97 10.68 36.17
CA ASP G 326 18.62 11.15 34.84
C ASP G 326 19.86 11.45 33.98
N GLY G 327 21.06 11.26 34.51
CA GLY G 327 22.27 11.50 33.74
C GLY G 327 22.47 12.92 33.27
N ASN G 328 21.86 13.90 33.95
CA ASN G 328 22.01 15.30 33.60
C ASN G 328 22.95 16.04 34.56
N SER G 329 23.48 15.37 35.57
CA SER G 329 24.42 15.98 36.48
C SER G 329 25.18 14.86 37.20
N PHE G 330 26.43 15.15 37.57
CA PHE G 330 27.24 14.17 38.26
C PHE G 330 28.06 14.83 39.35
N TYR G 331 28.13 14.16 40.50
CA TYR G 331 29.00 14.54 41.60
C TYR G 331 30.34 13.84 41.43
N LYS G 332 31.43 14.57 41.63
CA LYS G 332 32.74 13.96 41.59
C LYS G 332 33.67 14.72 42.53
N ILE G 333 34.78 14.07 42.87
CA ILE G 333 35.71 14.58 43.87
C ILE G 333 36.75 15.45 43.17
N MET G 334 36.89 16.70 43.64
CA MET G 334 37.82 17.66 43.07
C MET G 334 38.56 18.37 44.19
N SER G 335 39.73 18.93 43.84
CA SER G 335 40.44 19.80 44.76
C SER G 335 39.84 21.20 44.70
N ASN G 336 39.80 21.86 45.86
CA ASN G 336 39.30 23.23 45.93
C ASN G 336 40.48 24.22 45.92
N SER G 337 40.15 25.49 46.18
CA SER G 337 41.16 26.54 46.18
C SER G 337 42.21 26.34 47.27
N GLU G 338 41.83 25.73 48.38
CA GLU G 338 42.75 25.45 49.48
C GLU G 338 43.45 24.11 49.32
N GLY G 339 43.16 23.38 48.24
CA GLY G 339 43.80 22.11 47.97
C GLY G 339 43.31 20.98 48.86
N TYR G 340 42.00 20.77 48.89
CA TYR G 340 41.39 19.69 49.68
C TYR G 340 40.35 18.99 48.82
N LYS G 341 40.51 17.68 48.66
CA LYS G 341 39.62 16.89 47.80
C LYS G 341 38.22 16.87 48.41
N HIS G 342 37.27 17.51 47.72
CA HIS G 342 35.88 17.55 48.17
C HIS G 342 34.96 17.21 47.00
N ILE G 343 33.67 17.09 47.30
CA ILE G 343 32.68 16.67 46.31
C ILE G 343 32.16 17.91 45.59
N CYS G 344 32.21 17.89 44.26
CA CYS G 344 31.71 18.99 43.46
C CYS G 344 30.50 18.51 42.66
N LEU G 345 29.52 19.40 42.50
CA LEU G 345 28.31 19.12 41.74
C LEU G 345 28.47 19.66 40.33
N PHE G 346 28.57 18.76 39.35
CA PHE G 346 28.72 19.13 37.96
C PHE G 346 27.39 19.04 37.23
N GLN G 347 27.09 20.07 36.46
CA GLN G 347 25.97 20.04 35.53
C GLN G 347 26.51 19.77 34.13
N ILE G 348 25.84 18.87 33.41
CA ILE G 348 26.35 18.39 32.13
C ILE G 348 26.67 19.56 31.21
N ASP G 349 25.68 20.43 30.98
CA ASP G 349 25.82 21.52 30.03
C ASP G 349 26.53 22.74 30.61
N LYS G 350 26.50 22.91 31.92
CA LYS G 350 27.12 24.09 32.49
C LYS G 350 28.61 23.85 32.76
N PRO G 351 29.43 24.89 32.60
CA PRO G 351 30.89 24.71 32.64
C PRO G 351 31.47 24.58 34.03
N ASP G 352 30.85 25.22 35.03
CA ASP G 352 31.38 25.20 36.39
C ASP G 352 30.73 24.10 37.21
N CYS G 353 31.37 23.77 38.33
CA CYS G 353 30.82 22.85 39.30
C CYS G 353 30.68 23.56 40.65
N THR G 354 29.92 22.93 41.54
CA THR G 354 29.60 23.50 42.84
C THR G 354 30.02 22.51 43.92
N PHE G 355 30.83 22.99 44.87
CA PHE G 355 31.21 22.13 45.99
C PHE G 355 30.05 21.99 46.95
N ILE G 356 29.78 20.76 47.36
CA ILE G 356 28.76 20.48 48.37
C ILE G 356 29.36 20.20 49.73
N THR G 357 30.70 20.13 49.83
CA THR G 357 31.41 20.03 51.09
C THR G 357 32.57 21.01 51.07
N LYS G 358 33.11 21.27 52.26
CA LYS G 358 34.34 22.04 52.39
C LYS G 358 34.96 21.71 53.76
N GLY G 359 36.15 22.25 53.99
CA GLY G 359 36.86 22.04 55.24
C GLY G 359 38.29 21.61 55.02
N ALA G 360 39.05 21.66 56.12
CA ALA G 360 40.46 21.27 56.13
C ALA G 360 40.60 19.76 56.33
N TRP G 361 40.06 19.02 55.38
CA TRP G 361 40.02 17.56 55.39
C TRP G 361 39.52 17.12 54.02
N GLU G 362 39.60 15.82 53.76
CA GLU G 362 39.33 15.31 52.43
C GLU G 362 38.22 14.27 52.42
N VAL G 363 37.74 13.98 51.22
CA VAL G 363 36.76 12.92 50.97
C VAL G 363 37.49 11.76 50.31
N ILE G 364 37.21 10.55 50.76
CA ILE G 364 37.91 9.38 50.21
C ILE G 364 37.18 8.81 49.00
N GLY G 365 35.86 8.73 49.06
CA GLY G 365 35.10 8.19 47.95
C GLY G 365 33.60 8.33 48.13
N ILE G 366 32.89 8.47 47.02
CA ILE G 366 31.44 8.52 47.03
C ILE G 366 30.93 7.08 46.93
N GLU G 367 30.19 6.64 47.94
CA GLU G 367 29.78 5.24 48.06
C GLU G 367 28.46 4.95 47.36
N ALA G 368 27.48 5.84 47.49
CA ALA G 368 26.18 5.63 46.88
C ALA G 368 25.53 6.98 46.64
N LEU G 369 24.53 6.98 45.77
CA LEU G 369 23.86 8.21 45.36
C LEU G 369 22.37 7.92 45.22
N THR G 370 21.56 8.66 45.97
CA THR G 370 20.11 8.60 45.89
C THR G 370 19.57 9.93 45.40
N ASN G 371 18.27 9.95 45.09
CA ASN G 371 17.64 11.19 44.69
C ASN G 371 17.45 12.17 45.84
N ASP G 372 17.81 11.78 47.07
CA ASP G 372 17.73 12.66 48.23
C ASP G 372 19.06 12.79 48.97
N TYR G 373 19.81 11.71 49.11
CA TYR G 373 21.04 11.71 49.90
C TYR G 373 22.22 11.25 49.07
N LEU G 374 23.41 11.61 49.53
CA LEU G 374 24.67 11.16 48.96
C LEU G 374 25.57 10.71 50.09
N TYR G 375 25.85 9.41 50.15
CA TYR G 375 26.70 8.84 51.19
C TYR G 375 28.14 8.82 50.72
N PHE G 376 29.06 9.19 51.61
CA PHE G 376 30.46 9.29 51.24
C PHE G 376 31.32 8.96 52.45
N ILE G 377 32.62 8.86 52.20
CA ILE G 377 33.62 8.55 53.23
C ILE G 377 34.56 9.74 53.34
N SER G 378 34.82 10.17 54.57
CA SER G 378 35.76 11.26 54.80
C SER G 378 36.53 11.01 56.10
N ASN G 379 37.54 11.86 56.31
CA ASN G 379 38.42 11.81 57.47
C ASN G 379 38.25 13.05 58.34
N GLU G 380 37.01 13.53 58.48
CA GLU G 380 36.76 14.76 59.21
C GLU G 380 36.76 14.56 60.72
N TYR G 381 36.30 13.41 61.19
CA TYR G 381 36.06 13.19 62.62
C TYR G 381 37.35 13.35 63.41
N LYS G 382 37.35 14.29 64.35
CA LYS G 382 38.48 14.61 65.22
C LYS G 382 39.72 15.01 64.42
N GLY G 383 39.54 15.41 63.17
CA GLY G 383 40.66 15.83 62.34
C GLY G 383 41.75 14.80 62.16
N MET G 384 41.39 13.50 62.23
CA MET G 384 42.37 12.44 62.09
C MET G 384 42.38 11.95 60.64
N PRO G 385 43.47 12.17 59.89
CA PRO G 385 43.52 11.61 58.54
C PRO G 385 43.46 10.09 58.51
N GLY G 386 44.04 9.43 59.51
CA GLY G 386 44.09 7.98 59.54
C GLY G 386 42.78 7.29 59.81
N GLY G 387 41.69 8.04 59.98
CA GLY G 387 40.39 7.47 60.25
C GLY G 387 39.46 7.57 59.04
N ARG G 388 38.48 6.67 58.98
CA ARG G 388 37.49 6.67 57.91
C ARG G 388 36.11 6.52 58.53
N ASN G 389 35.20 7.43 58.18
CA ASN G 389 33.84 7.38 58.70
C ASN G 389 32.85 7.60 57.57
N LEU G 390 31.62 7.19 57.82
CA LEU G 390 30.53 7.29 56.86
C LEU G 390 29.69 8.51 57.19
N TYR G 391 29.46 9.37 56.21
CA TYR G 391 28.59 10.52 56.34
C TYR G 391 27.52 10.47 55.25
N LYS G 392 26.51 11.32 55.39
CA LYS G 392 25.53 11.47 54.33
C LYS G 392 25.04 12.91 54.28
N ILE G 393 24.82 13.42 53.06
CA ILE G 393 24.40 14.79 52.82
C ILE G 393 23.00 14.77 52.23
N GLN G 394 22.12 15.61 52.76
CA GLN G 394 20.84 15.86 52.13
C GLN G 394 21.06 16.76 50.92
N LEU G 395 20.68 16.29 49.74
CA LEU G 395 20.94 17.02 48.51
C LEU G 395 20.13 18.31 48.39
N ASN G 396 19.35 18.66 49.41
CA ASN G 396 18.70 19.98 49.49
C ASN G 396 19.48 20.91 50.43
N ASN G 397 19.66 20.47 51.68
CA ASN G 397 20.40 21.23 52.68
C ASN G 397 21.83 20.69 52.71
N TYR G 398 22.71 21.32 51.92
CA TYR G 398 24.13 21.00 52.00
C TYR G 398 24.69 21.22 53.40
N ALA G 399 23.95 21.92 54.27
CA ALA G 399 24.37 22.14 55.64
C ALA G 399 24.07 20.94 56.54
N ASN G 400 23.03 20.16 56.24
CA ASN G 400 22.68 19.00 57.06
C ASN G 400 23.56 17.83 56.63
N VAL G 401 24.59 17.56 57.42
CA VAL G 401 25.55 16.48 57.15
C VAL G 401 25.57 15.57 58.36
N THR G 402 25.02 14.37 58.20
CA THR G 402 24.85 13.43 59.31
C THR G 402 25.91 12.34 59.22
N CYS G 403 26.63 12.12 60.31
CA CYS G 403 27.59 11.02 60.37
C CYS G 403 26.89 9.75 60.85
N LEU G 404 27.24 8.63 60.22
CA LEU G 404 26.58 7.35 60.45
C LEU G 404 27.49 6.32 61.11
N SER G 405 28.74 6.67 61.40
CA SER G 405 29.64 5.74 62.06
C SER G 405 30.49 6.38 63.14
N CYS G 406 30.41 7.70 63.33
CA CYS G 406 31.35 8.39 64.21
C CYS G 406 31.19 7.95 65.66
N GLU G 407 29.97 7.72 66.11
CA GLU G 407 29.69 7.49 67.53
C GLU G 407 29.07 6.13 67.80
N LEU G 408 29.31 5.14 66.95
CA LEU G 408 28.83 3.79 67.24
C LEU G 408 29.68 3.14 68.33
N ASP G 409 30.97 3.10 68.12
CA ASP G 409 31.85 2.45 69.11
C ASP G 409 33.18 3.16 69.06
N PRO G 410 33.23 4.48 69.25
CA PRO G 410 34.42 5.30 69.12
C PRO G 410 35.72 4.72 69.67
N GLU G 411 35.61 3.89 70.68
CA GLU G 411 36.80 3.27 71.26
C GLU G 411 37.29 2.11 70.41
N ARG G 412 36.39 1.46 69.69
CA ARG G 412 36.84 0.26 68.93
C ARG G 412 36.85 0.51 67.44
N CYS G 413 35.92 1.29 66.93
CA CYS G 413 35.80 1.44 65.46
C CYS G 413 36.16 2.85 64.98
N GLN G 414 37.21 2.98 64.17
CA GLN G 414 37.58 4.28 63.61
C GLN G 414 37.96 4.22 62.14
N TYR G 415 37.85 3.08 61.47
CA TYR G 415 38.22 2.92 60.06
C TYR G 415 37.08 2.16 59.41
N TYR G 416 36.06 2.88 58.94
CA TYR G 416 34.86 2.27 58.41
C TYR G 416 34.90 2.20 56.89
N SER G 417 34.10 1.29 56.34
CA SER G 417 33.77 1.28 54.93
C SER G 417 32.36 0.69 54.80
N ALA G 418 31.80 0.77 53.59
CA ALA G 418 30.43 0.33 53.41
C ALA G 418 30.22 -0.21 52.00
N SER G 419 29.25 -1.11 51.87
CA SER G 419 28.86 -1.70 50.58
C SER G 419 27.34 -1.61 50.49
N PHE G 420 26.84 -0.63 49.75
CA PHE G 420 25.41 -0.38 49.64
C PHE G 420 24.76 -1.32 48.64
N SER G 421 23.45 -1.50 48.80
CA SER G 421 22.65 -2.26 47.85
C SER G 421 22.26 -1.38 46.67
N LYS G 422 21.62 -2.01 45.68
CA LYS G 422 21.03 -1.25 44.59
C LYS G 422 19.91 -0.36 45.12
N GLY G 423 19.97 0.93 44.81
CA GLY G 423 19.03 1.88 45.36
C GLY G 423 19.28 2.26 46.81
N ALA G 424 20.32 1.72 47.44
CA ALA G 424 20.81 2.17 48.75
C ALA G 424 19.74 2.04 49.84
N LYS G 425 18.92 1.00 49.76
CA LYS G 425 18.00 0.70 50.86
C LYS G 425 18.76 0.22 52.09
N TYR G 426 19.71 -0.68 51.85
CA TYR G 426 20.50 -1.25 52.96
C TYR G 426 21.98 -1.06 52.66
N TYR G 427 22.83 -1.23 53.65
CA TYR G 427 24.27 -1.17 53.44
C TYR G 427 24.98 -1.90 54.57
N GLN G 428 26.02 -2.65 54.19
CA GLN G 428 26.86 -3.31 55.18
C GLN G 428 27.86 -2.32 55.76
N LEU G 429 28.02 -2.29 57.07
CA LEU G 429 29.06 -1.38 57.61
C LEU G 429 30.32 -2.21 57.90
N ARG G 430 31.48 -1.81 57.37
CA ARG G 430 32.73 -2.55 57.64
C ARG G 430 33.63 -1.69 58.52
N CYS G 431 33.94 -2.17 59.70
CA CYS G 431 34.84 -1.43 60.62
C CYS G 431 36.08 -2.28 60.72
N SER G 432 37.23 -1.69 60.49
CA SER G 432 38.50 -2.41 60.34
C SER G 432 39.52 -2.08 61.41
N GLY G 433 39.22 -1.22 62.38
CA GLY G 433 40.17 -0.89 63.42
C GLY G 433 39.75 0.30 64.25
N PRO G 434 40.61 0.72 65.21
CA PRO G 434 41.92 0.13 65.48
C PRO G 434 41.83 -1.18 66.25
N GLN G 435 40.69 -1.41 66.87
CA GLN G 435 40.43 -2.63 67.60
C GLN G 435 39.90 -3.71 66.64
N ILE G 436 39.39 -4.79 67.22
CA ILE G 436 38.94 -5.97 66.44
C ILE G 436 37.84 -5.58 65.46
N PRO G 437 38.00 -5.89 64.16
CA PRO G 437 37.00 -5.60 63.15
C PRO G 437 35.57 -6.07 63.42
N ARG G 438 34.58 -5.37 62.89
CA ARG G 438 33.17 -5.71 63.15
C ARG G 438 32.33 -5.45 61.91
N TYR G 439 31.49 -6.40 61.51
CA TYR G 439 30.66 -6.22 60.29
C TYR G 439 29.18 -6.15 60.69
N SER G 440 28.56 -5.00 60.48
CA SER G 440 27.14 -4.77 60.84
C SER G 440 26.31 -4.52 59.59
N LEU G 441 25.01 -4.78 59.67
CA LEU G 441 24.05 -4.58 58.59
C LEU G 441 23.08 -3.47 59.00
N HIS G 442 22.91 -2.49 58.12
CA HIS G 442 22.12 -1.30 58.44
C HIS G 442 21.08 -1.05 57.36
N SER G 443 20.06 -0.28 57.74
CA SER G 443 19.02 0.19 56.84
C SER G 443 19.14 1.70 56.67
N SER G 444 18.95 2.18 55.43
CA SER G 444 19.12 3.60 55.16
C SER G 444 17.97 4.45 55.66
N SER G 445 16.80 3.84 55.90
CA SER G 445 15.63 4.62 56.32
C SER G 445 15.87 5.32 57.66
N ASN G 446 16.58 4.65 58.57
CA ASN G 446 16.81 5.20 59.90
C ASN G 446 18.23 4.99 60.40
N ASP G 447 19.10 4.37 59.61
CA ASP G 447 20.47 4.05 60.04
C ASP G 447 20.46 3.31 61.37
N LYS G 448 19.55 2.34 61.46
CA LYS G 448 19.38 1.52 62.65
C LYS G 448 19.96 0.15 62.37
N GLU G 449 20.94 -0.26 63.18
CA GLU G 449 21.62 -1.55 63.02
C GLU G 449 20.59 -2.66 62.96
N LEU G 450 20.47 -3.34 61.83
CA LEU G 450 19.50 -4.42 61.73
C LEU G 450 20.01 -5.69 62.41
N ARG G 451 21.27 -6.05 62.17
CA ARG G 451 21.84 -7.26 62.77
C ARG G 451 23.35 -7.25 62.59
N LEU G 452 24.05 -7.84 63.56
CA LEU G 452 25.53 -7.90 63.51
C LEU G 452 25.89 -9.15 62.73
N LEU G 453 26.66 -8.99 61.67
CA LEU G 453 27.03 -10.08 60.76
C LEU G 453 28.19 -10.91 61.31
N GLU G 454 29.24 -10.23 61.73
CA GLU G 454 30.40 -10.95 62.29
C GLU G 454 31.04 -10.04 63.32
N ASN G 455 31.43 -10.58 64.47
CA ASN G 455 31.95 -9.72 65.55
C ASN G 455 33.35 -10.17 65.92
N ASN G 456 33.84 -11.23 65.31
CA ASN G 456 35.17 -11.75 65.61
C ASN G 456 35.34 -11.97 67.11
N THR G 457 34.36 -12.65 67.70
CA THR G 457 34.41 -12.93 69.12
C THR G 457 35.51 -13.93 69.45
N ALA G 458 35.63 -14.99 68.66
CA ALA G 458 36.69 -15.96 68.87
C ALA G 458 38.06 -15.30 68.78
N LEU G 459 38.25 -14.43 67.79
CA LEU G 459 39.50 -13.67 67.71
C LEU G 459 39.66 -12.75 68.90
N TYR G 460 38.55 -12.29 69.50
CA TYR G 460 38.63 -11.49 70.72
C TYR G 460 39.11 -12.34 71.90
N GLU G 461 38.47 -13.49 72.13
CA GLU G 461 38.86 -14.35 73.23
C GLU G 461 40.27 -14.90 73.03
N THR G 462 40.55 -15.43 71.84
CA THR G 462 41.84 -16.06 71.58
C THR G 462 43.00 -15.07 71.70
N LEU G 463 42.73 -13.76 71.61
CA LEU G 463 43.78 -12.76 71.75
C LEU G 463 44.02 -12.33 73.19
N GLN G 464 43.02 -12.46 74.07
CA GLN G 464 43.24 -12.08 75.46
C GLN G 464 44.17 -13.05 76.18
N ASN G 465 44.40 -14.23 75.60
CA ASN G 465 45.42 -15.14 76.10
C ASN G 465 46.83 -14.74 75.69
N ILE G 466 46.96 -13.74 74.82
CA ILE G 466 48.24 -13.38 74.22
C ILE G 466 48.61 -11.97 74.65
N GLN G 467 49.89 -11.76 74.96
CA GLN G 467 50.39 -10.44 75.35
C GLN G 467 50.47 -9.59 74.09
N MET G 468 49.31 -9.12 73.65
CA MET G 468 49.23 -8.39 72.39
C MET G 468 49.77 -6.97 72.54
N PRO G 469 50.40 -6.44 71.50
CA PRO G 469 50.90 -5.07 71.54
C PRO G 469 49.77 -4.07 71.33
N ARG G 470 50.10 -2.80 71.53
CA ARG G 470 49.14 -1.71 71.40
C ARG G 470 49.63 -0.70 70.37
N LYS G 471 48.69 -0.14 69.62
CA LYS G 471 49.00 0.79 68.54
C LYS G 471 48.50 2.18 68.93
N THR G 472 49.39 3.16 68.86
CA THR G 472 49.05 4.54 69.14
C THR G 472 49.14 5.37 67.87
N LEU G 473 48.13 6.22 67.66
CA LEU G 473 48.16 7.21 66.59
C LEU G 473 48.46 8.56 67.23
N ASP G 474 49.52 9.21 66.77
CA ASP G 474 49.94 10.49 67.31
C ASP G 474 50.50 11.32 66.17
N PHE G 475 50.94 12.53 66.47
CA PHE G 475 51.47 13.41 65.44
C PHE G 475 52.65 14.20 65.98
N LEU G 476 53.46 14.70 65.05
CA LEU G 476 54.53 15.64 65.33
C LEU G 476 54.48 16.74 64.29
N HIS G 477 55.24 17.81 64.54
CA HIS G 477 55.25 18.98 63.67
C HIS G 477 56.60 19.06 62.96
N LEU G 478 56.56 19.16 61.63
CA LEU G 478 57.74 19.39 60.81
C LEU G 478 57.64 20.77 60.20
N ASN G 479 58.51 21.68 60.63
CA ASN G 479 58.50 23.07 60.16
C ASN G 479 57.10 23.67 60.29
N GLY G 480 56.46 23.42 61.42
CA GLY G 480 55.13 23.93 61.68
C GLY G 480 54.02 23.27 60.89
N THR G 481 54.24 22.06 60.40
CA THR G 481 53.20 21.31 59.68
C THR G 481 52.96 20.00 60.42
N LYS G 482 51.71 19.80 60.85
CA LYS G 482 51.37 18.61 61.61
C LYS G 482 51.47 17.37 60.73
N PHE G 483 52.20 16.37 61.21
CA PHE G 483 52.39 15.12 60.50
C PHE G 483 52.12 13.96 61.45
N TRP G 484 51.31 13.01 61.01
CA TRP G 484 50.84 11.92 61.85
C TRP G 484 51.76 10.71 61.72
N TYR G 485 51.95 10.01 62.83
CA TYR G 485 52.71 8.78 62.85
C TYR G 485 51.97 7.76 63.71
N GLN G 486 52.28 6.48 63.46
CA GLN G 486 51.76 5.38 64.24
C GLN G 486 52.92 4.71 64.97
N MET G 487 52.59 4.03 66.06
CA MET G 487 53.57 3.25 66.81
C MET G 487 52.89 1.99 67.31
N ILE G 488 53.39 0.83 66.89
CA ILE G 488 53.02 -0.42 67.53
C ILE G 488 53.91 -0.55 68.77
N LEU G 489 53.28 -0.62 69.93
CA LEU G 489 54.08 -0.61 71.14
C LEU G 489 54.11 -1.99 71.77
N PRO G 490 55.28 -2.44 72.25
CA PRO G 490 55.33 -3.75 72.89
C PRO G 490 54.44 -3.78 74.12
N PRO G 491 53.88 -4.95 74.46
CA PRO G 491 53.01 -5.03 75.63
C PRO G 491 53.76 -4.69 76.91
N HIS G 492 53.02 -4.16 77.89
CA HIS G 492 53.60 -3.71 79.16
C HIS G 492 54.67 -2.65 78.93
N PHE G 493 54.31 -1.67 78.11
CA PHE G 493 55.26 -0.64 77.70
C PHE G 493 55.68 0.21 78.89
N ASP G 494 56.98 0.48 78.98
CA ASP G 494 57.54 1.29 80.07
C ASP G 494 58.39 2.37 79.44
N LYS G 495 57.91 3.62 79.51
CA LYS G 495 58.61 4.76 78.93
C LYS G 495 59.96 5.04 79.58
N SER G 496 60.24 4.44 80.74
CA SER G 496 61.55 4.61 81.35
C SER G 496 62.61 3.78 80.63
N LYS G 497 62.23 2.59 80.15
CA LYS G 497 63.14 1.76 79.39
C LYS G 497 63.44 2.40 78.03
N LYS G 498 64.48 1.88 77.37
CA LYS G 498 64.80 2.23 76.00
C LYS G 498 64.64 1.00 75.12
N TYR G 499 63.80 1.10 74.11
CA TYR G 499 63.47 0.06 73.16
C TYR G 499 64.20 0.30 71.83
N PRO G 500 64.41 -0.76 71.05
CA PRO G 500 64.89 -0.57 69.68
C PRO G 500 63.76 -0.12 68.75
N LEU G 501 64.13 0.61 67.70
CA LEU G 501 63.18 1.25 66.82
C LEU G 501 63.34 0.71 65.40
N LEU G 502 62.24 0.23 64.84
CA LEU G 502 62.19 -0.28 63.46
C LEU G 502 61.15 0.53 62.70
N ILE G 503 61.58 1.18 61.62
CA ILE G 503 60.73 2.12 60.88
C ILE G 503 60.25 1.45 59.61
N ASP G 504 58.95 1.20 59.55
CA ASP G 504 58.31 0.69 58.33
C ASP G 504 57.99 1.87 57.43
N VAL G 505 58.41 1.79 56.17
CA VAL G 505 58.32 2.90 55.23
C VAL G 505 57.55 2.48 53.99
N TYR G 506 56.61 3.34 53.58
CA TYR G 506 56.21 3.40 52.19
C TYR G 506 56.51 4.77 51.60
N ALA G 507 56.03 5.85 52.22
CA ALA G 507 56.36 7.23 51.91
C ALA G 507 56.05 7.63 50.47
N GLY G 508 55.34 6.79 49.71
CA GLY G 508 54.98 7.11 48.35
C GLY G 508 53.99 8.25 48.27
N PRO G 509 53.79 8.79 47.07
CA PRO G 509 52.76 9.83 46.90
C PRO G 509 51.37 9.28 47.20
N CYS G 510 50.60 10.03 47.98
CA CYS G 510 49.27 9.62 48.44
C CYS G 510 49.33 8.28 49.18
N SER G 511 50.40 8.08 49.93
CA SER G 511 50.51 6.92 50.79
C SER G 511 50.04 7.27 52.19
N GLN G 512 49.60 6.25 52.93
CA GLN G 512 49.15 6.44 54.30
C GLN G 512 49.49 5.17 55.07
N LYS G 513 50.62 5.21 55.78
CA LYS G 513 51.02 4.11 56.65
C LYS G 513 50.55 4.27 58.09
N ALA G 514 50.22 5.49 58.51
CA ALA G 514 49.80 5.81 59.87
C ALA G 514 48.30 6.05 59.87
N ASP G 515 47.54 4.98 60.10
CA ASP G 515 46.09 5.01 60.09
C ASP G 515 45.55 4.18 61.24
N ALA G 516 44.27 4.36 61.53
CA ALA G 516 43.63 3.68 62.66
C ALA G 516 43.07 2.31 62.28
N THR G 517 43.91 1.48 61.66
CA THR G 517 43.49 0.18 61.17
C THR G 517 44.15 -0.92 62.01
N PHE G 518 43.55 -2.11 61.94
CA PHE G 518 43.97 -3.26 62.76
C PHE G 518 44.50 -4.36 61.85
N LYS G 519 45.79 -4.67 61.98
CA LYS G 519 46.43 -5.68 61.16
C LYS G 519 47.25 -6.61 62.02
N LEU G 520 47.09 -7.92 61.82
CA LEU G 520 47.95 -8.94 62.42
C LEU G 520 49.15 -9.10 61.50
N SER G 521 50.25 -8.43 61.83
CA SER G 521 51.36 -8.29 60.90
C SER G 521 52.66 -8.76 61.54
N TRP G 522 53.72 -8.70 60.74
CA TRP G 522 55.07 -8.95 61.22
C TRP G 522 55.46 -7.97 62.32
N ALA G 523 54.95 -6.74 62.25
CA ALA G 523 55.21 -5.76 63.30
C ALA G 523 54.62 -6.21 64.63
N THR G 524 53.46 -6.87 64.61
CA THR G 524 52.90 -7.43 65.83
C THR G 524 53.87 -8.42 66.47
N TYR G 525 54.57 -9.20 65.64
CA TYR G 525 55.56 -10.15 66.14
C TYR G 525 56.72 -9.43 66.81
N LEU G 526 57.34 -8.49 66.09
CA LEU G 526 58.53 -7.80 66.59
C LEU G 526 58.26 -7.10 67.92
N ALA G 527 57.03 -6.62 68.13
CA ALA G 527 56.70 -5.94 69.37
C ALA G 527 56.24 -6.89 70.47
N SER G 528 55.38 -7.86 70.13
CA SER G 528 54.85 -8.76 71.13
C SER G 528 55.90 -9.74 71.64
N THR G 529 56.78 -10.20 70.76
CA THR G 529 57.77 -11.22 71.11
C THR G 529 59.17 -10.65 71.29
N GLU G 530 59.66 -9.87 70.33
CA GLU G 530 61.02 -9.35 70.38
C GLU G 530 61.11 -8.00 71.09
N ASN G 531 59.99 -7.42 71.50
CA ASN G 531 59.95 -6.12 72.17
C ASN G 531 60.66 -5.06 71.33
N ILE G 532 60.15 -4.87 70.12
CA ILE G 532 60.65 -3.88 69.19
C ILE G 532 59.52 -2.90 68.89
N ILE G 533 59.80 -1.61 68.97
CA ILE G 533 58.83 -0.60 68.60
C ILE G 533 58.88 -0.43 67.09
N VAL G 534 57.75 -0.65 66.42
CA VAL G 534 57.65 -0.54 64.97
C VAL G 534 56.81 0.70 64.67
N ALA G 535 57.44 1.71 64.07
CA ALA G 535 56.79 2.98 63.78
C ALA G 535 56.72 3.20 62.29
N SER G 536 55.71 3.96 61.86
CA SER G 536 55.57 4.39 60.48
C SER G 536 55.13 5.84 60.46
N PHE G 537 55.82 6.65 59.66
CA PHE G 537 55.61 8.09 59.61
C PHE G 537 55.12 8.49 58.22
N ASP G 538 54.18 9.44 58.18
CA ASP G 538 53.60 9.93 56.94
C ASP G 538 53.85 11.43 56.85
N GLY G 539 54.93 11.80 56.17
CA GLY G 539 55.34 13.19 56.04
C GLY G 539 54.93 13.78 54.70
N ARG G 540 55.81 14.59 54.13
CA ARG G 540 55.52 15.24 52.86
C ARG G 540 55.38 14.20 51.75
N GLY G 541 54.49 14.49 50.81
CA GLY G 541 54.12 13.54 49.78
C GLY G 541 52.99 12.62 50.16
N SER G 542 52.64 12.53 51.44
CA SER G 542 51.53 11.70 51.87
C SER G 542 50.20 12.33 51.43
N GLY G 543 49.18 11.49 51.32
CA GLY G 543 47.88 11.91 50.85
C GLY G 543 46.87 12.07 51.97
N TYR G 544 45.65 12.42 51.56
CA TYR G 544 44.49 12.63 52.44
C TYR G 544 44.70 13.78 53.41
N GLN G 545 45.74 14.61 53.19
CA GLN G 545 46.01 15.76 54.04
C GLN G 545 46.13 17.03 53.20
N GLY G 546 45.64 17.00 51.97
CA GLY G 546 45.66 18.16 51.09
C GLY G 546 46.71 18.06 50.02
N ASP G 547 46.57 18.93 49.01
CA ASP G 547 47.51 18.98 47.90
C ASP G 547 48.76 19.78 48.22
N LYS G 548 48.71 20.64 49.23
CA LYS G 548 49.92 21.34 49.67
C LYS G 548 50.94 20.36 50.24
N ILE G 549 50.45 19.35 50.97
CA ILE G 549 51.34 18.33 51.53
C ILE G 549 51.70 17.29 50.47
N MET G 550 50.72 16.89 49.65
CA MET G 550 50.93 15.78 48.72
C MET G 550 51.79 16.20 47.54
N HIS G 551 51.47 17.33 46.91
CA HIS G 551 52.17 17.75 45.70
C HIS G 551 53.53 18.38 45.98
N ALA G 552 53.94 18.48 47.25
CA ALA G 552 55.29 18.95 47.55
C ALA G 552 56.37 18.04 46.97
N ILE G 553 55.96 16.85 46.58
CA ILE G 553 56.94 15.88 46.05
C ILE G 553 56.92 15.93 44.53
N ASN G 554 56.04 16.71 43.93
CA ASN G 554 55.91 16.78 42.46
C ASN G 554 57.24 17.18 41.87
N ARG G 555 57.81 16.31 41.04
CA ARG G 555 59.08 16.46 40.29
C ARG G 555 60.32 16.42 41.19
N ARG G 556 60.16 16.03 42.45
CA ARG G 556 61.29 15.98 43.38
C ARG G 556 61.19 14.62 44.05
N LEU G 557 60.84 13.58 43.32
CA LEU G 557 60.71 12.25 43.96
C LEU G 557 62.06 11.87 44.55
N GLY G 558 62.08 11.34 45.76
CA GLY G 558 63.36 10.90 46.30
C GLY G 558 64.06 11.98 47.06
N THR G 559 63.34 12.97 47.55
CA THR G 559 64.05 14.03 48.28
C THR G 559 63.34 14.32 49.60
N PHE G 560 62.11 14.77 49.55
CA PHE G 560 61.43 15.22 50.79
C PHE G 560 60.78 14.07 51.53
N GLU G 561 60.40 13.00 50.85
CA GLU G 561 59.75 11.92 51.62
C GLU G 561 60.86 11.20 52.34
N VAL G 562 62.07 11.34 51.82
CA VAL G 562 63.24 10.74 52.45
C VAL G 562 63.70 11.59 53.63
N GLU G 563 63.99 12.87 53.39
CA GLU G 563 64.48 13.75 54.46
C GLU G 563 63.56 13.76 55.66
N ASP G 564 62.24 13.67 55.44
CA ASP G 564 61.30 13.69 56.55
C ASP G 564 61.34 12.39 57.34
N GLN G 565 61.49 11.26 56.66
CA GLN G 565 61.62 9.99 57.36
C GLN G 565 62.86 9.98 58.25
N ILE G 566 63.95 10.59 57.77
CA ILE G 566 65.14 10.75 58.60
C ILE G 566 64.82 11.60 59.82
N GLU G 567 64.14 12.73 59.60
CA GLU G 567 63.92 13.69 60.67
C GLU G 567 62.98 13.15 61.74
N ALA G 568 61.84 12.60 61.33
CA ALA G 568 60.94 11.99 62.30
C ALA G 568 61.62 10.88 63.08
N ALA G 569 62.59 10.20 62.46
CA ALA G 569 63.40 9.22 63.19
C ALA G 569 64.27 9.91 64.24
N LYS G 570 64.90 11.03 63.87
CA LYS G 570 65.64 11.83 64.85
C LYS G 570 64.74 12.23 66.02
N GLN G 571 63.55 12.75 65.70
CA GLN G 571 62.62 13.15 66.74
C GLN G 571 62.22 11.97 67.62
N PHE G 572 62.33 10.75 67.09
CA PHE G 572 62.14 9.58 67.93
C PHE G 572 63.36 9.33 68.82
N SER G 573 64.56 9.63 68.30
CA SER G 573 65.76 9.48 69.12
C SER G 573 65.73 10.43 70.31
N LYS G 574 65.20 11.65 70.11
CA LYS G 574 65.04 12.59 71.21
C LYS G 574 64.06 12.11 72.26
N MET G 575 63.17 11.19 71.91
CA MET G 575 62.26 10.62 72.91
C MET G 575 63.05 9.73 73.87
N GLY G 576 62.57 9.69 75.11
CA GLY G 576 63.32 9.04 76.17
C GLY G 576 63.35 7.53 76.10
N PHE G 577 62.50 6.91 75.28
CA PHE G 577 62.32 5.46 75.26
C PHE G 577 62.81 4.82 73.96
N VAL G 578 63.76 5.44 73.28
CA VAL G 578 64.30 4.94 72.02
C VAL G 578 65.81 4.78 72.14
N ASP G 579 66.31 3.60 71.77
CA ASP G 579 67.74 3.33 71.77
C ASP G 579 68.33 3.87 70.47
N ASP G 580 69.09 4.97 70.59
CA ASP G 580 69.65 5.64 69.40
C ASP G 580 70.54 4.70 68.58
N LYS G 581 71.20 3.75 69.24
CA LYS G 581 72.08 2.82 68.57
C LYS G 581 71.35 1.60 68.02
N ARG G 582 70.03 1.58 68.08
CA ARG G 582 69.24 0.44 67.61
C ARG G 582 68.02 0.92 66.82
N ILE G 583 68.26 1.81 65.85
CA ILE G 583 67.22 2.26 64.94
C ILE G 583 67.44 1.59 63.59
N ALA G 584 66.37 1.03 63.02
CA ALA G 584 66.43 0.38 61.72
C ALA G 584 65.20 0.75 60.91
N ILE G 585 65.27 0.46 59.61
CA ILE G 585 64.26 0.92 58.66
C ILE G 585 64.12 -0.15 57.57
N TRP G 586 62.90 -0.33 57.08
CA TRP G 586 62.65 -1.31 56.02
C TRP G 586 61.39 -0.90 55.26
N GLY G 587 61.29 -1.40 54.03
CA GLY G 587 60.17 -1.03 53.18
C GLY G 587 60.02 -2.00 52.02
N TRP G 588 58.95 -1.78 51.25
CA TRP G 588 58.59 -2.68 50.15
C TRP G 588 58.17 -1.84 48.95
N SER G 589 59.02 -1.86 47.91
CA SER G 589 58.71 -1.41 46.55
C SER G 589 58.61 0.11 46.40
N TYR G 590 58.43 0.81 47.51
CA TYR G 590 58.76 2.22 47.60
C TYR G 590 59.46 2.55 48.90
N GLY G 591 59.13 1.88 50.01
CA GLY G 591 59.99 1.91 51.18
C GLY G 591 61.36 1.36 50.87
N GLY G 592 61.42 0.29 50.06
CA GLY G 592 62.70 -0.17 49.57
C GLY G 592 63.48 0.91 48.86
N TYR G 593 62.78 1.75 48.10
CA TYR G 593 63.42 2.94 47.53
C TYR G 593 63.85 3.91 48.63
N VAL G 594 62.93 4.25 49.53
CA VAL G 594 63.25 5.19 50.60
C VAL G 594 64.29 4.60 51.55
N THR G 595 64.12 3.33 51.94
CA THR G 595 65.11 2.68 52.79
C THR G 595 66.50 2.76 52.17
N SER G 596 66.60 2.45 50.88
CA SER G 596 67.88 2.55 50.18
C SER G 596 68.35 3.99 50.10
N MET G 597 67.43 4.92 49.84
CA MET G 597 67.80 6.32 49.75
C MET G 597 68.06 6.93 51.13
N VAL G 598 67.43 6.39 52.18
CA VAL G 598 67.72 6.86 53.54
C VAL G 598 69.11 6.41 53.99
N LEU G 599 69.41 5.11 53.85
CA LEU G 599 70.70 4.60 54.27
C LEU G 599 71.85 5.24 53.50
N GLY G 600 71.60 5.70 52.27
CA GLY G 600 72.60 6.38 51.48
C GLY G 600 72.80 7.84 51.80
N ALA G 601 71.95 8.42 52.64
CA ALA G 601 72.07 9.84 52.97
C ALA G 601 73.23 10.12 53.92
N GLY G 602 73.75 9.10 54.59
CA GLY G 602 74.84 9.30 55.54
C GLY G 602 74.44 10.10 56.77
N SER G 603 73.26 9.83 57.32
CA SER G 603 72.73 10.58 58.45
C SER G 603 73.21 10.06 59.81
N HIS G 604 73.88 8.91 59.84
CA HIS G 604 74.36 8.27 61.07
C HIS G 604 73.21 7.94 62.02
N VAL G 605 71.96 7.92 61.53
CA VAL G 605 70.81 7.67 62.39
C VAL G 605 70.47 6.19 62.46
N PHE G 606 70.46 5.51 61.32
CA PHE G 606 70.01 4.13 61.23
C PHE G 606 71.21 3.19 61.26
N LYS G 607 71.07 2.10 62.02
CA LYS G 607 72.15 1.13 62.09
C LYS G 607 72.10 0.13 60.94
N CYS G 608 70.91 -0.38 60.62
CA CYS G 608 70.75 -1.32 59.53
C CYS G 608 69.45 -1.02 58.80
N GLY G 609 69.33 -1.58 57.61
CA GLY G 609 68.15 -1.39 56.78
C GLY G 609 67.89 -2.58 55.91
N ILE G 610 66.64 -2.74 55.50
CA ILE G 610 66.22 -3.81 54.61
C ILE G 610 65.42 -3.20 53.47
N ALA G 611 65.77 -3.55 52.23
CA ALA G 611 65.06 -3.08 51.06
C ALA G 611 64.57 -4.30 50.28
N VAL G 612 63.25 -4.45 50.19
CA VAL G 612 62.61 -5.58 49.52
C VAL G 612 62.03 -5.09 48.20
N ALA G 613 62.56 -5.61 47.10
CA ALA G 613 62.13 -5.26 45.75
C ALA G 613 62.08 -3.74 45.57
N PRO G 614 63.21 -3.05 45.66
CA PRO G 614 63.19 -1.59 45.63
C PRO G 614 63.24 -1.04 44.21
N VAL G 615 62.72 0.17 44.07
CA VAL G 615 63.07 0.98 42.90
C VAL G 615 64.48 1.51 43.10
N SER G 616 65.34 1.33 42.10
CA SER G 616 66.70 1.83 42.18
C SER G 616 66.86 3.16 41.46
N ALA G 617 66.18 3.33 40.34
CA ALA G 617 66.21 4.57 39.57
C ALA G 617 64.91 4.65 38.77
N TRP G 618 64.31 5.84 38.75
CA TRP G 618 63.03 6.01 38.09
C TRP G 618 63.10 5.77 36.58
N GLU G 619 64.30 5.84 36.01
CA GLU G 619 64.49 5.49 34.60
C GLU G 619 63.95 4.10 34.28
N PHE G 620 63.94 3.20 35.27
CA PHE G 620 63.60 1.80 35.06
C PHE G 620 62.13 1.49 35.31
N TYR G 621 61.38 2.38 35.94
CA TYR G 621 59.99 2.09 36.26
C TYR G 621 59.07 2.54 35.12
N ASP G 622 57.82 2.11 35.19
CA ASP G 622 56.90 2.33 34.08
C ASP G 622 56.55 3.81 33.95
N SER G 623 56.02 4.16 32.78
CA SER G 623 55.78 5.56 32.45
C SER G 623 54.62 6.15 33.24
N VAL G 624 53.49 5.43 33.30
CA VAL G 624 52.27 6.00 33.89
C VAL G 624 52.52 6.44 35.32
N TYR G 625 53.18 5.60 36.11
CA TYR G 625 53.51 5.96 37.48
C TYR G 625 54.60 7.03 37.52
N THR G 626 55.71 6.80 36.82
CA THR G 626 56.88 7.67 36.94
C THR G 626 56.62 9.05 36.34
N GLU G 627 56.11 9.10 35.10
CA GLU G 627 55.89 10.37 34.43
C GLU G 627 54.87 11.22 35.19
N ARG G 628 53.95 10.58 35.91
CA ARG G 628 52.94 11.32 36.65
C ARG G 628 53.57 12.23 37.70
N TYR G 629 54.62 11.75 38.37
CA TYR G 629 55.25 12.53 39.44
C TYR G 629 56.62 13.10 39.07
N MET G 630 57.29 12.53 38.08
CA MET G 630 58.64 13.01 37.76
C MET G 630 58.74 13.64 36.37
N GLY G 631 57.68 13.65 35.60
CA GLY G 631 57.76 14.22 34.27
C GLY G 631 58.53 13.34 33.31
N LEU G 632 59.01 13.97 32.23
CA LEU G 632 59.74 13.27 31.18
C LEU G 632 61.25 13.34 31.43
N PRO G 633 61.98 12.24 31.20
CA PRO G 633 63.43 12.25 31.40
C PRO G 633 64.15 12.91 30.22
N THR G 634 63.66 14.02 29.78
CA THR G 634 64.29 14.71 28.68
C THR G 634 65.10 15.88 29.21
N PRO G 635 66.20 16.25 28.55
CA PRO G 635 67.03 17.36 29.04
C PRO G 635 66.29 18.68 29.14
N GLU G 636 65.04 18.74 28.70
CA GLU G 636 64.25 19.97 28.74
C GLU G 636 63.20 19.98 29.84
N ASP G 637 62.81 18.82 30.37
CA ASP G 637 61.67 18.74 31.27
C ASP G 637 62.10 18.36 32.70
N ASN G 638 62.61 17.14 32.91
CA ASN G 638 63.00 16.76 34.26
C ASN G 638 64.16 15.76 34.27
N LEU G 639 65.06 15.82 33.29
CA LEU G 639 66.11 14.81 33.22
C LEU G 639 67.00 14.83 34.45
N ASP G 640 67.29 16.03 34.97
CA ASP G 640 68.32 16.15 35.99
C ASP G 640 67.96 15.40 37.26
N HIS G 641 66.73 15.60 37.75
CA HIS G 641 66.31 14.88 38.99
C HIS G 641 66.09 13.40 38.70
N TYR G 642 65.82 13.06 37.46
CA TYR G 642 65.83 11.64 37.12
C TYR G 642 67.19 11.03 37.42
N LYS G 643 68.26 11.76 37.13
CA LYS G 643 69.61 11.30 37.42
C LYS G 643 69.98 11.51 38.88
N ASN G 644 69.63 12.66 39.44
CA ASN G 644 70.02 13.03 40.79
C ASN G 644 69.40 12.13 41.85
N SER G 645 68.36 11.36 41.50
CA SER G 645 67.54 10.65 42.47
C SER G 645 67.74 9.13 42.41
N THR G 646 68.90 8.67 41.96
CA THR G 646 69.17 7.24 41.91
C THR G 646 69.73 6.77 43.25
N VAL G 647 69.49 5.50 43.56
CA VAL G 647 70.15 4.89 44.72
C VAL G 647 71.64 4.71 44.45
N MET G 648 72.00 4.36 43.22
CA MET G 648 73.38 4.00 42.90
C MET G 648 74.34 5.15 43.14
N SER G 649 73.87 6.39 43.02
CA SER G 649 74.72 7.55 43.28
C SER G 649 75.14 7.65 44.74
N ARG G 650 74.50 6.91 45.64
CA ARG G 650 74.76 6.98 47.07
C ARG G 650 75.49 5.74 47.59
N ALA G 651 76.31 5.13 46.74
CA ALA G 651 76.91 3.84 47.08
C ALA G 651 77.82 3.95 48.31
N GLU G 652 78.65 5.01 48.36
CA GLU G 652 79.64 5.13 49.42
C GLU G 652 79.02 5.05 50.81
N ASN G 653 77.99 5.87 51.06
CA ASN G 653 77.42 5.97 52.41
C ASN G 653 76.77 4.68 52.87
N PHE G 654 76.73 3.64 52.04
CA PHE G 654 76.37 2.31 52.53
C PHE G 654 77.50 1.65 53.31
N LYS G 655 78.73 2.17 53.21
CA LYS G 655 79.85 1.68 54.01
C LYS G 655 79.60 1.79 55.51
N LEU G 656 78.57 2.52 55.91
CA LEU G 656 78.31 2.80 57.33
C LEU G 656 77.12 2.03 57.88
N VAL G 657 76.48 1.19 57.09
CA VAL G 657 75.22 0.55 57.48
C VAL G 657 75.23 -0.91 57.03
N GLU G 658 74.33 -1.69 57.65
CA GLU G 658 74.10 -3.07 57.27
C GLU G 658 72.89 -3.12 56.35
N TYR G 659 73.10 -3.57 55.12
CA TYR G 659 72.10 -3.50 54.08
C TYR G 659 71.69 -4.91 53.66
N LEU G 660 70.38 -5.15 53.57
CA LEU G 660 69.86 -6.43 53.11
C LEU G 660 68.93 -6.17 51.93
N LEU G 661 69.29 -6.72 50.77
CA LEU G 661 68.57 -6.47 49.52
C LEU G 661 67.92 -7.76 49.03
N ILE G 662 66.62 -7.71 48.79
CA ILE G 662 65.84 -8.88 48.37
C ILE G 662 65.07 -8.52 47.12
N HIS G 663 65.00 -9.46 46.18
CA HIS G 663 64.22 -9.24 44.97
C HIS G 663 63.83 -10.58 44.36
N GLY G 664 62.61 -10.64 43.81
CA GLY G 664 62.15 -11.81 43.10
C GLY G 664 62.59 -11.81 41.64
N THR G 665 63.10 -12.96 41.19
CA THR G 665 63.65 -13.05 39.85
C THR G 665 62.57 -12.85 38.78
N ALA G 666 61.33 -13.21 39.09
CA ALA G 666 60.21 -13.06 38.16
C ALA G 666 59.32 -11.89 38.52
N ASP G 667 59.90 -10.78 38.97
CA ASP G 667 59.15 -9.57 39.22
C ASP G 667 58.94 -8.85 37.89
N ASP G 668 57.67 -8.58 37.56
CA ASP G 668 57.33 -7.77 36.40
C ASP G 668 57.03 -6.32 36.74
N ASN G 669 56.73 -6.02 38.02
CA ASN G 669 56.42 -4.65 38.41
C ASN G 669 57.69 -3.84 38.63
N VAL G 670 58.48 -4.22 39.63
CA VAL G 670 59.79 -3.62 39.88
C VAL G 670 60.82 -4.64 39.41
N HIS G 671 61.31 -4.46 38.19
CA HIS G 671 62.12 -5.48 37.54
C HIS G 671 63.39 -5.74 38.33
N PHE G 672 63.87 -6.99 38.25
CA PHE G 672 65.12 -7.38 38.90
C PHE G 672 66.27 -6.48 38.47
N GLN G 673 66.17 -5.90 37.26
CA GLN G 673 67.19 -4.99 36.76
C GLN G 673 67.55 -3.91 37.79
N GLN G 674 66.57 -3.46 38.57
CA GLN G 674 66.82 -2.36 39.50
C GLN G 674 67.72 -2.79 40.65
N SER G 675 67.38 -3.88 41.35
CA SER G 675 68.25 -4.38 42.42
C SER G 675 69.61 -4.77 41.87
N ALA G 676 69.64 -5.37 40.67
CA ALA G 676 70.90 -5.77 40.07
C ALA G 676 71.77 -4.56 39.72
N GLN G 677 71.15 -3.41 39.47
CA GLN G 677 71.92 -2.20 39.23
C GLN G 677 72.44 -1.58 40.53
N ILE G 678 71.76 -1.83 41.64
CA ILE G 678 72.24 -1.33 42.93
C ILE G 678 73.52 -2.04 43.33
N THR G 679 73.48 -3.38 43.34
CA THR G 679 74.62 -4.16 43.84
C THR G 679 75.88 -3.89 43.05
N ARG G 680 75.75 -3.68 41.73
CA ARG G 680 76.92 -3.33 40.93
C ARG G 680 77.59 -2.07 41.46
N ALA G 681 76.80 -1.06 41.83
CA ALA G 681 77.36 0.16 42.39
C ALA G 681 77.94 -0.08 43.77
N LEU G 682 77.27 -0.91 44.59
CA LEU G 682 77.84 -1.27 45.89
C LEU G 682 79.09 -2.12 45.74
N VAL G 683 79.15 -2.97 44.72
CA VAL G 683 80.37 -3.73 44.43
C VAL G 683 81.47 -2.79 43.95
N ASP G 684 81.14 -1.87 43.04
CA ASP G 684 82.15 -0.96 42.49
C ASP G 684 82.69 0.01 43.54
N ALA G 685 82.01 0.16 44.67
CA ALA G 685 82.46 1.06 45.74
C ALA G 685 83.09 0.31 46.91
N GLY G 686 83.31 -1.00 46.77
CA GLY G 686 83.89 -1.77 47.87
C GLY G 686 83.00 -1.85 49.09
N VAL G 687 81.69 -1.93 48.91
CA VAL G 687 80.73 -1.97 50.00
C VAL G 687 80.22 -3.39 50.16
N ASP G 688 80.33 -3.91 51.38
CA ASP G 688 79.77 -5.22 51.69
C ASP G 688 78.32 -5.07 52.13
N PHE G 689 77.53 -6.08 51.81
CA PHE G 689 76.11 -6.10 52.13
C PHE G 689 75.65 -7.54 52.05
N GLN G 690 74.34 -7.75 52.15
CA GLN G 690 73.76 -9.08 52.05
C GLN G 690 72.58 -9.01 51.11
N ALA G 691 72.51 -9.96 50.18
CA ALA G 691 71.42 -10.04 49.23
C ALA G 691 70.74 -11.39 49.34
N MET G 692 69.56 -11.50 48.73
CA MET G 692 68.81 -12.75 48.73
C MET G 692 67.77 -12.67 47.64
N TRP G 693 67.90 -13.52 46.62
CA TRP G 693 66.92 -13.57 45.55
C TRP G 693 65.94 -14.72 45.79
N TYR G 694 64.74 -14.57 45.24
CA TYR G 694 63.69 -15.58 45.35
C TYR G 694 63.23 -15.91 43.94
N THR G 695 63.56 -17.12 43.50
CA THR G 695 63.32 -17.50 42.11
C THR G 695 61.83 -17.64 41.83
N ASP G 696 61.43 -17.19 40.64
CA ASP G 696 60.05 -17.29 40.15
C ASP G 696 59.06 -16.64 41.11
N GLU G 697 59.52 -15.69 41.91
CA GLU G 697 58.67 -14.93 42.81
C GLU G 697 58.33 -13.60 42.17
N ASP G 698 57.04 -13.26 42.16
CA ASP G 698 56.59 -12.02 41.56
C ASP G 698 56.93 -10.84 42.46
N HIS G 699 56.37 -9.68 42.14
CA HIS G 699 56.64 -8.47 42.91
C HIS G 699 56.12 -8.60 44.34
N GLY G 700 54.90 -9.08 44.51
CA GLY G 700 54.36 -9.35 45.83
C GLY G 700 54.68 -10.76 46.25
N ILE G 701 55.90 -10.99 46.76
CA ILE G 701 56.34 -12.34 47.11
C ILE G 701 55.31 -12.93 48.05
N ALA G 702 54.59 -13.94 47.57
CA ALA G 702 53.43 -14.45 48.29
C ALA G 702 53.30 -15.96 48.26
N THR G 703 54.20 -16.67 47.58
CA THR G 703 54.20 -18.12 47.65
C THR G 703 54.31 -18.54 49.10
N SER G 704 53.46 -19.50 49.50
CA SER G 704 53.38 -19.89 50.91
C SER G 704 54.76 -20.26 51.46
N THR G 705 55.59 -20.91 50.64
CA THR G 705 56.94 -21.24 51.07
C THR G 705 57.82 -19.99 51.15
N ALA G 706 57.73 -19.13 50.13
CA ALA G 706 58.60 -17.96 50.08
C ALA G 706 58.19 -16.91 51.11
N HIS G 707 56.87 -16.74 51.33
CA HIS G 707 56.40 -15.78 52.33
C HIS G 707 57.00 -16.08 53.70
N GLN G 708 57.00 -17.35 54.11
CA GLN G 708 57.58 -17.73 55.39
C GLN G 708 59.09 -17.54 55.38
N HIS G 709 59.74 -17.87 54.27
CA HIS G 709 61.20 -17.81 54.22
C HIS G 709 61.70 -16.37 54.25
N ILE G 710 60.98 -15.46 53.58
CA ILE G 710 61.46 -14.07 53.49
C ILE G 710 61.29 -13.35 54.82
N TYR G 711 60.25 -13.69 55.60
CA TYR G 711 60.08 -13.06 56.90
C TYR G 711 60.92 -13.75 57.97
N THR G 712 61.17 -15.04 57.84
CA THR G 712 62.12 -15.70 58.74
C THR G 712 63.52 -15.14 58.51
N HIS G 713 63.89 -14.92 57.24
CA HIS G 713 65.20 -14.35 56.93
C HIS G 713 65.35 -12.94 57.47
N MET G 714 64.30 -12.12 57.35
CA MET G 714 64.38 -10.75 57.84
C MET G 714 64.47 -10.69 59.35
N THR G 715 63.78 -11.62 60.05
CA THR G 715 63.84 -11.65 61.51
C THR G 715 65.25 -11.91 62.00
N HIS G 716 65.93 -12.90 61.40
CA HIS G 716 67.33 -13.16 61.74
C HIS G 716 68.19 -11.92 61.51
N PHE G 717 67.89 -11.17 60.44
CA PHE G 717 68.67 -9.96 60.16
C PHE G 717 68.46 -8.91 61.23
N ILE G 718 67.21 -8.69 61.65
CA ILE G 718 66.93 -7.68 62.66
C ILE G 718 67.57 -8.05 63.99
N LYS G 719 67.39 -9.31 64.42
CA LYS G 719 67.97 -9.74 65.68
C LYS G 719 69.48 -9.61 65.68
N GLN G 720 70.14 -10.08 64.61
CA GLN G 720 71.59 -9.89 64.50
C GLN G 720 71.96 -8.43 64.56
N CYS G 721 71.20 -7.58 63.88
CA CYS G 721 71.49 -6.15 63.91
C CYS G 721 71.15 -5.54 65.26
N PHE G 722 70.13 -6.04 65.95
CA PHE G 722 69.72 -5.50 67.24
C PHE G 722 70.33 -6.24 68.42
N SER G 723 71.14 -7.27 68.18
CA SER G 723 71.80 -8.03 69.23
C SER G 723 70.78 -8.60 70.21
N LEU G 724 69.92 -9.47 69.68
CA LEU G 724 68.82 -10.07 70.42
C LEU G 724 68.95 -11.59 70.44
N PRO G 725 68.25 -12.27 71.37
CA PRO G 725 68.24 -13.73 71.39
C PRO G 725 67.49 -14.34 70.19
N VAL H 15 37.05 20.71 -28.71
CA VAL H 15 35.68 21.10 -28.44
C VAL H 15 34.98 20.03 -27.61
N GLU H 16 35.65 18.90 -27.43
CA GLU H 16 35.12 17.81 -26.62
C GLU H 16 35.66 17.95 -25.19
N CYS H 17 34.76 17.85 -24.21
CA CYS H 17 35.17 17.98 -22.82
C CYS H 17 36.08 16.82 -22.42
N ASP H 18 37.21 17.15 -21.80
CA ASP H 18 38.28 16.19 -21.54
C ASP H 18 37.97 15.41 -20.27
N PHE H 19 37.42 14.22 -20.43
CA PHE H 19 37.12 13.31 -19.32
C PHE H 19 38.28 12.40 -18.96
N SER H 20 39.45 12.59 -19.59
CA SER H 20 40.53 11.62 -19.47
C SER H 20 41.05 11.44 -18.05
N PRO H 21 41.40 12.49 -17.30
CA PRO H 21 41.99 12.27 -15.96
C PRO H 21 41.11 11.46 -15.02
N LEU H 22 39.82 11.32 -15.32
CA LEU H 22 38.95 10.52 -14.48
C LEU H 22 39.15 9.02 -14.72
N LEU H 23 39.50 8.64 -15.95
CA LEU H 23 39.60 7.23 -16.32
C LEU H 23 41.01 6.66 -16.16
N SER H 24 41.98 7.47 -15.75
CA SER H 24 43.35 7.01 -15.62
C SER H 24 43.92 7.41 -14.27
N GLY H 25 44.62 6.47 -13.63
CA GLY H 25 45.24 6.72 -12.35
C GLY H 25 44.36 6.28 -11.19
N THR H 26 44.85 6.54 -9.99
CA THR H 26 44.09 6.19 -8.81
C THR H 26 43.23 7.38 -8.37
N PRO H 27 41.95 7.18 -8.10
CA PRO H 27 41.12 8.28 -7.62
C PRO H 27 41.50 8.66 -6.20
N PRO H 28 41.50 9.95 -5.87
CA PRO H 28 41.82 10.37 -4.51
C PRO H 28 40.73 9.96 -3.54
N GLN H 29 41.02 10.12 -2.25
CA GLN H 29 40.00 9.87 -1.25
C GLN H 29 38.99 11.03 -1.23
N VAL H 30 37.91 10.83 -0.48
CA VAL H 30 36.82 11.79 -0.46
C VAL H 30 37.30 13.16 0.03
N TYR H 31 38.21 13.17 1.00
CA TYR H 31 38.70 14.44 1.52
C TYR H 31 39.73 15.12 0.63
N ASN H 32 40.13 14.49 -0.46
CA ASN H 32 41.08 15.06 -1.41
C ASN H 32 40.53 15.03 -2.83
N PHE H 33 39.22 15.23 -2.98
CA PHE H 33 38.56 15.05 -4.27
C PHE H 33 39.20 15.92 -5.34
N LYS H 34 39.37 15.35 -6.54
CA LYS H 34 39.85 16.09 -7.68
C LYS H 34 38.67 16.68 -8.45
N ARG H 35 38.88 17.85 -9.05
CA ARG H 35 37.81 18.64 -9.63
C ARG H 35 38.16 18.99 -11.06
N LEU H 36 37.29 18.58 -12.00
CA LEU H 36 37.42 18.91 -13.40
C LEU H 36 36.43 20.03 -13.73
N VAL H 37 36.93 21.16 -14.22
CA VAL H 37 36.11 22.31 -14.55
C VAL H 37 35.96 22.37 -16.06
N PHE H 38 34.73 22.24 -16.55
CA PHE H 38 34.45 22.15 -17.97
C PHE H 38 33.83 23.46 -18.45
N THR H 39 34.53 24.15 -19.34
CA THR H 39 34.04 25.34 -20.00
C THR H 39 34.34 25.22 -21.48
N ASN H 40 33.43 25.73 -22.32
CA ASN H 40 33.69 25.87 -23.75
C ASN H 40 34.03 24.53 -24.39
N CYS H 41 33.15 23.55 -24.20
CA CYS H 41 33.38 22.21 -24.75
C CYS H 41 32.04 21.55 -25.02
N ASN H 42 32.09 20.29 -25.43
CA ASN H 42 30.92 19.50 -25.77
C ASN H 42 31.07 18.11 -25.18
N TYR H 43 30.06 17.66 -24.44
CA TYR H 43 30.14 16.42 -23.69
C TYR H 43 29.13 15.39 -24.20
N ASN H 44 29.41 14.13 -23.88
CA ASN H 44 28.46 13.03 -24.00
C ASN H 44 28.51 12.32 -22.64
N LEU H 45 27.69 12.79 -21.69
CA LEU H 45 27.79 12.28 -20.33
C LEU H 45 27.35 10.82 -20.25
N THR H 46 26.28 10.45 -20.97
CA THR H 46 25.82 9.06 -20.95
C THR H 46 26.90 8.11 -21.45
N LYS H 47 27.73 8.56 -22.39
CA LYS H 47 28.89 7.77 -22.82
C LYS H 47 29.84 7.52 -21.65
N LEU H 48 30.07 8.53 -20.82
CA LEU H 48 30.94 8.36 -19.67
C LEU H 48 30.35 7.37 -18.66
N LEU H 49 29.07 7.56 -18.30
CA LEU H 49 28.42 6.67 -17.34
C LEU H 49 28.26 5.26 -17.88
N SER H 50 28.32 5.07 -19.20
CA SER H 50 28.27 3.72 -19.77
C SER H 50 29.53 2.92 -19.47
N LEU H 51 30.65 3.59 -19.21
CA LEU H 51 31.89 2.90 -18.89
C LEU H 51 31.89 2.29 -17.49
N PHE H 52 30.99 2.73 -16.63
CA PHE H 52 30.92 2.29 -15.24
C PHE H 52 29.70 1.38 -15.06
N SER H 53 29.47 1.01 -13.80
CA SER H 53 28.25 0.32 -13.38
C SER H 53 27.58 1.26 -12.37
N VAL H 54 26.63 2.06 -12.86
CA VAL H 54 26.01 3.08 -12.01
C VAL H 54 25.07 2.41 -11.02
N ASN H 55 25.37 2.58 -9.73
CA ASN H 55 24.54 2.02 -8.67
C ASN H 55 23.47 3.00 -8.20
N ASP H 56 23.84 4.27 -8.00
CA ASP H 56 22.88 5.28 -7.56
C ASP H 56 23.14 6.57 -8.32
N PHE H 57 22.06 7.20 -8.78
CA PHE H 57 22.13 8.44 -9.55
C PHE H 57 20.93 9.28 -9.11
N THR H 58 21.18 10.22 -8.20
CA THR H 58 20.17 11.17 -7.76
C THR H 58 20.65 12.59 -8.07
N CYS H 59 19.69 13.51 -8.14
CA CYS H 59 19.99 14.89 -8.50
C CYS H 59 19.09 15.83 -7.72
N SER H 60 19.56 17.07 -7.59
CA SER H 60 18.88 18.11 -6.84
C SER H 60 18.80 19.38 -7.68
N GLN H 61 17.64 20.01 -7.70
CA GLN H 61 17.33 21.19 -8.50
C GLN H 61 17.41 20.94 -10.00
N ILE H 62 17.60 19.67 -10.40
CA ILE H 62 17.70 19.30 -11.80
C ILE H 62 17.51 17.79 -11.86
N SER H 63 17.16 17.28 -13.02
CA SER H 63 17.01 15.84 -13.18
C SER H 63 18.26 15.23 -13.81
N PRO H 64 18.50 13.94 -13.59
CA PRO H 64 19.62 13.28 -14.28
C PRO H 64 19.44 13.24 -15.78
N ALA H 65 18.20 13.04 -16.26
CA ALA H 65 17.95 13.04 -17.69
C ALA H 65 18.25 14.39 -18.33
N ALA H 66 18.01 15.48 -17.59
CA ALA H 66 18.28 16.81 -18.13
C ALA H 66 19.77 17.15 -18.11
N ILE H 67 20.48 16.74 -17.05
CA ILE H 67 21.86 17.19 -16.88
C ILE H 67 22.76 16.62 -17.97
N ALA H 68 22.39 15.52 -18.60
CA ALA H 68 23.14 14.96 -19.71
C ALA H 68 22.73 15.56 -21.05
N SER H 69 21.84 16.55 -21.05
CA SER H 69 21.23 17.01 -22.29
C SER H 69 20.99 18.51 -22.38
N ASN H 70 21.48 19.32 -21.45
CA ASN H 70 21.26 20.77 -21.48
C ASN H 70 22.59 21.50 -21.61
N CYS H 71 22.48 22.82 -21.81
CA CYS H 71 23.63 23.69 -21.98
C CYS H 71 23.88 24.51 -20.71
N TYR H 72 25.15 24.61 -20.32
CA TYR H 72 25.56 25.40 -19.17
C TYR H 72 26.78 26.24 -19.55
N SER H 73 27.03 27.28 -18.76
CA SER H 73 28.24 28.06 -18.94
C SER H 73 29.47 27.31 -18.42
N SER H 74 29.28 26.50 -17.38
CA SER H 74 30.38 25.78 -16.75
C SER H 74 29.82 24.55 -16.07
N LEU H 75 30.55 23.44 -16.18
CA LEU H 75 30.17 22.20 -15.53
C LEU H 75 31.36 21.65 -14.76
N ILE H 76 31.16 21.37 -13.48
CA ILE H 76 32.20 20.90 -12.59
C ILE H 76 31.90 19.46 -12.23
N LEU H 77 32.93 18.61 -12.27
CA LEU H 77 32.76 17.19 -11.99
C LEU H 77 33.82 16.76 -10.98
N ASP H 78 33.40 16.54 -9.73
CA ASP H 78 34.28 16.06 -8.69
C ASP H 78 34.21 14.54 -8.64
N TYR H 79 35.37 13.90 -8.57
CA TYR H 79 35.45 12.45 -8.50
C TYR H 79 36.39 12.03 -7.38
N PHE H 80 36.04 10.94 -6.72
CA PHE H 80 36.82 10.44 -5.58
C PHE H 80 36.43 9.00 -5.33
N SER H 81 37.16 8.35 -4.43
CA SER H 81 36.92 6.96 -4.07
C SER H 81 35.91 6.91 -2.94
N TYR H 82 34.83 6.15 -3.14
CA TYR H 82 33.80 6.14 -2.11
C TYR H 82 33.06 4.81 -2.03
N PRO H 83 32.98 4.21 -0.85
CA PRO H 83 32.32 2.91 -0.73
C PRO H 83 30.80 3.02 -0.77
N LEU H 84 30.17 2.02 -1.38
CA LEU H 84 28.72 2.00 -1.53
C LEU H 84 28.01 1.80 -0.19
N SER H 85 28.72 1.33 0.84
CA SER H 85 28.10 1.14 2.15
C SER H 85 27.76 2.47 2.80
N MET H 86 28.51 3.52 2.51
CA MET H 86 28.29 4.84 3.08
C MET H 86 27.46 5.75 2.17
N LYS H 87 26.55 5.15 1.39
CA LYS H 87 25.66 5.94 0.54
C LYS H 87 24.85 6.93 1.37
N SER H 88 24.27 6.46 2.47
CA SER H 88 23.43 7.30 3.32
C SER H 88 24.15 8.57 3.79
N ASP H 89 25.48 8.55 3.80
CA ASP H 89 26.27 9.65 4.33
C ASP H 89 26.63 10.70 3.29
N LEU H 90 26.30 10.49 2.01
CA LEU H 90 26.66 11.43 0.97
C LEU H 90 25.53 12.40 0.64
N SER H 91 24.46 12.41 1.43
CA SER H 91 23.51 13.50 1.35
C SER H 91 24.16 14.77 1.90
N VAL H 92 23.56 15.92 1.59
CA VAL H 92 23.98 17.16 2.20
C VAL H 92 23.09 17.53 3.38
N SER H 93 21.91 16.93 3.50
CA SER H 93 21.10 17.01 4.71
C SER H 93 21.47 15.84 5.62
N SER H 94 22.70 15.88 6.11
CA SER H 94 23.22 14.82 6.95
C SER H 94 24.31 15.39 7.85
N ALA H 95 24.38 14.87 9.06
CA ALA H 95 25.38 15.26 10.03
C ALA H 95 26.58 14.31 10.06
N GLY H 96 26.69 13.44 9.05
CA GLY H 96 27.75 12.46 9.00
C GLY H 96 29.12 13.09 8.86
N PRO H 97 30.16 12.32 9.17
CA PRO H 97 31.54 12.83 9.00
C PRO H 97 31.85 13.25 7.57
N ILE H 98 31.22 12.64 6.57
CA ILE H 98 31.52 12.96 5.18
C ILE H 98 31.14 14.39 4.87
N SER H 99 29.89 14.76 5.16
CA SER H 99 29.43 16.12 4.91
C SER H 99 29.99 17.11 5.94
N GLN H 100 30.37 16.63 7.12
CA GLN H 100 30.91 17.54 8.13
C GLN H 100 32.32 17.98 7.79
N PHE H 101 33.23 17.03 7.54
CA PHE H 101 34.65 17.32 7.46
C PHE H 101 35.29 16.99 6.12
N ASN H 102 34.61 16.30 5.22
CA ASN H 102 35.28 15.82 4.00
C ASN H 102 34.79 16.52 2.74
N TYR H 103 33.50 16.47 2.44
CA TYR H 103 33.02 16.93 1.15
C TYR H 103 31.57 17.33 1.26
N LYS H 104 31.22 18.43 0.59
CA LYS H 104 29.87 18.99 0.71
C LYS H 104 29.58 19.82 -0.53
N GLN H 105 28.41 19.60 -1.12
CA GLN H 105 28.02 20.33 -2.32
C GLN H 105 27.23 21.59 -1.97
N SER H 106 27.34 22.58 -2.83
CA SER H 106 26.60 23.83 -2.64
C SER H 106 25.17 23.69 -3.12
N PHE H 107 24.27 24.42 -2.47
CA PHE H 107 22.84 24.33 -2.73
C PHE H 107 22.36 25.35 -3.75
N SER H 108 23.12 26.43 -3.95
CA SER H 108 22.67 27.56 -4.76
C SER H 108 22.64 27.27 -6.26
N ASN H 109 23.11 26.10 -6.68
CA ASN H 109 23.14 25.74 -8.09
C ASN H 109 22.83 24.26 -8.22
N PRO H 110 22.23 23.83 -9.33
CA PRO H 110 21.87 22.42 -9.48
C PRO H 110 23.06 21.49 -9.27
N THR H 111 22.83 20.42 -8.53
CA THR H 111 23.86 19.43 -8.23
C THR H 111 23.35 18.03 -8.58
N CYS H 112 24.30 17.14 -8.84
CA CYS H 112 23.99 15.74 -9.08
C CYS H 112 25.05 14.87 -8.40
N LEU H 113 24.62 13.72 -7.88
CA LEU H 113 25.48 12.84 -7.13
C LEU H 113 25.36 11.42 -7.70
N ILE H 114 26.49 10.83 -8.08
CA ILE H 114 26.52 9.56 -8.77
C ILE H 114 27.51 8.65 -8.07
N LEU H 115 27.03 7.50 -7.58
CA LEU H 115 27.88 6.47 -7.02
C LEU H 115 28.06 5.36 -8.05
N ALA H 116 29.28 5.17 -8.53
CA ALA H 116 29.56 4.23 -9.60
C ALA H 116 30.59 3.21 -9.15
N THR H 117 30.65 2.10 -9.89
CA THR H 117 31.53 0.98 -9.57
C THR H 117 32.35 0.65 -10.82
N VAL H 118 33.67 0.66 -10.69
CA VAL H 118 34.56 0.38 -11.81
C VAL H 118 34.40 -1.08 -12.22
N PRO H 119 34.08 -1.36 -13.48
CA PRO H 119 33.88 -2.76 -13.90
C PRO H 119 35.18 -3.41 -14.33
N HIS H 120 35.10 -4.68 -14.73
CA HIS H 120 36.29 -5.41 -15.14
C HIS H 120 36.86 -4.85 -16.44
N ASN H 121 36.02 -4.28 -17.30
CA ASN H 121 36.45 -3.76 -18.60
C ASN H 121 37.27 -2.50 -18.48
N LEU H 122 37.42 -1.95 -17.29
CA LEU H 122 38.04 -0.64 -17.09
C LEU H 122 39.32 -0.86 -16.29
N THR H 123 40.40 -1.20 -17.00
CA THR H 123 41.66 -1.58 -16.38
C THR H 123 42.59 -0.40 -16.15
N THR H 124 42.22 0.79 -16.62
CA THR H 124 43.06 1.97 -16.51
C THR H 124 42.82 2.76 -15.22
N ILE H 125 42.02 2.26 -14.29
CA ILE H 125 41.82 2.88 -12.99
C ILE H 125 42.33 1.92 -11.92
N THR H 126 43.30 2.37 -11.14
CA THR H 126 43.94 1.53 -10.14
C THR H 126 43.23 1.64 -8.79
N LYS H 127 43.31 0.58 -8.01
CA LYS H 127 42.70 0.64 -6.70
C LYS H 127 43.71 1.05 -5.64
N PRO H 128 43.27 1.75 -4.60
CA PRO H 128 44.14 2.00 -3.44
C PRO H 128 44.03 0.87 -2.43
N LEU H 129 44.72 0.99 -1.29
CA LEU H 129 44.69 -0.08 -0.30
C LEU H 129 43.33 -0.15 0.39
N LYS H 130 42.71 0.99 0.65
CA LYS H 130 41.46 1.04 1.40
C LYS H 130 40.83 2.42 1.20
N TYR H 131 39.55 2.52 1.60
CA TYR H 131 38.89 3.81 1.64
C TYR H 131 39.22 4.52 2.95
N SER H 132 39.31 5.85 2.87
CA SER H 132 39.68 6.65 4.03
C SER H 132 38.86 7.92 4.06
N TYR H 133 38.40 8.30 5.26
CA TYR H 133 37.67 9.53 5.42
C TYR H 133 38.00 10.11 6.79
N ILE H 134 37.74 11.41 6.93
CA ILE H 134 37.95 12.11 8.19
C ILE H 134 36.66 12.01 9.00
N ASN H 135 36.77 11.57 10.25
CA ASN H 135 35.64 11.58 11.17
C ASN H 135 35.78 12.65 12.25
N LYS H 136 36.89 13.39 12.27
CA LYS H 136 37.05 14.49 13.21
C LYS H 136 38.12 15.42 12.69
N CYS H 137 37.78 16.70 12.55
CA CYS H 137 38.74 17.72 12.13
C CYS H 137 38.34 19.00 12.86
N SER H 138 38.98 19.24 14.00
CA SER H 138 38.69 20.40 14.83
C SER H 138 39.97 21.14 15.15
N ARG H 139 39.81 22.32 15.74
CA ARG H 139 40.94 23.17 16.08
C ARG H 139 40.88 23.47 17.57
N LEU H 140 42.01 23.33 18.24
CA LEU H 140 42.14 23.66 19.66
C LEU H 140 42.72 25.07 19.79
N LEU H 141 42.08 25.90 20.60
CA LEU H 141 42.45 27.30 20.65
C LEU H 141 43.62 27.53 21.61
N SER H 142 44.12 28.77 21.60
CA SER H 142 45.18 29.18 22.51
C SER H 142 44.76 29.05 23.98
N ASP H 143 43.45 28.97 24.23
CA ASP H 143 42.95 28.54 25.55
C ASP H 143 43.66 27.27 26.00
N ASP H 144 43.93 26.36 25.06
CA ASP H 144 44.18 24.95 25.34
C ASP H 144 43.02 24.32 26.10
N ARG H 145 41.83 24.92 25.98
CA ARG H 145 40.63 24.39 26.62
C ARG H 145 39.45 24.38 25.65
N THR H 146 39.47 25.25 24.64
CA THR H 146 38.32 25.48 23.77
C THR H 146 38.52 24.80 22.43
N GLU H 147 37.56 23.98 22.04
CA GLU H 147 37.58 23.26 20.76
C GLU H 147 36.59 23.90 19.79
N VAL H 148 37.03 24.13 18.56
CA VAL H 148 36.20 24.66 17.50
C VAL H 148 36.23 23.69 16.33
N PRO H 149 35.24 22.82 16.21
CA PRO H 149 35.21 21.88 15.08
C PRO H 149 35.24 22.62 13.74
N GLN H 150 36.12 22.16 12.85
CA GLN H 150 36.37 22.80 11.56
C GLN H 150 35.50 22.12 10.51
N LEU H 151 34.25 22.57 10.41
CA LEU H 151 33.35 22.03 9.39
C LEU H 151 33.75 22.57 8.02
N VAL H 152 33.88 21.67 7.05
CA VAL H 152 34.26 22.05 5.69
C VAL H 152 33.13 22.86 5.06
N ASN H 153 33.49 23.79 4.20
CA ASN H 153 32.53 24.56 3.43
C ASN H 153 32.25 23.87 2.10
N ALA H 154 31.22 24.37 1.41
CA ALA H 154 30.83 23.80 0.12
C ALA H 154 31.89 24.09 -0.93
N ASN H 155 32.20 23.06 -1.73
CA ASN H 155 33.14 23.17 -2.84
C ASN H 155 34.54 23.56 -2.36
N GLN H 156 34.94 23.10 -1.18
CA GLN H 156 36.24 23.45 -0.62
C GLN H 156 36.85 22.25 0.09
N TYR H 157 38.14 22.33 0.35
CA TYR H 157 38.87 21.31 1.08
C TYR H 157 38.91 21.64 2.57
N SER H 158 38.96 20.59 3.38
CA SER H 158 39.06 20.77 4.82
C SER H 158 40.43 21.33 5.20
N PRO H 159 40.51 22.13 6.26
CA PRO H 159 41.82 22.58 6.73
C PRO H 159 42.74 21.44 7.11
N CYS H 160 42.18 20.33 7.57
CA CYS H 160 42.96 19.18 8.05
C CYS H 160 43.54 18.34 6.92
N VAL H 161 43.31 18.69 5.66
CA VAL H 161 43.99 18.01 4.56
C VAL H 161 45.49 18.25 4.62
N SER H 162 45.92 19.28 5.34
CA SER H 162 47.35 19.53 5.53
C SER H 162 47.99 18.47 6.42
N ILE H 163 47.21 17.84 7.30
CA ILE H 163 47.76 16.91 8.26
C ILE H 163 47.29 15.47 8.04
N VAL H 164 46.11 15.25 7.46
CA VAL H 164 45.60 13.92 7.17
C VAL H 164 46.23 13.45 5.86
N PRO H 165 46.95 12.32 5.85
CA PRO H 165 47.64 11.90 4.63
C PRO H 165 46.65 11.47 3.54
N SER H 166 47.20 11.22 2.35
CA SER H 166 46.39 10.88 1.20
C SER H 166 45.59 9.59 1.41
N THR H 167 46.04 8.72 2.32
CA THR H 167 45.28 7.53 2.67
C THR H 167 45.60 7.18 4.11
N VAL H 168 44.57 7.10 4.95
CA VAL H 168 44.78 6.82 6.37
C VAL H 168 45.35 5.42 6.52
N TRP H 169 46.46 5.32 7.25
CA TRP H 169 47.15 4.04 7.37
C TRP H 169 46.35 3.05 8.20
N GLU H 170 45.68 3.51 9.25
CA GLU H 170 44.91 2.62 10.10
C GLU H 170 43.75 3.38 10.72
N ASP H 171 42.59 2.73 10.78
CA ASP H 171 41.43 3.34 11.40
C ASP H 171 41.75 3.75 12.83
N GLY H 172 41.63 5.04 13.11
CA GLY H 172 41.85 5.57 14.45
C GLY H 172 43.05 6.48 14.57
N ASP H 173 43.91 6.56 13.56
CA ASP H 173 45.07 7.43 13.64
C ASP H 173 44.62 8.88 13.82
N TYR H 174 45.23 9.55 14.78
CA TYR H 174 44.95 10.97 15.01
C TYR H 174 46.17 11.79 14.59
N TYR H 175 45.91 13.00 14.11
CA TYR H 175 46.93 13.88 13.58
C TYR H 175 46.86 15.22 14.26
N ARG H 176 48.01 15.86 14.38
CA ARG H 176 48.10 17.12 15.11
C ARG H 176 49.11 18.03 14.43
N LYS H 177 48.93 19.32 14.66
CA LYS H 177 49.82 20.34 14.10
C LYS H 177 49.69 21.58 14.95
N GLN H 178 50.76 21.95 15.64
CA GLN H 178 50.76 23.19 16.41
C GLN H 178 50.81 24.38 15.46
N LEU H 179 50.06 25.42 15.81
CA LEU H 179 49.94 26.60 14.97
C LEU H 179 50.71 27.78 15.56
N SER H 180 51.16 28.66 14.67
CA SER H 180 51.78 29.91 15.06
C SER H 180 50.70 30.91 15.46
N PRO H 181 51.04 31.88 16.31
CA PRO H 181 50.04 32.90 16.68
C PRO H 181 49.42 33.61 15.48
N LEU H 182 50.15 33.70 14.37
CA LEU H 182 49.62 34.33 13.16
C LEU H 182 48.64 33.45 12.41
N GLU H 183 48.58 32.14 12.72
CA GLU H 183 47.56 31.27 12.18
C GLU H 183 46.42 31.03 13.17
N GLY H 184 46.42 31.74 14.29
CA GLY H 184 45.40 31.60 15.31
C GLY H 184 45.85 30.91 16.59
N GLY H 185 47.11 30.48 16.65
CA GLY H 185 47.63 29.79 17.82
C GLY H 185 46.96 28.46 18.09
N GLY H 186 47.40 27.76 19.13
CA GLY H 186 46.82 26.48 19.49
C GLY H 186 47.23 25.35 18.57
N TRP H 187 46.28 24.46 18.28
CA TRP H 187 46.55 23.26 17.51
C TRP H 187 45.46 23.03 16.47
N LEU H 188 45.86 22.47 15.34
CA LEU H 188 44.92 21.88 14.39
C LEU H 188 44.99 20.37 14.55
N VAL H 189 43.83 19.75 14.75
CA VAL H 189 43.75 18.37 15.20
C VAL H 189 42.75 17.62 14.33
N ALA H 190 43.10 16.39 13.94
CA ALA H 190 42.22 15.59 13.11
C ALA H 190 42.35 14.12 13.52
N SER H 191 41.38 13.33 13.07
CA SER H 191 41.36 11.89 13.32
C SER H 191 40.88 11.19 12.06
N GLY H 192 41.45 10.01 11.82
CA GLY H 192 41.17 9.25 10.61
C GLY H 192 40.24 8.07 10.86
N SER H 193 39.78 7.49 9.75
CA SER H 193 39.00 6.26 9.76
C SER H 193 39.08 5.64 8.37
N THR H 194 38.87 4.33 8.32
CA THR H 194 39.00 3.59 7.06
C THR H 194 37.81 2.67 6.87
N VAL H 195 37.66 2.23 5.62
CA VAL H 195 36.68 1.22 5.22
C VAL H 195 37.39 0.20 4.35
N ALA H 196 37.02 -1.07 4.48
CA ALA H 196 37.63 -2.12 3.69
C ALA H 196 37.42 -1.87 2.19
N MET H 197 38.44 -2.19 1.40
CA MET H 197 38.33 -2.07 -0.05
C MET H 197 37.50 -3.22 -0.61
N THR H 198 36.73 -2.93 -1.64
CA THR H 198 35.90 -3.91 -2.31
C THR H 198 36.69 -4.64 -3.40
N GLU H 199 36.06 -5.64 -4.01
CA GLU H 199 36.65 -6.30 -5.16
C GLU H 199 36.95 -5.30 -6.27
N GLN H 200 35.93 -4.61 -6.74
CA GLN H 200 36.09 -3.57 -7.75
C GLN H 200 35.96 -2.21 -7.08
N LEU H 201 36.65 -1.23 -7.65
CA LEU H 201 36.67 0.10 -7.06
C LEU H 201 35.28 0.74 -7.09
N GLN H 202 34.93 1.39 -5.99
CA GLN H 202 33.66 2.09 -5.85
C GLN H 202 33.95 3.59 -5.75
N MET H 203 33.36 4.36 -6.66
CA MET H 203 33.67 5.78 -6.79
C MET H 203 32.41 6.61 -6.63
N GLY H 204 32.62 7.90 -6.41
CA GLY H 204 31.52 8.86 -6.38
C GLY H 204 31.82 10.05 -7.26
N PHE H 205 30.76 10.57 -7.88
CA PHE H 205 30.87 11.74 -8.75
C PHE H 205 29.91 12.83 -8.28
N GLY H 206 30.41 14.07 -8.27
CA GLY H 206 29.57 15.21 -7.96
C GLY H 206 29.58 16.23 -9.08
N ILE H 207 28.45 16.37 -9.76
CA ILE H 207 28.31 17.31 -10.87
C ILE H 207 27.63 18.57 -10.35
N THR H 208 28.14 19.73 -10.77
CA THR H 208 27.61 21.01 -10.33
C THR H 208 27.70 22.00 -11.48
N VAL H 209 26.55 22.49 -11.93
CA VAL H 209 26.48 23.33 -13.12
C VAL H 209 26.23 24.78 -12.72
N GLN H 210 26.70 25.70 -13.55
CA GLN H 210 26.55 27.13 -13.34
C GLN H 210 26.13 27.78 -14.64
N TYR H 211 25.43 28.92 -14.52
CA TYR H 211 24.88 29.63 -15.66
C TYR H 211 25.44 31.05 -15.71
N GLY H 212 26.22 31.33 -16.76
CA GLY H 212 26.59 32.68 -17.10
C GLY H 212 25.63 33.26 -18.14
N THR H 213 25.76 34.56 -18.38
CA THR H 213 24.74 35.28 -19.14
C THR H 213 24.80 34.96 -20.63
N ASP H 214 25.89 35.32 -21.29
CA ASP H 214 26.08 35.02 -22.70
C ASP H 214 27.01 33.84 -22.91
N THR H 215 27.47 33.21 -21.83
CA THR H 215 28.53 32.22 -21.89
C THR H 215 28.01 30.79 -21.84
N ASN H 216 26.80 30.53 -22.35
CA ASN H 216 26.30 29.17 -22.38
C ASN H 216 27.10 28.38 -23.41
N SER H 217 28.16 27.72 -22.93
CA SER H 217 29.19 27.15 -23.80
C SER H 217 29.30 25.64 -23.73
N VAL H 218 29.00 25.03 -22.58
CA VAL H 218 29.09 23.58 -22.42
C VAL H 218 27.76 22.98 -22.86
N CYS H 219 27.73 22.43 -24.06
CA CYS H 219 26.54 21.83 -24.63
C CYS H 219 26.82 20.40 -25.05
N PRO H 220 25.82 19.52 -24.95
CA PRO H 220 26.00 18.15 -25.47
C PRO H 220 26.17 18.18 -26.98
N LYS H 221 27.04 17.31 -27.48
CA LYS H 221 27.24 17.25 -28.92
C LYS H 221 26.07 16.52 -29.60
N LEU H 222 26.06 16.55 -30.93
CA LEU H 222 24.97 15.97 -31.70
C LEU H 222 25.50 15.06 -32.80
C1 NAG I . -4.01 8.60 -6.77
C2 NAG I . -4.11 7.69 -5.55
C3 NAG I . -3.40 8.32 -4.34
C4 NAG I . -1.96 8.68 -4.71
C5 NAG I . -1.96 9.60 -5.93
C6 NAG I . -0.58 9.95 -6.41
C7 NAG I . -6.24 6.50 -5.85
C8 NAG I . -7.66 6.35 -5.38
N2 NAG I . -5.50 7.42 -5.22
O3 NAG I . -3.39 7.38 -3.27
O4 NAG I . -1.32 9.32 -3.62
O5 NAG I . -2.63 8.95 -7.02
O6 NAG I . -0.11 9.01 -7.36
O7 NAG I . -5.77 5.81 -6.76
C1 NAG I . -0.17 8.56 -3.22
C2 NAG I . 0.16 8.90 -1.77
C3 NAG I . 1.34 8.04 -1.27
C4 NAG I . 1.12 6.56 -1.58
C5 NAG I . 0.73 6.37 -3.04
C6 NAG I . 0.37 4.94 -3.37
C7 NAG I . -0.41 11.29 -1.75
C8 NAG I . 0.11 12.69 -1.58
N2 NAG I . 0.49 10.31 -1.63
O3 NAG I . 1.47 8.22 0.14
O4 NAG I . 2.32 5.84 -1.32
O5 NAG I . -0.42 7.16 -3.34
O6 NAG I . -0.40 4.85 -4.57
O7 NAG I . -1.60 11.07 -1.99
C1 NAG J . -6.69 42.37 -6.81
C2 NAG J . -5.84 42.02 -5.60
C3 NAG J . -5.68 43.23 -4.68
C4 NAG J . -5.25 44.48 -5.44
C5 NAG J . -6.15 44.69 -6.66
C6 NAG J . -5.70 45.80 -7.58
C7 NAG J . -6.16 39.62 -5.16
C8 NAG J . -6.87 38.60 -4.32
N2 NAG J . -6.42 40.90 -4.87
O3 NAG J . -4.74 42.93 -3.67
O4 NAG J . -5.40 45.58 -4.55
O5 NAG J . -6.15 43.49 -7.46
O6 NAG J . -5.19 45.29 -8.81
O7 NAG J . -5.39 39.30 -6.06
C1 NAG J . -4.38 46.60 -4.66
C2 NAG J . -4.88 47.73 -3.78
C3 NAG J . -3.91 48.90 -3.82
C4 NAG J . -2.46 48.46 -3.63
C5 NAG J . -2.13 47.21 -4.44
C6 NAG J . -0.80 46.59 -4.11
C7 NAG J . -7.34 47.77 -3.59
C8 NAG J . -7.19 46.87 -2.40
N2 NAG J . -6.21 48.15 -4.20
O3 NAG J . -4.28 49.82 -2.79
O4 NAG J . -1.63 49.51 -4.12
O5 NAG J . -3.12 46.19 -4.23
O6 NAG J . -0.72 45.25 -4.57
O7 NAG J . -8.45 48.14 -3.99
C1 BMA J . -0.75 50.26 -3.22
C2 BMA J . -1.59 51.25 -2.28
C3 BMA J . -0.63 52.06 -1.40
C4 BMA J . 0.46 51.16 -0.73
C5 BMA J . 1.10 50.21 -1.78
C6 BMA J . 2.18 49.30 -1.16
O2 BMA J . -2.46 50.57 -1.39
O3 BMA J . -1.34 52.78 -0.40
O4 BMA J . 1.46 51.97 -0.14
O5 BMA J . 0.06 49.41 -2.39
O6 BMA J . 3.25 50.13 -0.73
C1 NAG K . 8.25 40.42 -29.16
C2 NAG K . 9.75 40.31 -29.43
C3 NAG K . 10.49 41.51 -28.82
C4 NAG K . 9.85 42.82 -29.27
C5 NAG K . 8.34 42.80 -29.06
C6 NAG K . 7.63 43.99 -29.65
C7 NAG K . 10.87 38.15 -29.69
C8 NAG K . 11.36 36.91 -28.99
N2 NAG K . 10.28 39.06 -28.92
O3 NAG K . 11.84 41.44 -29.23
O4 NAG K . 10.37 43.91 -28.50
O5 NAG K . 7.76 41.64 -29.67
O6 NAG K . 6.63 43.60 -30.58
O7 NAG K . 10.98 38.30 -30.91
C1 NAG K . 11.59 44.45 -29.05
C2 NAG K . 11.43 45.95 -29.27
C3 NAG K . 12.75 46.56 -29.75
C4 NAG K . 13.89 46.19 -28.81
C5 NAG K . 13.95 44.68 -28.62
C6 NAG K . 14.97 44.26 -27.60
C7 NAG K . 9.30 46.98 -29.92
C8 NAG K . 8.30 47.18 -31.02
N2 NAG K . 10.37 46.24 -30.22
O3 NAG K . 12.62 47.97 -29.82
O4 NAG K . 15.12 46.65 -29.35
O5 NAG K . 12.68 44.20 -28.16
O6 NAG K . 15.67 43.09 -28.00
O7 NAG K . 9.14 47.48 -28.80
C1 NAG L . -26.12 7.65 -48.12
C2 NAG L . -26.64 6.47 -48.93
C3 NAG L . -26.04 6.50 -50.34
C4 NAG L . -26.22 7.87 -50.99
C5 NAG L . -25.79 8.99 -50.05
C6 NAG L . -26.11 10.36 -50.58
C7 NAG L . -27.26 4.53 -47.57
C8 NAG L . -26.78 3.25 -46.95
N2 NAG L . -26.34 5.22 -48.26
O3 NAG L . -26.66 5.49 -51.13
O4 NAG L . -25.38 7.93 -52.14
O5 NAG L . -26.45 8.87 -48.79
O6 NAG L . -25.19 11.33 -50.10
O7 NAG L . -28.42 4.91 -47.47
C1 NAG L . -26.09 8.08 -53.37
C2 NAG L . -25.07 8.48 -54.45
C3 NAG L . -25.73 8.55 -55.83
C4 NAG L . -26.51 7.27 -56.12
C5 NAG L . -27.50 7.03 -54.99
C6 NAG L . -28.32 5.78 -55.18
C7 NAG L . -23.25 9.86 -53.53
C8 NAG L . -22.77 11.26 -53.27
N2 NAG L . -24.45 9.76 -54.12
O3 NAG L . -24.73 8.74 -56.83
O4 NAG L . -27.20 7.39 -57.36
O5 NAG L . -26.78 6.89 -53.76
O6 NAG L . -29.66 6.09 -55.56
O7 NAG L . -22.59 8.87 -53.24
C1 NAG M . -6.19 1.27 9.72
C2 NAG M . -5.60 1.73 8.37
C3 NAG M . -6.55 1.38 7.23
C4 NAG M . -6.92 -0.10 7.26
C5 NAG M . -7.49 -0.45 8.63
C6 NAG M . -7.80 -1.93 8.78
C7 NAG M . -4.31 3.71 9.07
C8 NAG M . -4.18 5.20 8.96
N2 NAG M . -5.33 3.15 8.38
O3 NAG M . -5.92 1.69 5.99
O4 NAG M . -7.87 -0.40 6.26
O5 NAG M . -6.55 -0.12 9.65
O6 NAG M . -6.71 -2.64 9.34
O7 NAG M . -3.53 3.03 9.74
C1 NAG M . -7.33 -1.38 5.35
C2 NAG M . -8.16 -1.37 4.07
C3 NAG M . -7.58 -2.33 3.03
C4 NAG M . -6.08 -2.13 2.86
C5 NAG M . -5.37 -2.12 4.22
C6 NAG M . -3.89 -1.81 4.13
C7 NAG M . -10.38 -0.89 5.00
C8 NAG M . -11.78 -1.40 5.21
N2 NAG M . -9.55 -1.69 4.35
O3 NAG M . -8.23 -2.13 1.78
O4 NAG M . -5.53 -3.18 2.07
O5 NAG M . -5.96 -1.12 5.05
O6 NAG M . -3.27 -1.95 5.40
O7 NAG M . -10.04 0.22 5.42
C1 NAG N . -38.69 1.05 19.78
C2 NAG N . -38.71 0.54 18.35
C3 NAG N . -40.13 0.61 17.79
C4 NAG N . -41.12 -0.09 18.72
C5 NAG N . -40.95 0.41 20.16
C6 NAG N . -41.75 -0.38 21.18
C7 NAG N . -36.51 1.00 17.34
C8 NAG N . -35.72 1.92 16.46
N2 NAG N . -37.81 1.32 17.52
O3 NAG N . -40.16 -0.02 16.51
O4 NAG N . -42.43 0.23 18.25
O5 NAG N . -39.59 0.30 20.56
O6 NAG N . -41.01 -1.45 21.71
O7 NAG N . -36.00 0.03 17.88
C1 NAG N . -43.37 -0.86 18.29
C2 NAG N . -44.68 -0.25 17.84
C3 NAG N . -45.80 -1.28 17.89
C4 NAG N . -45.39 -2.60 17.24
C5 NAG N . -43.97 -3.03 17.62
C6 NAG N . -43.43 -4.17 16.80
C7 NAG N . -44.81 2.17 18.28
C8 NAG N . -44.22 2.37 16.91
N2 NAG N . -45.01 0.91 18.65
O3 NAG N . -46.93 -0.74 17.22
O4 NAG N . -46.27 -3.62 17.73
O5 NAG N . -43.04 -1.94 17.46
O6 NAG N . -42.01 -4.24 16.88
O7 NAG N . -45.10 3.12 19.00
C1 BMA N . -47.25 -4.27 16.86
C2 BMA N . -48.46 -3.29 16.50
C3 BMA N . -49.48 -4.03 15.62
C4 BMA N . -48.80 -4.82 14.47
C5 BMA N . -47.62 -5.66 14.99
C6 BMA N . -46.92 -6.47 13.90
O2 BMA N . -48.05 -2.17 15.75
O3 BMA N . -50.43 -3.12 15.08
O4 BMA N . -49.75 -5.66 13.83
O5 BMA N . -46.67 -4.78 15.63
O6 BMA N . -47.82 -7.52 13.50
C1 NAG O . -30.35 -19.30 35.43
C2 NAG O . -30.16 -20.81 35.33
C3 NAG O . -31.45 -21.46 34.83
C4 NAG O . -32.63 -21.05 35.71
C5 NAG O . -32.69 -19.54 35.88
C6 NAG O . -33.68 -19.10 36.94
C7 NAG O . -27.91 -21.70 34.89
C8 NAG O . -26.86 -21.98 33.86
N2 NAG O . -29.05 -21.15 34.46
O3 NAG O . -31.30 -22.87 34.85
O4 NAG O . -33.85 -21.46 35.10
O5 NAG O . -31.41 -19.02 36.31
O6 NAG O . -33.05 -18.93 38.20
O7 NAG O . -27.74 -21.95 36.09
C1 NAG O . -34.31 -22.71 35.62
C2 NAG O . -35.80 -22.64 35.89
C3 NAG O . -36.33 -23.99 36.36
C4 NAG O . -35.95 -25.08 35.37
C5 NAG O . -34.44 -25.06 35.12
C6 NAG O . -34.01 -26.04 34.04
C7 NAG O . -36.91 -20.56 36.60
C8 NAG O . -37.13 -19.59 37.72
N2 NAG O . -36.12 -21.60 36.87
O3 NAG O . -37.74 -23.93 36.51
O4 NAG O . -36.32 -26.37 35.88
O5 NAG O . -34.04 -23.75 34.68
O6 NAG O . -33.21 -25.38 33.06
O7 NAG O . -37.42 -20.40 35.49
C1 NAG P . 6.42 11.29 53.89
C2 NAG P . 7.69 11.79 54.55
C3 NAG P . 8.09 10.87 55.71
C4 NAG P . 6.91 10.63 56.65
C5 NAG P . 5.63 10.28 55.88
C6 NAG P . 4.40 10.25 56.76
C7 NAG P . 9.10 13.02 52.95
C8 NAG P . 10.24 12.91 51.97
N2 NAG P . 8.77 11.88 53.57
O3 NAG P . 9.17 11.46 56.42
O4 NAG P . 7.21 9.51 57.47
O5 NAG P . 5.38 11.25 54.85
O6 NAG P . 3.25 10.71 56.07
O7 NAG P . 8.52 14.07 53.16
C1 NAG P . 7.51 9.88 58.83
C2 NAG P . 7.50 8.59 59.65
C3 NAG P . 7.87 8.88 61.10
C4 NAG P . 9.18 9.63 61.18
C5 NAG P . 9.12 10.88 60.30
C6 NAG P . 10.44 11.62 60.24
C7 NAG P . 5.89 7.07 58.60
C8 NAG P . 4.50 6.50 58.66
N2 NAG P . 6.20 7.94 59.55
O3 NAG P . 7.96 7.66 61.81
O4 NAG P . 9.46 10.00 62.52
O5 NAG P . 8.79 10.52 58.95
O6 NAG P . 10.31 12.95 60.74
O7 NAG P . 6.68 6.75 57.72
C1 NAG Q . 0.97 4.17 -57.08
C2 NAG Q . 1.06 5.70 -57.15
C3 NAG Q . 1.59 6.31 -55.84
C4 NAG Q . 0.98 5.66 -54.60
C5 NAG Q . 0.98 4.14 -54.74
C6 NAG Q . 0.33 3.43 -53.57
C7 NAG Q . 2.23 7.35 -58.59
C8 NAG Q . 3.12 7.50 -59.80
N2 NAG Q . 1.90 6.10 -58.27
O3 NAG Q . 1.25 7.69 -55.88
O4 NAG Q . 1.72 5.97 -53.43
O5 NAG Q . 0.26 3.78 -55.92
O6 NAG Q . 1.25 3.27 -52.51
O7 NAG Q . 1.83 8.32 -57.97
C1 NAG Q . 1.99 7.36 -53.14
C2 NAG Q . 0.78 8.06 -52.48
C3 NAG Q . 1.14 9.48 -52.05
C4 NAG Q . 2.40 9.48 -51.20
C5 NAG Q . 3.53 8.81 -51.96
C6 NAG Q . 4.81 8.72 -51.16
C7 NAG Q . -1.60 7.77 -53.01
C8 NAG Q . -2.65 7.85 -54.08
N2 NAG Q . -0.36 8.08 -53.38
O3 NAG Q . 0.06 10.03 -51.32
O4 NAG Q . 2.76 10.81 -50.85
O5 NAG Q . 3.14 7.47 -52.27
O6 NAG Q . 5.01 9.88 -50.35
O7 NAG Q . -1.87 7.45 -51.86
C1 NAG R . -6.61 -9.25 -28.98
C2 NAG R . -5.85 -8.25 -28.09
C3 NAG R . -5.73 -8.77 -26.65
C4 NAG R . -7.09 -9.17 -26.11
C5 NAG R . -7.74 -10.18 -27.05
C6 NAG R . -9.14 -10.57 -26.63
C7 NAG R . -4.33 -7.24 -29.74
C8 NAG R . -2.90 -7.04 -30.14
N2 NAG R . -4.53 -7.95 -28.63
O3 NAG R . -5.16 -7.75 -25.83
O4 NAG R . -6.93 -9.76 -24.82
O5 NAG R . -7.85 -9.61 -28.35
O6 NAG R . -10.12 -9.90 -27.41
O7 NAG R . -5.26 -6.76 -30.39
C1 NAG R . -7.63 -9.01 -23.81
C2 NAG R . -7.36 -9.74 -22.50
C3 NAG R . -8.06 -9.01 -21.34
C4 NAG R . -7.66 -7.54 -21.32
C5 NAG R . -7.89 -6.90 -22.69
C6 NAG R . -7.38 -5.48 -22.77
C7 NAG R . -6.99 -12.11 -22.98
C8 NAG R . -7.60 -13.48 -23.00
N2 NAG R . -7.80 -11.12 -22.57
O3 NAG R . -7.68 -9.62 -20.12
O4 NAG R . -8.44 -6.84 -20.35
O5 NAG R . -7.20 -7.65 -23.70
O6 NAG R . -6.13 -5.42 -23.47
O7 NAG R . -5.82 -11.91 -23.31
C1 NAG S . -4.40 -43.29 -29.01
C2 NAG S . -4.45 -42.84 -27.56
C3 NAG S . -4.04 -43.97 -26.62
C4 NAG S . -4.79 -45.26 -26.92
C5 NAG S . -4.69 -45.58 -28.42
C6 NAG S . -5.53 -46.76 -28.86
C7 NAG S . -4.10 -40.42 -27.22
C8 NAG S . -3.07 -39.35 -27.02
N2 NAG S . -3.62 -41.67 -27.36
O3 NAG S . -4.27 -43.57 -25.28
O4 NAG S . -4.20 -46.28 -26.15
O5 NAG S . -5.16 -44.46 -29.17
O6 NAG S . -6.91 -46.51 -28.72
O7 NAG S . -5.30 -40.19 -27.22
C1 NAG S . -5.11 -47.30 -25.66
C2 NAG S . -4.20 -48.42 -25.16
C3 NAG S . -5.05 -49.60 -24.67
C4 NAG S . -6.17 -49.14 -23.73
C5 NAG S . -6.90 -47.92 -24.27
C6 NAG S . -7.87 -47.31 -23.28
C7 NAG S . -2.02 -48.48 -26.31
C8 NAG S . -1.51 -47.58 -25.21
N2 NAG S . -3.30 -48.85 -26.22
O3 NAG S . -4.18 -50.50 -23.99
O4 NAG S . -7.13 -50.19 -23.65
O5 NAG S . -5.96 -46.88 -24.62
O6 NAG S . -8.70 -46.33 -23.91
O7 NAG S . -1.30 -48.86 -27.22
C1 BMA S . -7.34 -50.90 -22.37
C2 BMA S . -6.01 -51.29 -21.65
C3 BMA S . -6.37 -52.23 -20.52
C4 BMA S . -7.35 -51.52 -19.55
C5 BMA S . -8.60 -50.97 -20.31
C6 BMA S . -9.53 -50.17 -19.41
O2 BMA S . -5.41 -50.17 -21.01
O3 BMA S . -5.21 -52.67 -19.82
O4 BMA S . -7.77 -52.41 -18.53
O5 BMA S . -8.17 -50.14 -21.43
O6 BMA S . -9.71 -50.88 -18.19
C1 NAG T . -29.20 -42.07 -39.21
C2 NAG T . -30.64 -41.94 -38.75
C3 NAG T . -31.02 -43.10 -37.82
C4 NAG T . -30.70 -44.44 -38.48
C5 NAG T . -29.26 -44.46 -38.99
C6 NAG T . -28.94 -45.69 -39.80
C7 NAG T . -31.89 -39.86 -38.34
C8 NAG T . -31.95 -38.58 -37.56
N2 NAG T . -30.85 -40.66 -38.08
O3 NAG T . -32.41 -43.01 -37.54
O4 NAG T . -30.83 -45.48 -37.53
O5 NAG T . -29.02 -43.33 -39.85
O6 NAG T . -29.65 -45.71 -41.03
O7 NAG T . -32.75 -40.16 -39.17
C1 NAG T . -32.11 -46.14 -37.61
C2 NAG T . -31.91 -47.63 -37.42
C3 NAG T . -33.25 -48.34 -37.45
C4 NAG T . -34.16 -47.76 -36.38
C5 NAG T . -34.29 -46.25 -36.56
C6 NAG T . -35.02 -45.60 -35.41
C7 NAG T . -29.80 -48.64 -38.14
C8 NAG T . -29.00 -49.19 -39.29
N2 NAG T . -31.02 -48.18 -38.43
O3 NAG T . -33.06 -49.74 -37.22
O4 NAG T . -35.46 -48.36 -36.47
O5 NAG T . -33.00 -45.63 -36.60
O6 NAG T . -34.18 -45.45 -34.28
O7 NAG T . -29.36 -48.63 -36.98
C1 NAG U . -11.71 -10.57 -75.86
C2 NAG U . -11.63 -9.63 -77.04
C3 NAG U . -12.88 -9.76 -77.91
C4 NAG U . -13.18 -11.22 -78.24
C5 NAG U . -13.08 -12.11 -77.00
C6 NAG U . -13.14 -13.59 -77.32
C7 NAG U . -10.30 -7.60 -76.56
C8 NAG U . -10.34 -6.20 -76.04
N2 NAG U . -11.48 -8.25 -76.58
O3 NAG U . -12.67 -9.04 -79.12
O4 NAG U . -14.51 -11.31 -78.71
O5 NAG U . -11.84 -11.89 -76.32
O6 NAG U . -12.17 -14.33 -76.60
O7 NAG U . -9.27 -8.13 -76.94
C1 NAG U . -14.57 -11.49 -80.13
C2 NAG U . -16.01 -11.81 -80.48
C3 NAG U . -16.15 -12.03 -81.97
C4 NAG U . -15.62 -10.82 -82.74
C5 NAG U . -14.19 -10.48 -82.29
C6 NAG U . -13.69 -9.19 -82.88
C7 NAG U . -17.28 -12.83 -78.65
C8 NAG U . -17.70 -14.12 -77.99
N2 NAG U . -16.50 -12.95 -79.73
O3 NAG U . -17.52 -12.24 -82.29
O4 NAG U . -15.63 -11.08 -84.14
O5 NAG U . -14.13 -10.34 -80.86
O6 NAG U . -12.32 -9.27 -83.24
O7 NAG U . -17.66 -11.74 -78.23
C1 NAG V . 17.09 -0.85 26.02
C2 NAG V . 15.85 -1.37 25.29
C3 NAG V . 15.90 -1.03 23.81
C4 NAG V . 16.16 0.46 23.61
C5 NAG V . 17.42 0.87 24.35
C6 NAG V . 17.69 2.35 24.29
C7 NAG V . 15.35 -3.39 26.63
C8 NAG V . 15.26 -4.88 26.61
N2 NAG V . 15.71 -2.82 25.47
O3 NAG V . 14.68 -1.39 23.19
O4 NAG V . 16.31 0.73 22.22
O5 NAG V . 17.28 0.54 25.75
O6 NAG V . 17.16 3.03 25.42
O7 NAG V . 15.11 -2.73 27.63
C1 NAG V . 15.31 1.65 21.73
C2 NAG V . 15.61 1.89 20.27
C3 NAG V . 14.60 2.88 19.69
C4 NAG V . 13.18 2.37 19.93
C5 NAG V . 12.96 2.06 21.42
C6 NAG V . 11.62 1.41 21.69
C7 NAG V . 18.01 1.55 19.93
C8 NAG V . 19.35 2.21 19.74
N2 NAG V . 16.96 2.36 20.07
O3 NAG V . 14.83 3.05 18.30
O4 NAG V . 12.23 3.35 19.51
O5 NAG V . 13.97 1.16 21.90
O6 NAG V . 11.70 -0.01 21.57
O7 NAG V . 17.88 0.33 19.96
C1 NAG W . 49.46 -0.12 16.18
C2 NAG W . 48.72 0.27 14.92
C3 NAG W . 49.60 0.06 13.70
C4 NAG W . 50.94 0.78 13.87
C5 NAG W . 51.57 0.39 15.20
C6 NAG W . 52.83 1.15 15.55
C7 NAG W . 46.31 -0.10 15.27
C8 NAG W . 45.15 -1.03 15.06
N2 NAG W . 47.49 -0.51 14.79
O3 NAG W . 48.94 0.54 12.54
O4 NAG W . 51.77 0.43 12.78
O5 NAG W . 50.66 0.64 16.28
O6 NAG W . 52.69 2.54 15.33
O7 NAG W . 46.18 0.99 15.84
C1 NAG W . 52.59 1.53 12.30
C2 NAG W . 53.54 0.94 11.28
C3 NAG W . 54.51 2.00 10.80
C4 NAG W . 53.77 3.26 10.34
C5 NAG W . 52.71 3.70 11.35
C6 NAG W . 51.82 4.80 10.85
C7 NAG W . 53.95 -1.48 11.60
C8 NAG W . 52.79 -1.71 10.67
N2 NAG W . 54.27 -0.20 11.85
O3 NAG W . 55.28 1.45 9.73
O4 NAG W . 54.71 4.33 10.22
O5 NAG W . 51.85 2.59 11.70
O6 NAG W . 51.24 5.53 11.93
O7 NAG W . 54.58 -2.40 12.11
C1 BMA W . 55.08 4.84 8.90
C2 BMA W . 55.12 3.76 7.77
C3 BMA W . 55.79 4.39 6.58
C4 BMA W . 54.93 5.59 6.12
C5 BMA W . 54.72 6.60 7.28
C6 BMA W . 53.76 7.73 6.92
O2 BMA W . 53.82 3.41 7.32
O3 BMA W . 55.98 3.46 5.52
O4 BMA W . 55.55 6.24 5.02
O5 BMA W . 54.19 5.91 8.46
O6 BMA W . 53.95 8.06 5.54
C1 NAG X . 51.28 20.72 32.89
C2 NAG X . 51.00 22.22 32.95
C3 NAG X . 51.86 22.96 31.93
C4 NAG X . 53.33 22.60 32.11
C5 NAG X . 53.51 21.08 32.07
C6 NAG X . 54.91 20.62 32.37
C7 NAG X . 48.86 23.28 33.52
C8 NAG X . 47.42 23.45 33.14
N2 NAG X . 49.59 22.50 32.73
O3 NAG X . 51.70 24.37 32.12
O4 NAG X . 54.11 23.20 31.08
O5 NAG X . 52.67 20.48 33.07
O6 NAG X . 54.99 19.99 33.64
O7 NAG X . 49.34 23.82 34.51
C1 NAG X . 55.07 24.06 31.72
C2 NAG X . 56.18 24.38 30.71
C3 NAG X . 57.21 25.31 31.34
C4 NAG X . 56.53 26.54 31.93
C5 NAG X . 55.39 26.13 32.87
C6 NAG X . 54.59 27.30 33.38
C7 NAG X . 57.28 23.03 28.99
C8 NAG X . 57.90 21.70 28.67
N2 NAG X . 56.80 23.16 30.23
O3 NAG X . 58.15 25.71 30.36
O4 NAG X . 57.48 27.31 32.67
O5 NAG X . 54.47 25.27 32.18
O6 NAG X . 53.38 27.46 32.66
O7 NAG X . 57.23 23.94 28.16
C1 NAG Y . 31.55 -8.48 70.28
C2 NAG Y . 30.96 -8.93 71.60
C3 NAG Y . 31.30 -7.91 72.70
C4 NAG Y . 32.80 -7.64 72.73
C5 NAG Y . 33.34 -7.33 71.33
C6 NAG Y . 34.85 -7.24 71.27
C7 NAG Y . 28.91 -10.26 71.32
C8 NAG Y . 27.41 -10.22 71.21
N2 NAG Y . 29.51 -9.08 71.48
O3 NAG Y . 30.89 -8.44 73.96
O4 NAG Y . 33.03 -6.49 73.54
O5 NAG Y . 32.96 -8.36 70.41
O6 NAG Y . 35.36 -7.77 70.06
O7 NAG Y . 29.54 -11.31 71.25
C1 NAG Y . 33.67 -6.86 74.77
C2 NAG Y . 34.07 -5.57 75.47
C3 NAG Y . 34.77 -5.90 76.78
C4 NAG Y . 33.88 -6.78 77.65
C5 NAG Y . 33.41 -8.01 76.88
C6 NAG Y . 32.36 -8.80 77.62
C7 NAG Y . 34.38 -3.80 73.81
C8 NAG Y . 35.38 -3.02 73.00
N2 NAG Y . 34.89 -4.73 74.62
O3 NAG Y . 35.08 -4.69 77.46
O4 NAG Y . 34.59 -7.20 78.81
O5 NAG Y . 32.82 -7.64 75.62
O6 NAG Y . 32.48 -10.20 77.38
O7 NAG Y . 33.17 -3.59 73.74
C1 NAG Z . -23.00 -6.44 -24.15
C2 NAG Z . -23.59 -5.83 -22.88
C3 NAG Z . -22.65 -6.05 -21.70
C4 NAG Z . -22.34 -7.53 -21.54
C5 NAG Z . -21.76 -8.07 -22.84
C6 NAG Z . -21.51 -9.56 -22.80
C7 NAG Z . -24.75 -3.73 -22.34
C8 NAG Z . -24.90 -2.28 -22.69
N2 NAG Z . -23.86 -4.41 -23.07
O3 NAG Z . -23.26 -5.56 -20.51
O4 NAG Z . -21.42 -7.74 -20.47
O5 NAG Z . -22.67 -7.83 -23.93
O6 NAG Z . -22.62 -10.31 -23.28
O7 NAG Z . -25.40 -4.25 -21.44
C1 NAG AA . -39.46 8.28 -24.79
C2 NAG AA . -40.17 9.01 -25.93
C3 NAG AA . -41.13 8.05 -26.64
C4 NAG AA . -40.39 6.80 -27.09
C5 NAG AA . -39.65 6.16 -25.91
C6 NAG AA . -38.79 4.98 -26.32
C7 NAG AA . -40.38 11.42 -25.56
C8 NAG AA . -41.24 12.52 -25.02
N2 NAG AA . -40.87 10.18 -25.45
O3 NAG AA . -41.71 8.71 -27.77
O4 NAG AA . -41.30 5.86 -27.64
O5 NAG AA . -38.78 7.11 -25.30
O6 NAG AA . -39.26 4.37 -27.51
O7 NAG AA . -39.30 11.64 -26.10
C1 NAG BA . 18.37 34.82 35.47
C2 NAG BA . 18.68 34.96 36.97
C3 NAG BA . 17.87 33.94 37.76
C4 NAG BA . 16.39 34.07 37.44
C5 NAG BA . 16.17 33.99 35.93
C6 NAG BA . 14.74 34.25 35.53
C7 NAG BA . 20.96 35.84 37.25
C8 NAG BA . 22.39 35.49 37.54
N2 NAG BA . 20.10 34.80 37.23
O3 NAG BA . 18.09 34.15 39.15
O4 NAG BA . 15.65 33.05 38.09
O5 NAG BA . 16.97 34.97 35.26
O6 NAG BA . 13.87 34.33 36.67
O7 NAG BA . 20.60 36.98 37.05
C1 NAG CA . 12.86 16.62 26.03
C2 NAG CA . 13.64 15.70 25.06
C3 NAG CA . 13.55 16.20 23.60
C4 NAG CA . 12.10 16.44 23.21
C5 NAG CA . 11.48 17.42 24.18
C6 NAG CA . 10.03 17.70 23.89
C7 NAG CA . 16.06 16.30 25.55
C8 NAG CA . 15.80 17.75 25.22
N2 NAG CA . 15.02 15.43 25.45
O3 NAG CA . 14.14 15.24 22.73
O4 NAG CA . 12.04 16.97 21.89
O5 NAG CA . 11.53 16.87 25.52
O6 NAG CA . 9.77 17.78 22.49
O7 NAG CA . 17.17 15.91 25.89
C1 NAG DA . -0.94 30.60 36.32
C2 NAG DA . -1.37 30.87 37.76
C3 NAG DA . -0.28 31.63 38.51
C4 NAG DA . 1.04 30.88 38.42
C5 NAG DA . 1.39 30.59 36.97
C6 NAG DA . 2.63 29.74 36.81
C7 NAG DA . -3.78 31.06 38.20
C8 NAG DA . -4.98 31.96 38.17
N2 NAG DA . -2.63 31.60 37.79
O3 NAG DA . -0.66 31.79 39.87
O4 NAG DA . 2.08 31.65 39.02
O5 NAG DA . 0.32 29.89 36.33
O6 NAG DA . 3.81 30.53 36.69
O7 NAG DA . -3.84 29.89 38.59
C1 NAG EA . -43.36 -10.92 -28.36
C2 NAG EA . -43.96 -10.89 -29.76
C3 NAG EA . -43.19 -9.91 -30.64
C4 NAG EA . -43.13 -8.54 -29.98
C5 NAG EA . -42.62 -8.64 -28.55
C6 NAG EA . -42.70 -7.34 -27.80
C7 NAG EA . -45.08 -12.94 -30.54
C8 NAG EA . -44.89 -14.28 -31.16
N2 NAG EA . -43.97 -12.22 -30.36
O3 NAG EA . -43.85 -9.81 -31.91
O4 NAG EA . -42.26 -7.69 -30.73
O5 NAG EA . -43.39 -9.60 -27.81
O6 NAG EA . -43.18 -6.29 -28.62
O7 NAG EA . -46.18 -12.51 -30.22
C1 NAG FA . 12.93 -10.90 -64.48
C2 NAG FA . 12.82 -11.71 -65.76
C3 NAG FA . 13.22 -10.86 -66.97
C4 NAG FA . 12.44 -9.56 -66.99
C5 NAG FA . 12.60 -8.83 -65.66
C6 NAG FA . 11.77 -7.57 -65.57
C7 NAG FA . 13.13 -14.12 -65.40
C8 NAG FA . 14.12 -15.25 -65.35
N2 NAG FA . 13.63 -12.91 -65.70
O3 NAG FA . 12.99 -11.60 -68.16
O4 NAG FA . 12.90 -8.72 -68.06
O5 NAG FA . 12.16 -9.69 -64.59
O6 NAG FA . 10.60 -7.63 -66.37
O7 NAG FA . 11.94 -14.29 -65.17
C1 NAG GA . -1.71 -33.58 19.74
C2 NAG GA . -1.08 -33.76 21.11
C3 NAG GA . 0.00 -32.70 21.34
C4 NAG GA . 1.00 -32.71 20.20
C5 NAG GA . 0.29 -32.62 18.85
C6 NAG GA . 1.22 -32.77 17.67
C7 NAG GA . -2.77 -34.76 22.60
C8 NAG GA . -3.78 -34.49 23.68
N2 NAG GA . -2.10 -33.68 22.16
O3 NAG GA . 0.67 -32.96 22.58
O4 NAG GA . 1.90 -31.62 20.33
O5 NAG GA . -0.69 -33.66 18.74
O6 NAG GA . 2.37 -33.54 17.99
O7 NAG GA . -2.58 -35.88 22.15
C1 NAG HA . 12.09 -16.14 52.99
C2 NAG HA . 11.85 -16.54 51.54
C3 NAG HA . 10.59 -15.88 51.01
C4 NAG HA . 9.40 -16.27 51.87
C5 NAG HA . 9.67 -15.93 53.33
C6 NAG HA . 8.62 -16.51 54.25
C7 NAG HA . 13.21 -16.71 49.49
C8 NAG HA . 14.46 -16.26 48.79
N2 NAG HA . 13.01 -16.21 50.71
O3 NAG HA . 10.36 -16.30 49.66
O4 NAG HA . 8.24 -15.57 51.42
O5 NAG HA . 10.92 -16.47 53.76
O6 NAG HA . 9.04 -17.77 54.78
O7 NAG HA . 12.42 -17.49 48.97
C1 NAG IA . 28.67 -29.10 52.37
C2 NAG IA . 29.77 -29.23 53.44
C3 NAG IA . 29.27 -30.01 54.64
C4 NAG IA . 27.98 -29.39 55.17
C5 NAG IA . 26.94 -29.30 54.06
C6 NAG IA . 25.65 -28.63 54.47
C7 NAG IA . 32.10 -29.21 52.67
C8 NAG IA . 33.21 -30.02 52.08
N2 NAG IA . 30.95 -29.87 52.87
O3 NAG IA . 30.25 -30.00 55.66
O4 NAG IA . 27.45 -30.17 56.24
O5 NAG IA . 27.49 -28.53 52.97
O6 NAG IA . 24.58 -28.98 53.61
O7 NAG IA . 32.23 -28.03 52.94
C1 NAG JA . 26.43 9.73 -26.90
C2 NAG JA . 26.15 9.61 -28.39
C3 NAG JA . 25.06 8.59 -28.64
C4 NAG JA . 25.41 7.26 -27.98
C5 NAG JA . 25.73 7.47 -26.51
C6 NAG JA . 26.21 6.21 -25.82
C7 NAG JA . 26.67 11.80 -29.39
C8 NAG JA . 26.11 13.06 -29.95
N2 NAG JA . 25.78 10.90 -28.96
O3 NAG JA . 24.89 8.40 -30.04
O4 NAG JA . 24.33 6.34 -28.11
O5 NAG JA . 26.78 8.44 -26.38
O6 NAG JA . 25.33 5.12 -26.06
O7 NAG JA . 27.88 11.59 -29.34
#